data_7XKO
#
_entry.id   7XKO
#
loop_
_entity.id
_entity.type
_entity.pdbx_description
1 polymer 'ATP synthase subunit alpha'
2 polymer 'ATP synthase subunit beta'
3 polymer 'ATP synthase gamma chain'
4 non-polymer 'HYDROGENPHOSPHATE ION'
#
loop_
_entity_poly.entity_id
_entity_poly.type
_entity_poly.pdbx_seq_one_letter_code
_entity_poly.pdbx_strand_id
1 'polypeptide(L)'
;MSIRAEEISALIKQQIENYESQIQVSDVGTVIQVGDGIARAHGLDNVMSGELVEFANGVMGMALNLEENNVGIVILGPYT
GIKEGDEVRRTGRIMEVPVGEALIGRVVNPLGQPVDGLGPVETTETRPIESPAPGVMDRRSVHEPLQTGIKAIDALVPIG
RGQRELIIGDRQTGKTSVAIDTIINQKDQNMISIYVAIGQKESTVRTVVETLRKHGALDYTIVVTASASQPAPLLFLAPY
AGVAMGEYFMYKGKHVLVVYDDLSKQAAAYRELSLLLRRPPGREAYPGDIFYLHSRLLERAAKLSDAKGGGSLTALPFVE
TQAGDISAYIPTNVISITDGQIFLQSDLFFSGVRPAINAGLSVSRVGGAAQIKAMKKVAGTLRLDLAAYRELEAFAQFGS
DLDKATQAKLARGARTVEVLKQDLHQPIPVEKQVLIIYALTRGFLDDIPVEDVRRFEKEFYLFLDQNGQHLLEHIRTTKD
LPNEDDLNKAIEAFKKTFVVSQ
;
A,B,C
2 'polypeptide(L)'
;MHHHHHHHHHHMTRGRVIQVMGPVVDVKFENGHLPAIYNALKIQHKARNENEVDIDLTLEVALHLGDDTVRTIAMASTDG
LIRGMEVIDTGAPISVPVGEVTLGRVFNVLGEPIDLEGDIPADARRDPIHRPAPKFEELATEVEILETGIKVVDLLAPYI
KGGKIGLFGGAGVGKTVLIQELIHNIAQEHGGISVFAGVGERTREGNDLYHEMKDSGVISKTAMVFGQMNEPPGARMRVA
LTGLTMAEYFRDEQGQDVLLFIDNIFRFTQAGSEVSALLGRMPSAVGYQPTLATEMGQLQERITSTAKGSITSIQAIYVP
ADDYTDPAPATTFSHLDATTNLERKLAEMGIYPAVDPLASTSRALAPEIVGEEHYQVARKVQQTLQRYKELQDIIAILGM
DELSDEDKLVVHRARRIQFFLSQNFHVAEQFTGQPGSYVPVKETVRGFKEILEGKYDHLPEDAFRLVGRIEEVVEKAKAM
GVEV
;
D,E,F
3 'polypeptide(L)'
;MASLRDIKTRINATKKTSQITKAMEMVSTSKLNRAEQNAKSFVPYMEKIQEVVANVALGAGGASHPMLVSRPVKKTGYLV
ITSDRGLAGAYNSNVLRLVYQTIQKRHASPDEYAIIVIGRVGLSFFRKRNMPVILDITRLPDQPSFADIKEIARKTVGLF
ADGTFDELYMYYNHYVSAIQQEVTERKLLPLTDLAENKQRTVYEFEPSQEEILDVLLPQYAESLIYGALLDAKASEHAAR
MTAMKNATDNANELIRTLTLSYNRARQAAITQEITEIVAGANALQ
;
G
#
loop_
_chem_comp.id
_chem_comp.type
_chem_comp.name
_chem_comp.formula
PI non-polymer 'HYDROGENPHOSPHATE ION' 'H O4 P -2'
#
# COMPACT_ATOMS: atom_id res chain seq x y z
N GLN A 24 -48.62 -2.32 -32.05
CA GLN A 24 -48.07 -3.31 -31.13
C GLN A 24 -46.91 -4.02 -31.80
N VAL A 25 -45.69 -3.53 -31.55
CA VAL A 25 -44.48 -4.16 -32.07
C VAL A 25 -44.08 -5.23 -31.06
N SER A 26 -44.63 -6.43 -31.24
CA SER A 26 -44.36 -7.53 -30.33
C SER A 26 -43.19 -8.39 -30.76
N ASP A 27 -42.86 -8.41 -32.06
CA ASP A 27 -41.79 -9.23 -32.57
C ASP A 27 -40.84 -8.47 -33.49
N VAL A 28 -40.96 -7.15 -33.58
CA VAL A 28 -40.05 -6.33 -34.37
C VAL A 28 -39.65 -5.12 -33.54
N GLY A 29 -38.55 -4.50 -33.94
CA GLY A 29 -38.06 -3.33 -33.24
C GLY A 29 -37.10 -2.54 -34.11
N THR A 30 -36.81 -1.33 -33.65
CA THR A 30 -35.91 -0.43 -34.37
C THR A 30 -34.75 -0.06 -33.46
N VAL A 31 -33.58 0.08 -34.07
CA VAL A 31 -32.36 0.37 -33.31
C VAL A 31 -32.27 1.87 -33.08
N ILE A 32 -31.92 2.25 -31.85
CA ILE A 32 -31.76 3.65 -31.48
C ILE A 32 -30.28 4.04 -31.43
N GLN A 33 -29.48 3.25 -30.71
CA GLN A 33 -28.06 3.56 -30.51
C GLN A 33 -27.20 2.39 -30.94
N VAL A 34 -26.11 2.69 -31.63
CA VAL A 34 -25.12 1.70 -32.03
C VAL A 34 -23.74 2.22 -31.62
N GLY A 35 -22.93 1.34 -31.04
CA GLY A 35 -21.58 1.73 -30.68
C GLY A 35 -20.91 0.77 -29.73
N ASP A 36 -19.62 0.52 -29.95
CA ASP A 36 -18.81 -0.33 -29.09
C ASP A 36 -19.40 -1.73 -28.93
N GLY A 37 -20.09 -2.21 -29.97
CA GLY A 37 -20.67 -3.53 -29.92
C GLY A 37 -21.92 -3.67 -29.10
N ILE A 38 -22.57 -2.56 -28.75
CA ILE A 38 -23.80 -2.57 -27.96
C ILE A 38 -24.87 -1.82 -28.74
N ALA A 39 -26.06 -2.39 -28.83
CA ALA A 39 -27.18 -1.77 -29.51
C ALA A 39 -28.39 -1.73 -28.59
N ARG A 40 -29.08 -0.61 -28.58
CA ARG A 40 -30.32 -0.44 -27.83
C ARG A 40 -31.46 -0.28 -28.81
N ALA A 41 -32.48 -1.13 -28.67
CA ALA A 41 -33.57 -1.19 -29.62
C ALA A 41 -34.90 -0.88 -28.94
N HIS A 42 -35.72 -0.08 -29.61
CA HIS A 42 -37.07 0.21 -29.13
C HIS A 42 -38.04 -0.82 -29.68
N GLY A 43 -39.00 -1.21 -28.85
CA GLY A 43 -39.95 -2.23 -29.25
C GLY A 43 -39.62 -3.59 -28.65
N LEU A 44 -39.89 -4.65 -29.39
CA LEU A 44 -39.66 -6.02 -28.92
C LEU A 44 -40.34 -6.25 -27.58
N ASP A 45 -41.65 -5.99 -27.54
CA ASP A 45 -42.38 -6.00 -26.28
C ASP A 45 -42.42 -7.40 -25.65
N ASN A 46 -42.27 -8.44 -26.46
CA ASN A 46 -42.41 -9.81 -25.98
C ASN A 46 -41.08 -10.56 -25.99
N VAL A 47 -39.95 -9.85 -26.04
CA VAL A 47 -38.66 -10.52 -26.08
C VAL A 47 -38.36 -11.16 -24.73
N MET A 48 -37.77 -12.36 -24.77
CA MET A 48 -37.37 -13.06 -23.58
C MET A 48 -35.97 -12.63 -23.14
N SER A 49 -35.74 -12.69 -21.83
CA SER A 49 -34.41 -12.37 -21.32
C SER A 49 -33.43 -13.45 -21.73
N GLY A 50 -32.26 -13.03 -22.23
CA GLY A 50 -31.30 -14.00 -22.73
C GLY A 50 -31.69 -14.62 -24.05
N GLU A 51 -32.53 -13.96 -24.83
CA GLU A 51 -32.99 -14.51 -26.11
C GLU A 51 -32.00 -14.21 -27.22
N LEU A 52 -32.11 -14.97 -28.30
CA LEU A 52 -31.34 -14.74 -29.51
C LEU A 52 -32.12 -13.80 -30.42
N VAL A 53 -31.42 -12.81 -30.98
CA VAL A 53 -32.04 -11.75 -31.76
C VAL A 53 -31.29 -11.59 -33.06
N GLU A 54 -32.02 -11.45 -34.16
CA GLU A 54 -31.46 -11.31 -35.50
C GLU A 54 -31.64 -9.88 -36.00
N PHE A 55 -30.56 -9.29 -36.50
CA PHE A 55 -30.59 -7.93 -37.01
C PHE A 55 -31.05 -7.92 -38.47
N ALA A 56 -30.98 -6.74 -39.09
CA ALA A 56 -31.45 -6.60 -40.47
C ALA A 56 -30.52 -7.32 -41.44
N ASN A 57 -29.20 -7.19 -41.25
CA ASN A 57 -28.23 -7.74 -42.18
C ASN A 57 -27.77 -9.15 -41.80
N GLY A 58 -28.55 -9.86 -40.99
CA GLY A 58 -28.23 -11.22 -40.63
C GLY A 58 -27.34 -11.39 -39.41
N VAL A 59 -26.82 -10.30 -38.85
CA VAL A 59 -25.96 -10.40 -37.68
C VAL A 59 -26.79 -10.78 -36.46
N MET A 60 -26.34 -11.79 -35.73
CA MET A 60 -27.07 -12.26 -34.56
C MET A 60 -26.79 -11.36 -33.38
N GLY A 61 -27.63 -11.50 -32.34
CA GLY A 61 -27.48 -10.72 -31.13
C GLY A 61 -28.11 -11.45 -29.97
N MET A 62 -27.92 -10.87 -28.79
CA MET A 62 -28.45 -11.44 -27.56
C MET A 62 -29.01 -10.33 -26.68
N ALA A 63 -30.17 -10.56 -26.08
CA ALA A 63 -30.85 -9.56 -25.28
C ALA A 63 -30.47 -9.78 -23.82
N LEU A 64 -29.76 -8.81 -23.23
CA LEU A 64 -29.33 -8.89 -21.85
C LEU A 64 -30.15 -7.96 -20.94
N ASN A 65 -30.21 -6.68 -21.28
CA ASN A 65 -30.93 -5.70 -20.49
C ASN A 65 -32.33 -5.49 -21.07
N LEU A 66 -33.35 -5.92 -20.33
CA LEU A 66 -34.72 -5.59 -20.65
C LEU A 66 -35.16 -4.45 -19.74
N GLU A 67 -35.49 -3.31 -20.33
CA GLU A 67 -35.83 -2.13 -19.57
C GLU A 67 -37.23 -1.66 -19.91
N GLU A 68 -37.62 -0.52 -19.32
CA GLU A 68 -39.00 -0.07 -19.39
C GLU A 68 -39.42 0.23 -20.83
N ASN A 69 -38.57 0.94 -21.58
CA ASN A 69 -38.91 1.31 -22.95
C ASN A 69 -37.90 0.89 -23.99
N ASN A 70 -36.72 0.40 -23.60
CA ASN A 70 -35.71 -0.01 -24.55
C ASN A 70 -35.11 -1.33 -24.11
N VAL A 71 -34.51 -2.03 -25.07
CA VAL A 71 -33.92 -3.34 -24.84
C VAL A 71 -32.44 -3.26 -25.20
N GLY A 72 -31.58 -3.60 -24.24
CA GLY A 72 -30.15 -3.61 -24.48
C GLY A 72 -29.70 -4.88 -25.16
N ILE A 73 -29.33 -4.79 -26.44
CA ILE A 73 -28.96 -5.94 -27.25
C ILE A 73 -27.45 -5.96 -27.40
N VAL A 74 -26.85 -7.13 -27.23
CA VAL A 74 -25.42 -7.31 -27.37
C VAL A 74 -25.16 -8.01 -28.70
N ILE A 75 -24.33 -7.40 -29.54
CA ILE A 75 -24.14 -7.83 -30.92
C ILE A 75 -23.08 -8.92 -30.97
N LEU A 76 -23.40 -10.03 -31.63
CA LEU A 76 -22.53 -11.19 -31.71
C LEU A 76 -21.75 -11.26 -33.02
N GLY A 77 -21.36 -10.12 -33.57
CA GLY A 77 -20.63 -10.10 -34.81
C GLY A 77 -20.14 -8.71 -35.17
N PRO A 78 -19.68 -8.54 -36.41
CA PRO A 78 -19.22 -7.23 -36.86
C PRO A 78 -20.35 -6.22 -36.93
N TYR A 79 -20.31 -5.22 -36.04
CA TYR A 79 -21.39 -4.25 -35.91
C TYR A 79 -21.21 -3.03 -36.80
N THR A 80 -20.15 -2.99 -37.61
CA THR A 80 -19.91 -1.83 -38.45
C THR A 80 -21.00 -1.61 -39.49
N GLY A 81 -21.79 -2.64 -39.79
CA GLY A 81 -22.84 -2.55 -40.78
C GLY A 81 -24.22 -2.25 -40.24
N ILE A 82 -24.33 -1.85 -38.97
CA ILE A 82 -25.62 -1.58 -38.33
C ILE A 82 -25.74 -0.09 -38.07
N LYS A 83 -26.86 0.49 -38.47
CA LYS A 83 -27.11 1.91 -38.31
C LYS A 83 -28.41 2.12 -37.54
N GLU A 84 -28.56 3.31 -36.98
CA GLU A 84 -29.80 3.67 -36.30
C GLU A 84 -30.97 3.59 -37.26
N GLY A 85 -32.09 3.06 -36.76
CA GLY A 85 -33.29 2.90 -37.56
C GLY A 85 -33.40 1.56 -38.26
N ASP A 86 -32.39 0.71 -38.18
CA ASP A 86 -32.47 -0.62 -38.77
C ASP A 86 -33.50 -1.47 -38.04
N GLU A 87 -34.12 -2.37 -38.78
CA GLU A 87 -35.15 -3.24 -38.23
C GLU A 87 -34.52 -4.43 -37.51
N VAL A 88 -35.12 -4.82 -36.39
CA VAL A 88 -34.65 -5.94 -35.58
C VAL A 88 -35.76 -6.96 -35.48
N ARG A 89 -35.46 -8.20 -35.84
CA ARG A 89 -36.43 -9.29 -35.82
C ARG A 89 -36.16 -10.21 -34.64
N ARG A 90 -37.23 -10.81 -34.13
CA ARG A 90 -37.13 -11.75 -33.01
C ARG A 90 -37.04 -13.18 -33.52
N THR A 91 -36.31 -14.02 -32.79
CA THR A 91 -36.14 -15.41 -33.19
C THR A 91 -36.96 -16.39 -32.36
N GLY A 92 -37.16 -16.12 -31.08
CA GLY A 92 -37.96 -16.99 -30.24
C GLY A 92 -37.21 -18.13 -29.59
N ARG A 93 -35.89 -18.20 -29.73
CA ARG A 93 -35.09 -19.29 -29.19
C ARG A 93 -34.18 -18.75 -28.10
N ILE A 94 -34.13 -19.45 -26.96
CA ILE A 94 -33.10 -19.19 -25.97
C ILE A 94 -31.74 -19.53 -26.56
N MET A 95 -30.72 -18.76 -26.17
CA MET A 95 -29.36 -18.98 -26.64
C MET A 95 -28.97 -20.45 -26.49
N GLU A 96 -28.75 -21.11 -27.63
CA GLU A 96 -28.49 -22.54 -27.66
C GLU A 96 -27.42 -22.83 -28.70
N VAL A 97 -26.77 -23.98 -28.55
CA VAL A 97 -25.67 -24.36 -29.43
C VAL A 97 -25.95 -25.75 -30.01
N PRO A 98 -25.53 -26.01 -31.25
CA PRO A 98 -25.67 -27.38 -31.77
C PRO A 98 -24.80 -28.35 -31.01
N VAL A 99 -25.27 -29.58 -30.92
CA VAL A 99 -24.55 -30.61 -30.16
C VAL A 99 -24.79 -31.96 -30.84
N GLY A 100 -23.79 -32.82 -30.76
CA GLY A 100 -23.87 -34.13 -31.36
C GLY A 100 -22.49 -34.69 -31.60
N GLU A 101 -22.46 -35.97 -31.98
CA GLU A 101 -21.19 -36.63 -32.26
C GLU A 101 -20.53 -36.09 -33.53
N ALA A 102 -21.28 -35.37 -34.36
CA ALA A 102 -20.72 -34.81 -35.59
C ALA A 102 -19.69 -33.72 -35.34
N LEU A 103 -19.64 -33.18 -34.12
CA LEU A 103 -18.69 -32.11 -33.81
C LEU A 103 -17.30 -32.63 -33.49
N ILE A 104 -17.12 -33.94 -33.36
CA ILE A 104 -15.82 -34.49 -32.99
C ILE A 104 -14.84 -34.29 -34.14
N GLY A 105 -13.71 -33.64 -33.84
CA GLY A 105 -12.72 -33.34 -34.84
C GLY A 105 -12.94 -32.06 -35.60
N ARG A 106 -13.83 -31.19 -35.14
CA ARG A 106 -14.20 -29.98 -35.84
C ARG A 106 -13.89 -28.76 -34.98
N VAL A 107 -13.27 -27.75 -35.59
CA VAL A 107 -13.01 -26.48 -34.95
C VAL A 107 -14.24 -25.60 -35.17
N VAL A 108 -14.87 -25.18 -34.07
CA VAL A 108 -16.18 -24.54 -34.12
C VAL A 108 -16.16 -23.30 -33.24
N ASN A 109 -16.78 -22.22 -33.73
CA ASN A 109 -16.94 -21.01 -32.95
C ASN A 109 -18.01 -21.24 -31.88
N PRO A 110 -18.09 -20.36 -30.86
CA PRO A 110 -19.07 -20.59 -29.80
C PRO A 110 -20.51 -20.70 -30.29
N LEU A 111 -20.86 -20.00 -31.37
CA LEU A 111 -22.23 -20.06 -31.88
C LEU A 111 -22.56 -21.38 -32.56
N GLY A 112 -21.57 -22.22 -32.84
CA GLY A 112 -21.81 -23.48 -33.51
C GLY A 112 -21.48 -23.51 -34.98
N GLN A 113 -20.92 -22.44 -35.53
CA GLN A 113 -20.56 -22.43 -36.94
C GLN A 113 -19.12 -22.88 -37.13
N PRO A 114 -18.84 -23.74 -38.12
CA PRO A 114 -17.47 -24.24 -38.31
C PRO A 114 -16.59 -23.18 -38.95
N VAL A 115 -15.44 -22.90 -38.32
CA VAL A 115 -14.43 -22.05 -38.92
C VAL A 115 -13.31 -22.85 -39.55
N ASP A 116 -13.44 -24.17 -39.62
CA ASP A 116 -12.41 -25.05 -40.14
C ASP A 116 -12.54 -25.30 -41.63
N GLY A 117 -13.60 -24.80 -42.28
CA GLY A 117 -13.90 -25.21 -43.63
C GLY A 117 -14.50 -26.60 -43.62
N LEU A 118 -14.16 -27.43 -44.59
CA LEU A 118 -14.56 -28.83 -44.64
C LEU A 118 -16.07 -29.02 -44.61
N GLY A 119 -16.83 -28.00 -45.02
CA GLY A 119 -18.26 -28.11 -45.10
C GLY A 119 -18.96 -27.97 -43.76
N PRO A 120 -20.28 -28.12 -43.77
CA PRO A 120 -21.06 -27.91 -42.54
C PRO A 120 -20.98 -29.07 -41.56
N VAL A 121 -21.78 -29.00 -40.50
CA VAL A 121 -21.91 -30.08 -39.54
C VAL A 121 -23.34 -30.62 -39.62
N GLU A 122 -23.52 -31.85 -39.14
CA GLU A 122 -24.78 -32.57 -39.28
C GLU A 122 -25.45 -32.81 -37.94
N THR A 123 -25.38 -31.83 -37.04
CA THR A 123 -26.06 -31.95 -35.76
C THR A 123 -27.57 -31.85 -35.94
N THR A 124 -28.31 -32.71 -35.25
CA THR A 124 -29.76 -32.76 -35.37
C THR A 124 -30.48 -32.31 -34.10
N GLU A 125 -29.76 -31.80 -33.11
CA GLU A 125 -30.40 -31.34 -31.89
C GLU A 125 -29.51 -30.32 -31.21
N THR A 126 -30.14 -29.50 -30.37
CA THR A 126 -29.44 -28.44 -29.64
C THR A 126 -29.92 -28.43 -28.19
N ARG A 127 -29.12 -27.83 -27.32
CA ARG A 127 -29.49 -27.63 -25.94
C ARG A 127 -29.04 -26.24 -25.50
N PRO A 128 -29.77 -25.60 -24.59
CA PRO A 128 -29.42 -24.24 -24.18
C PRO A 128 -28.11 -24.21 -23.42
N ILE A 129 -27.41 -23.09 -23.54
CA ILE A 129 -26.14 -22.93 -22.83
C ILE A 129 -26.39 -22.83 -21.33
N GLU A 130 -27.48 -22.20 -20.92
CA GLU A 130 -27.82 -22.04 -19.52
C GLU A 130 -28.72 -23.20 -19.08
N SER A 131 -28.16 -24.13 -18.33
CA SER A 131 -28.88 -25.30 -17.86
C SER A 131 -28.65 -25.47 -16.37
N PRO A 132 -29.58 -26.10 -15.66
CA PRO A 132 -29.37 -26.33 -14.22
C PRO A 132 -28.20 -27.28 -13.98
N ALA A 133 -27.46 -27.00 -12.92
CA ALA A 133 -26.40 -27.90 -12.51
C ALA A 133 -26.99 -29.16 -11.88
N PRO A 134 -26.27 -30.28 -11.92
CA PRO A 134 -26.78 -31.49 -11.27
C PRO A 134 -27.00 -31.28 -9.79
N GLY A 135 -28.07 -31.89 -9.28
CA GLY A 135 -28.42 -31.72 -7.88
C GLY A 135 -27.43 -32.38 -6.94
N VAL A 136 -27.49 -31.96 -5.68
CA VAL A 136 -26.57 -32.51 -4.69
C VAL A 136 -26.87 -33.99 -4.44
N MET A 137 -28.10 -34.43 -4.72
CA MET A 137 -28.46 -35.83 -4.59
C MET A 137 -28.26 -36.62 -5.86
N ASP A 138 -27.76 -35.98 -6.92
CA ASP A 138 -27.50 -36.67 -8.19
C ASP A 138 -26.04 -37.05 -8.36
N ARG A 139 -25.21 -36.80 -7.36
CA ARG A 139 -23.76 -36.94 -7.50
C ARG A 139 -23.24 -38.11 -6.66
N ARG A 140 -22.04 -38.54 -7.02
CA ARG A 140 -21.32 -39.60 -6.33
C ARG A 140 -19.90 -39.16 -6.09
N SER A 141 -19.33 -39.59 -4.97
CA SER A 141 -17.97 -39.20 -4.63
C SER A 141 -16.99 -39.62 -5.71
N VAL A 142 -16.06 -38.72 -6.05
CA VAL A 142 -15.07 -38.99 -7.08
C VAL A 142 -14.16 -40.12 -6.61
N HIS A 143 -14.06 -41.17 -7.40
CA HIS A 143 -13.24 -42.33 -7.03
C HIS A 143 -12.48 -42.92 -8.20
N GLU A 144 -12.34 -42.20 -9.32
CA GLU A 144 -11.69 -42.75 -10.48
C GLU A 144 -10.57 -41.83 -10.94
N PRO A 145 -9.41 -42.38 -11.27
CA PRO A 145 -8.27 -41.53 -11.66
C PRO A 145 -8.41 -40.98 -13.07
N LEU A 146 -7.82 -39.81 -13.26
CA LEU A 146 -7.68 -39.18 -14.57
C LEU A 146 -6.19 -39.06 -14.83
N GLN A 147 -5.64 -40.01 -15.58
CA GLN A 147 -4.20 -40.08 -15.80
C GLN A 147 -3.82 -39.02 -16.83
N THR A 148 -3.07 -38.02 -16.39
CA THR A 148 -2.61 -36.95 -17.28
C THR A 148 -1.29 -37.26 -17.95
N GLY A 149 -0.62 -38.35 -17.58
CA GLY A 149 0.65 -38.68 -18.20
C GLY A 149 1.81 -37.84 -17.73
N ILE A 150 1.64 -37.03 -16.71
CA ILE A 150 2.70 -36.20 -16.15
C ILE A 150 3.02 -36.74 -14.75
N LYS A 151 4.30 -37.06 -14.52
CA LYS A 151 4.68 -37.71 -13.27
C LYS A 151 4.38 -36.82 -12.07
N ALA A 152 4.75 -35.54 -12.16
CA ALA A 152 4.58 -34.64 -11.02
C ALA A 152 3.11 -34.51 -10.64
N ILE A 153 2.24 -34.31 -11.63
CA ILE A 153 0.82 -34.17 -11.34
C ILE A 153 0.24 -35.48 -10.84
N ASP A 154 0.55 -36.58 -11.52
CA ASP A 154 -0.03 -37.87 -11.15
C ASP A 154 0.45 -38.35 -9.78
N ALA A 155 1.58 -37.85 -9.29
CA ALA A 155 2.09 -38.27 -7.99
C ALA A 155 1.70 -37.32 -6.87
N LEU A 156 1.90 -36.02 -7.06
CA LEU A 156 1.73 -35.05 -5.98
C LEU A 156 0.35 -34.41 -5.95
N VAL A 157 -0.24 -34.13 -7.10
CA VAL A 157 -1.55 -33.48 -7.14
C VAL A 157 -2.48 -34.27 -8.05
N PRO A 158 -2.98 -35.41 -7.59
CA PRO A 158 -3.81 -36.25 -8.45
C PRO A 158 -5.14 -35.60 -8.78
N ILE A 159 -5.64 -35.91 -9.98
CA ILE A 159 -6.92 -35.39 -10.46
C ILE A 159 -7.84 -36.56 -10.75
N GLY A 160 -9.03 -36.54 -10.16
CA GLY A 160 -10.00 -37.59 -10.34
C GLY A 160 -11.09 -37.20 -11.34
N ARG A 161 -11.72 -38.22 -11.92
CA ARG A 161 -12.79 -37.98 -12.88
C ARG A 161 -13.99 -37.36 -12.15
N GLY A 162 -14.43 -36.20 -12.62
CA GLY A 162 -15.44 -35.42 -11.96
C GLY A 162 -14.90 -34.30 -11.10
N GLN A 163 -13.60 -34.31 -10.81
CA GLN A 163 -12.98 -33.24 -10.06
C GLN A 163 -12.69 -32.07 -10.99
N ARG A 164 -12.78 -30.86 -10.44
CA ARG A 164 -12.47 -29.63 -11.16
C ARG A 164 -11.23 -29.00 -10.53
N GLU A 165 -10.12 -29.07 -11.26
CA GLU A 165 -8.81 -28.64 -10.77
C GLU A 165 -8.38 -27.39 -11.52
N LEU A 166 -7.90 -26.39 -10.77
CA LEU A 166 -7.47 -25.13 -11.36
C LEU A 166 -5.97 -25.18 -11.63
N ILE A 167 -5.58 -24.73 -12.83
CA ILE A 167 -4.18 -24.56 -13.20
C ILE A 167 -3.91 -23.07 -13.30
N ILE A 168 -3.03 -22.58 -12.44
CA ILE A 168 -2.78 -21.15 -12.29
C ILE A 168 -1.29 -20.90 -12.41
N GLY A 169 -0.92 -19.89 -13.19
CA GLY A 169 0.47 -19.56 -13.37
C GLY A 169 0.61 -18.31 -14.22
N ASP A 170 1.81 -17.75 -14.20
CA ASP A 170 2.09 -16.55 -14.96
C ASP A 170 2.23 -16.87 -16.45
N ARG A 171 2.28 -15.80 -17.24
CA ARG A 171 2.48 -15.92 -18.67
C ARG A 171 3.80 -16.62 -18.96
N GLN A 172 3.91 -17.19 -20.18
CA GLN A 172 5.09 -17.90 -20.66
C GLN A 172 5.64 -18.89 -19.61
N THR A 173 4.74 -19.68 -19.04
CA THR A 173 5.11 -20.80 -18.19
C THR A 173 4.59 -22.13 -18.73
N GLY A 174 4.18 -22.15 -20.00
CA GLY A 174 3.75 -23.38 -20.63
C GLY A 174 2.47 -23.98 -20.07
N LYS A 175 1.46 -23.15 -19.80
CA LYS A 175 0.18 -23.68 -19.35
C LYS A 175 -0.47 -24.54 -20.42
N THR A 176 -0.37 -24.12 -21.69
CA THR A 176 -0.99 -24.87 -22.77
C THR A 176 -0.35 -26.25 -22.95
N SER A 177 0.93 -26.38 -22.60
CA SER A 177 1.61 -27.66 -22.74
C SER A 177 0.96 -28.74 -21.88
N VAL A 178 0.57 -28.38 -20.65
CA VAL A 178 -0.07 -29.34 -19.78
C VAL A 178 -1.39 -29.82 -20.39
N ALA A 179 -2.18 -28.89 -20.93
CA ALA A 179 -3.44 -29.26 -21.56
C ALA A 179 -3.21 -30.17 -22.76
N ILE A 180 -2.22 -29.83 -23.59
CA ILE A 180 -1.94 -30.65 -24.77
C ILE A 180 -1.53 -32.06 -24.36
N ASP A 181 -0.64 -32.17 -23.37
CA ASP A 181 -0.19 -33.48 -22.93
C ASP A 181 -1.34 -34.29 -22.36
N THR A 182 -2.15 -33.69 -21.49
CA THR A 182 -3.22 -34.44 -20.86
C THR A 182 -4.31 -34.80 -21.87
N ILE A 183 -4.45 -34.03 -22.95
CA ILE A 183 -5.40 -34.40 -24.00
C ILE A 183 -4.85 -35.56 -24.82
N ILE A 184 -3.57 -35.49 -25.19
CA ILE A 184 -2.98 -36.55 -25.99
C ILE A 184 -2.98 -37.87 -25.24
N ASN A 185 -2.75 -37.82 -23.93
CA ASN A 185 -2.63 -39.05 -23.15
C ASN A 185 -3.93 -39.85 -23.11
N GLN A 186 -5.07 -39.24 -23.47
CA GLN A 186 -6.35 -39.90 -23.42
C GLN A 186 -6.60 -40.82 -24.63
N LYS A 187 -5.56 -41.17 -25.38
CA LYS A 187 -5.76 -41.93 -26.62
C LYS A 187 -6.35 -43.31 -26.34
N ASP A 188 -5.86 -43.99 -25.30
CA ASP A 188 -6.26 -45.36 -25.02
C ASP A 188 -7.51 -45.44 -24.15
N GLN A 189 -7.97 -44.33 -23.61
CA GLN A 189 -9.10 -44.32 -22.68
C GLN A 189 -10.34 -43.78 -23.37
N ASN A 190 -11.47 -43.92 -22.69
CA ASN A 190 -12.76 -43.55 -23.25
C ASN A 190 -13.10 -42.08 -23.08
N MET A 191 -12.14 -41.27 -22.66
CA MET A 191 -12.41 -39.84 -22.46
C MET A 191 -12.72 -39.16 -23.78
N ILE A 192 -13.56 -38.13 -23.69
CA ILE A 192 -13.81 -37.21 -24.80
C ILE A 192 -13.33 -35.84 -24.35
N SER A 193 -12.43 -35.25 -25.13
CA SER A 193 -11.80 -34.00 -24.75
C SER A 193 -12.44 -32.82 -25.47
N ILE A 194 -12.56 -31.71 -24.77
CA ILE A 194 -13.05 -30.47 -25.34
C ILE A 194 -12.07 -29.36 -24.98
N TYR A 195 -11.59 -28.64 -25.98
CA TYR A 195 -10.64 -27.56 -25.78
C TYR A 195 -11.33 -26.23 -26.12
N VAL A 196 -11.37 -25.32 -25.16
CA VAL A 196 -11.98 -24.01 -25.33
C VAL A 196 -10.86 -22.97 -25.25
N ALA A 197 -10.71 -22.20 -26.31
CA ALA A 197 -9.66 -21.18 -26.40
C ALA A 197 -10.30 -19.80 -26.32
N ILE A 198 -10.20 -19.16 -25.17
CA ILE A 198 -10.78 -17.85 -24.95
C ILE A 198 -9.71 -16.79 -25.12
N GLY A 199 -9.90 -15.89 -26.07
CA GLY A 199 -9.01 -14.76 -26.25
C GLY A 199 -7.60 -15.09 -26.67
N GLN A 200 -7.33 -16.31 -27.11
CA GLN A 200 -6.00 -16.67 -27.54
C GLN A 200 -5.74 -16.20 -28.95
N LYS A 201 -4.48 -16.31 -29.36
CA LYS A 201 -4.09 -15.92 -30.71
C LYS A 201 -4.53 -16.98 -31.71
N GLU A 202 -4.98 -16.51 -32.88
CA GLU A 202 -5.42 -17.43 -33.93
C GLU A 202 -4.27 -18.32 -34.39
N SER A 203 -3.06 -17.76 -34.48
CA SER A 203 -1.91 -18.57 -34.88
C SER A 203 -1.63 -19.68 -33.88
N THR A 204 -1.69 -19.36 -32.58
CA THR A 204 -1.48 -20.37 -31.55
C THR A 204 -2.56 -21.45 -31.61
N VAL A 205 -3.81 -21.04 -31.83
CA VAL A 205 -4.89 -22.02 -31.93
C VAL A 205 -4.67 -22.93 -33.14
N ARG A 206 -4.24 -22.35 -34.26
CA ARG A 206 -3.99 -23.15 -35.46
C ARG A 206 -2.86 -24.15 -35.22
N THR A 207 -1.78 -23.71 -34.58
CA THR A 207 -0.67 -24.63 -34.29
C THR A 207 -1.10 -25.73 -33.33
N VAL A 208 -1.93 -25.39 -32.34
CA VAL A 208 -2.42 -26.40 -31.41
C VAL A 208 -3.27 -27.44 -32.14
N VAL A 209 -4.14 -26.98 -33.04
CA VAL A 209 -4.96 -27.91 -33.82
C VAL A 209 -4.07 -28.78 -34.69
N GLU A 210 -3.04 -28.20 -35.29
CA GLU A 210 -2.15 -28.97 -36.15
C GLU A 210 -1.39 -30.04 -35.35
N THR A 211 -0.89 -29.69 -34.17
CA THR A 211 -0.17 -30.70 -33.39
C THR A 211 -1.12 -31.76 -32.85
N LEU A 212 -2.37 -31.40 -32.53
CA LEU A 212 -3.35 -32.40 -32.17
C LEU A 212 -3.60 -33.37 -33.32
N ARG A 213 -3.75 -32.84 -34.53
CA ARG A 213 -3.94 -33.72 -35.69
C ARG A 213 -2.72 -34.60 -35.91
N LYS A 214 -1.52 -34.03 -35.75
CA LYS A 214 -0.29 -34.80 -35.95
C LYS A 214 -0.20 -35.96 -34.97
N HIS A 215 -0.52 -35.72 -33.70
CA HIS A 215 -0.48 -36.79 -32.72
C HIS A 215 -1.72 -37.68 -32.77
N GLY A 216 -2.74 -37.31 -33.54
CA GLY A 216 -3.87 -38.20 -33.73
C GLY A 216 -4.94 -38.12 -32.68
N ALA A 217 -5.04 -37.01 -31.97
CA ALA A 217 -6.06 -36.85 -30.94
C ALA A 217 -7.35 -36.22 -31.47
N LEU A 218 -7.39 -35.83 -32.74
CA LEU A 218 -8.57 -35.14 -33.26
C LEU A 218 -9.76 -36.07 -33.43
N ASP A 219 -9.56 -37.38 -33.39
CA ASP A 219 -10.66 -38.31 -33.58
C ASP A 219 -11.54 -38.45 -32.34
N TYR A 220 -11.17 -37.82 -31.22
CA TYR A 220 -12.00 -37.88 -30.03
C TYR A 220 -12.06 -36.55 -29.30
N THR A 221 -11.81 -35.43 -29.97
CA THR A 221 -11.77 -34.14 -29.30
C THR A 221 -12.52 -33.10 -30.13
N ILE A 222 -13.00 -32.06 -29.43
CA ILE A 222 -13.67 -30.93 -30.05
C ILE A 222 -12.95 -29.66 -29.61
N VAL A 223 -12.75 -28.74 -30.55
CA VAL A 223 -12.06 -27.49 -30.29
C VAL A 223 -13.03 -26.34 -30.50
N VAL A 224 -13.16 -25.48 -29.50
CA VAL A 224 -13.99 -24.28 -29.57
C VAL A 224 -13.08 -23.08 -29.42
N THR A 225 -13.10 -22.20 -30.41
CA THR A 225 -12.16 -21.08 -30.47
C THR A 225 -12.91 -19.75 -30.43
N ALA A 226 -12.29 -18.77 -29.78
CA ALA A 226 -12.80 -17.41 -29.75
C ALA A 226 -11.59 -16.48 -29.65
N SER A 227 -11.14 -15.97 -30.80
CA SER A 227 -9.89 -15.25 -30.85
C SER A 227 -10.01 -13.90 -30.17
N ALA A 228 -8.86 -13.21 -30.06
CA ALA A 228 -8.82 -11.92 -29.39
C ALA A 228 -9.60 -10.87 -30.18
N SER A 229 -9.50 -10.88 -31.50
CA SER A 229 -10.19 -9.89 -32.33
C SER A 229 -11.69 -10.09 -32.39
N GLN A 230 -12.19 -11.21 -31.88
CA GLN A 230 -13.63 -11.45 -31.88
C GLN A 230 -14.31 -10.53 -30.87
N PRO A 231 -15.60 -10.23 -31.07
CA PRO A 231 -16.31 -9.38 -30.12
C PRO A 231 -16.36 -10.00 -28.73
N ALA A 232 -16.44 -9.13 -27.73
CA ALA A 232 -16.47 -9.57 -26.34
C ALA A 232 -17.55 -10.60 -26.02
N PRO A 233 -18.79 -10.50 -26.55
CA PRO A 233 -19.79 -11.53 -26.22
C PRO A 233 -19.38 -12.94 -26.61
N LEU A 234 -18.67 -13.13 -27.73
CA LEU A 234 -18.25 -14.47 -28.10
C LEU A 234 -17.27 -15.04 -27.09
N LEU A 235 -16.33 -14.22 -26.62
CA LEU A 235 -15.43 -14.66 -25.55
C LEU A 235 -16.21 -14.97 -24.29
N PHE A 236 -17.22 -14.17 -23.98
CA PHE A 236 -18.04 -14.40 -22.80
C PHE A 236 -18.82 -15.70 -22.91
N LEU A 237 -19.22 -16.08 -24.13
CA LEU A 237 -20.08 -17.24 -24.32
C LEU A 237 -19.34 -18.54 -24.54
N ALA A 238 -18.08 -18.49 -24.98
CA ALA A 238 -17.38 -19.72 -25.35
C ALA A 238 -17.36 -20.79 -24.27
N PRO A 239 -17.02 -20.51 -23.00
CA PRO A 239 -17.01 -21.59 -22.00
C PRO A 239 -18.37 -22.24 -21.82
N TYR A 240 -19.45 -21.46 -21.90
CA TYR A 240 -20.77 -22.04 -21.77
C TYR A 240 -21.08 -22.96 -22.93
N ALA A 241 -20.65 -22.60 -24.14
CA ALA A 241 -20.82 -23.49 -25.28
C ALA A 241 -20.05 -24.78 -25.07
N GLY A 242 -18.83 -24.70 -24.56
CA GLY A 242 -18.06 -25.91 -24.29
C GLY A 242 -18.73 -26.82 -23.28
N VAL A 243 -19.23 -26.23 -22.19
CA VAL A 243 -19.88 -27.03 -21.16
C VAL A 243 -21.19 -27.62 -21.68
N ALA A 244 -21.92 -26.87 -22.50
CA ALA A 244 -23.15 -27.40 -23.07
C ALA A 244 -22.86 -28.57 -23.99
N MET A 245 -21.81 -28.48 -24.80
CA MET A 245 -21.43 -29.61 -25.63
C MET A 245 -21.02 -30.81 -24.78
N GLY A 246 -20.31 -30.57 -23.68
CA GLY A 246 -19.89 -31.66 -22.82
C GLY A 246 -21.03 -32.36 -22.10
N GLU A 247 -22.04 -31.60 -21.68
CA GLU A 247 -23.12 -32.17 -20.88
C GLU A 247 -23.89 -33.23 -21.64
N TYR A 248 -23.99 -33.10 -22.97
CA TYR A 248 -24.70 -34.09 -23.77
C TYR A 248 -24.04 -35.46 -23.64
N PHE A 249 -22.72 -35.51 -23.84
CA PHE A 249 -22.01 -36.77 -23.65
C PHE A 249 -22.00 -37.20 -22.19
N MET A 250 -22.02 -36.25 -21.26
CA MET A 250 -22.12 -36.60 -19.84
C MET A 250 -23.38 -37.41 -19.58
N TYR A 251 -24.52 -36.89 -20.01
CA TYR A 251 -25.80 -37.53 -19.76
C TYR A 251 -26.04 -38.75 -20.65
N LYS A 252 -25.30 -38.89 -21.75
CA LYS A 252 -25.33 -40.15 -22.47
C LYS A 252 -24.61 -41.27 -21.75
N GLY A 253 -23.88 -40.97 -20.68
CA GLY A 253 -23.19 -41.98 -19.91
C GLY A 253 -21.69 -42.06 -20.14
N LYS A 254 -21.12 -41.16 -20.92
CA LYS A 254 -19.69 -41.20 -21.24
C LYS A 254 -18.92 -40.34 -20.24
N HIS A 255 -17.62 -40.17 -20.49
CA HIS A 255 -16.74 -39.37 -19.65
C HIS A 255 -16.11 -38.28 -20.50
N VAL A 256 -16.11 -37.04 -19.99
CA VAL A 256 -15.68 -35.88 -20.75
C VAL A 256 -14.62 -35.13 -19.95
N LEU A 257 -13.75 -34.43 -20.68
CA LEU A 257 -12.75 -33.55 -20.10
C LEU A 257 -12.77 -32.24 -20.86
N VAL A 258 -12.84 -31.12 -20.13
CA VAL A 258 -12.99 -29.80 -20.72
C VAL A 258 -11.92 -28.88 -20.15
N VAL A 259 -11.31 -28.07 -21.02
CA VAL A 259 -10.27 -27.13 -20.64
C VAL A 259 -10.68 -25.74 -21.10
N TYR A 260 -10.72 -24.80 -20.16
CA TYR A 260 -10.96 -23.39 -20.47
C TYR A 260 -9.63 -22.65 -20.45
N ASP A 261 -9.34 -21.94 -21.54
CA ASP A 261 -8.00 -21.41 -21.72
C ASP A 261 -7.73 -20.15 -20.91
N ASP A 262 -8.73 -19.27 -20.72
CA ASP A 262 -8.51 -18.10 -19.88
C ASP A 262 -9.84 -17.64 -19.30
N LEU A 263 -10.14 -18.08 -18.08
CA LEU A 263 -11.27 -17.53 -17.36
C LEU A 263 -11.05 -16.06 -17.05
N SER A 264 -9.80 -15.65 -16.89
CA SER A 264 -9.51 -14.22 -16.69
C SER A 264 -9.92 -13.42 -17.91
N LYS A 265 -9.62 -13.92 -19.11
CA LYS A 265 -10.04 -13.21 -20.32
C LYS A 265 -11.55 -13.22 -20.48
N GLN A 266 -12.21 -14.33 -20.12
CA GLN A 266 -13.67 -14.32 -20.14
C GLN A 266 -14.22 -13.28 -19.18
N ALA A 267 -13.64 -13.18 -17.98
CA ALA A 267 -14.09 -12.19 -17.02
C ALA A 267 -13.88 -10.77 -17.53
N ALA A 268 -12.76 -10.53 -18.22
CA ALA A 268 -12.53 -9.22 -18.81
C ALA A 268 -13.58 -8.89 -19.86
N ALA A 269 -13.93 -9.86 -20.70
CA ALA A 269 -14.98 -9.63 -21.70
C ALA A 269 -16.31 -9.32 -21.04
N TYR A 270 -16.66 -10.07 -20.00
CA TYR A 270 -17.92 -9.82 -19.31
C TYR A 270 -17.91 -8.45 -18.64
N ARG A 271 -16.76 -8.05 -18.09
CA ARG A 271 -16.65 -6.71 -17.51
C ARG A 271 -16.86 -5.64 -18.56
N GLU A 272 -16.30 -5.84 -19.75
CA GLU A 272 -16.51 -4.88 -20.83
C GLU A 272 -17.98 -4.78 -21.19
N LEU A 273 -18.66 -5.92 -21.31
CA LEU A 273 -20.09 -5.90 -21.63
C LEU A 273 -20.87 -5.16 -20.56
N SER A 274 -20.65 -5.49 -19.29
CA SER A 274 -21.41 -4.88 -18.21
C SER A 274 -21.15 -3.37 -18.14
N LEU A 275 -19.90 -2.96 -18.32
CA LEU A 275 -19.59 -1.53 -18.29
C LEU A 275 -20.25 -0.80 -19.44
N LEU A 276 -20.25 -1.40 -20.64
CA LEU A 276 -20.91 -0.76 -21.77
C LEU A 276 -22.42 -0.75 -21.64
N LEU A 277 -22.99 -1.64 -20.83
CA LEU A 277 -24.42 -1.61 -20.54
C LEU A 277 -24.77 -0.73 -19.36
N ARG A 278 -23.79 -0.03 -18.79
CA ARG A 278 -23.99 0.89 -17.67
C ARG A 278 -24.58 0.21 -16.44
N ARG A 279 -24.21 -1.05 -16.21
CA ARG A 279 -24.53 -1.66 -14.94
C ARG A 279 -23.54 -1.16 -13.87
N PRO A 280 -23.98 -1.07 -12.62
CA PRO A 280 -23.11 -0.50 -11.58
C PRO A 280 -21.86 -1.33 -11.40
N PRO A 281 -20.70 -0.69 -11.26
CA PRO A 281 -19.45 -1.42 -11.12
C PRO A 281 -19.14 -1.75 -9.66
N GLY A 282 -18.19 -2.66 -9.49
CA GLY A 282 -17.75 -3.10 -8.18
C GLY A 282 -16.24 -3.00 -8.06
N ARG A 283 -15.66 -3.98 -7.38
CA ARG A 283 -14.21 -4.00 -7.20
C ARG A 283 -13.52 -4.26 -8.52
N GLU A 284 -12.44 -3.50 -8.78
CA GLU A 284 -11.68 -3.59 -10.03
C GLU A 284 -12.60 -3.40 -11.25
N ALA A 285 -13.64 -2.59 -11.08
CA ALA A 285 -14.62 -2.27 -12.11
C ALA A 285 -15.37 -3.50 -12.61
N TYR A 286 -15.27 -4.63 -11.94
CA TYR A 286 -16.04 -5.80 -12.32
C TYR A 286 -17.48 -5.65 -11.88
N PRO A 287 -18.41 -6.30 -12.59
CA PRO A 287 -19.81 -6.27 -12.17
C PRO A 287 -20.02 -7.04 -10.88
N GLY A 288 -21.24 -6.94 -10.36
CA GLY A 288 -21.54 -7.59 -9.09
C GLY A 288 -21.51 -9.10 -9.16
N ASP A 289 -21.92 -9.68 -10.29
CA ASP A 289 -22.15 -11.11 -10.38
C ASP A 289 -21.05 -11.86 -11.13
N ILE A 290 -19.81 -11.40 -11.05
CA ILE A 290 -18.73 -12.12 -11.71
C ILE A 290 -18.46 -13.46 -11.01
N PHE A 291 -18.49 -13.46 -9.68
CA PHE A 291 -18.36 -14.71 -8.94
C PHE A 291 -19.50 -15.65 -9.25
N TYR A 292 -20.72 -15.12 -9.35
CA TYR A 292 -21.87 -15.95 -9.73
C TYR A 292 -21.67 -16.54 -11.11
N LEU A 293 -21.16 -15.74 -12.04
CA LEU A 293 -20.87 -16.24 -13.38
C LEU A 293 -19.92 -17.43 -13.34
N HIS A 294 -18.78 -17.25 -12.67
CA HIS A 294 -17.78 -18.31 -12.65
C HIS A 294 -18.28 -19.55 -11.91
N SER A 295 -18.99 -19.37 -10.80
CA SER A 295 -19.49 -20.51 -10.05
C SER A 295 -20.54 -21.28 -10.86
N ARG A 296 -21.43 -20.56 -11.53
CA ARG A 296 -22.41 -21.22 -12.39
C ARG A 296 -21.71 -21.99 -13.50
N LEU A 297 -20.65 -21.41 -14.07
CA LEU A 297 -19.92 -22.10 -15.13
C LEU A 297 -19.27 -23.37 -14.62
N LEU A 298 -18.65 -23.32 -13.44
CA LEU A 298 -17.84 -24.43 -12.97
C LEU A 298 -18.62 -25.49 -12.19
N GLU A 299 -19.83 -25.19 -11.75
CA GLU A 299 -20.58 -26.18 -10.98
C GLU A 299 -21.30 -27.19 -11.86
N ARG A 300 -21.29 -27.00 -13.18
CA ARG A 300 -21.93 -27.95 -14.07
C ARG A 300 -21.07 -29.18 -14.35
N ALA A 301 -19.83 -29.20 -13.85
CA ALA A 301 -18.95 -30.35 -14.00
C ALA A 301 -18.98 -31.17 -12.72
N ALA A 302 -19.38 -32.43 -12.83
CA ALA A 302 -19.54 -33.27 -11.66
C ALA A 302 -19.48 -34.74 -12.08
N LYS A 303 -19.49 -35.61 -11.08
CA LYS A 303 -19.52 -37.06 -11.29
C LYS A 303 -20.93 -37.55 -10.98
N LEU A 304 -21.66 -37.96 -12.01
CA LEU A 304 -23.03 -38.40 -11.82
C LEU A 304 -23.06 -39.74 -11.09
N SER A 305 -24.16 -39.99 -10.38
CA SER A 305 -24.32 -41.23 -9.65
C SER A 305 -24.69 -42.36 -10.59
N ASP A 306 -24.89 -43.56 -10.04
CA ASP A 306 -25.27 -44.70 -10.84
C ASP A 306 -26.68 -44.57 -11.40
N ALA A 307 -27.57 -43.89 -10.66
CA ALA A 307 -28.94 -43.72 -11.13
C ALA A 307 -29.01 -42.86 -12.39
N LYS A 308 -28.06 -41.94 -12.55
CA LYS A 308 -28.07 -41.02 -13.68
C LYS A 308 -27.26 -41.55 -14.87
N GLY A 309 -26.73 -42.77 -14.77
CA GLY A 309 -25.96 -43.36 -15.86
C GLY A 309 -24.48 -43.48 -15.60
N GLY A 310 -23.95 -42.78 -14.60
CA GLY A 310 -22.55 -42.90 -14.27
C GLY A 310 -21.61 -42.02 -15.07
N GLY A 311 -22.13 -41.08 -15.84
CA GLY A 311 -21.27 -40.19 -16.60
C GLY A 311 -20.53 -39.22 -15.70
N SER A 312 -19.55 -38.54 -16.29
CA SER A 312 -18.72 -37.62 -15.53
C SER A 312 -18.20 -36.53 -16.45
N LEU A 313 -17.78 -35.43 -15.85
CA LEU A 313 -17.19 -34.31 -16.58
C LEU A 313 -16.22 -33.60 -15.67
N THR A 314 -14.93 -33.71 -15.97
CA THR A 314 -13.91 -32.98 -15.25
C THR A 314 -13.51 -31.73 -16.02
N ALA A 315 -13.13 -30.69 -15.28
CA ALA A 315 -12.81 -29.40 -15.86
C ALA A 315 -11.42 -28.96 -15.39
N LEU A 316 -10.68 -28.31 -16.30
CA LEU A 316 -9.34 -27.81 -16.01
C LEU A 316 -9.26 -26.34 -16.42
N PRO A 317 -9.84 -25.44 -15.63
CA PRO A 317 -9.76 -24.01 -15.96
C PRO A 317 -8.34 -23.49 -15.84
N PHE A 318 -8.04 -22.47 -16.64
CA PHE A 318 -6.76 -21.79 -16.61
C PHE A 318 -6.97 -20.35 -16.16
N VAL A 319 -6.09 -19.88 -15.29
CA VAL A 319 -6.12 -18.49 -14.82
C VAL A 319 -4.74 -17.89 -15.06
N GLU A 320 -4.73 -16.70 -15.66
CA GLU A 320 -3.49 -15.98 -15.92
C GLU A 320 -3.22 -14.98 -14.81
N THR A 321 -1.99 -14.98 -14.31
CA THR A 321 -1.61 -14.12 -13.21
C THR A 321 -0.41 -13.26 -13.60
N GLN A 322 -0.32 -12.08 -13.01
CA GLN A 322 0.75 -11.13 -13.28
C GLN A 322 1.71 -11.13 -12.10
N ALA A 323 2.97 -11.49 -12.37
CA ALA A 323 4.04 -11.52 -11.37
C ALA A 323 3.69 -12.40 -10.19
N GLY A 324 2.93 -13.47 -10.42
CA GLY A 324 2.55 -14.37 -9.36
C GLY A 324 1.66 -13.79 -8.29
N ASP A 325 0.96 -12.70 -8.59
CA ASP A 325 0.09 -12.03 -7.63
C ASP A 325 -1.25 -12.76 -7.61
N ILE A 326 -1.36 -13.73 -6.71
CA ILE A 326 -2.57 -14.55 -6.61
C ILE A 326 -3.59 -13.86 -5.71
N SER A 327 -3.29 -12.63 -5.29
CA SER A 327 -4.18 -11.87 -4.44
C SER A 327 -5.26 -11.14 -5.24
N ALA A 328 -5.25 -11.25 -6.57
CA ALA A 328 -6.21 -10.52 -7.37
C ALA A 328 -7.60 -11.12 -7.25
N TYR A 329 -8.60 -10.34 -7.68
CA TYR A 329 -9.99 -10.69 -7.44
C TYR A 329 -10.39 -11.96 -8.18
N ILE A 330 -10.11 -12.03 -9.48
CA ILE A 330 -10.47 -13.22 -10.26
C ILE A 330 -9.72 -14.46 -9.79
N PRO A 331 -8.39 -14.43 -9.58
CA PRO A 331 -7.73 -15.62 -9.03
C PRO A 331 -8.29 -16.03 -7.68
N THR A 332 -8.62 -15.06 -6.82
CA THR A 332 -9.21 -15.41 -5.53
C THR A 332 -10.54 -16.12 -5.70
N ASN A 333 -11.39 -15.61 -6.59
CA ASN A 333 -12.69 -16.24 -6.82
C ASN A 333 -12.52 -17.67 -7.35
N VAL A 334 -11.67 -17.85 -8.35
CA VAL A 334 -11.53 -19.16 -8.95
C VAL A 334 -10.91 -20.14 -7.97
N ILE A 335 -9.96 -19.68 -7.16
CA ILE A 335 -9.36 -20.53 -6.14
C ILE A 335 -10.42 -20.97 -5.13
N SER A 336 -11.26 -20.04 -4.69
CA SER A 336 -12.33 -20.40 -3.77
C SER A 336 -13.36 -21.33 -4.39
N ILE A 337 -13.53 -21.29 -5.71
CA ILE A 337 -14.54 -22.13 -6.35
C ILE A 337 -14.01 -23.55 -6.57
N THR A 338 -12.80 -23.68 -7.09
CA THR A 338 -12.31 -24.97 -7.55
C THR A 338 -11.97 -25.88 -6.37
N ASP A 339 -11.65 -27.13 -6.70
CA ASP A 339 -11.30 -28.16 -5.72
C ASP A 339 -9.80 -28.26 -5.48
N GLY A 340 -8.99 -27.47 -6.17
CA GLY A 340 -7.56 -27.54 -5.96
C GLY A 340 -6.86 -26.57 -6.89
N GLN A 341 -5.55 -26.47 -6.71
CA GLN A 341 -4.72 -25.60 -7.53
C GLN A 341 -3.48 -26.35 -7.99
N ILE A 342 -2.94 -25.92 -9.12
CA ILE A 342 -1.65 -26.39 -9.61
C ILE A 342 -0.86 -25.16 -10.01
N PHE A 343 0.29 -24.95 -9.37
CA PHE A 343 1.11 -23.77 -9.59
C PHE A 343 2.23 -24.07 -10.56
N LEU A 344 2.49 -23.15 -11.47
CA LEU A 344 3.63 -23.21 -12.37
C LEU A 344 4.55 -22.05 -12.05
N GLN A 345 5.81 -22.35 -11.73
CA GLN A 345 6.74 -21.33 -11.29
C GLN A 345 7.42 -20.68 -12.48
N SER A 346 7.30 -19.36 -12.57
CA SER A 346 7.92 -18.64 -13.69
C SER A 346 9.44 -18.76 -13.65
N ASP A 347 10.04 -18.62 -12.46
CA ASP A 347 11.49 -18.72 -12.36
C ASP A 347 11.96 -20.14 -12.67
N LEU A 348 11.22 -21.15 -12.21
CA LEU A 348 11.59 -22.53 -12.51
C LEU A 348 11.50 -22.82 -14.00
N PHE A 349 10.45 -22.30 -14.66
CA PHE A 349 10.36 -22.48 -16.10
C PHE A 349 11.47 -21.75 -16.83
N PHE A 350 11.81 -20.55 -16.37
CA PHE A 350 12.91 -19.80 -16.98
C PHE A 350 14.24 -20.53 -16.82
N SER A 351 14.43 -21.22 -15.68
CA SER A 351 15.65 -22.00 -15.48
C SER A 351 15.75 -23.12 -16.51
N GLY A 352 14.64 -23.78 -16.80
CA GLY A 352 14.63 -24.87 -17.77
C GLY A 352 13.80 -26.06 -17.32
N VAL A 353 13.25 -25.97 -16.11
CA VAL A 353 12.45 -27.06 -15.58
C VAL A 353 11.14 -27.16 -16.35
N ARG A 354 10.72 -28.39 -16.65
CA ARG A 354 9.48 -28.66 -17.34
C ARG A 354 8.74 -29.78 -16.60
N PRO A 355 7.45 -29.59 -16.28
CA PRO A 355 6.66 -28.39 -16.50
C PRO A 355 6.77 -27.38 -15.35
N ALA A 356 7.64 -27.67 -14.39
CA ALA A 356 7.97 -26.74 -13.30
C ALA A 356 6.80 -26.50 -12.36
N ILE A 357 6.14 -27.58 -11.91
CA ILE A 357 5.08 -27.46 -10.93
C ILE A 357 5.66 -27.13 -9.57
N ASN A 358 5.05 -26.17 -8.89
CA ASN A 358 5.42 -25.81 -7.51
C ASN A 358 4.64 -26.71 -6.58
N ALA A 359 5.28 -27.81 -6.15
CA ALA A 359 4.62 -28.76 -5.28
C ALA A 359 4.34 -28.20 -3.89
N GLY A 360 5.05 -27.13 -3.50
CA GLY A 360 4.84 -26.58 -2.17
C GLY A 360 3.47 -25.95 -2.01
N LEU A 361 3.00 -25.24 -3.02
CA LEU A 361 1.72 -24.53 -2.94
C LEU A 361 0.57 -25.28 -3.59
N SER A 362 0.84 -26.29 -4.40
CA SER A 362 -0.21 -27.06 -5.03
C SER A 362 -0.97 -27.88 -3.99
N VAL A 363 -2.24 -28.17 -4.30
CA VAL A 363 -3.09 -28.90 -3.38
C VAL A 363 -4.17 -29.61 -4.19
N SER A 364 -4.64 -30.75 -3.68
CA SER A 364 -5.71 -31.51 -4.31
C SER A 364 -6.57 -32.12 -3.20
N ARG A 365 -7.70 -31.48 -2.91
CA ARG A 365 -8.56 -31.94 -1.83
C ARG A 365 -9.13 -33.33 -2.13
N VAL A 366 -9.48 -33.60 -3.38
CA VAL A 366 -9.94 -34.93 -3.77
C VAL A 366 -8.82 -35.95 -3.76
N GLY A 367 -7.56 -35.50 -3.67
CA GLY A 367 -6.44 -36.40 -3.82
C GLY A 367 -6.45 -37.52 -2.78
N GLY A 368 -5.74 -38.59 -3.10
CA GLY A 368 -5.78 -39.79 -2.29
C GLY A 368 -6.79 -40.78 -2.82
N ALA A 369 -8.06 -40.37 -2.86
CA ALA A 369 -9.09 -41.22 -3.44
C ALA A 369 -9.02 -41.25 -4.96
N ALA A 370 -8.23 -40.36 -5.57
CA ALA A 370 -8.13 -40.27 -7.02
C ALA A 370 -6.95 -41.05 -7.59
N GLN A 371 -6.27 -41.84 -6.77
CA GLN A 371 -5.10 -42.60 -7.20
C GLN A 371 -5.38 -44.09 -7.06
N ILE A 372 -4.72 -44.88 -7.91
CA ILE A 372 -4.79 -46.33 -7.82
C ILE A 372 -3.97 -46.78 -6.63
N LYS A 373 -4.13 -48.04 -6.22
CA LYS A 373 -3.44 -48.54 -5.03
C LYS A 373 -1.93 -48.53 -5.22
N ALA A 374 -1.46 -48.87 -6.42
CA ALA A 374 -0.03 -48.92 -6.66
C ALA A 374 0.61 -47.55 -6.46
N MET A 375 0.01 -46.51 -7.05
CA MET A 375 0.57 -45.17 -6.89
C MET A 375 0.35 -44.63 -5.48
N LYS A 376 -0.75 -45.03 -4.83
CA LYS A 376 -1.00 -44.60 -3.46
C LYS A 376 0.04 -45.15 -2.50
N LYS A 377 0.47 -46.40 -2.72
CA LYS A 377 1.45 -47.01 -1.83
C LYS A 377 2.80 -46.32 -1.90
N VAL A 378 3.06 -45.53 -2.94
CA VAL A 378 4.39 -45.01 -3.18
C VAL A 378 4.46 -43.48 -3.12
N ALA A 379 3.36 -42.77 -3.39
CA ALA A 379 3.43 -41.32 -3.51
C ALA A 379 3.74 -40.64 -2.18
N GLY A 380 3.36 -41.25 -1.06
CA GLY A 380 3.54 -40.58 0.23
C GLY A 380 4.99 -40.34 0.57
N THR A 381 5.83 -41.36 0.40
CA THR A 381 7.25 -41.22 0.70
C THR A 381 7.90 -40.21 -0.24
N LEU A 382 7.51 -40.22 -1.52
CA LEU A 382 8.03 -39.25 -2.46
C LEU A 382 7.67 -37.82 -2.03
N ARG A 383 6.43 -37.61 -1.63
CA ARG A 383 6.00 -36.29 -1.16
C ARG A 383 6.80 -35.86 0.06
N LEU A 384 6.97 -36.77 1.01
CA LEU A 384 7.72 -36.45 2.23
C LEU A 384 9.16 -36.09 1.91
N ASP A 385 9.80 -36.86 1.03
CA ASP A 385 11.19 -36.57 0.66
C ASP A 385 11.31 -35.22 -0.03
N LEU A 386 10.39 -34.92 -0.95
CA LEU A 386 10.44 -33.63 -1.64
C LEU A 386 10.21 -32.48 -0.67
N ALA A 387 9.26 -32.64 0.26
CA ALA A 387 9.01 -31.59 1.24
C ALA A 387 10.21 -31.37 2.15
N ALA A 388 10.86 -32.46 2.58
CA ALA A 388 12.04 -32.33 3.40
C ALA A 388 13.18 -31.64 2.65
N TYR A 389 13.36 -31.98 1.38
CA TYR A 389 14.44 -31.36 0.60
C TYR A 389 14.19 -29.88 0.37
N ARG A 390 12.92 -29.50 0.10
CA ARG A 390 12.65 -28.14 -0.32
C ARG A 390 12.95 -27.13 0.78
N GLU A 391 12.89 -27.54 2.04
CA GLU A 391 13.15 -26.62 3.15
C GLU A 391 14.64 -26.46 3.45
N LEU A 392 15.49 -27.29 2.86
CA LEU A 392 16.93 -27.24 3.10
C LEU A 392 17.71 -26.80 1.86
N GLU A 393 17.03 -26.18 0.89
CA GLU A 393 17.70 -25.83 -0.37
C GLU A 393 18.81 -24.80 -0.16
N ALA A 394 18.67 -23.93 0.85
CA ALA A 394 19.68 -22.91 1.08
C ALA A 394 20.95 -23.47 1.72
N PHE A 395 20.87 -24.64 2.34
CA PHE A 395 22.01 -25.18 3.07
C PHE A 395 23.04 -25.82 2.16
N ALA A 396 22.72 -26.03 0.89
CA ALA A 396 23.55 -26.84 0.00
C ALA A 396 24.80 -26.13 -0.51
N GLN A 397 24.96 -24.84 -0.21
CA GLN A 397 26.11 -24.10 -0.73
C GLN A 397 27.44 -24.57 -0.14
N PHE A 398 27.42 -25.32 0.95
CA PHE A 398 28.63 -25.69 1.66
C PHE A 398 28.60 -27.17 2.02
N GLY A 399 29.79 -27.74 2.21
CA GLY A 399 29.97 -29.12 2.59
C GLY A 399 30.01 -29.40 4.08
N SER A 400 29.75 -28.40 4.91
CA SER A 400 29.77 -28.58 6.36
C SER A 400 28.44 -29.09 6.92
N ASP A 401 27.46 -29.37 6.06
CA ASP A 401 26.20 -29.94 6.51
C ASP A 401 26.43 -31.29 7.16
N LEU A 402 25.63 -31.58 8.19
CA LEU A 402 25.66 -32.88 8.84
C LEU A 402 25.36 -33.97 7.81
N ASP A 403 26.36 -34.80 7.52
CA ASP A 403 26.30 -35.65 6.34
C ASP A 403 25.20 -36.69 6.44
N LYS A 404 25.15 -37.45 7.54
CA LYS A 404 24.24 -38.58 7.60
C LYS A 404 22.77 -38.17 7.58
N ALA A 405 22.44 -36.96 8.02
CA ALA A 405 21.07 -36.48 7.96
C ALA A 405 20.83 -35.51 6.81
N THR A 406 21.56 -34.39 6.77
CA THR A 406 21.24 -33.31 5.84
C THR A 406 21.70 -33.64 4.43
N GLN A 407 22.92 -34.14 4.26
CA GLN A 407 23.44 -34.38 2.92
C GLN A 407 22.69 -35.51 2.22
N ALA A 408 22.27 -36.54 2.96
CA ALA A 408 21.43 -37.57 2.38
C ALA A 408 20.11 -36.98 1.87
N LYS A 409 19.51 -36.08 2.66
CA LYS A 409 18.29 -35.43 2.22
C LYS A 409 18.52 -34.61 0.95
N LEU A 410 19.65 -33.89 0.89
CA LEU A 410 19.93 -33.08 -0.29
C LEU A 410 20.12 -33.96 -1.53
N ALA A 411 20.85 -35.07 -1.39
CA ALA A 411 21.04 -35.96 -2.53
C ALA A 411 19.71 -36.56 -2.99
N ARG A 412 18.90 -37.01 -2.03
CA ARG A 412 17.60 -37.58 -2.38
C ARG A 412 16.73 -36.55 -3.07
N GLY A 413 16.73 -35.31 -2.59
CA GLY A 413 15.92 -34.27 -3.20
C GLY A 413 16.39 -33.91 -4.60
N ALA A 414 17.70 -33.83 -4.79
CA ALA A 414 18.22 -33.53 -6.13
C ALA A 414 17.85 -34.63 -7.11
N ARG A 415 17.97 -35.89 -6.68
CA ARG A 415 17.60 -36.99 -7.56
C ARG A 415 16.10 -36.97 -7.85
N THR A 416 15.28 -36.64 -6.85
CA THR A 416 13.84 -36.53 -7.06
C THR A 416 13.52 -35.45 -8.08
N VAL A 417 14.14 -34.28 -7.94
CA VAL A 417 13.91 -33.18 -8.86
C VAL A 417 14.30 -33.59 -10.28
N GLU A 418 15.42 -34.31 -10.41
CA GLU A 418 15.83 -34.77 -11.73
C GLU A 418 14.84 -35.76 -12.31
N VAL A 419 14.31 -36.66 -11.47
CA VAL A 419 13.32 -37.63 -11.96
C VAL A 419 12.06 -36.93 -12.44
N LEU A 420 11.58 -35.95 -11.67
CA LEU A 420 10.29 -35.33 -11.99
C LEU A 420 10.29 -34.55 -13.29
N LYS A 421 11.46 -34.26 -13.87
CA LYS A 421 11.50 -33.57 -15.15
C LYS A 421 10.90 -34.45 -16.24
N GLN A 422 10.30 -33.81 -17.24
CA GLN A 422 9.60 -34.52 -18.28
C GLN A 422 9.74 -33.78 -19.61
N ASP A 423 9.82 -34.53 -20.69
CA ASP A 423 9.92 -33.97 -22.03
C ASP A 423 8.54 -33.68 -22.59
N LEU A 424 8.50 -32.81 -23.59
CA LEU A 424 7.23 -32.35 -24.15
C LEU A 424 6.59 -33.44 -25.01
N HIS A 425 5.26 -33.53 -24.92
CA HIS A 425 4.46 -34.35 -25.82
C HIS A 425 4.82 -35.82 -25.76
N GLN A 426 5.29 -36.29 -24.61
CA GLN A 426 5.57 -37.71 -24.39
C GLN A 426 4.99 -38.13 -23.04
N PRO A 427 3.67 -38.34 -22.99
CA PRO A 427 3.07 -38.83 -21.74
C PRO A 427 3.59 -40.22 -21.40
N ILE A 428 3.68 -40.49 -20.11
CA ILE A 428 4.23 -41.74 -19.59
C ILE A 428 3.09 -42.54 -18.96
N PRO A 429 2.95 -43.83 -19.24
CA PRO A 429 1.89 -44.63 -18.63
C PRO A 429 2.07 -44.74 -17.11
N VAL A 430 0.95 -44.97 -16.44
CA VAL A 430 0.93 -44.96 -14.99
C VAL A 430 1.78 -46.10 -14.43
N GLU A 431 1.83 -47.24 -15.11
CA GLU A 431 2.66 -48.33 -14.64
C GLU A 431 4.13 -47.95 -14.62
N LYS A 432 4.60 -47.33 -15.70
CA LYS A 432 5.99 -46.90 -15.75
C LYS A 432 6.27 -45.81 -14.73
N GLN A 433 5.33 -44.87 -14.54
CA GLN A 433 5.51 -43.87 -13.51
C GLN A 433 5.65 -44.51 -12.14
N VAL A 434 4.78 -45.46 -11.82
CA VAL A 434 4.82 -46.10 -10.51
C VAL A 434 6.13 -46.84 -10.32
N LEU A 435 6.57 -47.57 -11.35
CA LEU A 435 7.81 -48.35 -11.20
C LEU A 435 9.02 -47.44 -11.03
N ILE A 436 9.11 -46.35 -11.80
CA ILE A 436 10.27 -45.48 -11.66
C ILE A 436 10.24 -44.75 -10.32
N ILE A 437 9.06 -44.37 -9.84
CA ILE A 437 8.98 -43.70 -8.54
C ILE A 437 9.36 -44.67 -7.43
N TYR A 438 8.95 -45.94 -7.55
CA TYR A 438 9.36 -46.94 -6.58
C TYR A 438 10.87 -47.12 -6.57
N ALA A 439 11.47 -47.19 -7.76
CA ALA A 439 12.92 -47.34 -7.84
C ALA A 439 13.64 -46.16 -7.20
N LEU A 440 13.14 -44.94 -7.44
CA LEU A 440 13.74 -43.77 -6.80
C LEU A 440 13.55 -43.81 -5.28
N THR A 441 12.37 -44.19 -4.83
CA THR A 441 12.06 -44.13 -3.40
C THR A 441 12.86 -45.16 -2.60
N ARG A 442 12.99 -46.38 -3.14
CA ARG A 442 13.65 -47.45 -2.39
C ARG A 442 15.17 -47.31 -2.35
N GLY A 443 15.72 -46.17 -2.76
CA GLY A 443 17.14 -45.94 -2.66
C GLY A 443 17.99 -46.56 -3.74
N PHE A 444 17.38 -47.13 -4.78
CA PHE A 444 18.15 -47.77 -5.83
C PHE A 444 18.89 -46.77 -6.71
N LEU A 445 18.55 -45.49 -6.63
CA LEU A 445 19.22 -44.46 -7.41
C LEU A 445 20.28 -43.71 -6.62
N ASP A 446 20.61 -44.18 -5.41
CA ASP A 446 21.54 -43.46 -4.55
C ASP A 446 22.96 -43.44 -5.09
N ASP A 447 23.26 -44.25 -6.11
CA ASP A 447 24.62 -44.30 -6.68
C ASP A 447 24.74 -43.57 -8.01
N ILE A 448 23.68 -43.53 -8.80
CA ILE A 448 23.75 -42.91 -10.12
C ILE A 448 23.98 -41.41 -9.97
N PRO A 449 24.86 -40.80 -10.76
CA PRO A 449 25.02 -39.34 -10.70
C PRO A 449 23.75 -38.64 -11.16
N VAL A 450 23.50 -37.46 -10.58
CA VAL A 450 22.30 -36.71 -10.89
C VAL A 450 22.26 -36.27 -12.35
N GLU A 451 23.41 -36.25 -13.02
CA GLU A 451 23.46 -35.86 -14.42
C GLU A 451 23.12 -36.99 -15.38
N ASP A 452 22.92 -38.21 -14.86
CA ASP A 452 22.60 -39.36 -15.69
C ASP A 452 21.23 -39.95 -15.38
N VAL A 453 20.43 -39.27 -14.54
CA VAL A 453 19.16 -39.84 -14.10
C VAL A 453 18.17 -39.91 -15.27
N ARG A 454 18.18 -38.89 -16.13
CA ARG A 454 17.26 -38.90 -17.28
C ARG A 454 17.57 -40.07 -18.21
N ARG A 455 18.84 -40.29 -18.50
CA ARG A 455 19.23 -41.42 -19.34
C ARG A 455 18.92 -42.74 -18.65
N PHE A 456 19.10 -42.80 -17.33
CA PHE A 456 18.72 -44.00 -16.59
C PHE A 456 17.24 -44.28 -16.73
N GLU A 457 16.40 -43.25 -16.60
CA GLU A 457 14.97 -43.42 -16.72
C GLU A 457 14.58 -43.93 -18.11
N LYS A 458 15.17 -43.32 -19.15
CA LYS A 458 14.84 -43.73 -20.51
C LYS A 458 15.26 -45.18 -20.75
N GLU A 459 16.49 -45.52 -20.39
CA GLU A 459 16.97 -46.88 -20.59
C GLU A 459 16.19 -47.87 -19.75
N PHE A 460 15.70 -47.44 -18.58
CA PHE A 460 14.88 -48.33 -17.76
C PHE A 460 13.54 -48.59 -18.40
N TYR A 461 12.94 -47.57 -19.03
CA TYR A 461 11.70 -47.79 -19.76
C TYR A 461 11.92 -48.75 -20.92
N LEU A 462 13.03 -48.60 -21.64
CA LEU A 462 13.34 -49.55 -22.71
C LEU A 462 13.52 -50.96 -22.18
N PHE A 463 14.25 -51.09 -21.07
CA PHE A 463 14.49 -52.40 -20.46
C PHE A 463 13.19 -53.04 -20.01
N LEU A 464 12.29 -52.23 -19.43
CA LEU A 464 10.99 -52.74 -19.03
C LEU A 464 10.20 -53.23 -20.22
N ASP A 465 10.13 -52.42 -21.28
CA ASP A 465 9.44 -52.84 -22.50
C ASP A 465 10.02 -54.14 -23.04
N GLN A 466 11.33 -54.33 -22.86
CA GLN A 466 11.96 -55.55 -23.36
C GLN A 466 11.59 -56.76 -22.51
N ASN A 467 11.62 -56.63 -21.19
CA ASN A 467 11.58 -57.82 -20.34
C ASN A 467 10.43 -57.86 -19.34
N GLY A 468 10.12 -56.74 -18.70
CA GLY A 468 9.19 -56.74 -17.59
C GLY A 468 7.75 -56.59 -18.01
N GLN A 469 7.39 -57.20 -19.14
CA GLN A 469 6.00 -57.15 -19.59
C GLN A 469 5.07 -57.81 -18.60
N HIS A 470 5.53 -58.85 -17.91
CA HIS A 470 4.69 -59.48 -16.91
C HIS A 470 4.40 -58.54 -15.75
N LEU A 471 5.41 -57.80 -15.28
CA LEU A 471 5.18 -56.82 -14.22
C LEU A 471 4.25 -55.71 -14.69
N LEU A 472 4.46 -55.22 -15.92
CA LEU A 472 3.61 -54.16 -16.44
C LEU A 472 2.15 -54.62 -16.54
N GLU A 473 1.93 -55.83 -17.05
CA GLU A 473 0.57 -56.33 -17.17
C GLU A 473 -0.04 -56.61 -15.81
N HIS A 474 0.74 -57.08 -14.84
CA HIS A 474 0.24 -57.25 -13.49
C HIS A 474 -0.23 -55.92 -12.91
N ILE A 475 0.56 -54.87 -13.11
CA ILE A 475 0.12 -53.54 -12.67
C ILE A 475 -1.18 -53.16 -13.37
N ARG A 476 -1.22 -53.33 -14.68
CA ARG A 476 -2.38 -52.89 -15.46
C ARG A 476 -3.65 -53.66 -15.14
N THR A 477 -3.54 -54.89 -14.65
CA THR A 477 -4.71 -55.69 -14.36
C THR A 477 -5.06 -55.78 -12.88
N THR A 478 -4.16 -55.35 -11.97
CA THR A 478 -4.45 -55.43 -10.55
C THR A 478 -4.44 -54.08 -9.84
N LYS A 479 -3.98 -53.01 -10.49
CA LYS A 479 -3.90 -51.68 -9.88
C LYS A 479 -3.08 -51.68 -8.60
N ASP A 480 -2.25 -52.69 -8.39
CA ASP A 480 -1.48 -52.85 -7.17
C ASP A 480 -0.06 -53.24 -7.53
N LEU A 481 0.86 -52.97 -6.62
CA LEU A 481 2.26 -53.26 -6.85
C LEU A 481 2.48 -54.76 -7.03
N PRO A 482 3.43 -55.16 -7.87
CA PRO A 482 3.73 -56.59 -8.03
C PRO A 482 4.48 -57.13 -6.83
N ASN A 483 4.94 -58.38 -6.91
CA ASN A 483 5.71 -58.96 -5.81
C ASN A 483 7.01 -58.19 -5.62
N GLU A 484 7.27 -57.78 -4.38
CA GLU A 484 8.42 -56.94 -4.10
C GLU A 484 9.74 -57.65 -4.39
N ASP A 485 9.80 -58.97 -4.15
CA ASP A 485 11.02 -59.71 -4.42
C ASP A 485 11.37 -59.67 -5.91
N ASP A 486 10.40 -59.98 -6.77
CA ASP A 486 10.65 -59.95 -8.21
C ASP A 486 10.94 -58.54 -8.69
N LEU A 487 10.23 -57.54 -8.15
CA LEU A 487 10.50 -56.17 -8.54
C LEU A 487 11.93 -55.76 -8.19
N ASN A 488 12.37 -56.11 -6.98
CA ASN A 488 13.75 -55.81 -6.58
C ASN A 488 14.75 -56.54 -7.45
N LYS A 489 14.47 -57.80 -7.79
CA LYS A 489 15.38 -58.55 -8.64
C LYS A 489 15.50 -57.91 -10.01
N ALA A 490 14.38 -57.47 -10.59
CA ALA A 490 14.43 -56.79 -11.88
C ALA A 490 15.20 -55.49 -11.80
N ILE A 491 15.00 -54.72 -10.72
CA ILE A 491 15.73 -53.48 -10.55
C ILE A 491 17.22 -53.74 -10.47
N GLU A 492 17.62 -54.76 -9.69
CA GLU A 492 19.04 -55.10 -9.57
C GLU A 492 19.61 -55.56 -10.90
N ALA A 493 18.84 -56.33 -11.67
CA ALA A 493 19.31 -56.75 -12.99
C ALA A 493 19.56 -55.55 -13.90
N PHE A 494 18.63 -54.60 -13.91
CA PHE A 494 18.84 -53.42 -14.74
C PHE A 494 20.01 -52.58 -14.24
N LYS A 495 20.18 -52.49 -12.93
CA LYS A 495 21.33 -51.77 -12.39
C LYS A 495 22.64 -52.42 -12.81
N LYS A 496 22.68 -53.75 -12.80
CA LYS A 496 23.86 -54.47 -13.26
C LYS A 496 24.12 -54.21 -14.73
N THR A 497 23.07 -54.23 -15.55
CA THR A 497 23.27 -54.05 -16.99
C THR A 497 23.44 -52.59 -17.39
N PHE A 498 23.24 -51.64 -16.47
CA PHE A 498 23.38 -50.23 -16.79
C PHE A 498 24.81 -49.77 -16.56
N VAL A 499 25.27 -48.86 -17.42
CA VAL A 499 26.63 -48.34 -17.39
C VAL A 499 26.58 -46.87 -16.98
N VAL A 500 27.42 -46.50 -16.02
CA VAL A 500 27.46 -45.14 -15.52
C VAL A 500 28.27 -44.27 -16.49
N SER A 501 27.70 -43.15 -16.89
CA SER A 501 28.36 -42.24 -17.82
C SER A 501 29.62 -41.62 -17.19
N GLN B 24 -56.36 18.09 -0.56
CA GLN B 24 -54.92 17.87 -0.66
C GLN B 24 -54.13 18.88 0.16
N VAL B 25 -54.51 19.06 1.43
CA VAL B 25 -53.70 19.86 2.33
C VAL B 25 -52.33 19.21 2.49
N SER B 26 -51.27 19.99 2.28
CA SER B 26 -49.92 19.45 2.20
C SER B 26 -49.05 19.86 3.39
N ASP B 27 -49.65 20.02 4.56
CA ASP B 27 -48.88 20.14 5.80
C ASP B 27 -48.69 18.80 6.48
N VAL B 28 -49.19 17.72 5.88
CA VAL B 28 -48.98 16.36 6.35
C VAL B 28 -48.44 15.55 5.19
N GLY B 29 -47.29 14.91 5.39
CA GLY B 29 -46.57 14.33 4.28
C GLY B 29 -47.09 12.99 3.82
N THR B 30 -46.51 12.52 2.71
CA THR B 30 -46.81 11.22 2.14
C THR B 30 -45.50 10.63 1.61
N VAL B 31 -45.25 9.37 1.94
CA VAL B 31 -43.97 8.73 1.64
C VAL B 31 -43.90 8.41 0.15
N ILE B 32 -42.72 8.59 -0.44
CA ILE B 32 -42.47 8.24 -1.83
C ILE B 32 -41.52 7.05 -1.95
N GLN B 33 -40.30 7.19 -1.42
CA GLN B 33 -39.27 6.18 -1.55
C GLN B 33 -38.84 5.69 -0.18
N VAL B 34 -38.69 4.37 -0.06
CA VAL B 34 -38.19 3.74 1.15
C VAL B 34 -37.13 2.73 0.75
N GLY B 35 -35.98 2.78 1.43
CA GLY B 35 -34.95 1.78 1.19
C GLY B 35 -33.76 1.91 2.10
N ASP B 36 -33.35 0.79 2.72
CA ASP B 36 -32.19 0.74 3.58
C ASP B 36 -32.27 1.76 4.72
N GLY B 37 -33.48 1.96 5.22
CA GLY B 37 -33.68 2.80 6.39
C GLY B 37 -33.75 4.29 6.12
N ILE B 38 -33.77 4.72 4.86
CA ILE B 38 -33.87 6.12 4.52
C ILE B 38 -35.13 6.33 3.68
N ALA B 39 -35.95 7.29 4.08
CA ALA B 39 -37.21 7.57 3.42
C ALA B 39 -37.15 8.91 2.71
N ARG B 40 -38.19 9.18 1.94
CA ARG B 40 -38.35 10.45 1.25
C ARG B 40 -39.83 10.72 1.09
N ALA B 41 -40.30 11.83 1.64
CA ALA B 41 -41.73 12.11 1.73
C ALA B 41 -42.07 13.38 0.98
N HIS B 42 -43.27 13.41 0.39
CA HIS B 42 -43.79 14.58 -0.27
C HIS B 42 -44.74 15.33 0.65
N GLY B 43 -44.66 16.65 0.62
CA GLY B 43 -45.48 17.47 1.49
C GLY B 43 -44.69 18.05 2.64
N LEU B 44 -45.32 18.17 3.80
CA LEU B 44 -44.68 18.74 4.99
C LEU B 44 -44.07 20.10 4.69
N ASP B 45 -44.94 21.02 4.25
CA ASP B 45 -44.47 22.34 3.83
C ASP B 45 -43.88 23.12 5.00
N ASN B 46 -44.47 22.99 6.19
CA ASN B 46 -44.07 23.79 7.34
C ASN B 46 -43.09 23.07 8.25
N VAL B 47 -42.54 21.94 7.84
CA VAL B 47 -41.61 21.20 8.69
C VAL B 47 -40.30 21.98 8.79
N MET B 48 -39.66 21.90 9.95
CA MET B 48 -38.38 22.54 10.18
C MET B 48 -37.26 21.51 10.12
N SER B 49 -36.08 21.97 9.71
CA SER B 49 -34.92 21.09 9.66
C SER B 49 -34.59 20.57 11.06
N GLY B 50 -34.35 19.27 11.15
CA GLY B 50 -34.06 18.65 12.43
C GLY B 50 -35.27 18.30 13.26
N GLU B 51 -36.47 18.43 12.72
CA GLU B 51 -37.68 18.10 13.46
C GLU B 51 -37.87 16.59 13.53
N LEU B 52 -38.77 16.18 14.42
CA LEU B 52 -39.17 14.78 14.53
C LEU B 52 -40.48 14.58 13.79
N VAL B 53 -40.53 13.55 12.95
CA VAL B 53 -41.72 13.20 12.19
C VAL B 53 -42.11 11.78 12.56
N GLU B 54 -43.41 11.56 12.78
CA GLU B 54 -43.93 10.26 13.16
C GLU B 54 -44.67 9.64 11.99
N PHE B 55 -44.33 8.41 11.65
CA PHE B 55 -45.03 7.69 10.61
C PHE B 55 -46.36 7.16 11.14
N ALA B 56 -47.21 6.72 10.21
CA ALA B 56 -48.48 6.13 10.61
C ALA B 56 -48.28 4.85 11.41
N ASN B 57 -47.14 4.17 11.20
CA ASN B 57 -46.83 2.96 11.93
C ASN B 57 -46.59 3.21 13.41
N GLY B 58 -46.27 4.44 13.79
CA GLY B 58 -45.89 4.75 15.15
C GLY B 58 -44.40 4.85 15.36
N VAL B 59 -43.61 4.86 14.30
CA VAL B 59 -42.15 4.90 14.38
C VAL B 59 -41.69 6.32 14.16
N MET B 60 -40.78 6.78 15.01
CA MET B 60 -40.25 8.14 14.89
C MET B 60 -39.33 8.25 13.68
N GLY B 61 -39.02 9.50 13.33
CA GLY B 61 -38.11 9.76 12.24
C GLY B 61 -37.63 11.19 12.28
N MET B 62 -36.42 11.41 11.78
CA MET B 62 -35.80 12.73 11.80
C MET B 62 -35.58 13.21 10.36
N ALA B 63 -35.85 14.49 10.13
CA ALA B 63 -35.77 15.08 8.80
C ALA B 63 -34.47 15.85 8.65
N LEU B 64 -33.65 15.44 7.67
CA LEU B 64 -32.38 16.08 7.41
C LEU B 64 -32.48 17.15 6.32
N ASN B 65 -32.90 16.75 5.13
CA ASN B 65 -32.85 17.61 3.95
C ASN B 65 -34.23 18.13 3.60
N LEU B 66 -34.32 19.42 3.37
CA LEU B 66 -35.54 20.06 2.89
C LEU B 66 -35.29 20.45 1.43
N GLU B 67 -35.57 19.51 0.53
CA GLU B 67 -35.39 19.77 -0.89
C GLU B 67 -36.48 20.69 -1.40
N GLU B 68 -36.44 20.98 -2.70
CA GLU B 68 -37.39 21.92 -3.28
C GLU B 68 -38.82 21.37 -3.24
N ASN B 69 -38.98 20.06 -3.40
CA ASN B 69 -40.30 19.44 -3.45
C ASN B 69 -40.55 18.42 -2.35
N ASN B 70 -39.53 17.70 -1.89
CA ASN B 70 -39.71 16.61 -0.95
C ASN B 70 -38.77 16.80 0.23
N VAL B 71 -38.92 15.94 1.23
CA VAL B 71 -38.16 16.01 2.47
C VAL B 71 -37.50 14.66 2.70
N GLY B 72 -36.21 14.69 3.04
CA GLY B 72 -35.50 13.47 3.35
C GLY B 72 -35.61 13.11 4.82
N ILE B 73 -36.10 11.91 5.11
CA ILE B 73 -36.40 11.49 6.47
C ILE B 73 -35.55 10.27 6.81
N VAL B 74 -34.85 10.33 7.94
CA VAL B 74 -34.11 9.20 8.47
C VAL B 74 -34.98 8.49 9.49
N ILE B 75 -35.12 7.17 9.34
CA ILE B 75 -36.04 6.39 10.16
C ILE B 75 -35.31 5.90 11.40
N LEU B 76 -35.82 6.28 12.57
CA LEU B 76 -35.24 5.86 13.85
C LEU B 76 -35.98 4.63 14.40
N GLY B 77 -35.99 3.57 13.61
CA GLY B 77 -36.64 2.35 14.00
C GLY B 77 -36.75 1.35 12.87
N PRO B 78 -37.51 0.27 13.09
CA PRO B 78 -37.68 -0.76 12.05
C PRO B 78 -38.47 -0.20 10.87
N TYR B 79 -37.86 -0.21 9.69
CA TYR B 79 -38.48 0.30 8.48
C TYR B 79 -39.24 -0.76 7.70
N THR B 80 -39.34 -1.99 8.22
CA THR B 80 -40.06 -3.04 7.51
C THR B 80 -41.54 -2.69 7.36
N GLY B 81 -42.14 -2.13 8.39
CA GLY B 81 -43.55 -1.80 8.34
C GLY B 81 -43.89 -0.55 7.56
N ILE B 82 -42.90 0.19 7.08
CA ILE B 82 -43.13 1.43 6.36
C ILE B 82 -43.19 1.13 4.87
N LYS B 83 -44.30 1.50 4.24
CA LYS B 83 -44.51 1.28 2.82
C LYS B 83 -44.77 2.61 2.12
N GLU B 84 -44.51 2.62 0.82
CA GLU B 84 -44.76 3.82 0.02
C GLU B 84 -46.24 4.16 0.04
N GLY B 85 -46.54 5.45 0.24
CA GLY B 85 -47.90 5.92 0.36
C GLY B 85 -48.39 6.08 1.78
N ASP B 86 -47.54 5.85 2.77
CA ASP B 86 -47.94 6.02 4.15
C ASP B 86 -48.00 7.50 4.52
N GLU B 87 -48.60 7.79 5.66
CA GLU B 87 -48.78 9.15 6.11
C GLU B 87 -47.72 9.52 7.13
N VAL B 88 -47.16 10.72 6.98
CA VAL B 88 -46.14 11.25 7.86
C VAL B 88 -46.68 12.51 8.52
N ARG B 89 -46.63 12.55 9.84
CA ARG B 89 -47.17 13.66 10.61
C ARG B 89 -46.05 14.41 11.31
N ARG B 90 -46.19 15.73 11.39
CA ARG B 90 -45.26 16.55 12.13
C ARG B 90 -45.46 16.37 13.63
N THR B 91 -44.42 16.70 14.40
CA THR B 91 -44.51 16.76 15.85
C THR B 91 -44.25 18.13 16.43
N GLY B 92 -43.61 19.03 15.68
CA GLY B 92 -43.36 20.37 16.15
C GLY B 92 -42.20 20.52 17.10
N ARG B 93 -41.44 19.45 17.34
CA ARG B 93 -40.36 19.45 18.30
C ARG B 93 -39.05 19.11 17.61
N ILE B 94 -38.02 19.94 17.81
CA ILE B 94 -36.68 19.55 17.41
C ILE B 94 -36.26 18.34 18.23
N MET B 95 -35.33 17.55 17.69
CA MET B 95 -34.87 16.32 18.31
C MET B 95 -34.65 16.49 19.81
N GLU B 96 -35.40 15.73 20.60
CA GLU B 96 -35.43 15.89 22.04
C GLU B 96 -35.40 14.54 22.71
N VAL B 97 -34.92 14.52 23.95
CA VAL B 97 -34.92 13.30 24.76
C VAL B 97 -35.48 13.63 26.13
N PRO B 98 -36.21 12.72 26.76
CA PRO B 98 -36.72 13.01 28.11
C PRO B 98 -35.61 12.93 29.14
N VAL B 99 -35.56 13.94 30.01
CA VAL B 99 -34.53 14.04 31.02
C VAL B 99 -35.18 14.34 32.37
N GLY B 100 -34.67 13.72 33.42
CA GLY B 100 -35.18 13.97 34.75
C GLY B 100 -34.51 13.07 35.77
N GLU B 101 -34.90 13.29 37.03
CA GLU B 101 -34.38 12.46 38.11
C GLU B 101 -34.89 11.03 38.01
N ALA B 102 -36.11 10.84 37.51
CA ALA B 102 -36.68 9.51 37.40
C ALA B 102 -35.94 8.63 36.42
N LEU B 103 -35.07 9.19 35.58
CA LEU B 103 -34.32 8.41 34.61
C LEU B 103 -33.18 7.62 35.26
N ILE B 104 -32.89 7.86 36.53
CA ILE B 104 -31.78 7.19 37.19
C ILE B 104 -32.17 5.75 37.51
N GLY B 105 -31.32 4.81 37.12
CA GLY B 105 -31.57 3.40 37.36
C GLY B 105 -32.33 2.68 36.29
N ARG B 106 -32.72 3.36 35.22
CA ARG B 106 -33.47 2.76 34.13
C ARG B 106 -32.55 2.41 32.96
N VAL B 107 -33.06 1.59 32.05
CA VAL B 107 -32.39 1.25 30.81
C VAL B 107 -33.26 1.72 29.66
N VAL B 108 -32.72 2.63 28.84
CA VAL B 108 -33.50 3.27 27.79
C VAL B 108 -32.72 3.25 26.49
N ASN B 109 -33.45 3.29 25.39
CA ASN B 109 -32.87 3.45 24.07
C ASN B 109 -32.57 4.93 23.83
N PRO B 110 -31.86 5.27 22.76
CA PRO B 110 -31.49 6.69 22.54
C PRO B 110 -32.69 7.63 22.49
N LEU B 111 -33.88 7.16 22.18
CA LEU B 111 -35.06 8.02 22.18
C LEU B 111 -35.66 8.20 23.57
N GLY B 112 -35.07 7.58 24.59
CA GLY B 112 -35.59 7.70 25.94
C GLY B 112 -36.70 6.73 26.29
N GLN B 113 -37.01 5.79 25.42
CA GLN B 113 -38.05 4.82 25.74
C GLN B 113 -37.49 3.68 26.58
N PRO B 114 -38.21 3.22 27.59
CA PRO B 114 -37.72 2.12 28.41
C PRO B 114 -37.60 0.84 27.61
N VAL B 115 -36.62 0.02 27.98
CA VAL B 115 -36.34 -1.22 27.27
C VAL B 115 -36.41 -2.39 28.25
N ASP B 116 -36.14 -2.09 29.53
CA ASP B 116 -36.14 -3.13 30.56
C ASP B 116 -37.53 -3.45 31.09
N GLY B 117 -38.55 -2.69 30.69
CA GLY B 117 -39.88 -2.86 31.25
C GLY B 117 -40.08 -2.02 32.48
N LEU B 118 -40.69 -2.60 33.51
CA LEU B 118 -40.88 -1.93 34.81
C LEU B 118 -41.68 -0.64 34.67
N GLY B 119 -42.57 -0.57 33.68
CA GLY B 119 -43.42 0.58 33.52
C GLY B 119 -42.73 1.75 32.84
N PRO B 120 -43.49 2.79 32.55
CA PRO B 120 -42.93 3.95 31.84
C PRO B 120 -42.08 4.81 32.77
N VAL B 121 -41.40 5.78 32.15
CA VAL B 121 -40.57 6.74 32.87
C VAL B 121 -41.34 8.04 32.98
N GLU B 122 -41.53 8.53 34.20
CA GLU B 122 -42.35 9.71 34.44
C GLU B 122 -41.49 10.97 34.55
N THR B 123 -40.96 11.39 33.40
CA THR B 123 -40.21 12.64 33.33
C THR B 123 -41.11 13.79 32.92
N THR B 124 -40.59 15.01 33.04
CA THR B 124 -41.34 16.21 32.71
C THR B 124 -40.54 17.22 31.91
N GLU B 125 -39.29 16.93 31.55
CA GLU B 125 -38.43 17.88 30.86
C GLU B 125 -37.74 17.20 29.69
N THR B 126 -37.37 18.01 28.70
CA THR B 126 -36.67 17.53 27.52
C THR B 126 -35.55 18.48 27.18
N ARG B 127 -34.55 17.97 26.46
CA ARG B 127 -33.41 18.75 26.02
C ARG B 127 -33.11 18.43 24.57
N PRO B 128 -32.66 19.42 23.79
CA PRO B 128 -32.31 19.15 22.39
C PRO B 128 -31.09 18.28 22.28
N ILE B 129 -31.08 17.44 21.23
CA ILE B 129 -29.92 16.60 20.97
C ILE B 129 -28.73 17.45 20.55
N GLU B 130 -28.95 18.37 19.62
CA GLU B 130 -27.91 19.29 19.16
C GLU B 130 -27.96 20.55 20.00
N SER B 131 -26.99 20.71 20.89
CA SER B 131 -26.93 21.87 21.78
C SER B 131 -25.53 22.45 21.74
N PRO B 132 -25.40 23.77 21.87
CA PRO B 132 -24.07 24.37 21.86
C PRO B 132 -23.26 23.99 23.09
N ALA B 133 -21.94 23.89 22.90
CA ALA B 133 -21.04 23.59 23.99
C ALA B 133 -20.80 24.84 24.83
N PRO B 134 -20.34 24.67 26.07
CA PRO B 134 -20.00 25.84 26.89
C PRO B 134 -18.91 26.67 26.22
N GLY B 135 -19.02 27.98 26.36
CA GLY B 135 -18.10 28.89 25.70
C GLY B 135 -16.75 28.94 26.39
N VAL B 136 -15.87 29.77 25.83
CA VAL B 136 -14.53 29.92 26.38
C VAL B 136 -14.60 30.55 27.77
N MET B 137 -15.41 31.60 27.93
CA MET B 137 -15.50 32.28 29.20
C MET B 137 -16.25 31.47 30.25
N ASP B 138 -17.03 30.48 29.83
CA ASP B 138 -17.82 29.69 30.78
C ASP B 138 -16.96 28.67 31.53
N ARG B 139 -15.91 28.17 30.90
CA ARG B 139 -15.15 27.05 31.45
C ARG B 139 -14.21 27.52 32.55
N ARG B 140 -13.57 26.54 33.18
CA ARG B 140 -12.63 26.78 34.27
C ARG B 140 -11.70 25.58 34.38
N SER B 141 -10.45 25.83 34.75
CA SER B 141 -9.48 24.75 34.89
C SER B 141 -9.92 23.79 35.99
N VAL B 142 -9.70 22.51 35.75
CA VAL B 142 -10.19 21.46 36.64
C VAL B 142 -9.15 21.18 37.72
N HIS B 143 -9.64 20.92 38.94
CA HIS B 143 -8.76 20.64 40.06
C HIS B 143 -9.27 19.53 40.97
N GLU B 144 -10.39 18.88 40.64
CA GLU B 144 -10.96 17.89 41.55
C GLU B 144 -10.65 16.49 41.05
N PRO B 145 -10.14 15.61 41.89
CA PRO B 145 -9.80 14.25 41.44
C PRO B 145 -11.05 13.43 41.17
N LEU B 146 -10.89 12.46 40.27
CA LEU B 146 -11.90 11.43 40.03
C LEU B 146 -11.27 10.09 40.40
N GLN B 147 -11.68 9.55 41.54
CA GLN B 147 -11.07 8.32 42.05
C GLN B 147 -11.66 7.14 41.31
N THR B 148 -10.90 6.60 40.36
CA THR B 148 -11.36 5.45 39.59
C THR B 148 -11.36 4.18 40.43
N GLY B 149 -10.57 4.13 41.50
CA GLY B 149 -10.48 2.93 42.30
C GLY B 149 -9.54 1.87 41.76
N ILE B 150 -8.78 2.19 40.71
CA ILE B 150 -7.78 1.28 40.15
C ILE B 150 -6.41 1.84 40.48
N LYS B 151 -5.54 0.99 41.05
CA LYS B 151 -4.26 1.47 41.55
C LYS B 151 -3.41 2.07 40.43
N ALA B 152 -3.28 1.36 39.31
CA ALA B 152 -2.42 1.81 38.23
C ALA B 152 -2.88 3.15 37.68
N ILE B 153 -4.18 3.27 37.39
CA ILE B 153 -4.70 4.51 36.82
C ILE B 153 -4.56 5.65 37.82
N ASP B 154 -5.03 5.44 39.05
CA ASP B 154 -5.00 6.51 40.04
C ASP B 154 -3.59 6.93 40.40
N ALA B 155 -2.60 6.07 40.23
CA ALA B 155 -1.23 6.44 40.54
C ALA B 155 -0.53 7.11 39.36
N LEU B 156 -0.55 6.46 38.20
CA LEU B 156 0.23 6.95 37.06
C LEU B 156 -0.53 7.95 36.20
N VAL B 157 -1.80 7.69 35.90
CA VAL B 157 -2.55 8.51 34.97
C VAL B 157 -3.80 9.03 35.66
N PRO B 158 -3.71 10.12 36.42
CA PRO B 158 -4.88 10.62 37.13
C PRO B 158 -5.92 11.19 36.19
N ILE B 159 -7.15 11.25 36.68
CA ILE B 159 -8.30 11.75 35.91
C ILE B 159 -8.93 12.90 36.69
N GLY B 160 -9.11 14.04 36.02
CA GLY B 160 -9.84 15.14 36.59
C GLY B 160 -11.34 14.99 36.40
N ARG B 161 -12.10 15.92 36.98
CA ARG B 161 -13.55 15.85 36.91
C ARG B 161 -14.13 16.57 35.70
N GLY B 162 -13.30 17.28 34.94
CA GLY B 162 -13.75 17.88 33.70
C GLY B 162 -12.93 17.40 32.52
N GLN B 163 -12.13 16.36 32.75
CA GLN B 163 -11.19 15.87 31.76
C GLN B 163 -11.88 14.94 30.76
N ARG B 164 -11.42 15.01 29.52
CA ARG B 164 -11.79 14.03 28.49
C ARG B 164 -10.60 13.09 28.35
N GLU B 165 -10.72 11.89 28.91
CA GLU B 165 -9.64 10.91 28.86
C GLU B 165 -10.09 9.73 28.00
N LEU B 166 -9.29 9.41 27.00
CA LEU B 166 -9.60 8.32 26.09
C LEU B 166 -8.98 7.03 26.60
N ILE B 167 -9.71 5.94 26.46
CA ILE B 167 -9.21 4.60 26.76
C ILE B 167 -9.21 3.82 25.47
N ILE B 168 -8.02 3.52 24.97
CA ILE B 168 -7.83 2.95 23.64
C ILE B 168 -7.08 1.64 23.76
N GLY B 169 -7.53 0.63 23.01
CA GLY B 169 -6.88 -0.66 23.02
C GLY B 169 -7.52 -1.56 22.01
N ASP B 170 -6.92 -2.74 21.84
CA ASP B 170 -7.46 -3.72 20.92
C ASP B 170 -8.70 -4.37 21.53
N ARG B 171 -9.26 -5.33 20.79
CA ARG B 171 -10.43 -6.05 21.28
C ARG B 171 -10.07 -6.90 22.49
N GLN B 172 -11.09 -7.23 23.28
CA GLN B 172 -10.99 -8.12 24.43
C GLN B 172 -9.80 -7.80 25.33
N THR B 173 -9.65 -6.52 25.67
CA THR B 173 -8.64 -6.08 26.62
C THR B 173 -9.23 -5.51 27.90
N GLY B 174 -10.45 -5.92 28.26
CA GLY B 174 -11.03 -5.54 29.53
C GLY B 174 -11.44 -4.09 29.66
N LYS B 175 -11.71 -3.42 28.53
CA LYS B 175 -12.15 -2.02 28.61
C LYS B 175 -13.48 -1.90 29.33
N THR B 176 -14.43 -2.81 29.03
CA THR B 176 -15.70 -2.80 29.74
C THR B 176 -15.50 -3.09 31.23
N SER B 177 -14.54 -3.95 31.58
CA SER B 177 -14.26 -4.21 32.98
C SER B 177 -13.75 -2.95 33.67
N VAL B 178 -12.85 -2.22 33.01
CA VAL B 178 -12.35 -0.98 33.58
C VAL B 178 -13.48 0.02 33.79
N ALA B 179 -14.37 0.14 32.78
CA ALA B 179 -15.49 1.07 32.91
C ALA B 179 -16.42 0.68 34.05
N ILE B 180 -16.71 -0.62 34.19
CA ILE B 180 -17.59 -1.08 35.25
C ILE B 180 -16.97 -0.82 36.61
N ASP B 181 -15.67 -1.09 36.76
CA ASP B 181 -15.01 -0.82 38.03
C ASP B 181 -15.06 0.67 38.36
N THR B 182 -14.79 1.52 37.37
CA THR B 182 -14.82 2.96 37.60
C THR B 182 -16.21 3.41 38.02
N ILE B 183 -17.25 2.90 37.37
CA ILE B 183 -18.62 3.27 37.73
C ILE B 183 -18.95 2.80 39.15
N ILE B 184 -18.55 1.58 39.50
CA ILE B 184 -18.86 1.04 40.82
C ILE B 184 -18.15 1.86 41.90
N ASN B 185 -16.93 2.33 41.62
CA ASN B 185 -16.17 3.04 42.64
C ASN B 185 -16.82 4.36 43.07
N GLN B 186 -17.80 4.86 42.32
CA GLN B 186 -18.45 6.13 42.63
C GLN B 186 -19.60 6.00 43.61
N LYS B 187 -19.60 4.96 44.46
CA LYS B 187 -20.76 4.66 45.28
C LYS B 187 -21.13 5.81 46.21
N ASP B 188 -20.13 6.36 46.91
CA ASP B 188 -20.38 7.40 47.91
C ASP B 188 -19.81 8.74 47.52
N GLN B 189 -19.39 8.92 46.28
CA GLN B 189 -18.79 10.17 45.83
C GLN B 189 -19.82 11.12 45.23
N ASN B 190 -21.10 10.86 45.46
CA ASN B 190 -22.23 11.68 44.97
C ASN B 190 -21.99 12.16 43.53
N MET B 191 -21.77 11.19 42.65
CA MET B 191 -21.53 11.47 41.24
C MET B 191 -22.45 10.61 40.40
N ILE B 192 -23.22 11.25 39.51
CA ILE B 192 -24.09 10.51 38.62
C ILE B 192 -23.28 9.91 37.48
N SER B 193 -23.60 8.67 37.12
CA SER B 193 -22.86 7.95 36.09
C SER B 193 -23.82 7.56 34.97
N ILE B 194 -23.31 7.59 33.75
CA ILE B 194 -24.08 7.22 32.57
C ILE B 194 -23.23 6.27 31.73
N TYR B 195 -23.81 5.12 31.37
CA TYR B 195 -23.14 4.13 30.56
C TYR B 195 -23.86 4.03 29.22
N VAL B 196 -23.15 4.29 28.13
CA VAL B 196 -23.71 4.28 26.79
C VAL B 196 -23.04 3.15 26.02
N ALA B 197 -23.82 2.16 25.61
CA ALA B 197 -23.31 0.97 24.95
C ALA B 197 -23.66 1.04 23.47
N ILE B 198 -22.65 1.29 22.64
CA ILE B 198 -22.83 1.36 21.19
C ILE B 198 -22.36 0.04 20.58
N GLY B 199 -23.26 -0.65 19.90
CA GLY B 199 -22.88 -1.84 19.16
C GLY B 199 -22.60 -3.07 19.99
N GLN B 200 -22.82 -3.01 21.30
CA GLN B 200 -22.58 -4.17 22.14
C GLN B 200 -23.66 -5.22 21.95
N LYS B 201 -23.30 -6.47 22.27
CA LYS B 201 -24.27 -7.55 22.26
C LYS B 201 -25.26 -7.39 23.40
N GLU B 202 -26.53 -7.68 23.14
CA GLU B 202 -27.56 -7.48 24.14
C GLU B 202 -27.33 -8.34 25.37
N SER B 203 -26.83 -9.56 25.18
CA SER B 203 -26.53 -10.40 26.33
C SER B 203 -25.44 -9.78 27.20
N THR B 204 -24.40 -9.23 26.57
CA THR B 204 -23.34 -8.57 27.32
C THR B 204 -23.88 -7.36 28.07
N VAL B 205 -24.74 -6.57 27.43
CA VAL B 205 -25.32 -5.41 28.11
C VAL B 205 -26.17 -5.85 29.29
N ARG B 206 -26.93 -6.94 29.12
CA ARG B 206 -27.76 -7.43 30.21
C ARG B 206 -26.92 -7.92 31.37
N THR B 207 -25.81 -8.61 31.09
CA THR B 207 -24.93 -9.05 32.16
C THR B 207 -24.29 -7.87 32.87
N VAL B 208 -23.94 -6.82 32.11
CA VAL B 208 -23.39 -5.62 32.73
C VAL B 208 -24.41 -4.97 33.65
N VAL B 209 -25.65 -4.87 33.20
CA VAL B 209 -26.70 -4.32 34.05
C VAL B 209 -26.88 -5.18 35.30
N GLU B 210 -26.80 -6.50 35.13
CA GLU B 210 -26.96 -7.40 36.26
C GLU B 210 -25.86 -7.19 37.30
N THR B 211 -24.61 -7.08 36.86
CA THR B 211 -23.53 -6.90 37.82
C THR B 211 -23.60 -5.51 38.47
N LEU B 212 -24.03 -4.50 37.72
CA LEU B 212 -24.21 -3.18 38.33
C LEU B 212 -25.30 -3.22 39.40
N ARG B 213 -26.42 -3.89 39.11
CA ARG B 213 -27.47 -4.04 40.12
C ARG B 213 -26.96 -4.81 41.33
N LYS B 214 -26.19 -5.87 41.10
CA LYS B 214 -25.67 -6.67 42.20
C LYS B 214 -24.76 -5.86 43.10
N HIS B 215 -23.89 -5.04 42.52
CA HIS B 215 -23.01 -4.19 43.31
C HIS B 215 -23.70 -2.94 43.84
N GLY B 216 -24.91 -2.63 43.38
CA GLY B 216 -25.67 -1.55 43.94
C GLY B 216 -25.47 -0.21 43.26
N ALA B 217 -24.89 -0.18 42.07
CA ALA B 217 -24.65 1.08 41.38
C ALA B 217 -25.90 1.65 40.72
N LEU B 218 -26.99 0.87 40.64
CA LEU B 218 -28.19 1.35 39.97
C LEU B 218 -28.85 2.52 40.68
N ASP B 219 -28.48 2.80 41.93
CA ASP B 219 -29.07 3.93 42.65
C ASP B 219 -28.65 5.27 42.06
N TYR B 220 -27.56 5.31 41.29
CA TYR B 220 -27.04 6.58 40.78
C TYR B 220 -26.56 6.50 39.35
N THR B 221 -27.02 5.54 38.56
CA THR B 221 -26.51 5.37 37.21
C THR B 221 -27.65 5.23 36.22
N ILE B 222 -27.36 5.58 34.96
CA ILE B 222 -28.29 5.48 33.86
C ILE B 222 -27.64 4.67 32.75
N VAL B 223 -28.38 3.72 32.18
CA VAL B 223 -27.87 2.87 31.11
C VAL B 223 -28.61 3.21 29.83
N VAL B 224 -27.87 3.58 28.80
CA VAL B 224 -28.41 3.85 27.47
C VAL B 224 -27.84 2.81 26.52
N THR B 225 -28.71 2.06 25.86
CA THR B 225 -28.30 0.92 25.06
C THR B 225 -28.69 1.10 23.61
N ALA B 226 -27.83 0.62 22.71
CA ALA B 226 -28.13 0.54 21.28
C ALA B 226 -27.32 -0.63 20.74
N SER B 227 -27.96 -1.78 20.62
CA SER B 227 -27.25 -3.00 20.27
C SER B 227 -26.89 -3.00 18.78
N ALA B 228 -26.23 -4.08 18.36
CA ALA B 228 -25.79 -4.17 16.98
C ALA B 228 -26.94 -4.37 16.01
N SER B 229 -27.99 -5.11 16.42
CA SER B 229 -29.12 -5.38 15.54
C SER B 229 -29.97 -4.15 15.28
N GLN B 230 -29.81 -3.09 16.07
CA GLN B 230 -30.58 -1.87 15.84
C GLN B 230 -30.11 -1.18 14.57
N PRO B 231 -30.98 -0.39 13.95
CA PRO B 231 -30.57 0.35 12.74
C PRO B 231 -29.50 1.37 13.05
N ALA B 232 -28.72 1.69 12.01
CA ALA B 232 -27.60 2.61 12.16
C ALA B 232 -27.94 3.97 12.73
N PRO B 233 -29.09 4.59 12.42
CA PRO B 233 -29.38 5.91 13.03
C PRO B 233 -29.40 5.89 14.55
N LEU B 234 -29.93 4.83 15.18
CA LEU B 234 -29.91 4.77 16.64
C LEU B 234 -28.49 4.67 17.17
N LEU B 235 -27.65 3.87 16.51
CA LEU B 235 -26.24 3.79 16.88
C LEU B 235 -25.58 5.15 16.78
N PHE B 236 -25.92 5.90 15.74
CA PHE B 236 -25.35 7.23 15.54
C PHE B 236 -25.83 8.20 16.61
N LEU B 237 -27.08 8.06 17.05
CA LEU B 237 -27.67 9.03 17.97
C LEU B 237 -27.36 8.76 19.43
N ALA B 238 -27.03 7.51 19.79
CA ALA B 238 -26.92 7.16 21.21
C ALA B 238 -25.98 8.06 22.02
N PRO B 239 -24.73 8.32 21.60
CA PRO B 239 -23.86 9.16 22.45
C PRO B 239 -24.41 10.55 22.68
N TYR B 240 -25.07 11.14 21.68
CA TYR B 240 -25.65 12.46 21.86
C TYR B 240 -26.78 12.42 22.87
N ALA B 241 -27.60 11.38 22.86
CA ALA B 241 -28.64 11.24 23.86
C ALA B 241 -28.03 11.12 25.26
N GLY B 242 -26.96 10.34 25.39
CA GLY B 242 -26.32 10.21 26.69
C GLY B 242 -25.77 11.52 27.21
N VAL B 243 -25.06 12.27 26.34
CA VAL B 243 -24.49 13.53 26.79
C VAL B 243 -25.59 14.55 27.06
N ALA B 244 -26.71 14.48 26.32
CA ALA B 244 -27.82 15.37 26.60
C ALA B 244 -28.43 15.08 27.96
N MET B 245 -28.56 13.80 28.31
CA MET B 245 -29.03 13.46 29.65
C MET B 245 -28.06 13.95 30.72
N GLY B 246 -26.76 13.86 30.44
CA GLY B 246 -25.77 14.34 31.39
C GLY B 246 -25.81 15.84 31.59
N GLU B 247 -26.08 16.59 30.52
CA GLU B 247 -26.00 18.05 30.57
C GLU B 247 -26.98 18.65 31.57
N TYR B 248 -28.16 18.05 31.70
CA TYR B 248 -29.15 18.60 32.63
C TYR B 248 -28.62 18.56 34.06
N PHE B 249 -28.08 17.42 34.49
CA PHE B 249 -27.48 17.34 35.81
C PHE B 249 -26.26 18.24 35.92
N MET B 250 -25.48 18.35 34.85
CA MET B 250 -24.30 19.20 34.91
C MET B 250 -24.65 20.66 35.13
N TYR B 251 -25.69 21.15 34.44
CA TYR B 251 -26.11 22.53 34.61
C TYR B 251 -26.87 22.76 35.90
N LYS B 252 -27.53 21.73 36.44
CA LYS B 252 -28.14 21.88 37.74
C LYS B 252 -27.12 22.05 38.86
N GLY B 253 -25.84 21.77 38.60
CA GLY B 253 -24.78 21.95 39.57
C GLY B 253 -24.13 20.67 40.05
N LYS B 254 -24.62 19.51 39.64
CA LYS B 254 -24.06 18.25 40.08
C LYS B 254 -22.87 17.86 39.20
N HIS B 255 -22.28 16.71 39.51
CA HIS B 255 -21.15 16.17 38.75
C HIS B 255 -21.59 14.88 38.07
N VAL B 256 -21.23 14.75 36.79
CA VAL B 256 -21.69 13.64 35.97
C VAL B 256 -20.49 12.95 35.34
N LEU B 257 -20.57 11.62 35.25
CA LEU B 257 -19.61 10.81 34.52
C LEU B 257 -20.35 10.07 33.43
N VAL B 258 -19.82 10.14 32.20
CA VAL B 258 -20.45 9.51 31.04
C VAL B 258 -19.41 8.67 30.32
N VAL B 259 -19.79 7.47 29.90
CA VAL B 259 -18.89 6.52 29.27
C VAL B 259 -19.48 6.11 27.93
N TYR B 260 -18.71 6.31 26.85
CA TYR B 260 -19.10 5.89 25.51
C TYR B 260 -18.38 4.59 25.18
N ASP B 261 -19.15 3.57 24.82
CA ASP B 261 -18.56 2.24 24.70
C ASP B 261 -17.72 2.07 23.44
N ASP B 262 -18.19 2.58 22.30
CA ASP B 262 -17.39 2.41 21.08
C ASP B 262 -17.69 3.57 20.12
N LEU B 263 -16.86 4.61 20.19
CA LEU B 263 -16.95 5.66 19.18
C LEU B 263 -16.51 5.13 17.82
N SER B 264 -15.69 4.08 17.79
CA SER B 264 -15.35 3.46 16.51
C SER B 264 -16.60 2.87 15.86
N LYS B 265 -17.42 2.17 16.64
CA LYS B 265 -18.66 1.63 16.09
C LYS B 265 -19.64 2.73 15.72
N GLN B 266 -19.69 3.81 16.52
CA GLN B 266 -20.53 4.93 16.14
C GLN B 266 -20.08 5.54 14.82
N ALA B 267 -18.77 5.69 14.63
CA ALA B 267 -18.25 6.22 13.38
C ALA B 267 -18.54 5.27 12.22
N ALA B 268 -18.47 3.97 12.45
CA ALA B 268 -18.83 3.02 11.41
C ALA B 268 -20.29 3.17 11.01
N ALA B 269 -21.18 3.34 11.99
CA ALA B 269 -22.59 3.56 11.67
C ALA B 269 -22.79 4.85 10.88
N TYR B 270 -22.09 5.92 11.27
CA TYR B 270 -22.21 7.16 10.54
C TYR B 270 -21.69 7.03 9.11
N ARG B 271 -20.59 6.29 8.93
CA ARG B 271 -20.09 6.03 7.59
C ARG B 271 -21.10 5.27 6.75
N GLU B 272 -21.74 4.27 7.36
CA GLU B 272 -22.80 3.53 6.67
C GLU B 272 -23.91 4.47 6.21
N LEU B 273 -24.36 5.35 7.11
CA LEU B 273 -25.44 6.27 6.76
C LEU B 273 -25.02 7.23 5.65
N SER B 274 -23.79 7.76 5.73
CA SER B 274 -23.32 8.70 4.72
C SER B 274 -23.22 8.03 3.36
N LEU B 275 -22.71 6.79 3.32
CA LEU B 275 -22.63 6.08 2.06
C LEU B 275 -24.01 5.78 1.50
N LEU B 276 -24.97 5.47 2.37
CA LEU B 276 -26.34 5.26 1.90
C LEU B 276 -26.92 6.55 1.32
N LEU B 277 -26.56 7.70 1.89
CA LEU B 277 -27.05 8.97 1.38
C LEU B 277 -26.26 9.49 0.19
N ARG B 278 -25.45 8.64 -0.45
CA ARG B 278 -24.73 8.98 -1.68
C ARG B 278 -23.76 10.13 -1.48
N ARG B 279 -23.04 10.15 -0.38
CA ARG B 279 -22.07 11.22 -0.20
C ARG B 279 -20.66 10.74 -0.56
N PRO B 280 -19.78 11.64 -0.98
CA PRO B 280 -18.43 11.24 -1.37
C PRO B 280 -17.59 10.90 -0.15
N PRO B 281 -16.99 9.72 -0.12
CA PRO B 281 -16.17 9.33 1.04
C PRO B 281 -14.74 9.85 0.91
N GLY B 282 -14.02 9.78 2.03
CA GLY B 282 -12.64 10.20 2.07
C GLY B 282 -11.69 9.06 2.40
N ARG B 283 -10.77 9.31 3.32
CA ARG B 283 -9.81 8.28 3.71
C ARG B 283 -10.52 7.15 4.44
N GLU B 284 -10.21 5.91 4.05
CA GLU B 284 -10.84 4.72 4.60
C GLU B 284 -12.35 4.76 4.45
N ALA B 285 -12.83 5.37 3.36
CA ALA B 285 -14.24 5.44 3.01
C ALA B 285 -15.05 6.23 4.02
N TYR B 286 -14.39 6.82 5.01
CA TYR B 286 -15.13 7.68 5.94
C TYR B 286 -15.43 9.02 5.29
N PRO B 287 -16.59 9.60 5.56
CA PRO B 287 -16.86 10.96 5.10
C PRO B 287 -16.01 11.96 5.85
N GLY B 288 -15.80 13.11 5.21
CA GLY B 288 -14.97 14.15 5.81
C GLY B 288 -15.55 14.79 7.05
N ASP B 289 -16.80 14.48 7.39
CA ASP B 289 -17.49 15.08 8.52
C ASP B 289 -17.29 14.28 9.80
N ILE B 290 -16.48 13.22 9.78
CA ILE B 290 -16.34 12.35 10.95
C ILE B 290 -15.63 13.09 12.09
N PHE B 291 -14.65 13.93 11.78
CA PHE B 291 -13.98 14.69 12.82
C PHE B 291 -14.95 15.66 13.49
N TYR B 292 -15.79 16.32 12.70
CA TYR B 292 -16.81 17.19 13.27
C TYR B 292 -17.78 16.37 14.13
N LEU B 293 -18.14 15.18 13.66
CA LEU B 293 -19.02 14.32 14.42
C LEU B 293 -18.47 14.02 15.81
N HIS B 294 -17.18 13.68 15.89
CA HIS B 294 -16.61 13.36 17.20
C HIS B 294 -16.33 14.61 18.04
N SER B 295 -15.90 15.71 17.41
CA SER B 295 -15.58 16.91 18.18
C SER B 295 -16.84 17.54 18.76
N ARG B 296 -17.93 17.57 18.00
CA ARG B 296 -19.18 18.12 18.51
C ARG B 296 -19.65 17.38 19.75
N LEU B 297 -19.32 16.09 19.85
CA LEU B 297 -19.74 15.30 21.01
C LEU B 297 -18.78 15.46 22.18
N LEU B 298 -17.48 15.40 21.91
CA LEU B 298 -16.51 15.44 23.00
C LEU B 298 -16.23 16.86 23.50
N GLU B 299 -16.69 17.89 22.79
CA GLU B 299 -16.51 19.26 23.26
C GLU B 299 -17.51 19.65 24.32
N ARG B 300 -18.52 18.82 24.58
CA ARG B 300 -19.54 19.14 25.57
C ARG B 300 -19.13 18.80 26.99
N ALA B 301 -18.03 18.08 27.18
CA ALA B 301 -17.54 17.75 28.51
C ALA B 301 -16.60 18.86 28.97
N ALA B 302 -16.95 19.52 30.07
CA ALA B 302 -16.17 20.64 30.56
C ALA B 302 -16.44 20.83 32.04
N LYS B 303 -15.59 21.62 32.67
CA LYS B 303 -15.71 22.00 34.08
C LYS B 303 -16.23 23.43 34.14
N LEU B 304 -17.49 23.60 34.50
CA LEU B 304 -18.09 24.92 34.52
C LEU B 304 -17.48 25.78 35.63
N SER B 305 -17.43 27.08 35.38
CA SER B 305 -16.92 28.01 36.37
C SER B 305 -17.94 28.23 37.48
N ASP B 306 -17.49 28.88 38.54
CA ASP B 306 -18.38 29.18 39.66
C ASP B 306 -19.49 30.13 39.25
N ALA B 307 -19.22 31.00 38.26
CA ALA B 307 -20.27 31.88 37.76
C ALA B 307 -21.40 31.09 37.12
N LYS B 308 -21.06 30.09 36.32
CA LYS B 308 -22.07 29.26 35.66
C LYS B 308 -22.69 28.24 36.60
N GLY B 309 -22.02 27.89 37.69
CA GLY B 309 -22.62 26.97 38.64
C GLY B 309 -21.65 26.00 39.27
N GLY B 310 -20.51 25.80 38.63
CA GLY B 310 -19.51 24.89 39.17
C GLY B 310 -19.74 23.42 38.88
N GLY B 311 -20.69 23.10 38.02
CA GLY B 311 -20.91 21.72 37.65
C GLY B 311 -19.77 21.16 36.82
N SER B 312 -19.84 19.87 36.53
CA SER B 312 -18.79 19.22 35.78
C SER B 312 -19.33 17.96 35.12
N LEU B 313 -18.79 17.66 33.95
CA LEU B 313 -19.12 16.43 33.23
C LEU B 313 -17.85 15.90 32.59
N THR B 314 -17.49 14.66 32.92
CA THR B 314 -16.29 14.03 32.40
C THR B 314 -16.68 12.84 31.53
N ALA B 315 -15.87 12.58 30.50
CA ALA B 315 -16.16 11.54 29.53
C ALA B 315 -14.99 10.58 29.45
N LEU B 316 -15.30 9.30 29.23
CA LEU B 316 -14.29 8.25 29.08
C LEU B 316 -14.62 7.46 27.81
N PRO B 317 -14.35 8.03 26.64
CA PRO B 317 -14.62 7.31 25.39
C PRO B 317 -13.70 6.12 25.20
N PHE B 318 -14.22 5.12 24.50
CA PHE B 318 -13.48 3.91 24.17
C PHE B 318 -13.28 3.82 22.66
N VAL B 319 -12.10 3.37 22.25
CA VAL B 319 -11.80 3.13 20.85
C VAL B 319 -11.17 1.74 20.73
N GLU B 320 -11.70 0.94 19.82
CA GLU B 320 -11.21 -0.42 19.58
C GLU B 320 -10.33 -0.41 18.34
N THR B 321 -9.06 -0.76 18.52
CA THR B 321 -8.08 -0.77 17.44
C THR B 321 -7.84 -2.19 16.95
N GLN B 322 -7.21 -2.28 15.78
CA GLN B 322 -6.82 -3.56 15.19
C GLN B 322 -5.30 -3.67 15.23
N ALA B 323 -4.79 -4.69 15.91
CA ALA B 323 -3.36 -4.93 16.03
C ALA B 323 -2.63 -3.74 16.64
N GLY B 324 -3.31 -2.99 17.50
CA GLY B 324 -2.70 -1.84 18.14
C GLY B 324 -2.22 -0.78 17.17
N ASP B 325 -2.97 -0.53 16.10
CA ASP B 325 -2.56 0.43 15.07
C ASP B 325 -3.04 1.82 15.48
N ILE B 326 -2.16 2.57 16.15
CA ILE B 326 -2.49 3.94 16.52
C ILE B 326 -2.62 4.82 15.28
N SER B 327 -1.96 4.44 14.18
CA SER B 327 -1.95 5.24 12.97
C SER B 327 -3.32 5.32 12.29
N ALA B 328 -4.28 4.50 12.73
CA ALA B 328 -5.58 4.45 12.05
C ALA B 328 -6.32 5.78 12.20
N TYR B 329 -7.23 6.02 11.25
CA TYR B 329 -7.87 7.32 11.11
C TYR B 329 -8.68 7.70 12.34
N ILE B 330 -9.57 6.81 12.77
CA ILE B 330 -10.40 7.11 13.95
C ILE B 330 -9.57 7.24 15.22
N PRO B 331 -8.63 6.34 15.52
CA PRO B 331 -7.78 6.57 16.71
C PRO B 331 -7.04 7.89 16.67
N THR B 332 -6.48 8.28 15.51
CA THR B 332 -5.79 9.56 15.44
C THR B 332 -6.75 10.72 15.69
N ASN B 333 -7.94 10.65 15.10
CA ASN B 333 -8.91 11.73 15.26
C ASN B 333 -9.33 11.87 16.73
N VAL B 334 -9.59 10.74 17.39
CA VAL B 334 -10.02 10.81 18.79
C VAL B 334 -8.88 11.28 19.68
N ILE B 335 -7.65 10.85 19.39
CA ILE B 335 -6.51 11.31 20.18
C ILE B 335 -6.33 12.81 20.02
N SER B 336 -6.56 13.34 18.82
CA SER B 336 -6.41 14.77 18.60
C SER B 336 -7.39 15.58 19.42
N ILE B 337 -8.49 14.97 19.85
CA ILE B 337 -9.55 15.71 20.55
C ILE B 337 -9.39 15.64 22.06
N THR B 338 -9.16 14.45 22.58
CA THR B 338 -9.16 14.26 24.03
C THR B 338 -7.91 14.87 24.66
N ASP B 339 -7.97 15.02 25.99
CA ASP B 339 -6.83 15.58 26.71
C ASP B 339 -5.67 14.59 26.80
N GLY B 340 -5.96 13.34 27.11
CA GLY B 340 -4.94 12.31 27.19
C GLY B 340 -5.58 10.96 26.99
N GLN B 341 -4.73 9.95 26.83
CA GLN B 341 -5.22 8.61 26.54
C GLN B 341 -4.56 7.59 27.45
N ILE B 342 -5.27 6.51 27.72
CA ILE B 342 -4.77 5.36 28.45
C ILE B 342 -4.73 4.18 27.49
N PHE B 343 -3.56 3.57 27.35
CA PHE B 343 -3.36 2.48 26.40
C PHE B 343 -3.37 1.15 27.12
N LEU B 344 -4.16 0.21 26.60
CA LEU B 344 -4.20 -1.15 27.12
C LEU B 344 -3.54 -2.08 26.11
N GLN B 345 -2.69 -2.98 26.59
CA GLN B 345 -1.95 -3.88 25.73
C GLN B 345 -2.55 -5.28 25.82
N SER B 346 -2.74 -5.91 24.67
CA SER B 346 -3.23 -7.28 24.62
C SER B 346 -2.12 -8.30 24.80
N ASP B 347 -0.87 -7.86 24.91
CA ASP B 347 0.24 -8.79 25.11
C ASP B 347 0.15 -9.47 26.47
N LEU B 348 -0.08 -8.68 27.53
CA LEU B 348 -0.10 -9.21 28.88
C LEU B 348 -1.50 -9.52 29.39
N PHE B 349 -2.53 -9.39 28.55
CA PHE B 349 -3.88 -9.75 28.97
C PHE B 349 -4.02 -11.25 29.17
N PHE B 350 -3.23 -12.04 28.45
CA PHE B 350 -3.33 -13.49 28.54
C PHE B 350 -2.92 -14.03 29.91
N SER B 351 -2.11 -13.28 30.66
CA SER B 351 -1.64 -13.73 31.96
C SER B 351 -2.70 -13.58 33.05
N GLY B 352 -3.85 -12.99 32.74
CA GLY B 352 -4.87 -12.73 33.74
C GLY B 352 -4.72 -11.39 34.43
N VAL B 353 -3.56 -10.76 34.34
CA VAL B 353 -3.38 -9.41 34.87
C VAL B 353 -4.27 -8.44 34.09
N ARG B 354 -4.80 -7.46 34.80
CA ARG B 354 -5.50 -6.38 34.11
C ARG B 354 -4.51 -5.72 33.15
N PRO B 355 -4.87 -5.54 31.88
CA PRO B 355 -3.86 -5.31 30.84
C PRO B 355 -2.96 -4.13 31.18
N ALA B 356 -1.67 -4.30 30.89
CA ALA B 356 -0.66 -3.35 31.30
C ALA B 356 -0.91 -1.99 30.67
N ILE B 357 -0.84 -0.94 31.49
CA ILE B 357 -0.92 0.42 31.00
C ILE B 357 0.44 0.76 30.39
N ASN B 358 0.49 0.86 29.07
CA ASN B 358 1.74 1.20 28.39
C ASN B 358 2.24 2.54 28.91
N ALA B 359 3.38 2.52 29.62
CA ALA B 359 3.86 3.72 30.28
C ALA B 359 4.20 4.81 29.26
N GLY B 360 4.82 4.43 28.15
CA GLY B 360 5.19 5.41 27.15
C GLY B 360 3.99 6.05 26.48
N LEU B 361 2.97 5.26 26.17
CA LEU B 361 1.84 5.74 25.38
C LEU B 361 0.69 6.28 26.22
N SER B 362 0.77 6.23 27.54
CA SER B 362 -0.27 6.71 28.41
C SER B 362 0.15 8.03 29.04
N VAL B 363 -0.71 9.04 28.93
CA VAL B 363 -0.39 10.37 29.45
C VAL B 363 -1.70 11.07 29.77
N SER B 364 -1.67 11.90 30.82
CA SER B 364 -2.80 12.73 31.22
C SER B 364 -2.28 14.16 31.38
N ARG B 365 -2.30 14.92 30.29
CA ARG B 365 -1.77 16.28 30.32
C ARG B 365 -2.57 17.17 31.27
N VAL B 366 -3.89 17.03 31.25
CA VAL B 366 -4.73 17.80 32.17
C VAL B 366 -4.54 17.33 33.61
N GLY B 367 -4.33 16.03 33.81
CA GLY B 367 -4.15 15.49 35.14
C GLY B 367 -2.87 16.00 35.80
N GLY B 368 -2.58 15.42 36.94
CA GLY B 368 -1.49 15.88 37.79
C GLY B 368 -1.96 16.88 38.82
N ALA B 369 -2.67 17.92 38.38
CA ALA B 369 -3.29 18.84 39.33
C ALA B 369 -4.47 18.19 40.06
N ALA B 370 -5.03 17.12 39.50
CA ALA B 370 -6.16 16.46 40.14
C ALA B 370 -5.73 15.61 41.33
N GLN B 371 -4.55 14.99 41.24
CA GLN B 371 -4.10 14.08 42.29
C GLN B 371 -4.03 14.78 43.64
N ILE B 372 -4.48 14.09 44.68
CA ILE B 372 -4.42 14.61 46.04
C ILE B 372 -2.97 14.63 46.48
N LYS B 373 -2.69 15.32 47.59
CA LYS B 373 -1.31 15.49 48.03
C LYS B 373 -0.66 14.15 48.37
N ALA B 374 -1.43 13.25 48.98
CA ALA B 374 -0.86 11.98 49.44
C ALA B 374 -0.30 11.17 48.27
N MET B 375 -1.09 10.99 47.22
CA MET B 375 -0.62 10.23 46.06
C MET B 375 0.41 11.01 45.26
N LYS B 376 0.35 12.35 45.32
CA LYS B 376 1.28 13.17 44.55
C LYS B 376 2.70 13.03 45.06
N LYS B 377 2.87 12.89 46.38
CA LYS B 377 4.19 12.81 46.98
C LYS B 377 4.90 11.49 46.68
N VAL B 378 4.21 10.51 46.11
CA VAL B 378 4.78 9.20 45.87
C VAL B 378 4.71 8.77 44.41
N ALA B 379 3.82 9.38 43.61
CA ALA B 379 3.66 8.96 42.23
C ALA B 379 4.93 9.16 41.42
N GLY B 380 5.70 10.22 41.72
CA GLY B 380 6.91 10.48 40.96
C GLY B 380 7.93 9.35 41.11
N THR B 381 8.20 8.94 42.35
CA THR B 381 9.17 7.87 42.54
C THR B 381 8.62 6.53 42.07
N LEU B 382 7.30 6.29 42.21
CA LEU B 382 6.74 5.07 41.65
C LEU B 382 6.93 5.02 40.13
N ARG B 383 6.68 6.15 39.47
CA ARG B 383 6.87 6.22 38.02
C ARG B 383 8.32 6.00 37.64
N LEU B 384 9.25 6.59 38.40
CA LEU B 384 10.66 6.40 38.08
C LEU B 384 11.07 4.95 38.23
N ASP B 385 10.61 4.28 39.30
CA ASP B 385 10.95 2.87 39.48
C ASP B 385 10.37 2.02 38.37
N LEU B 386 9.12 2.28 37.98
CA LEU B 386 8.50 1.50 36.91
C LEU B 386 9.23 1.74 35.58
N ALA B 387 9.62 2.97 35.31
CA ALA B 387 10.34 3.27 34.09
C ALA B 387 11.69 2.56 34.05
N ALA B 388 12.39 2.54 35.18
CA ALA B 388 13.67 1.83 35.24
C ALA B 388 13.47 0.34 35.00
N TYR B 389 12.45 -0.25 35.62
CA TYR B 389 12.20 -1.67 35.42
C TYR B 389 11.86 -1.97 33.98
N ARG B 390 11.02 -1.14 33.36
CA ARG B 390 10.62 -1.38 31.97
C ARG B 390 11.79 -1.22 31.02
N GLU B 391 12.65 -0.22 31.24
CA GLU B 391 13.83 -0.06 30.38
C GLU B 391 14.84 -1.17 30.61
N LEU B 392 14.86 -1.79 31.79
CA LEU B 392 15.64 -3.01 31.99
C LEU B 392 14.90 -4.16 31.33
N GLU B 393 15.14 -4.31 30.03
CA GLU B 393 14.43 -5.28 29.21
C GLU B 393 15.01 -6.68 29.44
N ALA B 394 14.61 -7.62 28.59
CA ALA B 394 15.10 -9.00 28.73
C ALA B 394 16.60 -9.09 28.52
N PHE B 395 17.18 -8.18 27.73
CA PHE B 395 18.62 -8.22 27.49
C PHE B 395 19.40 -8.04 28.78
N ALA B 396 18.88 -7.25 29.70
CA ALA B 396 19.51 -7.05 31.01
C ALA B 396 19.24 -8.19 31.98
N GLN B 397 18.28 -9.06 31.67
CA GLN B 397 17.97 -10.21 32.52
C GLN B 397 18.81 -11.43 32.19
N PHE B 398 19.67 -11.36 31.19
CA PHE B 398 20.50 -12.49 30.81
C PHE B 398 21.81 -12.48 31.57
N GLY B 399 22.37 -13.67 31.78
CA GLY B 399 23.64 -13.80 32.46
C GLY B 399 23.52 -13.66 33.96
N SER B 400 24.67 -13.71 34.62
CA SER B 400 24.76 -13.56 36.07
C SER B 400 25.69 -12.43 36.48
N ASP B 401 26.12 -11.59 35.54
CA ASP B 401 27.05 -10.51 35.82
C ASP B 401 26.38 -9.26 36.36
N LEU B 402 25.05 -9.25 36.44
CA LEU B 402 24.30 -8.07 36.88
C LEU B 402 24.36 -8.00 38.41
N ASP B 403 25.50 -7.54 38.91
CA ASP B 403 25.73 -7.43 40.35
C ASP B 403 25.64 -5.99 40.85
N LYS B 404 25.33 -5.04 39.97
CA LYS B 404 25.22 -3.64 40.35
C LYS B 404 23.87 -3.41 41.04
N ALA B 405 23.51 -2.13 41.20
CA ALA B 405 22.18 -1.79 41.68
C ALA B 405 21.09 -2.17 40.69
N THR B 406 21.46 -2.66 39.51
CA THR B 406 20.46 -3.13 38.55
C THR B 406 19.68 -4.32 39.10
N GLN B 407 20.30 -5.16 39.92
CA GLN B 407 19.58 -6.27 40.54
C GLN B 407 18.51 -5.74 41.50
N ALA B 408 18.85 -4.73 42.30
CA ALA B 408 17.85 -4.11 43.16
C ALA B 408 16.76 -3.44 42.34
N LYS B 409 17.14 -2.82 41.21
CA LYS B 409 16.15 -2.22 40.33
C LYS B 409 15.17 -3.28 39.80
N LEU B 410 15.71 -4.43 39.38
CA LEU B 410 14.85 -5.50 38.89
C LEU B 410 13.93 -6.03 39.98
N ALA B 411 14.47 -6.21 41.19
CA ALA B 411 13.64 -6.70 42.29
C ALA B 411 12.52 -5.71 42.60
N ARG B 412 12.85 -4.42 42.71
CA ARG B 412 11.83 -3.43 43.00
C ARG B 412 10.82 -3.29 41.86
N GLY B 413 11.26 -3.43 40.61
CA GLY B 413 10.33 -3.39 39.50
C GLY B 413 9.37 -4.56 39.51
N ALA B 414 9.88 -5.76 39.84
CA ALA B 414 9.00 -6.90 40.00
C ALA B 414 7.99 -6.65 41.12
N ARG B 415 8.45 -6.05 42.22
CA ARG B 415 7.52 -5.70 43.29
C ARG B 415 6.44 -4.73 42.80
N THR B 416 6.83 -3.70 42.06
CA THR B 416 5.86 -2.72 41.58
C THR B 416 4.84 -3.37 40.65
N VAL B 417 5.31 -4.18 39.71
CA VAL B 417 4.40 -4.83 38.77
C VAL B 417 3.46 -5.77 39.52
N GLU B 418 3.98 -6.51 40.50
CA GLU B 418 3.12 -7.42 41.25
C GLU B 418 2.08 -6.64 42.05
N VAL B 419 2.46 -5.50 42.63
CA VAL B 419 1.52 -4.71 43.43
C VAL B 419 0.45 -4.10 42.55
N LEU B 420 0.80 -3.66 41.34
CA LEU B 420 -0.16 -2.99 40.49
C LEU B 420 -1.27 -3.92 40.00
N LYS B 421 -1.13 -5.23 40.21
CA LYS B 421 -2.20 -6.16 39.84
C LYS B 421 -3.44 -5.90 40.69
N GLN B 422 -4.60 -6.25 40.13
CA GLN B 422 -5.86 -5.99 40.81
C GLN B 422 -6.89 -7.03 40.38
N ASP B 423 -7.78 -7.37 41.31
CA ASP B 423 -8.86 -8.30 41.05
C ASP B 423 -10.02 -7.59 40.35
N LEU B 424 -10.98 -8.40 39.87
CA LEU B 424 -12.11 -7.85 39.14
C LEU B 424 -13.16 -7.31 40.11
N HIS B 425 -13.68 -6.13 39.79
CA HIS B 425 -14.76 -5.50 40.56
C HIS B 425 -14.40 -5.35 42.03
N GLN B 426 -13.15 -4.99 42.30
CA GLN B 426 -12.67 -4.71 43.65
C GLN B 426 -11.94 -3.37 43.66
N PRO B 427 -12.67 -2.27 43.56
CA PRO B 427 -12.03 -0.95 43.67
C PRO B 427 -11.42 -0.77 45.05
N ILE B 428 -10.28 -0.11 45.09
CA ILE B 428 -9.50 0.08 46.31
C ILE B 428 -9.62 1.55 46.71
N PRO B 429 -9.94 1.87 47.96
CA PRO B 429 -10.00 3.26 48.38
C PRO B 429 -8.64 3.95 48.24
N VAL B 430 -8.69 5.25 47.97
CA VAL B 430 -7.48 6.02 47.70
C VAL B 430 -6.56 6.01 48.91
N GLU B 431 -7.10 5.97 50.13
CA GLU B 431 -6.26 5.91 51.31
C GLU B 431 -5.42 4.65 51.33
N LYS B 432 -6.04 3.50 51.10
CA LYS B 432 -5.32 2.24 51.08
C LYS B 432 -4.33 2.20 49.93
N GLN B 433 -4.72 2.77 48.78
CA GLN B 433 -3.78 2.85 47.66
C GLN B 433 -2.54 3.63 48.04
N VAL B 434 -2.73 4.80 48.66
CA VAL B 434 -1.59 5.63 49.07
C VAL B 434 -0.72 4.87 50.06
N LEU B 435 -1.35 4.21 51.03
CA LEU B 435 -0.58 3.51 52.05
C LEU B 435 0.25 2.38 51.46
N ILE B 436 -0.34 1.58 50.57
CA ILE B 436 0.41 0.46 50.01
C ILE B 436 1.50 0.96 49.08
N ILE B 437 1.24 2.03 48.31
CA ILE B 437 2.26 2.55 47.41
C ILE B 437 3.42 3.13 48.21
N TYR B 438 3.12 3.83 49.31
CA TYR B 438 4.17 4.35 50.17
C TYR B 438 4.97 3.22 50.80
N ALA B 439 4.28 2.15 51.23
CA ALA B 439 4.98 0.99 51.78
C ALA B 439 5.94 0.39 50.76
N LEU B 440 5.51 0.28 49.51
CA LEU B 440 6.38 -0.22 48.46
C LEU B 440 7.58 0.71 48.25
N THR B 441 7.33 2.02 48.14
CA THR B 441 8.39 2.93 47.75
C THR B 441 9.40 3.14 48.87
N ARG B 442 8.99 2.96 50.13
CA ARG B 442 9.91 3.11 51.25
C ARG B 442 10.64 1.83 51.60
N GLY B 443 10.75 0.90 50.65
CA GLY B 443 11.59 -0.26 50.79
C GLY B 443 11.11 -1.31 51.77
N PHE B 444 9.93 -1.15 52.35
CA PHE B 444 9.45 -2.12 53.33
C PHE B 444 9.08 -3.46 52.70
N LEU B 445 9.02 -3.54 51.38
CA LEU B 445 8.70 -4.79 50.69
C LEU B 445 9.88 -5.34 49.90
N ASP B 446 11.07 -4.75 50.05
CA ASP B 446 12.23 -5.21 49.30
C ASP B 446 12.66 -6.63 49.69
N ASP B 447 12.31 -7.09 50.89
CA ASP B 447 12.73 -8.40 51.36
C ASP B 447 11.68 -9.47 51.19
N ILE B 448 10.40 -9.12 51.30
CA ILE B 448 9.33 -10.11 51.17
C ILE B 448 9.29 -10.63 49.74
N PRO B 449 9.17 -11.94 49.53
CA PRO B 449 9.24 -12.48 48.17
C PRO B 449 8.06 -12.03 47.31
N VAL B 450 8.24 -12.21 46.00
CA VAL B 450 7.25 -11.73 45.03
C VAL B 450 5.93 -12.47 45.20
N GLU B 451 5.98 -13.80 45.38
CA GLU B 451 4.77 -14.61 45.32
C GLU B 451 3.80 -14.31 46.45
N ASP B 452 4.26 -13.69 47.53
CA ASP B 452 3.42 -13.40 48.69
C ASP B 452 2.94 -11.96 48.72
N VAL B 453 3.20 -11.18 47.67
CA VAL B 453 2.94 -9.75 47.71
C VAL B 453 1.45 -9.47 47.79
N ARG B 454 0.64 -10.20 47.03
CA ARG B 454 -0.80 -9.95 47.03
C ARG B 454 -1.42 -10.30 48.38
N ARG B 455 -1.03 -11.43 48.97
CA ARG B 455 -1.52 -11.77 50.29
C ARG B 455 -1.05 -10.76 51.32
N PHE B 456 0.19 -10.27 51.17
CA PHE B 456 0.67 -9.20 52.03
C PHE B 456 -0.20 -7.97 51.94
N GLU B 457 -0.58 -7.59 50.71
CA GLU B 457 -1.42 -6.41 50.51
C GLU B 457 -2.79 -6.60 51.14
N LYS B 458 -3.38 -7.78 50.97
CA LYS B 458 -4.71 -8.02 51.53
C LYS B 458 -4.68 -8.01 53.05
N GLU B 459 -3.72 -8.72 53.64
CA GLU B 459 -3.59 -8.71 55.10
C GLU B 459 -3.23 -7.34 55.61
N PHE B 460 -2.51 -6.54 54.82
CA PHE B 460 -2.20 -5.18 55.20
C PHE B 460 -3.45 -4.32 55.21
N TYR B 461 -4.34 -4.52 54.25
CA TYR B 461 -5.62 -3.81 54.26
C TYR B 461 -6.44 -4.18 55.49
N LEU B 462 -6.47 -5.46 55.83
CA LEU B 462 -7.18 -5.88 57.03
C LEU B 462 -6.56 -5.26 58.28
N PHE B 463 -5.23 -5.29 58.38
CA PHE B 463 -4.53 -4.70 59.52
C PHE B 463 -4.80 -3.21 59.61
N LEU B 464 -4.81 -2.52 58.48
CA LEU B 464 -5.10 -1.09 58.49
C LEU B 464 -6.52 -0.84 58.99
N ASP B 465 -7.51 -1.52 58.40
CA ASP B 465 -8.89 -1.35 58.84
C ASP B 465 -9.08 -1.71 60.29
N GLN B 466 -8.21 -2.54 60.87
CA GLN B 466 -8.32 -2.87 62.28
C GLN B 466 -7.62 -1.88 63.20
N ASN B 467 -6.49 -1.32 62.77
CA ASN B 467 -5.70 -0.53 63.73
C ASN B 467 -5.39 0.88 63.28
N GLY B 468 -5.11 1.10 61.99
CA GLY B 468 -4.71 2.40 61.52
C GLY B 468 -5.90 3.23 61.10
N GLN B 469 -6.99 3.13 61.85
CA GLN B 469 -8.16 3.94 61.56
C GLN B 469 -7.85 5.42 61.72
N HIS B 470 -6.98 5.78 62.66
CA HIS B 470 -6.59 7.17 62.81
C HIS B 470 -5.82 7.67 61.58
N LEU B 471 -4.93 6.84 61.03
CA LEU B 471 -4.24 7.20 59.80
C LEU B 471 -5.22 7.36 58.65
N LEU B 472 -6.15 6.42 58.53
CA LEU B 472 -7.14 6.50 57.45
C LEU B 472 -7.98 7.75 57.56
N GLU B 473 -8.42 8.09 58.77
CA GLU B 473 -9.22 9.30 58.97
C GLU B 473 -8.39 10.54 58.67
N HIS B 474 -7.12 10.56 59.09
CA HIS B 474 -6.28 11.71 58.81
C HIS B 474 -6.12 11.94 57.31
N ILE B 475 -5.86 10.86 56.56
CA ILE B 475 -5.72 11.01 55.12
C ILE B 475 -7.05 11.43 54.49
N ARG B 476 -8.13 10.79 54.90
CA ARG B 476 -9.45 11.09 54.34
C ARG B 476 -9.87 12.52 54.62
N THR B 477 -9.41 13.10 55.72
CA THR B 477 -9.81 14.45 56.08
C THR B 477 -8.90 15.52 55.46
N THR B 478 -7.59 15.41 55.66
CA THR B 478 -6.68 16.46 55.24
C THR B 478 -6.10 16.24 53.85
N LYS B 479 -6.43 15.13 53.19
CA LYS B 479 -5.91 14.82 51.85
C LYS B 479 -4.38 14.87 51.83
N ASP B 480 -3.76 14.35 52.88
CA ASP B 480 -2.31 14.40 53.00
C ASP B 480 -1.83 13.24 53.88
N LEU B 481 -0.53 12.95 53.76
CA LEU B 481 0.05 11.83 54.49
C LEU B 481 0.14 12.13 55.98
N PRO B 482 0.08 11.10 56.82
CA PRO B 482 0.40 11.28 58.24
C PRO B 482 1.89 11.35 58.47
N ASN B 483 2.31 11.36 59.73
CA ASN B 483 3.74 11.43 60.03
C ASN B 483 4.45 10.17 59.55
N GLU B 484 5.60 10.38 58.92
CA GLU B 484 6.39 9.25 58.42
C GLU B 484 6.87 8.36 59.57
N ASP B 485 7.30 8.97 60.67
CA ASP B 485 7.80 8.21 61.81
C ASP B 485 6.72 7.38 62.49
N ASP B 486 5.45 7.73 62.31
CA ASP B 486 4.34 6.93 62.82
C ASP B 486 3.90 5.86 61.83
N LEU B 487 3.77 6.23 60.55
CA LEU B 487 3.36 5.25 59.55
C LEU B 487 4.39 4.15 59.40
N ASN B 488 5.68 4.48 59.53
CA ASN B 488 6.72 3.46 59.46
C ASN B 488 6.59 2.46 60.60
N LYS B 489 6.31 2.95 61.81
CA LYS B 489 6.11 2.03 62.93
C LYS B 489 4.88 1.16 62.71
N ALA B 490 3.82 1.73 62.15
CA ALA B 490 2.64 0.92 61.84
C ALA B 490 2.98 -0.20 60.86
N ILE B 491 3.74 0.14 59.81
CA ILE B 491 4.14 -0.88 58.84
C ILE B 491 5.01 -1.94 59.49
N GLU B 492 5.95 -1.53 60.34
CA GLU B 492 6.82 -2.48 60.99
C GLU B 492 6.04 -3.42 61.92
N ALA B 493 5.05 -2.88 62.63
CA ALA B 493 4.21 -3.72 63.47
C ALA B 493 3.45 -4.74 62.63
N PHE B 494 2.89 -4.30 61.49
CA PHE B 494 2.21 -5.26 60.64
C PHE B 494 3.18 -6.31 60.12
N LYS B 495 4.39 -5.91 59.74
CA LYS B 495 5.37 -6.86 59.24
C LYS B 495 5.74 -7.90 60.29
N LYS B 496 5.89 -7.45 61.55
CA LYS B 496 6.15 -8.39 62.64
C LYS B 496 4.98 -9.35 62.80
N THR B 497 3.75 -8.85 62.67
CA THR B 497 2.59 -9.74 62.75
C THR B 497 2.55 -10.72 61.58
N PHE B 498 3.05 -10.31 60.42
CA PHE B 498 2.95 -11.12 59.21
C PHE B 498 3.91 -12.30 59.25
N VAL B 499 3.60 -13.31 58.45
CA VAL B 499 4.45 -14.50 58.29
C VAL B 499 4.63 -14.77 56.81
N VAL B 500 5.87 -15.01 56.40
CA VAL B 500 6.17 -15.34 55.01
C VAL B 500 5.94 -16.83 54.79
N SER B 501 5.37 -17.17 53.64
CA SER B 501 5.11 -18.57 53.31
C SER B 501 6.41 -19.37 53.23
N GLN C 24 -23.20 50.78 -33.27
CA GLN C 24 -22.77 49.66 -32.44
C GLN C 24 -23.19 48.33 -33.07
N VAL C 25 -22.33 47.33 -32.93
CA VAL C 25 -22.63 45.97 -33.37
C VAL C 25 -21.77 45.02 -32.55
N SER C 26 -22.41 43.97 -32.01
CA SER C 26 -21.73 43.01 -31.16
C SER C 26 -22.66 41.85 -30.89
N ASP C 27 -22.06 40.68 -30.63
CA ASP C 27 -22.81 39.49 -30.23
C ASP C 27 -22.86 39.42 -28.72
N VAL C 28 -24.02 39.04 -28.19
CA VAL C 28 -24.29 39.14 -26.76
C VAL C 28 -24.86 37.83 -26.26
N GLY C 29 -24.34 37.36 -25.12
CA GLY C 29 -24.93 36.24 -24.42
C GLY C 29 -25.15 36.60 -22.95
N THR C 30 -25.99 35.82 -22.30
CA THR C 30 -26.36 36.06 -20.91
C THR C 30 -25.85 34.92 -20.03
N VAL C 31 -25.42 35.28 -18.83
CA VAL C 31 -24.83 34.30 -17.90
C VAL C 31 -25.94 33.56 -17.18
N ILE C 32 -25.73 32.27 -16.94
CA ILE C 32 -26.65 31.45 -16.19
C ILE C 32 -26.08 31.07 -14.82
N GLN C 33 -24.87 30.53 -14.79
CA GLN C 33 -24.24 30.08 -13.55
C GLN C 33 -22.91 30.79 -13.37
N VAL C 34 -22.61 31.16 -12.13
CA VAL C 34 -21.33 31.74 -11.75
C VAL C 34 -20.85 31.06 -10.48
N GLY C 35 -19.56 30.74 -10.43
CA GLY C 35 -18.98 30.19 -9.22
C GLY C 35 -17.65 29.51 -9.42
N ASP C 36 -16.72 29.74 -8.50
CA ASP C 36 -15.40 29.12 -8.52
C ASP C 36 -14.65 29.39 -9.81
N GLY C 37 -14.89 30.55 -10.43
CA GLY C 37 -14.20 30.91 -11.64
C GLY C 37 -14.76 30.31 -12.91
N ILE C 38 -15.93 29.71 -12.86
CA ILE C 38 -16.56 29.09 -14.02
C ILE C 38 -17.89 29.79 -14.27
N ALA C 39 -18.13 30.17 -15.52
CA ALA C 39 -19.38 30.81 -15.92
C ALA C 39 -19.97 30.08 -17.11
N ARG C 40 -21.28 29.90 -17.09
CA ARG C 40 -22.01 29.27 -18.18
C ARG C 40 -22.94 30.31 -18.80
N ALA C 41 -22.85 30.50 -20.11
CA ALA C 41 -23.59 31.53 -20.81
C ALA C 41 -24.59 30.91 -21.77
N HIS C 42 -25.77 31.51 -21.84
CA HIS C 42 -26.80 31.10 -22.78
C HIS C 42 -26.85 32.10 -23.92
N GLY C 43 -26.68 31.60 -25.15
CA GLY C 43 -26.55 32.45 -26.32
C GLY C 43 -25.23 32.22 -27.03
N LEU C 44 -24.69 33.29 -27.60
CA LEU C 44 -23.40 33.25 -28.30
C LEU C 44 -23.41 32.18 -29.40
N ASP C 45 -24.27 32.39 -30.39
CA ASP C 45 -24.48 31.39 -31.42
C ASP C 45 -23.22 31.14 -32.24
N ASN C 46 -22.49 32.20 -32.57
CA ASN C 46 -21.37 32.12 -33.50
C ASN C 46 -20.01 32.10 -32.79
N VAL C 47 -19.98 31.84 -31.49
CA VAL C 47 -18.72 31.83 -30.76
C VAL C 47 -17.87 30.66 -31.23
N MET C 48 -16.56 30.88 -31.33
CA MET C 48 -15.62 29.85 -31.74
C MET C 48 -15.11 29.09 -30.52
N SER C 49 -14.71 27.85 -30.74
CA SER C 49 -14.08 27.07 -29.68
C SER C 49 -12.72 27.67 -29.34
N GLY C 50 -12.48 27.90 -28.05
CA GLY C 50 -11.26 28.54 -27.63
C GLY C 50 -11.20 30.03 -27.84
N GLU C 51 -12.34 30.69 -28.04
CA GLU C 51 -12.38 32.11 -28.33
C GLU C 51 -12.26 32.93 -27.05
N LEU C 52 -12.00 34.23 -27.23
CA LEU C 52 -11.99 35.17 -26.13
C LEU C 52 -13.34 35.88 -26.02
N VAL C 53 -13.83 36.01 -24.79
CA VAL C 53 -15.05 36.74 -24.51
C VAL C 53 -14.77 37.70 -23.36
N GLU C 54 -15.54 38.77 -23.28
CA GLU C 54 -15.41 39.75 -22.22
C GLU C 54 -16.76 40.00 -21.57
N PHE C 55 -16.75 40.12 -20.24
CA PHE C 55 -17.96 40.38 -19.49
C PHE C 55 -18.18 41.89 -19.40
N ALA C 56 -19.23 42.28 -18.67
CA ALA C 56 -19.56 43.69 -18.52
C ALA C 56 -18.53 44.44 -17.68
N ASN C 57 -17.76 43.74 -16.85
CA ASN C 57 -16.76 44.36 -16.00
C ASN C 57 -15.42 44.52 -16.69
N GLY C 58 -15.29 44.10 -17.94
CA GLY C 58 -14.01 44.09 -18.61
C GLY C 58 -13.17 42.87 -18.36
N VAL C 59 -13.64 41.94 -17.52
CA VAL C 59 -12.89 40.71 -17.27
C VAL C 59 -13.01 39.81 -18.49
N MET C 60 -11.86 39.32 -18.96
CA MET C 60 -11.83 38.47 -20.14
C MET C 60 -12.23 37.04 -19.77
N GLY C 61 -12.55 36.26 -20.79
CA GLY C 61 -12.93 34.88 -20.61
C GLY C 61 -12.59 34.05 -21.83
N MET C 62 -12.52 32.74 -21.63
CA MET C 62 -12.17 31.80 -22.68
C MET C 62 -13.26 30.75 -22.79
N ALA C 63 -13.83 30.61 -23.99
CA ALA C 63 -14.92 29.67 -24.21
C ALA C 63 -14.34 28.29 -24.51
N LEU C 64 -14.58 27.34 -23.61
CA LEU C 64 -14.05 25.99 -23.75
C LEU C 64 -15.08 25.01 -24.29
N ASN C 65 -16.22 24.88 -23.61
CA ASN C 65 -17.23 23.90 -23.96
C ASN C 65 -18.34 24.56 -24.75
N LEU C 66 -18.57 24.07 -25.96
CA LEU C 66 -19.68 24.52 -26.80
C LEU C 66 -20.70 23.40 -26.82
N GLU C 67 -21.70 23.50 -25.96
CA GLU C 67 -22.72 22.47 -25.84
C GLU C 67 -23.91 22.80 -26.74
N GLU C 68 -24.92 21.93 -26.68
CA GLU C 68 -26.08 22.08 -27.56
C GLU C 68 -26.86 23.35 -27.28
N ASN C 69 -26.87 23.81 -26.03
CA ASN C 69 -27.69 24.94 -25.63
C ASN C 69 -26.95 26.05 -24.89
N ASN C 70 -25.77 25.78 -24.34
CA ASN C 70 -25.04 26.77 -23.56
C ASN C 70 -23.55 26.60 -23.77
N VAL C 71 -22.80 27.63 -23.41
CA VAL C 71 -21.36 27.69 -23.62
C VAL C 71 -20.68 27.73 -22.27
N GLY C 72 -19.68 26.86 -22.09
CA GLY C 72 -18.90 26.85 -20.87
C GLY C 72 -17.73 27.80 -20.91
N ILE C 73 -17.86 28.93 -20.23
CA ILE C 73 -16.85 29.99 -20.26
C ILE C 73 -15.98 29.86 -19.02
N VAL C 74 -14.70 30.21 -19.18
CA VAL C 74 -13.71 30.15 -18.12
C VAL C 74 -13.22 31.57 -17.85
N ILE C 75 -13.24 31.98 -16.59
CA ILE C 75 -13.03 33.36 -16.21
C ILE C 75 -11.55 33.60 -15.92
N LEU C 76 -10.95 34.53 -16.64
CA LEU C 76 -9.54 34.88 -16.45
C LEU C 76 -9.41 36.14 -15.59
N GLY C 77 -9.69 36.00 -14.31
CA GLY C 77 -9.52 37.10 -13.38
C GLY C 77 -10.44 37.02 -12.18
N PRO C 78 -10.59 38.14 -11.48
CA PRO C 78 -11.48 38.18 -10.30
C PRO C 78 -12.93 38.11 -10.74
N TYR C 79 -13.63 37.07 -10.29
CA TYR C 79 -14.99 36.79 -10.72
C TYR C 79 -16.04 37.26 -9.73
N THR C 80 -15.65 37.91 -8.64
CA THR C 80 -16.63 38.34 -7.64
C THR C 80 -17.55 39.43 -8.16
N GLY C 81 -17.12 40.18 -9.17
CA GLY C 81 -17.94 41.23 -9.72
C GLY C 81 -18.95 40.79 -10.75
N ILE C 82 -18.99 39.51 -11.09
CA ILE C 82 -19.89 38.98 -12.11
C ILE C 82 -21.07 38.34 -11.40
N LYS C 83 -22.28 38.68 -11.87
CA LYS C 83 -23.51 38.15 -11.29
C LYS C 83 -24.37 37.57 -12.40
N GLU C 84 -25.24 36.64 -12.00
CA GLU C 84 -26.12 35.98 -12.96
C GLU C 84 -26.99 37.00 -13.66
N GLY C 85 -27.18 36.80 -14.97
CA GLY C 85 -27.93 37.73 -15.79
C GLY C 85 -27.09 38.79 -16.48
N ASP C 86 -25.79 38.83 -16.23
CA ASP C 86 -24.93 39.80 -16.88
C ASP C 86 -24.76 39.45 -18.36
N GLU C 87 -24.25 40.44 -19.11
CA GLU C 87 -24.07 40.30 -20.54
C GLU C 87 -22.63 39.91 -20.86
N VAL C 88 -22.48 38.92 -21.75
CA VAL C 88 -21.18 38.49 -22.25
C VAL C 88 -21.05 38.98 -23.67
N ARG C 89 -19.96 39.68 -23.96
CA ARG C 89 -19.72 40.28 -25.26
C ARG C 89 -18.64 39.48 -25.99
N ARG C 90 -18.87 39.25 -27.28
CA ARG C 90 -17.97 38.42 -28.08
C ARG C 90 -16.85 39.27 -28.67
N THR C 91 -15.61 38.92 -28.34
CA THR C 91 -14.47 39.65 -28.87
C THR C 91 -14.21 39.30 -30.33
N GLY C 92 -14.37 38.03 -30.69
CA GLY C 92 -14.30 37.62 -32.07
C GLY C 92 -12.99 37.02 -32.54
N ARG C 93 -12.05 36.74 -31.64
CA ARG C 93 -10.77 36.20 -32.05
C ARG C 93 -10.30 35.14 -31.07
N ILE C 94 -9.49 34.20 -31.59
CA ILE C 94 -8.93 33.16 -30.75
C ILE C 94 -7.98 33.76 -29.72
N MET C 95 -7.64 32.95 -28.72
CA MET C 95 -6.74 33.40 -27.66
C MET C 95 -5.44 33.91 -28.23
N GLU C 96 -5.02 35.09 -27.78
CA GLU C 96 -3.81 35.73 -28.28
C GLU C 96 -3.08 36.40 -27.13
N VAL C 97 -1.76 36.47 -27.26
CA VAL C 97 -0.93 37.17 -26.29
C VAL C 97 -0.02 38.14 -27.02
N PRO C 98 0.27 39.31 -26.45
CA PRO C 98 1.18 40.24 -27.11
C PRO C 98 2.59 39.68 -27.21
N VAL C 99 3.26 40.00 -28.31
CA VAL C 99 4.64 39.63 -28.53
C VAL C 99 5.39 40.83 -29.10
N GLY C 100 6.71 40.80 -28.97
CA GLY C 100 7.54 41.88 -29.49
C GLY C 100 8.72 42.19 -28.61
N GLU C 101 9.62 43.04 -29.10
CA GLU C 101 10.79 43.42 -28.31
C GLU C 101 10.43 44.25 -27.09
N ALA C 102 9.25 44.89 -27.10
CA ALA C 102 8.87 45.75 -25.98
C ALA C 102 8.70 44.99 -24.68
N LEU C 103 8.47 43.68 -24.74
CA LEU C 103 8.28 42.90 -23.52
C LEU C 103 9.57 42.70 -22.75
N ILE C 104 10.72 42.93 -23.38
CA ILE C 104 12.01 42.66 -22.73
C ILE C 104 12.19 43.62 -21.56
N GLY C 105 12.49 43.06 -20.40
CA GLY C 105 12.70 43.86 -19.20
C GLY C 105 11.45 44.18 -18.42
N ARG C 106 10.33 43.49 -18.69
CA ARG C 106 9.07 43.76 -18.02
C ARG C 106 8.55 42.52 -17.33
N VAL C 107 7.80 42.74 -16.26
CA VAL C 107 7.03 41.70 -15.59
C VAL C 107 5.58 41.84 -16.05
N VAL C 108 5.00 40.74 -16.54
CA VAL C 108 3.75 40.83 -17.27
C VAL C 108 2.81 39.71 -16.83
N ASN C 109 1.51 39.96 -16.97
CA ASN C 109 0.50 38.96 -16.72
C ASN C 109 0.52 37.93 -17.85
N PRO C 110 -0.02 36.73 -17.63
CA PRO C 110 -0.17 35.78 -18.74
C PRO C 110 -0.98 36.32 -19.91
N LEU C 111 -1.91 37.24 -19.67
CA LEU C 111 -2.68 37.84 -20.74
C LEU C 111 -1.91 38.93 -21.49
N GLY C 112 -0.77 39.36 -20.97
CA GLY C 112 -0.03 40.44 -21.59
C GLY C 112 -0.17 41.79 -20.91
N GLN C 113 -0.83 41.86 -19.77
CA GLN C 113 -1.02 43.11 -19.04
C GLN C 113 0.10 43.30 -18.02
N PRO C 114 0.82 44.43 -18.06
CA PRO C 114 1.93 44.61 -17.13
C PRO C 114 1.46 44.72 -15.69
N VAL C 115 2.29 44.23 -14.77
CA VAL C 115 2.00 44.29 -13.34
C VAL C 115 3.11 44.95 -12.56
N ASP C 116 4.21 45.35 -13.20
CA ASP C 116 5.30 46.00 -12.49
C ASP C 116 5.08 47.51 -12.33
N GLY C 117 3.99 48.05 -12.86
CA GLY C 117 3.69 49.45 -12.71
C GLY C 117 4.66 50.39 -13.38
N LEU C 118 5.18 50.02 -14.55
CA LEU C 118 6.10 50.88 -15.31
C LEU C 118 5.50 51.31 -16.64
N GLY C 119 4.20 51.60 -16.68
CA GLY C 119 3.55 52.02 -17.89
C GLY C 119 3.07 50.86 -18.74
N PRO C 120 2.45 51.16 -19.86
CA PRO C 120 1.95 50.11 -20.75
C PRO C 120 3.07 49.52 -21.60
N VAL C 121 2.72 48.53 -22.39
CA VAL C 121 3.65 47.88 -23.30
C VAL C 121 3.29 48.25 -24.73
N GLU C 122 4.31 48.37 -25.58
CA GLU C 122 4.16 48.84 -26.94
C GLU C 122 4.17 47.70 -27.96
N THR C 123 3.62 46.54 -27.58
CA THR C 123 3.54 45.43 -28.51
C THR C 123 2.60 45.76 -29.66
N THR C 124 2.96 45.30 -30.86
CA THR C 124 2.18 45.58 -32.05
C THR C 124 1.37 44.40 -32.55
N GLU C 125 1.92 43.19 -32.49
CA GLU C 125 1.26 42.01 -33.03
C GLU C 125 1.15 40.95 -31.94
N THR C 126 0.30 39.96 -32.20
CA THR C 126 0.01 38.90 -31.23
C THR C 126 0.11 37.54 -31.92
N ARG C 127 0.28 36.51 -31.10
CA ARG C 127 0.36 35.14 -31.57
C ARG C 127 -0.67 34.28 -30.86
N PRO C 128 -1.26 33.31 -31.55
CA PRO C 128 -2.20 32.40 -30.88
C PRO C 128 -1.51 31.62 -29.77
N ILE C 129 -2.26 31.37 -28.69
CA ILE C 129 -1.67 30.66 -27.56
C ILE C 129 -1.65 29.16 -27.79
N GLU C 130 -2.46 28.65 -28.73
CA GLU C 130 -2.38 27.27 -29.20
C GLU C 130 -1.83 27.29 -30.62
N SER C 131 -0.74 26.57 -30.84
CA SER C 131 -0.11 26.53 -32.15
C SER C 131 0.57 25.19 -32.31
N PRO C 132 0.53 24.60 -33.49
CA PRO C 132 1.18 23.29 -33.68
C PRO C 132 2.69 23.38 -33.51
N ALA C 133 3.26 22.30 -33.00
CA ALA C 133 4.70 22.19 -32.88
C ALA C 133 5.31 21.99 -34.27
N PRO C 134 6.60 22.32 -34.43
CA PRO C 134 7.24 22.09 -35.73
C PRO C 134 7.20 20.62 -36.13
N GLY C 135 7.06 20.39 -37.42
CA GLY C 135 6.97 19.03 -37.92
C GLY C 135 8.27 18.27 -37.77
N VAL C 136 8.18 16.96 -38.01
CA VAL C 136 9.34 16.09 -37.85
C VAL C 136 10.43 16.41 -38.85
N MET C 137 10.08 17.04 -39.97
CA MET C 137 11.06 17.36 -41.01
C MET C 137 11.58 18.79 -40.93
N ASP C 138 11.16 19.56 -39.93
CA ASP C 138 11.60 20.94 -39.79
C ASP C 138 12.71 21.10 -38.75
N ARG C 139 13.15 20.03 -38.12
CA ARG C 139 14.10 20.10 -37.03
C ARG C 139 15.50 19.70 -37.50
N ARG C 140 16.47 19.91 -36.61
CA ARG C 140 17.86 19.58 -36.86
C ARG C 140 18.46 19.05 -35.55
N SER C 141 19.41 18.14 -35.69
CA SER C 141 20.03 17.53 -34.52
C SER C 141 20.72 18.58 -33.65
N VAL C 142 20.53 18.46 -32.34
CA VAL C 142 21.12 19.41 -31.39
C VAL C 142 22.63 19.25 -31.43
N HIS C 143 23.34 20.34 -31.71
CA HIS C 143 24.78 20.26 -31.89
C HIS C 143 25.57 21.42 -31.29
N GLU C 144 24.93 22.36 -30.59
CA GLU C 144 25.67 23.46 -30.03
C GLU C 144 25.38 23.61 -28.55
N PRO C 145 26.35 24.08 -27.76
CA PRO C 145 26.21 24.03 -26.31
C PRO C 145 25.42 25.18 -25.73
N LEU C 146 24.79 24.91 -24.60
CA LEU C 146 24.15 25.92 -23.75
C LEU C 146 24.90 25.93 -22.44
N GLN C 147 25.75 26.94 -22.25
CA GLN C 147 26.63 26.99 -21.08
C GLN C 147 25.87 27.57 -19.90
N THR C 148 25.57 26.72 -18.92
CA THR C 148 24.83 27.14 -17.75
C THR C 148 25.69 27.89 -16.74
N GLY C 149 27.01 27.83 -16.87
CA GLY C 149 27.88 28.45 -15.90
C GLY C 149 28.05 27.69 -14.61
N ILE C 150 27.52 26.47 -14.53
CA ILE C 150 27.66 25.62 -13.37
C ILE C 150 28.55 24.44 -13.76
N LYS C 151 29.63 24.23 -13.00
CA LYS C 151 30.60 23.21 -13.36
C LYS C 151 29.98 21.82 -13.34
N ALA C 152 29.23 21.50 -12.29
CA ALA C 152 28.66 20.17 -12.16
C ALA C 152 27.68 19.87 -13.29
N ILE C 153 26.82 20.84 -13.63
CA ILE C 153 25.84 20.63 -14.68
C ILE C 153 26.54 20.53 -16.04
N ASP C 154 27.48 21.43 -16.32
CA ASP C 154 28.15 21.40 -17.61
C ASP C 154 29.02 20.17 -17.77
N ALA C 155 29.44 19.54 -16.67
CA ALA C 155 30.25 18.34 -16.76
C ALA C 155 29.40 17.08 -16.84
N LEU C 156 28.59 16.82 -15.81
CA LEU C 156 27.91 15.54 -15.71
C LEU C 156 26.76 15.44 -16.71
N VAL C 157 25.94 16.49 -16.80
CA VAL C 157 24.73 16.45 -17.62
C VAL C 157 24.69 17.66 -18.54
N PRO C 158 25.36 17.62 -19.69
CA PRO C 158 25.34 18.78 -20.59
C PRO C 158 23.96 19.06 -21.15
N ILE C 159 23.71 20.32 -21.45
CA ILE C 159 22.45 20.77 -22.05
C ILE C 159 22.78 21.50 -23.34
N GLY C 160 22.09 21.13 -24.42
CA GLY C 160 22.32 21.71 -25.73
C GLY C 160 21.16 22.60 -26.15
N ARG C 161 21.46 23.58 -27.01
CA ARG C 161 20.44 24.50 -27.47
C ARG C 161 19.39 23.76 -28.27
N GLY C 162 18.13 23.84 -27.83
CA GLY C 162 17.01 23.14 -28.42
C GLY C 162 16.54 21.97 -27.59
N GLN C 163 17.43 21.36 -26.81
CA GLN C 163 17.04 20.31 -25.89
C GLN C 163 16.23 20.89 -24.74
N ARG C 164 15.21 20.14 -24.30
CA ARG C 164 14.48 20.47 -23.09
C ARG C 164 14.83 19.44 -22.02
N GLU C 165 15.27 19.93 -20.87
CA GLU C 165 15.79 19.11 -19.79
C GLU C 165 14.98 19.38 -18.53
N LEU C 166 14.69 18.31 -17.79
CA LEU C 166 13.86 18.42 -16.59
C LEU C 166 14.72 18.61 -15.36
N ILE C 167 14.36 19.56 -14.53
CA ILE C 167 15.02 19.78 -13.23
C ILE C 167 14.01 19.39 -12.16
N ILE C 168 14.38 18.40 -11.35
CA ILE C 168 13.45 17.79 -10.40
C ILE C 168 14.12 17.73 -9.03
N GLY C 169 13.32 17.94 -7.99
CA GLY C 169 13.84 17.91 -6.64
C GLY C 169 12.72 17.94 -5.63
N ASP C 170 13.10 18.18 -4.38
CA ASP C 170 12.13 18.24 -3.28
C ASP C 170 11.67 19.68 -3.07
N ARG C 171 10.95 19.92 -1.98
CA ARG C 171 10.37 21.23 -1.72
C ARG C 171 11.45 22.28 -1.51
N GLN C 172 12.45 21.97 -0.69
CA GLN C 172 13.47 22.94 -0.29
C GLN C 172 14.82 22.43 -0.79
N THR C 173 15.17 22.79 -2.02
CA THR C 173 16.48 22.43 -2.56
C THR C 173 17.07 23.57 -3.39
N GLY C 174 16.42 24.73 -3.44
CA GLY C 174 16.94 25.85 -4.20
C GLY C 174 16.99 25.62 -5.69
N LYS C 175 15.93 25.06 -6.27
CA LYS C 175 15.91 24.82 -7.71
C LYS C 175 15.93 26.13 -8.48
N THR C 176 15.21 27.14 -7.98
CA THR C 176 15.15 28.42 -8.68
C THR C 176 16.53 29.08 -8.76
N SER C 177 17.43 28.74 -7.82
CA SER C 177 18.77 29.31 -7.86
C SER C 177 19.51 28.89 -9.10
N VAL C 178 19.35 27.63 -9.52
CA VAL C 178 20.01 27.14 -10.72
C VAL C 178 19.53 27.91 -11.94
N ALA C 179 18.22 28.10 -12.06
CA ALA C 179 17.69 28.85 -13.19
C ALA C 179 18.17 30.29 -13.18
N ILE C 180 18.21 30.91 -12.01
CA ILE C 180 18.69 32.29 -11.92
C ILE C 180 20.16 32.38 -12.33
N ASP C 181 20.97 31.42 -11.89
CA ASP C 181 22.38 31.41 -12.27
C ASP C 181 22.53 31.24 -13.77
N THR C 182 21.73 30.35 -14.37
CA THR C 182 21.79 30.16 -15.82
C THR C 182 21.43 31.45 -16.55
N ILE C 183 20.35 32.10 -16.13
CA ILE C 183 19.90 33.31 -16.80
C ILE C 183 20.96 34.40 -16.68
N ILE C 184 21.59 34.51 -15.51
CA ILE C 184 22.68 35.47 -15.35
C ILE C 184 23.84 35.13 -16.29
N ASN C 185 24.19 33.85 -16.37
CA ASN C 185 25.31 33.43 -17.20
C ASN C 185 25.03 33.64 -18.69
N GLN C 186 23.77 33.73 -19.09
CA GLN C 186 23.50 33.94 -20.51
C GLN C 186 23.83 35.36 -20.99
N LYS C 187 24.53 36.18 -20.22
CA LYS C 187 24.76 37.58 -20.61
C LYS C 187 25.58 37.68 -21.89
N ASP C 188 26.64 36.88 -22.00
CA ASP C 188 27.54 37.01 -23.16
C ASP C 188 26.86 36.57 -24.44
N GLN C 189 26.19 35.43 -24.43
CA GLN C 189 25.59 34.89 -25.63
C GLN C 189 24.37 35.73 -26.03
N ASN C 190 23.75 35.32 -27.15
CA ASN C 190 22.57 36.01 -27.66
C ASN C 190 21.28 35.46 -27.08
N MET C 191 21.35 34.50 -26.17
CA MET C 191 20.16 33.85 -25.64
C MET C 191 19.24 34.86 -24.97
N ILE C 192 17.94 34.72 -25.22
CA ILE C 192 16.92 35.54 -24.58
C ILE C 192 16.18 34.67 -23.57
N SER C 193 16.22 35.06 -22.31
CA SER C 193 15.68 34.25 -21.22
C SER C 193 14.26 34.66 -20.90
N ILE C 194 13.40 33.67 -20.65
CA ILE C 194 12.04 33.90 -20.22
C ILE C 194 11.80 33.07 -18.96
N TYR C 195 11.37 33.74 -17.90
CA TYR C 195 11.14 33.10 -16.61
C TYR C 195 9.65 33.10 -16.31
N VAL C 196 9.05 31.92 -16.29
CA VAL C 196 7.61 31.75 -16.09
C VAL C 196 7.40 31.23 -14.68
N ALA C 197 6.81 32.05 -13.81
CA ALA C 197 6.51 31.65 -12.44
C ALA C 197 5.07 31.17 -12.37
N ILE C 198 4.86 29.91 -12.00
CA ILE C 198 3.54 29.30 -11.95
C ILE C 198 3.24 28.95 -10.51
N GLY C 199 2.21 29.58 -9.94
CA GLY C 199 1.80 29.29 -8.59
C GLY C 199 2.82 29.66 -7.53
N GLN C 200 3.78 30.51 -7.88
CA GLN C 200 4.83 30.89 -6.94
C GLN C 200 4.32 31.95 -5.96
N LYS C 201 5.12 32.20 -4.94
CA LYS C 201 4.79 33.23 -3.97
C LYS C 201 5.22 34.60 -4.49
N GLU C 202 4.35 35.60 -4.30
CA GLU C 202 4.59 36.91 -4.90
C GLU C 202 5.86 37.54 -4.34
N SER C 203 6.10 37.39 -3.04
CA SER C 203 7.33 37.95 -2.47
C SER C 203 8.56 37.29 -3.07
N THR C 204 8.51 35.97 -3.28
CA THR C 204 9.63 35.27 -3.91
C THR C 204 9.85 35.77 -5.33
N VAL C 205 8.78 35.96 -6.09
CA VAL C 205 8.93 36.45 -7.46
C VAL C 205 9.52 37.85 -7.46
N ARG C 206 9.06 38.70 -6.53
CA ARG C 206 9.61 40.05 -6.44
C ARG C 206 11.09 40.03 -6.11
N THR C 207 11.49 39.19 -5.17
CA THR C 207 12.90 39.08 -4.82
C THR C 207 13.74 38.59 -5.99
N VAL C 208 13.22 37.60 -6.73
CA VAL C 208 13.95 37.10 -7.89
C VAL C 208 14.11 38.19 -8.95
N VAL C 209 13.05 38.95 -9.20
CA VAL C 209 13.13 40.04 -10.17
C VAL C 209 14.14 41.08 -9.71
N GLU C 210 14.17 41.38 -8.42
CA GLU C 210 15.13 42.36 -7.91
C GLU C 210 16.56 41.86 -8.07
N THR C 211 16.81 40.58 -7.81
CA THR C 211 18.14 40.03 -8.01
C THR C 211 18.54 40.09 -9.48
N LEU C 212 17.61 39.78 -10.38
CA LEU C 212 17.90 39.86 -11.81
C LEU C 212 18.24 41.30 -12.20
N ARG C 213 17.49 42.27 -11.69
CA ARG C 213 17.81 43.66 -11.98
C ARG C 213 19.19 44.04 -11.43
N LYS C 214 19.50 43.57 -10.23
CA LYS C 214 20.80 43.86 -9.62
C LYS C 214 21.93 43.33 -10.48
N HIS C 215 21.81 42.10 -10.95
CA HIS C 215 22.87 41.51 -11.77
C HIS C 215 22.81 41.96 -13.23
N GLY C 216 21.76 42.66 -13.64
CA GLY C 216 21.71 43.23 -14.97
C GLY C 216 21.08 42.35 -16.02
N ALA C 217 20.38 41.29 -15.63
CA ALA C 217 19.78 40.37 -16.59
C ALA C 217 18.51 40.92 -17.23
N LEU C 218 17.95 42.02 -16.70
CA LEU C 218 16.71 42.55 -17.26
C LEU C 218 16.90 43.16 -18.64
N ASP C 219 18.13 43.35 -19.10
CA ASP C 219 18.34 43.85 -20.45
C ASP C 219 17.91 42.85 -21.51
N TYR C 220 17.79 41.57 -21.16
CA TYR C 220 17.50 40.55 -22.17
C TYR C 220 16.52 39.48 -21.68
N THR C 221 15.69 39.77 -20.70
CA THR C 221 14.82 38.75 -20.13
C THR C 221 13.40 39.27 -19.96
N ILE C 222 12.46 38.34 -19.89
CA ILE C 222 11.04 38.62 -19.69
C ILE C 222 10.54 37.74 -18.56
N VAL C 223 9.72 38.31 -17.68
CA VAL C 223 9.16 37.60 -16.54
C VAL C 223 7.66 37.52 -16.71
N VAL C 224 7.13 36.30 -16.65
CA VAL C 224 5.69 36.05 -16.68
C VAL C 224 5.32 35.38 -15.37
N THR C 225 4.35 35.96 -14.67
CA THR C 225 4.03 35.54 -13.32
C THR C 225 2.54 35.27 -13.16
N ALA C 226 2.21 34.26 -12.37
CA ALA C 226 0.84 33.96 -11.98
C ALA C 226 0.91 33.28 -10.62
N SER C 227 0.71 34.05 -9.56
CA SER C 227 0.93 33.56 -8.21
C SER C 227 -0.20 32.64 -7.77
N ALA C 228 -0.15 32.22 -6.50
CA ALA C 228 -1.13 31.29 -5.97
C ALA C 228 -2.49 31.95 -5.78
N SER C 229 -2.52 33.24 -5.45
CA SER C 229 -3.79 33.92 -5.23
C SER C 229 -4.63 34.02 -6.49
N GLN C 230 -4.00 33.99 -7.66
CA GLN C 230 -4.73 34.10 -8.91
C GLN C 230 -5.58 32.85 -9.14
N PRO C 231 -6.67 32.98 -9.90
CA PRO C 231 -7.51 31.81 -10.17
C PRO C 231 -6.79 30.77 -11.00
N ALA C 232 -7.29 29.54 -10.90
CA ALA C 232 -6.69 28.41 -11.59
C ALA C 232 -6.50 28.58 -13.10
N PRO C 233 -7.41 29.22 -13.85
CA PRO C 233 -7.16 29.36 -15.29
C PRO C 233 -5.89 30.10 -15.64
N LEU C 234 -5.51 31.11 -14.85
CA LEU C 234 -4.26 31.82 -15.13
C LEU C 234 -3.05 30.92 -14.94
N LEU C 235 -3.04 30.11 -13.88
CA LEU C 235 -1.97 29.14 -13.70
C LEU C 235 -1.97 28.13 -14.83
N PHE C 236 -3.15 27.77 -15.33
CA PHE C 236 -3.25 26.81 -16.42
C PHE C 236 -2.70 27.38 -17.72
N LEU C 237 -2.88 28.69 -17.93
CA LEU C 237 -2.50 29.31 -19.19
C LEU C 237 -1.09 29.89 -19.20
N ALA C 238 -0.48 30.11 -18.05
CA ALA C 238 0.82 30.79 -18.01
C ALA C 238 1.89 30.12 -18.86
N PRO C 239 2.14 28.81 -18.76
CA PRO C 239 3.21 28.21 -19.59
C PRO C 239 2.99 28.39 -21.08
N TYR C 240 1.74 28.28 -21.53
CA TYR C 240 1.45 28.46 -22.95
C TYR C 240 1.73 29.89 -23.39
N ALA C 241 1.37 30.87 -22.56
CA ALA C 241 1.69 32.26 -22.88
C ALA C 241 3.20 32.46 -22.96
N GLY C 242 3.94 31.88 -22.03
CA GLY C 242 5.39 32.04 -22.05
C GLY C 242 6.02 31.44 -23.31
N VAL C 243 5.61 30.22 -23.66
CA VAL C 243 6.20 29.58 -24.83
C VAL C 243 5.76 30.28 -26.11
N ALA C 244 4.54 30.84 -26.13
CA ALA C 244 4.10 31.61 -27.29
C ALA C 244 4.94 32.88 -27.44
N MET C 245 5.25 33.55 -26.33
CA MET C 245 6.13 34.71 -26.41
C MET C 245 7.52 34.30 -26.91
N GLY C 246 8.02 33.16 -26.44
CA GLY C 246 9.34 32.72 -26.86
C GLY C 246 9.42 32.35 -28.33
N GLU C 247 8.40 31.69 -28.85
CA GLU C 247 8.49 31.19 -30.22
C GLU C 247 8.50 32.33 -31.24
N TYR C 248 8.01 33.51 -30.88
CA TYR C 248 8.11 34.66 -31.79
C TYR C 248 9.56 35.00 -32.07
N PHE C 249 10.39 35.04 -31.02
CA PHE C 249 11.81 35.23 -31.22
C PHE C 249 12.44 34.00 -31.86
N MET C 250 11.93 32.81 -31.55
CA MET C 250 12.50 31.59 -32.11
C MET C 250 12.41 31.58 -33.63
N TYR C 251 11.26 31.95 -34.17
CA TYR C 251 11.06 31.89 -35.62
C TYR C 251 11.76 33.03 -36.36
N LYS C 252 12.29 34.03 -35.66
CA LYS C 252 13.05 35.08 -36.31
C LYS C 252 14.53 34.72 -36.46
N GLY C 253 14.96 33.57 -35.96
CA GLY C 253 16.34 33.17 -36.00
C GLY C 253 17.12 33.37 -34.71
N LYS C 254 16.46 33.80 -33.65
CA LYS C 254 17.12 34.03 -32.37
C LYS C 254 17.29 32.70 -31.63
N HIS C 255 17.72 32.78 -30.37
CA HIS C 255 17.78 31.62 -29.49
C HIS C 255 17.13 32.01 -28.17
N VAL C 256 16.19 31.18 -27.70
CA VAL C 256 15.36 31.50 -26.56
C VAL C 256 15.49 30.41 -25.51
N LEU C 257 15.52 30.82 -24.24
CA LEU C 257 15.54 29.90 -23.11
C LEU C 257 14.31 30.18 -22.25
N VAL C 258 13.53 29.14 -21.96
CA VAL C 258 12.28 29.27 -21.22
C VAL C 258 12.36 28.36 -20.00
N VAL C 259 11.99 28.90 -18.84
CA VAL C 259 12.03 28.17 -17.58
C VAL C 259 10.63 28.17 -16.99
N TYR C 260 10.03 27.00 -16.88
CA TYR C 260 8.73 26.85 -16.22
C TYR C 260 8.98 26.52 -14.75
N ASP C 261 8.61 27.44 -13.86
CA ASP C 261 9.04 27.33 -12.48
C ASP C 261 8.39 26.15 -11.77
N ASP C 262 7.22 25.70 -12.21
CA ASP C 262 6.61 24.51 -11.63
C ASP C 262 5.51 24.02 -12.56
N LEU C 263 5.68 22.80 -13.10
CA LEU C 263 4.62 22.19 -13.89
C LEU C 263 3.61 21.44 -13.03
N SER C 264 3.99 21.02 -11.82
CA SER C 264 3.06 20.35 -10.93
C SER C 264 1.92 21.30 -10.52
N LYS C 265 2.26 22.56 -10.26
CA LYS C 265 1.22 23.54 -9.93
C LYS C 265 0.25 23.72 -11.10
N GLN C 266 0.79 23.78 -12.32
CA GLN C 266 -0.07 23.91 -13.49
C GLN C 266 -0.98 22.69 -13.64
N ALA C 267 -0.44 21.50 -13.41
CA ALA C 267 -1.25 20.29 -13.48
C ALA C 267 -2.37 20.30 -12.45
N ALA C 268 -2.05 20.74 -11.22
CA ALA C 268 -3.07 20.82 -10.19
C ALA C 268 -4.15 21.84 -10.55
N ALA C 269 -3.74 22.98 -11.12
CA ALA C 269 -4.72 23.97 -11.55
C ALA C 269 -5.61 23.42 -12.65
N TYR C 270 -5.03 22.68 -13.59
CA TYR C 270 -5.83 22.08 -14.65
C TYR C 270 -6.81 21.05 -14.09
N ARG C 271 -6.36 20.25 -13.11
CA ARG C 271 -7.26 19.30 -12.46
C ARG C 271 -8.42 20.02 -11.81
N GLU C 272 -8.13 21.11 -11.10
CA GLU C 272 -9.20 21.88 -10.46
C GLU C 272 -10.18 22.43 -11.49
N LEU C 273 -9.66 22.97 -12.59
CA LEU C 273 -10.52 23.53 -13.63
C LEU C 273 -11.40 22.44 -14.25
N SER C 274 -10.83 21.28 -14.56
CA SER C 274 -11.61 20.20 -15.14
C SER C 274 -12.68 19.71 -14.17
N LEU C 275 -12.33 19.56 -12.90
CA LEU C 275 -13.31 19.11 -11.91
C LEU C 275 -14.44 20.11 -11.76
N LEU C 276 -14.12 21.41 -11.78
CA LEU C 276 -15.18 22.41 -11.73
C LEU C 276 -16.03 22.40 -12.98
N LEU C 277 -15.45 22.05 -14.13
CA LEU C 277 -16.22 21.92 -15.35
C LEU C 277 -17.05 20.64 -15.40
N ARG C 278 -16.91 19.78 -14.39
CA ARG C 278 -17.66 18.52 -14.29
C ARG C 278 -17.26 17.53 -15.38
N ARG C 279 -15.97 17.44 -15.66
CA ARG C 279 -15.48 16.38 -16.52
C ARG C 279 -15.20 15.13 -15.70
N PRO C 280 -15.32 13.95 -16.30
CA PRO C 280 -15.08 12.70 -15.56
C PRO C 280 -13.61 12.58 -15.19
N PRO C 281 -13.31 12.28 -13.94
CA PRO C 281 -11.91 12.17 -13.50
C PRO C 281 -11.32 10.81 -13.81
N GLY C 282 -10.00 10.77 -13.80
CA GLY C 282 -9.28 9.53 -14.02
C GLY C 282 -8.45 9.12 -12.82
N ARG C 283 -7.19 8.78 -13.04
CA ARG C 283 -6.31 8.41 -11.93
C ARG C 283 -6.08 9.61 -11.02
N GLU C 284 -6.30 9.40 -9.72
CA GLU C 284 -6.10 10.45 -8.71
C GLU C 284 -6.85 11.73 -9.08
N ALA C 285 -8.08 11.56 -9.58
CA ALA C 285 -8.98 12.65 -9.94
C ALA C 285 -8.41 13.52 -11.05
N TYR C 286 -7.27 13.15 -11.62
CA TYR C 286 -6.72 13.89 -12.74
C TYR C 286 -7.53 13.61 -14.00
N PRO C 287 -7.66 14.58 -14.89
CA PRO C 287 -8.32 14.34 -16.18
C PRO C 287 -7.47 13.43 -17.06
N GLY C 288 -8.13 12.85 -18.06
CA GLY C 288 -7.45 11.89 -18.92
C GLY C 288 -6.33 12.51 -19.73
N ASP C 289 -6.50 13.76 -20.16
CA ASP C 289 -5.54 14.42 -21.03
C ASP C 289 -4.44 15.14 -20.28
N ILE C 290 -4.13 14.71 -19.06
CA ILE C 290 -3.06 15.35 -18.29
C ILE C 290 -1.71 15.16 -18.98
N PHE C 291 -1.51 14.00 -19.61
CA PHE C 291 -0.28 13.78 -20.36
C PHE C 291 -0.22 14.67 -21.59
N TYR C 292 -1.34 14.80 -22.31
CA TYR C 292 -1.40 15.65 -23.48
C TYR C 292 -1.14 17.10 -23.13
N LEU C 293 -1.59 17.53 -21.95
CA LEU C 293 -1.40 18.91 -21.52
C LEU C 293 0.08 19.28 -21.50
N HIS C 294 0.92 18.38 -20.98
CA HIS C 294 2.35 18.68 -20.95
C HIS C 294 3.04 18.35 -22.26
N SER C 295 2.55 17.36 -23.01
CA SER C 295 3.16 17.05 -24.30
C SER C 295 3.04 18.22 -25.26
N ARG C 296 1.86 18.85 -25.31
CA ARG C 296 1.67 20.03 -26.15
C ARG C 296 2.69 21.10 -25.83
N LEU C 297 2.85 21.40 -24.54
CA LEU C 297 3.72 22.50 -24.14
C LEU C 297 5.19 22.18 -24.41
N LEU C 298 5.64 21.00 -24.01
CA LEU C 298 7.05 20.67 -24.11
C LEU C 298 7.48 20.35 -25.54
N GLU C 299 6.58 19.86 -26.40
CA GLU C 299 6.97 19.51 -27.75
C GLU C 299 7.28 20.73 -28.62
N ARG C 300 6.94 21.93 -28.16
CA ARG C 300 7.25 23.13 -28.94
C ARG C 300 8.71 23.52 -28.87
N ALA C 301 9.47 22.98 -27.92
CA ALA C 301 10.90 23.27 -27.81
C ALA C 301 11.66 22.45 -28.84
N ALA C 302 12.34 23.14 -29.75
CA ALA C 302 12.98 22.45 -30.86
C ALA C 302 14.14 23.28 -31.37
N LYS C 303 14.99 22.63 -32.16
CA LYS C 303 16.08 23.26 -32.89
C LYS C 303 15.69 23.30 -34.36
N LEU C 304 15.33 24.48 -34.85
CA LEU C 304 14.85 24.60 -36.22
C LEU C 304 15.96 24.30 -37.22
N SER C 305 15.56 23.83 -38.39
CA SER C 305 16.51 23.48 -39.43
C SER C 305 17.11 24.73 -40.05
N ASP C 306 17.97 24.54 -41.05
CA ASP C 306 18.61 25.66 -41.71
C ASP C 306 17.64 26.39 -42.64
N ALA C 307 16.64 25.69 -43.17
CA ALA C 307 15.68 26.33 -44.05
C ALA C 307 14.69 27.20 -43.30
N LYS C 308 14.37 26.84 -42.06
CA LYS C 308 13.44 27.62 -41.25
C LYS C 308 14.08 28.86 -40.64
N GLY C 309 15.40 28.95 -40.65
CA GLY C 309 16.11 30.09 -40.09
C GLY C 309 17.14 29.75 -39.05
N GLY C 310 17.20 28.49 -38.59
CA GLY C 310 18.21 28.11 -37.62
C GLY C 310 17.93 28.53 -36.19
N GLY C 311 16.73 28.97 -35.88
CA GLY C 311 16.40 29.35 -34.52
C GLY C 311 16.30 28.14 -33.60
N SER C 312 16.15 28.43 -32.31
CA SER C 312 16.09 27.38 -31.31
C SER C 312 15.31 27.88 -30.10
N LEU C 313 14.85 26.94 -29.28
CA LEU C 313 14.14 27.27 -28.04
C LEU C 313 14.30 26.10 -27.09
N THR C 314 15.11 26.28 -26.06
CA THR C 314 15.35 25.26 -25.04
C THR C 314 14.49 25.53 -23.82
N ALA C 315 14.08 24.47 -23.14
CA ALA C 315 13.17 24.57 -22.01
C ALA C 315 13.77 23.85 -20.81
N LEU C 316 13.48 24.38 -19.63
CA LEU C 316 13.92 23.79 -18.35
C LEU C 316 12.73 23.69 -17.41
N PRO C 317 11.79 22.79 -17.68
CA PRO C 317 10.65 22.64 -16.78
C PRO C 317 11.08 22.15 -15.40
N PHE C 318 10.32 22.57 -14.38
CA PHE C 318 10.58 22.17 -13.01
C PHE C 318 9.46 21.26 -12.54
N VAL C 319 9.84 20.25 -11.74
CA VAL C 319 8.87 19.36 -11.10
C VAL C 319 9.28 19.20 -9.65
N GLU C 320 8.33 19.34 -8.73
CA GLU C 320 8.59 19.23 -7.31
C GLU C 320 8.02 17.91 -6.81
N THR C 321 8.88 17.07 -6.25
CA THR C 321 8.47 15.79 -5.70
C THR C 321 8.05 15.94 -4.24
N GLN C 322 7.48 14.87 -3.70
CA GLN C 322 7.10 14.81 -2.30
C GLN C 322 7.95 13.75 -1.62
N ALA C 323 8.88 14.20 -0.77
CA ALA C 323 9.84 13.31 -0.10
C ALA C 323 10.62 12.47 -1.10
N GLY C 324 11.00 13.10 -2.23
CA GLY C 324 11.77 12.41 -3.24
C GLY C 324 11.08 11.23 -3.89
N ASP C 325 9.77 11.30 -4.08
CA ASP C 325 9.02 10.21 -4.71
C ASP C 325 9.02 10.43 -6.22
N ILE C 326 10.06 9.93 -6.88
CA ILE C 326 10.20 10.11 -8.32
C ILE C 326 9.21 9.28 -9.11
N SER C 327 8.56 8.30 -8.47
CA SER C 327 7.67 7.38 -9.16
C SER C 327 6.23 7.88 -9.20
N ALA C 328 5.97 9.11 -8.77
CA ALA C 328 4.62 9.63 -8.75
C ALA C 328 4.13 9.90 -10.18
N TYR C 329 2.81 10.14 -10.28
CA TYR C 329 2.16 10.22 -11.58
C TYR C 329 2.73 11.34 -12.44
N ILE C 330 2.68 12.58 -11.94
CA ILE C 330 3.19 13.71 -12.70
C ILE C 330 4.68 13.61 -12.96
N PRO C 331 5.53 13.26 -11.98
CA PRO C 331 6.96 13.08 -12.33
C PRO C 331 7.20 12.05 -13.40
N THR C 332 6.49 10.92 -13.37
CA THR C 332 6.67 9.92 -14.42
C THR C 332 6.22 10.47 -15.77
N ASN C 333 5.08 11.16 -15.80
CA ASN C 333 4.59 11.70 -17.06
C ASN C 333 5.56 12.71 -17.64
N VAL C 334 6.13 13.58 -16.81
CA VAL C 334 7.06 14.58 -17.31
C VAL C 334 8.37 13.94 -17.75
N ILE C 335 8.86 12.95 -16.99
CA ILE C 335 10.11 12.28 -17.34
C ILE C 335 9.96 11.57 -18.68
N SER C 336 8.80 10.97 -18.92
CA SER C 336 8.58 10.26 -20.18
C SER C 336 8.52 11.19 -21.39
N ILE C 337 8.45 12.50 -21.17
CA ILE C 337 8.36 13.46 -22.26
C ILE C 337 9.70 14.13 -22.54
N THR C 338 10.36 14.62 -21.50
CA THR C 338 11.60 15.37 -21.67
C THR C 338 12.74 14.43 -22.09
N ASP C 339 13.83 15.04 -22.54
CA ASP C 339 14.99 14.25 -22.98
C ASP C 339 15.67 13.57 -21.79
N GLY C 340 16.15 14.35 -20.84
CA GLY C 340 16.77 13.81 -19.66
C GLY C 340 16.17 14.38 -18.40
N GLN C 341 16.89 14.28 -17.28
CA GLN C 341 16.45 14.89 -16.04
C GLN C 341 17.64 15.14 -15.14
N ILE C 342 17.52 16.16 -14.30
CA ILE C 342 18.53 16.49 -13.29
C ILE C 342 17.86 16.38 -11.94
N PHE C 343 18.38 15.52 -11.08
CA PHE C 343 17.79 15.26 -9.78
C PHE C 343 18.59 15.98 -8.70
N LEU C 344 17.89 16.63 -7.79
CA LEU C 344 18.51 17.31 -6.66
C LEU C 344 18.11 16.61 -5.36
N GLN C 345 19.07 16.47 -4.46
CA GLN C 345 18.90 15.69 -3.24
C GLN C 345 18.81 16.61 -2.03
N SER C 346 17.77 16.42 -1.22
CA SER C 346 17.60 17.23 -0.02
C SER C 346 18.72 16.99 0.99
N ASP C 347 19.11 15.72 1.16
CA ASP C 347 20.17 15.40 2.11
C ASP C 347 21.48 16.07 1.73
N LEU C 348 21.83 16.04 0.43
CA LEU C 348 23.03 16.70 -0.03
C LEU C 348 22.91 18.21 0.05
N PHE C 349 21.69 18.75 -0.15
CA PHE C 349 21.49 20.18 -0.01
C PHE C 349 21.72 20.64 1.43
N PHE C 350 21.27 19.83 2.40
CA PHE C 350 21.42 20.23 3.80
C PHE C 350 22.87 20.33 4.22
N SER C 351 23.74 19.48 3.69
CA SER C 351 25.15 19.49 4.03
C SER C 351 25.93 20.62 3.37
N GLY C 352 25.25 21.61 2.80
CA GLY C 352 25.91 22.74 2.18
C GLY C 352 26.39 22.53 0.77
N VAL C 353 26.15 21.35 0.18
CA VAL C 353 26.58 21.07 -1.19
C VAL C 353 25.54 21.71 -2.11
N ARG C 354 25.85 22.93 -2.59
CA ARG C 354 24.97 23.65 -3.49
C ARG C 354 25.68 23.87 -4.82
N PRO C 355 25.16 23.35 -5.94
CA PRO C 355 23.92 22.58 -6.02
C PRO C 355 24.06 21.13 -5.56
N ALA C 356 22.96 20.52 -5.15
CA ALA C 356 22.96 19.14 -4.67
C ALA C 356 22.65 18.17 -5.80
N ILE C 357 23.51 18.20 -6.83
CA ILE C 357 23.31 17.36 -8.00
C ILE C 357 23.54 15.91 -7.63
N ASN C 358 22.65 15.04 -8.07
CA ASN C 358 22.79 13.59 -7.91
C ASN C 358 23.27 13.05 -9.25
N ALA C 359 24.58 12.79 -9.35
CA ALA C 359 25.18 12.39 -10.62
C ALA C 359 24.67 11.05 -11.12
N GLY C 360 24.42 10.09 -10.23
CA GLY C 360 23.99 8.77 -10.68
C GLY C 360 22.62 8.80 -11.34
N LEU C 361 21.68 9.51 -10.72
CA LEU C 361 20.32 9.54 -11.25
C LEU C 361 20.19 10.48 -12.46
N SER C 362 20.95 11.56 -12.49
CA SER C 362 20.84 12.54 -13.57
C SER C 362 21.43 11.98 -14.86
N VAL C 363 20.69 12.13 -15.95
CA VAL C 363 21.13 11.68 -17.26
C VAL C 363 20.87 12.78 -18.28
N SER C 364 21.60 12.72 -19.39
CA SER C 364 21.43 13.65 -20.49
C SER C 364 21.39 12.85 -21.78
N ARG C 365 20.26 12.90 -22.49
CA ARG C 365 20.07 12.12 -23.69
C ARG C 365 20.74 12.73 -24.91
N VAL C 366 21.23 13.96 -24.83
CA VAL C 366 21.90 14.62 -25.95
C VAL C 366 23.34 14.87 -25.53
N GLY C 367 23.87 13.99 -24.68
CA GLY C 367 25.23 14.14 -24.22
C GLY C 367 26.24 13.98 -25.35
N GLY C 368 27.39 14.63 -25.18
CA GLY C 368 28.42 14.60 -26.19
C GLY C 368 28.30 15.71 -27.21
N ALA C 369 27.23 15.67 -28.00
CA ALA C 369 27.04 16.69 -29.04
C ALA C 369 26.82 18.08 -28.46
N ALA C 370 26.47 18.18 -27.18
CA ALA C 370 26.19 19.45 -26.54
C ALA C 370 27.40 20.04 -25.84
N GLN C 371 28.59 19.46 -26.00
CA GLN C 371 29.78 19.91 -25.32
C GLN C 371 30.86 20.28 -26.33
N ILE C 372 31.71 21.22 -25.94
CA ILE C 372 32.87 21.60 -26.74
C ILE C 372 33.87 20.45 -26.68
N LYS C 373 34.87 20.48 -27.56
CA LYS C 373 35.81 19.36 -27.67
C LYS C 373 36.60 19.16 -26.39
N ALA C 374 37.10 20.25 -25.80
CA ALA C 374 37.90 20.13 -24.59
C ALA C 374 37.08 19.54 -23.45
N MET C 375 35.88 20.07 -23.23
CA MET C 375 35.04 19.56 -22.16
C MET C 375 34.66 18.10 -22.40
N LYS C 376 34.37 17.76 -23.65
CA LYS C 376 34.03 16.38 -23.98
C LYS C 376 35.18 15.43 -23.68
N LYS C 377 36.40 15.84 -24.02
CA LYS C 377 37.56 14.98 -23.81
C LYS C 377 38.00 14.93 -22.35
N VAL C 378 37.60 15.92 -21.54
CA VAL C 378 38.04 15.94 -20.15
C VAL C 378 37.02 15.29 -19.21
N ALA C 379 35.72 15.42 -19.53
CA ALA C 379 34.68 15.07 -18.57
C ALA C 379 34.60 13.57 -18.28
N GLY C 380 35.10 12.72 -19.18
CA GLY C 380 34.92 11.28 -19.00
C GLY C 380 35.61 10.75 -17.76
N THR C 381 36.86 11.17 -17.55
CA THR C 381 37.61 10.70 -16.39
C THR C 381 36.98 11.17 -15.09
N LEU C 382 36.51 12.42 -15.06
CA LEU C 382 35.82 12.92 -13.87
C LEU C 382 34.55 12.12 -13.60
N ARG C 383 33.78 11.83 -14.67
CA ARG C 383 32.56 11.06 -14.50
C ARG C 383 32.86 9.69 -13.92
N LEU C 384 33.87 9.01 -14.47
CA LEU C 384 34.21 7.66 -13.99
C LEU C 384 34.72 7.71 -12.54
N ASP C 385 35.53 8.70 -12.21
CA ASP C 385 36.06 8.82 -10.85
C ASP C 385 34.92 9.04 -9.86
N LEU C 386 34.00 9.93 -10.18
CA LEU C 386 32.87 10.18 -9.28
C LEU C 386 31.99 8.94 -9.17
N ALA C 387 31.77 8.23 -10.28
CA ALA C 387 30.94 7.03 -10.24
C ALA C 387 31.55 5.96 -9.35
N ALA C 388 32.87 5.78 -9.44
CA ALA C 388 33.53 4.80 -8.57
C ALA C 388 33.51 5.24 -7.11
N TYR C 389 33.79 6.52 -6.85
CA TYR C 389 33.83 6.99 -5.47
C TYR C 389 32.45 6.91 -4.81
N ARG C 390 31.38 7.12 -5.58
CA ARG C 390 30.04 7.11 -4.98
C ARG C 390 29.67 5.74 -4.45
N GLU C 391 30.15 4.67 -5.08
CA GLU C 391 29.91 3.33 -4.57
C GLU C 391 30.97 2.88 -3.58
N LEU C 392 32.17 3.48 -3.60
CA LEU C 392 33.16 3.15 -2.59
C LEU C 392 32.85 3.81 -1.24
N GLU C 393 32.30 5.02 -1.25
CA GLU C 393 32.05 5.74 -0.01
C GLU C 393 30.96 5.09 0.82
N ALA C 394 30.12 4.24 0.22
CA ALA C 394 29.11 3.52 1.00
C ALA C 394 29.77 2.65 2.05
N PHE C 395 30.80 1.89 1.66
CA PHE C 395 31.58 1.15 2.65
C PHE C 395 32.51 2.07 3.42
N ALA C 396 33.13 3.04 2.73
CA ALA C 396 34.01 4.04 3.31
C ALA C 396 35.23 3.42 4.00
N GLN C 397 35.44 2.12 3.84
CA GLN C 397 36.58 1.41 4.44
C GLN C 397 36.63 1.59 5.95
N PHE C 398 35.47 1.69 6.60
CA PHE C 398 35.42 1.75 8.04
C PHE C 398 35.66 0.39 8.69
N GLY C 399 35.46 -0.70 7.95
CA GLY C 399 35.77 -2.02 8.48
C GLY C 399 37.24 -2.22 8.71
N SER C 400 38.07 -1.82 7.74
CA SER C 400 39.52 -1.93 7.85
C SER C 400 40.14 -1.10 6.73
N ASP C 401 41.45 -0.90 6.83
CA ASP C 401 42.18 -0.21 5.78
C ASP C 401 42.28 -1.09 4.53
N LEU C 402 42.21 -0.45 3.37
CA LEU C 402 42.24 -1.14 2.09
C LEU C 402 43.46 -0.69 1.30
N ASP C 403 43.52 -1.11 0.04
CA ASP C 403 44.72 -0.97 -0.77
C ASP C 403 45.00 0.50 -1.11
N LYS C 404 46.22 0.73 -1.58
CA LYS C 404 46.63 2.08 -1.98
C LYS C 404 45.79 2.59 -3.14
N ALA C 405 45.41 1.71 -4.08
CA ALA C 405 44.55 2.12 -5.18
C ALA C 405 43.21 2.62 -4.66
N THR C 406 42.62 1.91 -3.70
CA THR C 406 41.35 2.36 -3.12
C THR C 406 41.52 3.67 -2.36
N GLN C 407 42.62 3.81 -1.62
CA GLN C 407 42.86 5.06 -0.90
C GLN C 407 42.98 6.24 -1.86
N ALA C 408 43.72 6.05 -2.96
CA ALA C 408 43.84 7.10 -3.97
C ALA C 408 42.49 7.39 -4.62
N LYS C 409 41.69 6.35 -4.87
CA LYS C 409 40.36 6.54 -5.42
C LYS C 409 39.51 7.41 -4.52
N LEU C 410 39.51 7.11 -3.22
CA LEU C 410 38.73 7.90 -2.27
C LEU C 410 39.23 9.33 -2.18
N ALA C 411 40.54 9.53 -2.16
CA ALA C 411 41.08 10.88 -2.11
C ALA C 411 40.68 11.68 -3.34
N ARG C 412 40.80 11.07 -4.53
CA ARG C 412 40.41 11.76 -5.75
C ARG C 412 38.93 12.06 -5.79
N GLY C 413 38.09 11.12 -5.32
CA GLY C 413 36.67 11.37 -5.28
C GLY C 413 36.30 12.50 -4.34
N ALA C 414 36.93 12.55 -3.17
CA ALA C 414 36.69 13.65 -2.25
C ALA C 414 37.11 14.98 -2.85
N ARG C 415 38.26 15.00 -3.54
CA ARG C 415 38.71 16.23 -4.18
C ARG C 415 37.75 16.67 -5.28
N THR C 416 37.24 15.72 -6.06
CA THR C 416 36.25 16.05 -7.09
C THR C 416 34.98 16.61 -6.47
N VAL C 417 34.51 16.01 -5.38
CA VAL C 417 33.33 16.52 -4.70
C VAL C 417 33.57 17.94 -4.20
N GLU C 418 34.77 18.20 -3.66
CA GLU C 418 35.07 19.54 -3.19
C GLU C 418 35.10 20.54 -4.34
N VAL C 419 35.66 20.16 -5.48
CA VAL C 419 35.73 21.07 -6.62
C VAL C 419 34.33 21.35 -7.16
N LEU C 420 33.44 20.35 -7.14
CA LEU C 420 32.11 20.52 -7.70
C LEU C 420 31.26 21.54 -6.94
N LYS C 421 31.68 21.97 -5.76
CA LYS C 421 30.95 22.99 -5.03
C LYS C 421 31.00 24.32 -5.79
N GLN C 422 30.03 25.17 -5.50
CA GLN C 422 29.95 26.47 -6.15
C GLN C 422 29.21 27.44 -5.24
N ASP C 423 29.40 28.73 -5.51
CA ASP C 423 28.73 29.79 -4.77
C ASP C 423 27.44 30.21 -5.46
N LEU C 424 26.63 30.98 -4.74
CA LEU C 424 25.38 31.47 -5.28
C LEU C 424 25.61 32.70 -6.16
N HIS C 425 24.94 32.73 -7.31
CA HIS C 425 25.03 33.84 -8.26
C HIS C 425 26.46 34.08 -8.71
N GLN C 426 27.21 33.01 -8.90
CA GLN C 426 28.61 33.07 -9.34
C GLN C 426 28.82 32.12 -10.51
N PRO C 427 28.40 32.50 -11.71
CA PRO C 427 28.72 31.70 -12.89
C PRO C 427 30.21 31.71 -13.18
N ILE C 428 30.69 30.61 -13.76
CA ILE C 428 32.10 30.43 -14.08
C ILE C 428 32.21 30.20 -15.58
N PRO C 429 33.11 30.90 -16.28
CA PRO C 429 33.25 30.69 -17.72
C PRO C 429 33.72 29.27 -18.05
N VAL C 430 33.30 28.80 -19.23
CA VAL C 430 33.57 27.42 -19.62
C VAL C 430 35.06 27.14 -19.73
N GLU C 431 35.85 28.13 -20.17
CA GLU C 431 37.28 27.92 -20.27
C GLU C 431 37.90 27.69 -18.89
N LYS C 432 37.51 28.49 -17.90
CA LYS C 432 38.01 28.29 -16.55
C LYS C 432 37.54 26.95 -16.00
N GLN C 433 36.28 26.59 -16.26
CA GLN C 433 35.76 25.31 -15.79
C GLN C 433 36.58 24.14 -16.36
N VAL C 434 36.80 24.15 -17.67
CA VAL C 434 37.51 23.03 -18.28
C VAL C 434 38.96 23.01 -17.83
N LEU C 435 39.57 24.18 -17.63
CA LEU C 435 40.95 24.22 -17.14
C LEU C 435 41.06 23.62 -15.75
N ILE C 436 40.17 24.02 -14.83
CA ILE C 436 40.28 23.50 -13.46
C ILE C 436 39.94 22.02 -13.42
N ILE C 437 38.98 21.58 -14.23
CA ILE C 437 38.64 20.15 -14.25
C ILE C 437 39.80 19.34 -14.83
N TYR C 438 40.47 19.88 -15.85
CA TYR C 438 41.66 19.22 -16.40
C TYR C 438 42.76 19.13 -15.36
N ALA C 439 42.97 20.21 -14.62
CA ALA C 439 43.99 20.19 -13.56
C ALA C 439 43.67 19.14 -12.51
N LEU C 440 42.40 19.03 -12.12
CA LEU C 440 42.01 17.98 -11.18
C LEU C 440 42.28 16.60 -11.76
N THR C 441 41.78 16.34 -12.96
CA THR C 441 41.80 15.00 -13.51
C THR C 441 43.18 14.56 -13.98
N ARG C 442 44.13 15.49 -14.07
CA ARG C 442 45.50 15.12 -14.44
C ARG C 442 46.37 14.78 -13.23
N GLY C 443 45.81 14.80 -12.03
CA GLY C 443 46.54 14.45 -10.83
C GLY C 443 47.24 15.61 -10.14
N PHE C 444 47.18 16.82 -10.70
CA PHE C 444 47.87 17.95 -10.09
C PHE C 444 47.24 18.37 -8.77
N LEU C 445 46.02 17.91 -8.48
CA LEU C 445 45.31 18.31 -7.26
C LEU C 445 45.43 17.29 -6.14
N ASP C 446 46.20 16.22 -6.33
CA ASP C 446 46.24 15.12 -5.37
C ASP C 446 46.92 15.47 -4.05
N ASP C 447 47.57 16.62 -3.94
CA ASP C 447 48.27 16.99 -2.72
C ASP C 447 47.66 18.19 -2.00
N ILE C 448 46.70 18.89 -2.59
CA ILE C 448 46.06 20.02 -1.92
C ILE C 448 44.99 19.48 -0.97
N PRO C 449 44.95 19.94 0.27
CA PRO C 449 43.92 19.46 1.21
C PRO C 449 42.52 19.90 0.78
N VAL C 450 41.54 19.10 1.18
CA VAL C 450 40.15 19.36 0.81
C VAL C 450 39.69 20.69 1.38
N GLU C 451 40.13 21.03 2.59
CA GLU C 451 39.75 22.30 3.19
C GLU C 451 40.33 23.49 2.44
N ASP C 452 41.36 23.27 1.62
CA ASP C 452 41.96 24.33 0.83
C ASP C 452 41.66 24.22 -0.65
N VAL C 453 40.91 23.20 -1.08
CA VAL C 453 40.64 23.01 -2.50
C VAL C 453 39.86 24.19 -3.07
N ARG C 454 38.86 24.70 -2.33
CA ARG C 454 38.06 25.81 -2.83
C ARG C 454 38.92 27.06 -3.03
N ARG C 455 39.70 27.42 -2.02
CA ARG C 455 40.59 28.57 -2.15
C ARG C 455 41.64 28.32 -3.23
N PHE C 456 42.03 27.07 -3.44
CA PHE C 456 42.92 26.73 -4.54
C PHE C 456 42.29 27.06 -5.87
N GLU C 457 41.01 26.71 -6.05
CA GLU C 457 40.30 27.04 -7.29
C GLU C 457 40.21 28.55 -7.48
N LYS C 458 39.87 29.27 -6.41
CA LYS C 458 39.76 30.73 -6.50
C LYS C 458 41.11 31.35 -6.89
N GLU C 459 42.18 30.94 -6.22
CA GLU C 459 43.49 31.46 -6.53
C GLU C 459 43.96 31.03 -7.91
N PHE C 460 43.51 29.87 -8.40
CA PHE C 460 43.87 29.45 -9.75
C PHE C 460 43.20 30.34 -10.79
N TYR C 461 41.94 30.68 -10.57
CA TYR C 461 41.28 31.64 -11.46
C TYR C 461 41.99 32.99 -11.41
N LEU C 462 42.36 33.45 -10.21
CA LEU C 462 43.06 34.71 -10.10
C LEU C 462 44.42 34.67 -10.81
N PHE C 463 45.13 33.56 -10.66
CA PHE C 463 46.44 33.39 -11.30
C PHE C 463 46.31 33.38 -12.81
N LEU C 464 45.30 32.68 -13.34
CA LEU C 464 45.10 32.63 -14.78
C LEU C 464 44.54 33.94 -15.32
N ASP C 465 44.00 34.80 -14.46
CA ASP C 465 43.55 36.12 -14.91
C ASP C 465 44.67 36.91 -15.56
N GLN C 466 45.90 36.72 -15.10
CA GLN C 466 47.06 37.39 -15.68
C GLN C 466 48.05 36.44 -16.32
N ASN C 467 48.53 35.44 -15.60
CA ASN C 467 49.52 34.51 -16.12
C ASN C 467 48.81 33.47 -16.99
N GLY C 468 49.32 33.27 -18.20
CA GLY C 468 48.73 32.30 -19.11
C GLY C 468 47.35 32.68 -19.61
N GLN C 469 47.10 33.96 -19.85
CA GLN C 469 45.83 34.37 -20.43
C GLN C 469 45.68 33.85 -21.86
N HIS C 470 46.80 33.66 -22.56
CA HIS C 470 46.75 33.11 -23.91
C HIS C 470 46.20 31.70 -23.92
N LEU C 471 46.32 30.95 -22.82
CA LEU C 471 45.62 29.68 -22.72
C LEU C 471 44.12 29.87 -22.82
N LEU C 472 43.59 30.85 -22.08
CA LEU C 472 42.16 31.15 -22.16
C LEU C 472 41.78 31.59 -23.55
N GLU C 473 42.61 32.42 -24.19
CA GLU C 473 42.31 32.86 -25.54
C GLU C 473 42.28 31.70 -26.52
N HIS C 474 43.24 30.78 -26.40
CA HIS C 474 43.27 29.62 -27.29
C HIS C 474 42.04 28.75 -27.09
N ILE C 475 41.66 28.51 -25.84
CA ILE C 475 40.46 27.71 -25.57
C ILE C 475 39.23 28.40 -26.13
N ARG C 476 39.11 29.71 -25.92
CA ARG C 476 37.94 30.45 -26.40
C ARG C 476 37.85 30.43 -27.92
N THR C 477 38.98 30.57 -28.61
CA THR C 477 38.97 30.71 -30.06
C THR C 477 39.06 29.39 -30.81
N THR C 478 39.35 28.28 -30.13
CA THR C 478 39.44 26.99 -30.81
C THR C 478 38.42 25.97 -30.30
N LYS C 479 37.84 26.18 -29.13
CA LYS C 479 36.95 25.19 -28.50
C LYS C 479 37.64 23.84 -28.36
N ASP C 480 38.94 23.86 -28.07
CA ASP C 480 39.72 22.64 -27.90
C ASP C 480 40.86 22.92 -26.93
N LEU C 481 41.42 21.86 -26.38
CA LEU C 481 42.49 22.01 -25.40
C LEU C 481 43.75 22.56 -26.07
N PRO C 482 44.49 23.42 -25.37
CA PRO C 482 45.78 23.90 -25.90
C PRO C 482 46.85 22.83 -25.80
N ASN C 483 48.09 23.20 -26.10
CA ASN C 483 49.21 22.27 -25.95
C ASN C 483 49.27 21.76 -24.52
N GLU C 484 49.39 20.43 -24.39
CA GLU C 484 49.36 19.81 -23.07
C GLU C 484 50.53 20.26 -22.20
N ASP C 485 51.65 20.66 -22.82
CA ASP C 485 52.81 21.06 -22.05
C ASP C 485 52.62 22.43 -21.41
N ASP C 486 52.01 23.37 -22.14
CA ASP C 486 51.82 24.72 -21.60
C ASP C 486 50.89 24.71 -20.39
N LEU C 487 49.83 23.90 -20.44
CA LEU C 487 48.95 23.77 -19.29
C LEU C 487 49.70 23.24 -18.08
N ASN C 488 50.55 22.23 -18.29
CA ASN C 488 51.36 21.71 -17.19
C ASN C 488 52.28 22.79 -16.64
N LYS C 489 52.90 23.58 -17.51
CA LYS C 489 53.79 24.65 -17.05
C LYS C 489 53.03 25.64 -16.18
N ALA C 490 51.87 26.09 -16.65
CA ALA C 490 51.09 27.07 -15.89
C ALA C 490 50.62 26.49 -14.56
N ILE C 491 50.15 25.25 -14.56
CA ILE C 491 49.66 24.63 -13.34
C ILE C 491 50.78 24.46 -12.33
N GLU C 492 51.96 24.02 -12.80
CA GLU C 492 53.10 23.88 -11.91
C GLU C 492 53.54 25.22 -11.34
N ALA C 493 53.56 26.26 -12.17
CA ALA C 493 53.91 27.59 -11.66
C ALA C 493 52.94 28.05 -10.60
N PHE C 494 51.64 27.85 -10.82
CA PHE C 494 50.65 28.21 -9.82
C PHE C 494 50.83 27.40 -8.54
N LYS C 495 51.11 26.10 -8.68
CA LYS C 495 51.32 25.25 -7.50
C LYS C 495 52.50 25.73 -6.68
N LYS C 496 53.59 26.12 -7.35
CA LYS C 496 54.75 26.62 -6.62
C LYS C 496 54.45 27.96 -5.95
N THR C 497 53.77 28.87 -6.65
CA THR C 497 53.49 30.17 -6.04
C THR C 497 52.37 30.10 -5.01
N PHE C 498 51.66 28.98 -4.93
CA PHE C 498 50.58 28.84 -3.95
C PHE C 498 51.14 28.46 -2.58
N VAL C 499 50.50 28.95 -1.54
CA VAL C 499 50.87 28.65 -0.15
C VAL C 499 49.74 27.84 0.47
N VAL C 500 50.09 26.72 1.09
CA VAL C 500 49.11 25.83 1.69
C VAL C 500 48.93 26.19 3.15
N SER C 501 47.69 26.17 3.61
CA SER C 501 47.39 26.45 5.01
C SER C 501 46.57 25.31 5.62
N MET D 12 -29.89 16.10 -48.70
CA MET D 12 -28.71 16.88 -49.05
C MET D 12 -27.45 16.13 -48.62
N THR D 13 -27.62 15.22 -47.67
CA THR D 13 -26.54 14.36 -47.17
C THR D 13 -25.36 15.18 -46.63
N ARG D 14 -25.66 16.27 -45.94
CA ARG D 14 -24.63 17.09 -45.28
C ARG D 14 -25.09 17.40 -43.87
N GLY D 15 -24.23 17.10 -42.90
CA GLY D 15 -24.54 17.33 -41.51
C GLY D 15 -24.12 18.71 -41.04
N ARG D 16 -24.29 18.93 -39.73
CA ARG D 16 -23.88 20.17 -39.10
C ARG D 16 -23.43 19.89 -37.68
N VAL D 17 -22.57 20.76 -37.17
CA VAL D 17 -21.96 20.60 -35.85
C VAL D 17 -22.91 21.18 -34.80
N ILE D 18 -23.09 20.44 -33.70
CA ILE D 18 -23.99 20.89 -32.64
C ILE D 18 -23.24 20.96 -31.31
N GLN D 19 -22.19 20.18 -31.14
CA GLN D 19 -21.40 20.19 -29.91
C GLN D 19 -19.93 20.08 -30.24
N VAL D 20 -19.11 20.86 -29.53
CA VAL D 20 -17.66 20.78 -29.61
C VAL D 20 -17.13 20.73 -28.19
N MET D 21 -16.40 19.65 -27.86
CA MET D 21 -15.82 19.49 -26.53
C MET D 21 -14.47 18.78 -26.71
N GLY D 22 -13.40 19.56 -26.81
CA GLY D 22 -12.08 19.03 -27.03
C GLY D 22 -12.00 18.24 -28.31
N PRO D 23 -11.43 17.03 -28.23
CA PRO D 23 -11.30 16.18 -29.42
C PRO D 23 -12.59 15.48 -29.84
N VAL D 24 -13.74 15.85 -29.28
CA VAL D 24 -15.01 15.21 -29.57
C VAL D 24 -15.93 16.22 -30.22
N VAL D 25 -16.51 15.84 -31.36
CA VAL D 25 -17.42 16.71 -32.11
C VAL D 25 -18.70 15.93 -32.39
N ASP D 26 -19.85 16.56 -32.14
CA ASP D 26 -21.15 15.95 -32.39
C ASP D 26 -21.75 16.55 -33.64
N VAL D 27 -22.22 15.69 -34.54
CA VAL D 27 -22.76 16.10 -35.83
C VAL D 27 -24.17 15.55 -35.99
N LYS D 28 -25.07 16.38 -36.52
CA LYS D 28 -26.43 15.98 -36.78
C LYS D 28 -26.68 15.93 -38.28
N PHE D 29 -27.22 14.82 -38.75
CA PHE D 29 -27.47 14.60 -40.17
C PHE D 29 -28.98 14.56 -40.43
N GLU D 30 -29.33 14.65 -41.71
CA GLU D 30 -30.72 14.47 -42.11
C GLU D 30 -31.15 13.03 -41.89
N ASN D 31 -32.45 12.83 -41.68
CA ASN D 31 -32.96 11.50 -41.37
C ASN D 31 -32.72 10.55 -42.53
N GLY D 32 -32.28 9.33 -42.19
CA GLY D 32 -32.05 8.30 -43.18
C GLY D 32 -30.76 8.40 -43.95
N HIS D 33 -29.82 9.24 -43.52
CA HIS D 33 -28.56 9.40 -44.22
C HIS D 33 -27.38 9.38 -43.25
N LEU D 34 -27.52 8.68 -42.14
CA LEU D 34 -26.43 8.59 -41.17
C LEU D 34 -25.28 7.79 -41.75
N PRO D 35 -24.05 8.27 -41.65
CA PRO D 35 -22.91 7.47 -42.11
C PRO D 35 -22.64 6.31 -41.17
N ALA D 36 -22.01 5.26 -41.72
CA ALA D 36 -21.70 4.09 -40.94
C ALA D 36 -20.56 4.38 -39.96
N ILE D 37 -20.35 3.44 -39.03
CA ILE D 37 -19.26 3.58 -38.08
C ILE D 37 -17.93 3.57 -38.83
N TYR D 38 -16.97 4.33 -38.31
CA TYR D 38 -15.61 4.47 -38.82
C TYR D 38 -15.53 5.23 -40.14
N ASN D 39 -16.65 5.76 -40.65
CA ASN D 39 -16.59 6.61 -41.83
C ASN D 39 -15.86 7.91 -41.51
N ALA D 40 -15.23 8.48 -42.53
CA ALA D 40 -14.45 9.70 -42.38
C ALA D 40 -15.26 10.89 -42.89
N LEU D 41 -15.29 11.95 -42.09
CA LEU D 41 -15.99 13.18 -42.44
C LEU D 41 -14.99 14.32 -42.62
N LYS D 42 -15.33 15.22 -43.54
CA LYS D 42 -14.47 16.36 -43.87
C LYS D 42 -15.18 17.65 -43.51
N ILE D 43 -14.44 18.60 -42.94
CA ILE D 43 -14.93 19.92 -42.62
C ILE D 43 -14.00 20.91 -43.30
N GLN D 44 -14.41 21.43 -44.44
CA GLN D 44 -13.65 22.43 -45.18
C GLN D 44 -14.40 23.75 -45.16
N HIS D 45 -13.72 24.80 -44.72
CA HIS D 45 -14.39 26.08 -44.49
C HIS D 45 -13.53 27.22 -44.99
N LYS D 46 -14.18 28.33 -45.32
CA LYS D 46 -13.54 29.59 -45.61
C LYS D 46 -14.14 30.68 -44.73
N ALA D 47 -13.31 31.57 -44.22
CA ALA D 47 -13.75 32.61 -43.31
C ALA D 47 -14.83 33.48 -43.96
N ARG D 48 -16.06 33.38 -43.45
CA ARG D 48 -17.14 34.18 -44.00
C ARG D 48 -16.95 35.67 -43.74
N ASN D 49 -16.18 36.02 -42.72
CA ASN D 49 -15.94 37.42 -42.37
C ASN D 49 -14.63 37.48 -41.59
N GLU D 50 -14.39 38.61 -40.94
CA GLU D 50 -13.13 38.85 -40.25
C GLU D 50 -13.10 38.27 -38.84
N ASN D 51 -14.17 37.63 -38.39
CA ASN D 51 -14.22 37.03 -37.05
C ASN D 51 -14.23 35.51 -37.09
N GLU D 52 -13.62 34.91 -38.11
CA GLU D 52 -13.57 33.46 -38.24
C GLU D 52 -12.20 33.05 -38.75
N VAL D 53 -11.94 31.74 -38.69
CA VAL D 53 -10.69 31.17 -39.17
C VAL D 53 -11.00 30.01 -40.09
N ASP D 54 -10.09 29.75 -41.03
CA ASP D 54 -10.25 28.65 -41.96
C ASP D 54 -9.98 27.32 -41.28
N ILE D 55 -10.72 26.29 -41.69
CA ILE D 55 -10.65 24.97 -41.08
C ILE D 55 -10.62 23.92 -42.18
N ASP D 56 -9.75 22.92 -42.00
CA ASP D 56 -9.69 21.75 -42.86
C ASP D 56 -9.63 20.48 -42.02
N LEU D 57 -10.46 20.42 -40.99
CA LEU D 57 -10.44 19.32 -40.04
C LEU D 57 -10.98 18.04 -40.66
N THR D 58 -10.65 16.91 -40.03
CA THR D 58 -11.15 15.60 -40.43
C THR D 58 -11.64 14.88 -39.19
N LEU D 59 -12.75 14.16 -39.32
CA LEU D 59 -13.38 13.48 -38.20
C LEU D 59 -13.62 12.02 -38.54
N GLU D 60 -13.69 11.19 -37.50
CA GLU D 60 -13.97 9.77 -37.63
C GLU D 60 -15.20 9.43 -36.79
N VAL D 61 -16.17 8.76 -37.42
CA VAL D 61 -17.42 8.43 -36.74
C VAL D 61 -17.15 7.37 -35.68
N ALA D 62 -17.68 7.58 -34.49
CA ALA D 62 -17.47 6.66 -33.37
C ALA D 62 -18.75 6.01 -32.89
N LEU D 63 -19.82 6.77 -32.66
CA LEU D 63 -21.04 6.22 -32.09
C LEU D 63 -22.24 6.79 -32.83
N HIS D 64 -23.38 6.12 -32.65
CA HIS D 64 -24.68 6.61 -33.07
C HIS D 64 -25.48 6.94 -31.81
N LEU D 65 -25.66 8.23 -31.55
CA LEU D 65 -26.30 8.69 -30.32
C LEU D 65 -27.81 8.77 -30.43
N GLY D 66 -28.39 8.44 -31.58
CA GLY D 66 -29.81 8.60 -31.78
C GLY D 66 -30.16 10.03 -32.16
N ASP D 67 -31.43 10.21 -32.55
CA ASP D 67 -31.94 11.50 -33.00
C ASP D 67 -31.13 12.03 -34.19
N ASP D 68 -30.66 11.13 -35.04
CA ASP D 68 -29.88 11.45 -36.24
C ASP D 68 -28.59 12.19 -35.91
N THR D 69 -28.05 11.99 -34.71
CA THR D 69 -26.80 12.60 -34.29
C THR D 69 -25.71 11.54 -34.18
N VAL D 70 -24.48 11.95 -34.47
CA VAL D 70 -23.33 11.06 -34.49
C VAL D 70 -22.21 11.71 -33.69
N ARG D 71 -21.56 10.92 -32.84
CA ARG D 71 -20.42 11.39 -32.06
C ARG D 71 -19.13 11.00 -32.77
N THR D 72 -18.27 11.98 -33.02
CA THR D 72 -17.05 11.78 -33.79
C THR D 72 -15.85 12.28 -33.01
N ILE D 73 -14.67 11.78 -33.38
CA ILE D 73 -13.41 12.22 -32.82
C ILE D 73 -12.59 12.88 -33.91
N ALA D 74 -11.80 13.87 -33.51
CA ALA D 74 -11.08 14.71 -34.46
C ALA D 74 -9.65 14.23 -34.63
N MET D 75 -9.14 14.37 -35.85
CA MET D 75 -7.77 14.00 -36.17
C MET D 75 -6.79 15.15 -36.01
N ALA D 76 -7.27 16.35 -35.68
CA ALA D 76 -6.41 17.51 -35.49
C ALA D 76 -7.07 18.43 -34.47
N SER D 77 -6.53 19.64 -34.35
CA SER D 77 -7.06 20.60 -33.39
C SER D 77 -8.46 21.06 -33.80
N THR D 78 -9.34 21.18 -32.82
CA THR D 78 -10.72 21.60 -33.04
C THR D 78 -10.94 23.08 -32.83
N ASP D 79 -9.87 23.85 -32.58
CA ASP D 79 -10.01 25.27 -32.35
C ASP D 79 -10.58 25.97 -33.58
N GLY D 80 -11.45 26.94 -33.35
CA GLY D 80 -12.09 27.67 -34.42
C GLY D 80 -13.41 27.10 -34.90
N LEU D 81 -13.80 25.92 -34.42
CA LEU D 81 -15.07 25.34 -34.83
C LEU D 81 -16.23 26.11 -34.23
N ILE D 82 -17.31 26.20 -35.00
CA ILE D 82 -18.50 26.94 -34.60
C ILE D 82 -19.71 26.02 -34.73
N ARG D 83 -20.62 26.09 -33.78
CA ARG D 83 -21.88 25.36 -33.90
C ARG D 83 -22.63 25.85 -35.13
N GLY D 84 -23.08 24.90 -35.94
CA GLY D 84 -23.74 25.22 -37.19
C GLY D 84 -22.87 25.10 -38.43
N MET D 85 -21.59 24.79 -38.27
CA MET D 85 -20.72 24.57 -39.42
C MET D 85 -21.19 23.35 -40.20
N GLU D 86 -20.93 23.36 -41.49
CA GLU D 86 -21.43 22.33 -42.40
C GLU D 86 -20.38 21.24 -42.58
N VAL D 87 -20.81 19.98 -42.44
CA VAL D 87 -19.94 18.82 -42.52
C VAL D 87 -20.40 17.94 -43.67
N ILE D 88 -19.46 17.54 -44.51
CA ILE D 88 -19.74 16.65 -45.64
C ILE D 88 -19.17 15.27 -45.33
N ASP D 89 -19.83 14.25 -45.86
CA ASP D 89 -19.45 12.87 -45.63
C ASP D 89 -18.73 12.31 -46.85
N THR D 90 -17.75 11.44 -46.60
CA THR D 90 -16.98 10.83 -47.67
C THR D 90 -17.51 9.47 -48.08
N GLY D 91 -18.27 8.81 -47.22
CA GLY D 91 -18.86 7.52 -47.57
C GLY D 91 -17.95 6.33 -47.44
N ALA D 92 -16.78 6.49 -46.84
CA ALA D 92 -15.83 5.39 -46.66
C ALA D 92 -14.91 5.74 -45.51
N PRO D 93 -14.31 4.73 -44.88
CA PRO D 93 -13.34 5.02 -43.81
C PRO D 93 -12.11 5.72 -44.35
N ILE D 94 -11.15 6.05 -43.47
CA ILE D 94 -9.95 6.75 -43.90
C ILE D 94 -9.20 5.88 -44.91
N SER D 95 -8.82 6.48 -46.02
CA SER D 95 -8.13 5.77 -47.10
C SER D 95 -6.69 6.25 -47.17
N VAL D 96 -5.78 5.31 -47.38
CA VAL D 96 -4.34 5.58 -47.32
C VAL D 96 -3.68 5.03 -48.57
N PRO D 97 -2.83 5.81 -49.25
CA PRO D 97 -2.16 5.28 -50.44
C PRO D 97 -1.26 4.11 -50.10
N VAL D 98 -1.22 3.13 -51.02
CA VAL D 98 -0.39 1.94 -50.86
C VAL D 98 0.32 1.68 -52.18
N GLY D 99 1.36 0.86 -52.10
CA GLY D 99 2.11 0.46 -53.27
C GLY D 99 3.54 0.96 -53.26
N GLU D 100 4.13 1.01 -54.45
CA GLU D 100 5.52 1.43 -54.58
C GLU D 100 5.70 2.91 -54.29
N VAL D 101 4.63 3.71 -54.45
CA VAL D 101 4.74 5.15 -54.24
C VAL D 101 5.07 5.47 -52.79
N THR D 102 4.67 4.61 -51.86
CA THR D 102 4.88 4.89 -50.45
C THR D 102 6.31 4.66 -49.99
N LEU D 103 7.11 3.94 -50.77
CA LEU D 103 8.48 3.64 -50.36
C LEU D 103 9.33 4.89 -50.36
N GLY D 104 10.06 5.11 -49.28
CA GLY D 104 10.94 6.24 -49.15
C GLY D 104 10.25 7.55 -48.76
N ARG D 105 8.98 7.50 -48.39
CA ARG D 105 8.22 8.70 -48.06
C ARG D 105 7.84 8.69 -46.59
N VAL D 106 7.46 9.87 -46.09
CA VAL D 106 7.02 10.06 -44.72
C VAL D 106 5.59 10.56 -44.74
N PHE D 107 4.71 9.87 -44.00
CA PHE D 107 3.29 10.16 -44.01
C PHE D 107 2.80 10.47 -42.60
N ASN D 108 1.69 11.19 -42.53
CA ASN D 108 0.98 11.40 -41.28
C ASN D 108 -0.15 10.38 -41.16
N VAL D 109 -1.02 10.58 -40.17
CA VAL D 109 -2.08 9.60 -39.93
C VAL D 109 -3.08 9.55 -41.07
N LEU D 110 -3.27 10.66 -41.78
CA LEU D 110 -4.25 10.73 -42.86
C LEU D 110 -3.71 10.23 -44.19
N GLY D 111 -2.45 9.80 -44.25
CA GLY D 111 -1.86 9.37 -45.49
C GLY D 111 -1.30 10.49 -46.34
N GLU D 112 -1.27 11.72 -45.84
CA GLU D 112 -0.67 12.83 -46.57
C GLU D 112 0.84 12.86 -46.32
N PRO D 113 1.63 13.09 -47.36
CA PRO D 113 3.08 13.15 -47.17
C PRO D 113 3.49 14.30 -46.27
N ILE D 114 4.55 14.08 -45.50
CA ILE D 114 5.10 15.08 -44.60
C ILE D 114 6.26 15.83 -45.23
N ASP D 115 7.08 15.13 -45.99
CA ASP D 115 8.26 15.73 -46.62
C ASP D 115 7.82 16.63 -47.79
N LEU D 116 8.79 17.16 -48.52
CA LEU D 116 8.52 18.17 -49.54
C LEU D 116 8.51 17.60 -50.96
N GLU D 117 8.55 16.29 -51.12
CA GLU D 117 8.58 15.68 -52.45
C GLU D 117 7.24 15.74 -53.19
N GLY D 118 6.25 16.47 -52.70
CA GLY D 118 5.00 16.63 -53.41
C GLY D 118 3.97 15.58 -53.01
N ASP D 119 2.72 15.88 -53.34
CA ASP D 119 1.61 15.01 -52.98
C ASP D 119 1.42 13.90 -54.02
N ILE D 120 0.84 12.80 -53.57
CA ILE D 120 0.59 11.65 -54.42
C ILE D 120 -0.50 12.00 -55.43
N PRO D 121 -0.43 11.55 -56.69
CA PRO D 121 -1.52 11.82 -57.63
C PRO D 121 -2.83 11.21 -57.16
N ALA D 122 -3.92 11.87 -57.56
CA ALA D 122 -5.25 11.50 -57.06
C ALA D 122 -5.72 10.14 -57.57
N ASP D 123 -5.08 9.59 -58.60
CA ASP D 123 -5.49 8.31 -59.15
C ASP D 123 -4.85 7.12 -58.45
N ALA D 124 -3.98 7.36 -57.48
CA ALA D 124 -3.30 6.27 -56.80
C ALA D 124 -4.27 5.44 -55.97
N ARG D 125 -3.94 4.16 -55.81
CA ARG D 125 -4.79 3.25 -55.04
C ARG D 125 -4.76 3.62 -53.57
N ARG D 126 -5.93 3.52 -52.92
CA ARG D 126 -6.06 3.76 -51.50
C ARG D 126 -6.89 2.65 -50.88
N ASP D 127 -6.57 2.31 -49.63
CA ASP D 127 -7.22 1.21 -48.94
C ASP D 127 -7.80 1.67 -47.62
N PRO D 128 -8.89 1.07 -47.18
CA PRO D 128 -9.49 1.45 -45.90
C PRO D 128 -8.57 1.11 -44.73
N ILE D 129 -8.65 1.93 -43.68
CA ILE D 129 -7.84 1.70 -42.50
C ILE D 129 -8.33 0.47 -41.74
N HIS D 130 -9.63 0.37 -41.54
CA HIS D 130 -10.21 -0.70 -40.73
C HIS D 130 -10.60 -1.88 -41.61
N ARG D 131 -10.30 -3.09 -41.13
CA ARG D 131 -10.51 -4.30 -41.90
C ARG D 131 -10.50 -5.48 -40.96
N PRO D 132 -11.36 -6.48 -41.16
CA PRO D 132 -11.32 -7.66 -40.29
C PRO D 132 -10.04 -8.46 -40.47
N ALA D 133 -9.66 -9.16 -39.41
CA ALA D 133 -8.45 -9.96 -39.41
C ALA D 133 -8.61 -11.17 -40.34
N PRO D 134 -7.50 -11.73 -40.82
CA PRO D 134 -7.59 -12.94 -41.64
C PRO D 134 -8.20 -14.09 -40.85
N LYS D 135 -8.96 -14.92 -41.56
CA LYS D 135 -9.74 -15.97 -40.94
C LYS D 135 -8.85 -17.14 -40.51
N PHE D 136 -9.48 -18.11 -39.85
CA PHE D 136 -8.74 -19.26 -39.32
C PHE D 136 -8.19 -20.14 -40.42
N GLU D 137 -8.89 -20.25 -41.55
CA GLU D 137 -8.46 -21.13 -42.63
C GLU D 137 -7.15 -20.64 -43.25
N GLU D 138 -6.99 -19.32 -43.41
CA GLU D 138 -5.91 -18.77 -44.21
C GLU D 138 -4.56 -18.80 -43.52
N LEU D 139 -4.51 -19.10 -42.22
CA LEU D 139 -3.27 -18.95 -41.47
C LEU D 139 -2.30 -20.08 -41.79
N ALA D 140 -1.04 -19.84 -41.42
CA ALA D 140 -0.01 -20.86 -41.53
C ALA D 140 -0.27 -21.98 -40.53
N THR D 141 0.29 -23.16 -40.83
CA THR D 141 0.00 -24.36 -40.06
C THR D 141 1.08 -24.72 -39.05
N GLU D 142 2.28 -24.15 -39.15
CA GLU D 142 3.33 -24.48 -38.19
C GLU D 142 4.26 -23.28 -38.02
N VAL D 143 4.97 -23.29 -36.90
CA VAL D 143 5.92 -22.23 -36.60
C VAL D 143 7.13 -22.35 -37.52
N GLU D 144 7.50 -21.25 -38.16
CA GLU D 144 8.65 -21.20 -39.05
C GLU D 144 9.59 -20.11 -38.57
N ILE D 145 10.85 -20.49 -38.31
CA ILE D 145 11.82 -19.55 -37.78
C ILE D 145 12.25 -18.59 -38.88
N LEU D 146 12.42 -17.32 -38.51
CA LEU D 146 12.86 -16.28 -39.43
C LEU D 146 14.36 -16.07 -39.25
N GLU D 147 15.12 -16.27 -40.32
CA GLU D 147 16.57 -16.11 -40.27
C GLU D 147 16.92 -14.64 -40.45
N THR D 148 17.40 -14.00 -39.39
CA THR D 148 17.71 -12.57 -39.41
C THR D 148 19.18 -12.27 -39.69
N GLY D 149 20.07 -13.22 -39.44
CA GLY D 149 21.49 -13.02 -39.68
C GLY D 149 22.28 -12.49 -38.49
N ILE D 150 21.60 -12.03 -37.44
CA ILE D 150 22.27 -11.65 -36.21
C ILE D 150 22.48 -12.92 -35.39
N LYS D 151 23.73 -13.14 -34.96
CA LYS D 151 24.05 -14.39 -34.30
C LYS D 151 23.28 -14.55 -32.99
N VAL D 152 23.22 -13.49 -32.18
CA VAL D 152 22.55 -13.58 -30.88
C VAL D 152 21.08 -13.90 -31.07
N VAL D 153 20.41 -13.19 -31.98
CA VAL D 153 18.98 -13.40 -32.19
C VAL D 153 18.75 -14.80 -32.76
N ASP D 154 19.54 -15.19 -33.75
CA ASP D 154 19.32 -16.47 -34.41
C ASP D 154 19.65 -17.65 -33.51
N LEU D 155 20.46 -17.46 -32.47
CA LEU D 155 20.84 -18.57 -31.60
C LEU D 155 20.03 -18.63 -30.32
N LEU D 156 19.90 -17.52 -29.60
CA LEU D 156 19.32 -17.53 -28.26
C LEU D 156 17.84 -17.17 -28.24
N ALA D 157 17.42 -16.17 -29.00
CA ALA D 157 16.02 -15.72 -29.03
C ALA D 157 15.57 -15.68 -30.48
N PRO D 158 15.27 -16.83 -31.07
CA PRO D 158 14.89 -16.86 -32.49
C PRO D 158 13.63 -16.06 -32.76
N TYR D 159 13.61 -15.40 -33.93
CA TYR D 159 12.45 -14.64 -34.36
C TYR D 159 11.56 -15.49 -35.27
N ILE D 160 10.26 -15.40 -35.05
CA ILE D 160 9.28 -16.25 -35.72
C ILE D 160 8.58 -15.41 -36.79
N LYS D 161 8.45 -15.97 -37.99
CA LYS D 161 7.68 -15.32 -39.03
C LYS D 161 6.22 -15.17 -38.57
N GLY D 162 5.68 -13.97 -38.76
CA GLY D 162 4.34 -13.72 -38.30
C GLY D 162 4.19 -13.60 -36.80
N GLY D 163 5.30 -13.47 -36.06
CA GLY D 163 5.25 -13.36 -34.63
C GLY D 163 5.54 -11.95 -34.16
N LYS D 164 5.11 -11.67 -32.93
CA LYS D 164 5.32 -10.37 -32.30
C LYS D 164 6.49 -10.45 -31.34
N ILE D 165 7.43 -9.52 -31.49
CA ILE D 165 8.65 -9.50 -30.69
C ILE D 165 8.69 -8.21 -29.88
N GLY D 166 8.90 -8.32 -28.59
CA GLY D 166 9.03 -7.15 -27.73
C GLY D 166 10.49 -6.78 -27.54
N LEU D 167 10.76 -5.49 -27.60
CA LEU D 167 12.11 -4.96 -27.49
C LEU D 167 12.18 -4.02 -26.29
N PHE D 168 13.14 -4.27 -25.40
CA PHE D 168 13.33 -3.46 -24.20
C PHE D 168 14.72 -2.85 -24.21
N GLY D 169 14.77 -1.54 -24.02
CA GLY D 169 16.03 -0.82 -24.06
C GLY D 169 15.84 0.68 -24.08
N GLY D 170 16.69 1.40 -23.37
CA GLY D 170 16.59 2.84 -23.27
C GLY D 170 17.43 3.59 -24.28
N ALA D 171 17.88 4.76 -23.90
CA ALA D 171 18.69 5.61 -24.78
C ALA D 171 20.16 5.21 -24.71
N GLY D 172 20.86 5.43 -25.82
CA GLY D 172 22.29 5.15 -25.87
C GLY D 172 22.63 3.68 -25.69
N VAL D 173 21.87 2.79 -26.33
CA VAL D 173 22.13 1.36 -26.25
C VAL D 173 22.14 0.68 -27.62
N GLY D 174 21.63 1.35 -28.66
CA GLY D 174 21.72 0.80 -30.00
C GLY D 174 20.43 0.33 -30.61
N LYS D 175 19.28 0.85 -30.16
CA LYS D 175 18.00 0.43 -30.73
C LYS D 175 17.92 0.76 -32.21
N THR D 176 18.30 2.00 -32.57
CA THR D 176 18.27 2.39 -33.98
C THR D 176 19.26 1.58 -34.80
N VAL D 177 20.43 1.28 -34.24
CA VAL D 177 21.41 0.47 -34.96
C VAL D 177 20.86 -0.90 -35.26
N LEU D 178 20.25 -1.54 -34.25
CA LEU D 178 19.67 -2.86 -34.44
C LEU D 178 18.52 -2.82 -35.45
N ILE D 179 17.70 -1.78 -35.39
CA ILE D 179 16.58 -1.67 -36.32
C ILE D 179 17.09 -1.55 -37.75
N GLN D 180 18.08 -0.68 -37.97
CA GLN D 180 18.63 -0.51 -39.31
C GLN D 180 19.28 -1.80 -39.79
N GLU D 181 20.01 -2.50 -38.92
CA GLU D 181 20.64 -3.74 -39.34
C GLU D 181 19.60 -4.79 -39.72
N LEU D 182 18.52 -4.89 -38.93
CA LEU D 182 17.48 -5.86 -39.25
C LEU D 182 16.82 -5.55 -40.59
N ILE D 183 16.51 -4.27 -40.83
CA ILE D 183 15.88 -3.90 -42.09
C ILE D 183 16.80 -4.21 -43.26
N HIS D 184 18.09 -3.85 -43.12
CA HIS D 184 19.04 -4.10 -44.19
C HIS D 184 19.18 -5.59 -44.47
N ASN D 185 19.29 -6.40 -43.41
CA ASN D 185 19.47 -7.84 -43.60
C ASN D 185 18.24 -8.47 -44.24
N ILE D 186 17.04 -8.05 -43.83
CA ILE D 186 15.83 -8.62 -44.41
C ILE D 186 15.72 -8.22 -45.88
N ALA D 187 15.92 -6.93 -46.18
CA ALA D 187 15.85 -6.49 -47.57
C ALA D 187 16.94 -7.12 -48.43
N GLN D 188 18.04 -7.58 -47.82
CA GLN D 188 19.11 -8.19 -48.60
C GLN D 188 18.86 -9.68 -48.83
N GLU D 189 18.42 -10.40 -47.81
CA GLU D 189 18.37 -11.85 -47.86
C GLU D 189 16.98 -12.43 -48.03
N HIS D 190 15.94 -11.61 -48.09
CA HIS D 190 14.59 -12.11 -48.29
C HIS D 190 13.79 -11.33 -49.32
N GLY D 191 14.32 -10.23 -49.87
CA GLY D 191 13.58 -9.47 -50.84
C GLY D 191 12.38 -8.75 -50.30
N GLY D 192 12.32 -8.54 -48.98
CA GLY D 192 11.21 -7.85 -48.36
C GLY D 192 11.53 -6.38 -48.06
N ILE D 193 10.54 -5.71 -47.48
CA ILE D 193 10.65 -4.32 -47.08
C ILE D 193 10.24 -4.21 -45.62
N SER D 194 10.27 -2.98 -45.10
CA SER D 194 9.86 -2.72 -43.73
C SER D 194 9.08 -1.42 -43.67
N VAL D 195 8.19 -1.32 -42.68
CA VAL D 195 7.38 -0.13 -42.47
C VAL D 195 7.57 0.30 -41.01
N PHE D 196 8.00 1.54 -40.81
CA PHE D 196 8.17 2.08 -39.47
C PHE D 196 6.99 3.00 -39.16
N ALA D 197 6.28 2.69 -38.09
CA ALA D 197 5.14 3.50 -37.63
C ALA D 197 5.50 4.10 -36.29
N GLY D 198 5.66 5.43 -36.25
CA GLY D 198 6.00 6.12 -35.04
C GLY D 198 4.77 6.72 -34.38
N VAL D 199 4.50 6.29 -33.15
CA VAL D 199 3.32 6.73 -32.42
C VAL D 199 3.73 7.14 -31.02
N GLY D 200 3.38 8.38 -30.64
CA GLY D 200 3.59 8.85 -29.29
C GLY D 200 5.02 8.89 -28.82
N GLU D 201 5.95 9.31 -29.66
CA GLU D 201 7.34 9.44 -29.27
C GLU D 201 7.86 10.82 -29.62
N ARG D 202 9.11 11.08 -29.25
CA ARG D 202 9.69 12.41 -29.37
C ARG D 202 9.99 12.75 -30.82
N THR D 203 9.59 13.94 -31.23
CA THR D 203 9.82 14.39 -32.60
C THR D 203 11.31 14.47 -32.90
N ARG D 204 12.11 14.88 -31.92
CA ARG D 204 13.55 14.94 -32.10
C ARG D 204 14.13 13.56 -32.39
N GLU D 205 13.69 12.55 -31.63
CA GLU D 205 14.17 11.19 -31.85
C GLU D 205 13.72 10.67 -33.21
N GLY D 206 12.47 10.97 -33.60
CA GLY D 206 12.02 10.57 -34.92
C GLY D 206 12.83 11.18 -36.04
N ASN D 207 13.15 12.47 -35.91
CA ASN D 207 13.97 13.14 -36.93
C ASN D 207 15.37 12.55 -36.96
N ASP D 208 15.95 12.26 -35.80
CA ASP D 208 17.27 11.65 -35.76
C ASP D 208 17.27 10.30 -36.46
N LEU D 209 16.25 9.48 -36.18
CA LEU D 209 16.16 8.17 -36.84
C LEU D 209 15.99 8.32 -38.34
N TYR D 210 15.17 9.27 -38.78
CA TYR D 210 14.98 9.49 -40.21
C TYR D 210 16.29 9.88 -40.88
N HIS D 211 17.05 10.78 -40.27
CA HIS D 211 18.31 11.20 -40.86
C HIS D 211 19.33 10.07 -40.86
N GLU D 212 19.35 9.26 -39.80
CA GLU D 212 20.26 8.12 -39.77
C GLU D 212 19.92 7.15 -40.90
N MET D 213 18.63 6.86 -41.10
CA MET D 213 18.25 5.94 -42.17
C MET D 213 18.59 6.53 -43.53
N LYS D 214 18.36 7.83 -43.72
CA LYS D 214 18.66 8.44 -45.01
C LYS D 214 20.16 8.39 -45.30
N ASP D 215 20.99 8.69 -44.31
CA ASP D 215 22.43 8.67 -44.56
C ASP D 215 22.99 7.26 -44.68
N SER D 216 22.34 6.27 -44.06
CA SER D 216 22.74 4.88 -44.24
C SER D 216 22.20 4.26 -45.52
N GLY D 217 21.23 4.90 -46.17
CA GLY D 217 20.70 4.39 -47.41
C GLY D 217 19.60 3.36 -47.27
N VAL D 218 19.18 3.07 -46.04
CA VAL D 218 18.12 2.11 -45.81
C VAL D 218 16.75 2.68 -46.21
N ILE D 219 16.66 4.00 -46.38
CA ILE D 219 15.38 4.65 -46.62
C ILE D 219 14.74 4.17 -47.92
N SER D 220 15.52 3.67 -48.87
CA SER D 220 14.97 3.23 -50.14
C SER D 220 14.04 2.03 -50.00
N LYS D 221 14.06 1.34 -48.85
CA LYS D 221 13.26 0.14 -48.65
C LYS D 221 12.25 0.29 -47.51
N THR D 222 12.01 1.51 -47.04
CA THR D 222 11.13 1.72 -45.89
C THR D 222 10.10 2.79 -46.21
N ALA D 223 8.94 2.68 -45.55
CA ALA D 223 7.93 3.72 -45.53
C ALA D 223 7.66 4.09 -44.09
N MET D 224 7.62 5.39 -43.81
CA MET D 224 7.59 5.89 -42.45
C MET D 224 6.31 6.68 -42.20
N VAL D 225 5.69 6.43 -41.04
CA VAL D 225 4.49 7.15 -40.61
C VAL D 225 4.74 7.64 -39.19
N PHE D 226 4.49 8.91 -38.94
CA PHE D 226 4.81 9.54 -37.66
C PHE D 226 3.55 10.13 -37.03
N GLY D 227 3.24 9.66 -35.83
CA GLY D 227 2.15 10.18 -35.02
C GLY D 227 2.64 10.73 -33.70
N GLN D 228 3.72 11.50 -33.75
CA GLN D 228 4.45 11.92 -32.55
C GLN D 228 3.53 12.60 -31.54
N MET D 229 4.01 12.68 -30.30
CA MET D 229 3.20 12.97 -29.12
C MET D 229 2.59 14.37 -29.10
N ASN D 230 2.84 15.23 -30.10
CA ASN D 230 2.14 16.49 -30.15
C ASN D 230 0.80 16.41 -30.85
N GLU D 231 0.49 15.28 -31.49
CA GLU D 231 -0.76 15.10 -32.19
C GLU D 231 -1.88 14.74 -31.22
N PRO D 232 -3.12 14.94 -31.63
CA PRO D 232 -4.26 14.60 -30.76
C PRO D 232 -4.43 13.10 -30.62
N PRO D 233 -5.19 12.66 -29.62
CA PRO D 233 -5.40 11.21 -29.44
C PRO D 233 -6.03 10.54 -30.64
N GLY D 234 -6.87 11.25 -31.40
CA GLY D 234 -7.43 10.67 -32.60
C GLY D 234 -6.37 10.23 -33.59
N ALA D 235 -5.33 11.05 -33.77
CA ALA D 235 -4.25 10.68 -34.66
C ALA D 235 -3.37 9.60 -34.04
N ARG D 236 -3.06 9.74 -32.74
CA ARG D 236 -2.19 8.76 -32.10
C ARG D 236 -2.83 7.38 -32.05
N MET D 237 -4.16 7.30 -32.14
CA MET D 237 -4.80 6.00 -32.19
C MET D 237 -4.59 5.32 -33.53
N ARG D 238 -4.73 6.06 -34.63
CA ARG D 238 -4.81 5.48 -35.96
C ARG D 238 -3.47 5.44 -36.69
N VAL D 239 -2.41 6.02 -36.12
CA VAL D 239 -1.11 5.91 -36.79
C VAL D 239 -0.66 4.45 -36.93
N ALA D 240 -0.81 3.66 -35.87
CA ALA D 240 -0.44 2.26 -35.96
C ALA D 240 -1.26 1.54 -37.01
N LEU D 241 -2.55 1.85 -37.08
CA LEU D 241 -3.43 1.19 -38.06
C LEU D 241 -3.05 1.57 -39.48
N THR D 242 -2.68 2.84 -39.73
CA THR D 242 -2.31 3.21 -41.09
C THR D 242 -0.98 2.58 -41.48
N GLY D 243 -0.03 2.47 -40.55
CA GLY D 243 1.18 1.72 -40.85
C GLY D 243 0.90 0.27 -41.17
N LEU D 244 0.02 -0.36 -40.39
CA LEU D 244 -0.31 -1.76 -40.62
C LEU D 244 -0.99 -1.96 -41.96
N THR D 245 -1.89 -1.05 -42.34
CA THR D 245 -2.56 -1.19 -43.63
C THR D 245 -1.63 -0.83 -44.79
N MET D 246 -0.57 -0.07 -44.55
CA MET D 246 0.46 0.08 -45.56
C MET D 246 1.22 -1.22 -45.76
N ALA D 247 1.53 -1.92 -44.67
CA ALA D 247 2.28 -3.17 -44.80
C ALA D 247 1.41 -4.30 -45.36
N GLU D 248 0.10 -4.23 -45.14
CA GLU D 248 -0.78 -5.30 -45.60
C GLU D 248 -0.79 -5.43 -47.11
N TYR D 249 -0.65 -4.32 -47.83
CA TYR D 249 -0.59 -4.39 -49.29
C TYR D 249 0.59 -5.24 -49.74
N PHE D 250 1.76 -5.01 -49.15
CA PHE D 250 2.93 -5.80 -49.52
C PHE D 250 2.79 -7.25 -49.07
N ARG D 251 2.15 -7.49 -47.92
CA ARG D 251 1.94 -8.88 -47.52
C ARG D 251 1.04 -9.62 -48.50
N ASP D 252 -0.05 -8.98 -48.93
CA ASP D 252 -1.08 -9.68 -49.68
C ASP D 252 -0.80 -9.71 -51.18
N GLU D 253 -0.54 -8.55 -51.79
CA GLU D 253 -0.36 -8.49 -53.24
C GLU D 253 1.00 -9.02 -53.65
N GLN D 254 2.07 -8.40 -53.16
CA GLN D 254 3.42 -8.83 -53.53
C GLN D 254 3.78 -10.17 -52.93
N GLY D 255 3.17 -10.55 -51.82
CA GLY D 255 3.43 -11.83 -51.20
C GLY D 255 4.85 -12.00 -50.70
N GLN D 256 5.36 -11.01 -49.99
CA GLN D 256 6.72 -11.04 -49.47
C GLN D 256 6.70 -10.76 -47.97
N ASP D 257 7.75 -11.23 -47.30
CA ASP D 257 7.87 -11.05 -45.85
C ASP D 257 8.22 -9.60 -45.55
N VAL D 258 7.48 -9.00 -44.61
CA VAL D 258 7.58 -7.58 -44.32
C VAL D 258 7.79 -7.40 -42.83
N LEU D 259 8.49 -6.33 -42.45
CA LEU D 259 8.73 -5.97 -41.07
C LEU D 259 7.92 -4.75 -40.70
N LEU D 260 7.31 -4.78 -39.52
CA LEU D 260 6.55 -3.65 -39.00
C LEU D 260 7.18 -3.21 -37.69
N PHE D 261 7.60 -1.95 -37.61
CA PHE D 261 8.21 -1.40 -36.42
C PHE D 261 7.27 -0.39 -35.78
N ILE D 262 7.06 -0.52 -34.47
CA ILE D 262 6.26 0.41 -33.71
C ILE D 262 7.11 0.90 -32.54
N ASP D 263 7.32 2.22 -32.47
CA ASP D 263 8.22 2.76 -31.46
C ASP D 263 7.70 2.54 -30.05
N ASN D 264 6.41 2.77 -29.82
CA ASN D 264 5.84 2.62 -28.48
C ASN D 264 4.36 2.27 -28.63
N ILE D 265 4.06 0.97 -28.49
CA ILE D 265 2.68 0.53 -28.58
C ILE D 265 1.85 1.02 -27.39
N PHE D 266 2.50 1.39 -26.29
CA PHE D 266 1.77 1.80 -25.09
C PHE D 266 1.04 3.12 -25.32
N ARG D 267 1.61 4.01 -26.13
CA ARG D 267 0.96 5.29 -26.39
C ARG D 267 -0.35 5.11 -27.14
N PHE D 268 -0.48 4.06 -27.94
CA PHE D 268 -1.73 3.80 -28.66
C PHE D 268 -2.87 3.56 -27.68
N THR D 269 -2.67 2.63 -26.74
CA THR D 269 -3.72 2.38 -25.76
C THR D 269 -3.89 3.54 -24.80
N GLN D 270 -2.83 4.30 -24.53
CA GLN D 270 -2.99 5.49 -23.71
C GLN D 270 -3.90 6.51 -24.38
N ALA D 271 -3.73 6.71 -25.69
CA ALA D 271 -4.62 7.62 -26.42
C ALA D 271 -6.04 7.10 -26.43
N GLY D 272 -6.21 5.78 -26.61
CA GLY D 272 -7.54 5.21 -26.53
C GLY D 272 -8.21 5.48 -25.19
N SER D 273 -7.46 5.29 -24.11
CA SER D 273 -8.00 5.57 -22.78
C SER D 273 -8.33 7.04 -22.62
N GLU D 274 -7.49 7.93 -23.16
CA GLU D 274 -7.76 9.36 -23.07
C GLU D 274 -9.05 9.71 -23.77
N VAL D 275 -9.31 9.13 -24.94
CA VAL D 275 -10.45 9.56 -25.72
C VAL D 275 -11.74 8.90 -25.23
N SER D 276 -11.64 7.71 -24.62
CA SER D 276 -12.85 7.00 -24.20
C SER D 276 -13.64 7.78 -23.16
N ALA D 277 -12.96 8.43 -22.22
CA ALA D 277 -13.66 9.18 -21.18
C ALA D 277 -14.54 10.27 -21.80
N LEU D 278 -14.00 11.00 -22.76
CA LEU D 278 -14.80 12.00 -23.47
C LEU D 278 -15.89 11.36 -24.31
N LEU D 279 -15.64 10.17 -24.87
CA LEU D 279 -16.71 9.43 -25.52
C LEU D 279 -17.84 9.08 -24.57
N GLY D 280 -17.56 9.02 -23.27
CA GLY D 280 -18.62 8.86 -22.29
C GLY D 280 -18.81 7.47 -21.75
N ARG D 281 -17.85 6.57 -21.94
CA ARG D 281 -17.94 5.23 -21.39
C ARG D 281 -17.52 5.25 -19.92
N MET D 282 -18.07 4.31 -19.16
CA MET D 282 -17.70 4.21 -17.76
C MET D 282 -16.27 3.71 -17.63
N PRO D 283 -15.55 4.16 -16.61
CA PRO D 283 -14.13 3.79 -16.48
C PRO D 283 -13.96 2.32 -16.13
N SER D 284 -12.71 1.89 -16.20
CA SER D 284 -12.30 0.51 -15.92
C SER D 284 -11.32 0.54 -14.74
N ALA D 285 -10.65 -0.61 -14.53
CA ALA D 285 -9.89 -0.84 -13.30
C ALA D 285 -8.94 0.30 -12.97
N VAL D 286 -8.15 0.74 -13.93
CA VAL D 286 -7.13 1.76 -13.67
C VAL D 286 -7.46 2.97 -14.52
N GLY D 287 -8.75 3.19 -14.76
CA GLY D 287 -9.19 4.31 -15.57
C GLY D 287 -9.08 4.09 -17.07
N TYR D 288 -8.70 2.88 -17.51
CA TYR D 288 -8.62 2.60 -18.92
C TYR D 288 -10.01 2.43 -19.52
N GLN D 289 -10.05 2.37 -20.85
CA GLN D 289 -11.32 2.14 -21.52
C GLN D 289 -11.78 0.71 -21.31
N PRO D 290 -13.10 0.48 -21.27
CA PRO D 290 -13.59 -0.90 -21.17
C PRO D 290 -13.27 -1.74 -22.40
N THR D 291 -12.94 -1.12 -23.53
CA THR D 291 -12.62 -1.85 -24.76
C THR D 291 -11.12 -2.08 -24.93
N LEU D 292 -10.38 -2.14 -23.82
CA LEU D 292 -8.94 -2.32 -23.87
C LEU D 292 -8.53 -3.56 -24.65
N ALA D 293 -8.95 -4.73 -24.15
CA ALA D 293 -8.51 -5.98 -24.73
C ALA D 293 -8.98 -6.13 -26.17
N THR D 294 -10.23 -5.75 -26.45
CA THR D 294 -10.75 -5.94 -27.79
C THR D 294 -10.08 -5.00 -28.79
N GLU D 295 -9.79 -3.75 -28.41
CA GLU D 295 -9.06 -2.87 -29.32
C GLU D 295 -7.65 -3.39 -29.56
N MET D 296 -6.96 -3.81 -28.50
CA MET D 296 -5.60 -4.33 -28.67
C MET D 296 -5.61 -5.57 -29.55
N GLY D 297 -6.60 -6.44 -29.39
CA GLY D 297 -6.68 -7.62 -30.24
C GLY D 297 -6.98 -7.26 -31.68
N GLN D 298 -7.91 -6.33 -31.90
CA GLN D 298 -8.22 -5.91 -33.26
C GLN D 298 -7.01 -5.32 -33.96
N LEU D 299 -6.11 -4.69 -33.20
CA LEU D 299 -4.89 -4.19 -33.82
C LEU D 299 -3.87 -5.32 -34.05
N GLN D 300 -3.64 -6.15 -33.03
CA GLN D 300 -2.54 -7.11 -33.08
C GLN D 300 -2.83 -8.27 -34.03
N GLU D 301 -4.08 -8.73 -34.08
CA GLU D 301 -4.40 -9.96 -34.78
C GLU D 301 -4.21 -9.85 -36.29
N ARG D 302 -4.08 -8.65 -36.84
CA ARG D 302 -3.82 -8.52 -38.27
C ARG D 302 -2.37 -8.78 -38.62
N ILE D 303 -1.48 -8.80 -37.63
CA ILE D 303 -0.06 -9.10 -37.85
C ILE D 303 0.09 -10.61 -37.70
N THR D 304 -0.06 -11.33 -38.81
CA THR D 304 0.02 -12.78 -38.81
C THR D 304 0.81 -13.25 -40.02
N SER D 305 0.89 -14.57 -40.16
CA SER D 305 1.54 -15.20 -41.30
C SER D 305 0.51 -16.02 -42.05
N THR D 306 0.29 -15.70 -43.32
CA THR D 306 -0.67 -16.39 -44.15
C THR D 306 0.08 -17.35 -45.09
N ALA D 307 -0.69 -18.00 -45.96
CA ALA D 307 -0.10 -18.97 -46.88
C ALA D 307 0.86 -18.30 -47.85
N LYS D 308 0.50 -17.12 -48.36
CA LYS D 308 1.27 -16.46 -49.41
C LYS D 308 2.06 -15.26 -48.90
N GLY D 309 2.34 -15.21 -47.61
CA GLY D 309 3.12 -14.10 -47.07
C GLY D 309 3.06 -14.09 -45.56
N SER D 310 3.75 -13.10 -45.00
CA SER D 310 3.80 -12.95 -43.55
C SER D 310 4.25 -11.54 -43.20
N ILE D 311 3.71 -11.04 -42.09
CA ILE D 311 4.17 -9.79 -41.49
C ILE D 311 4.62 -10.10 -40.08
N THR D 312 5.88 -9.80 -39.79
CA THR D 312 6.44 -9.94 -38.46
C THR D 312 6.77 -8.56 -37.91
N SER D 313 6.40 -8.34 -36.65
CA SER D 313 6.44 -7.01 -36.06
C SER D 313 7.40 -6.96 -34.88
N ILE D 314 8.19 -5.90 -34.82
CA ILE D 314 9.07 -5.61 -33.70
C ILE D 314 8.48 -4.42 -32.96
N GLN D 315 8.00 -4.65 -31.74
CA GLN D 315 7.30 -3.63 -30.96
C GLN D 315 8.13 -3.27 -29.75
N ALA D 316 8.59 -2.03 -29.69
CA ALA D 316 9.33 -1.56 -28.54
C ALA D 316 8.38 -1.03 -27.48
N ILE D 317 8.50 -1.53 -26.26
CA ILE D 317 7.60 -1.19 -25.17
C ILE D 317 8.41 -0.52 -24.06
N TYR D 318 7.95 0.65 -23.64
CA TYR D 318 8.51 1.35 -22.48
C TYR D 318 7.35 1.79 -21.60
N VAL D 319 7.16 1.11 -20.48
CA VAL D 319 6.11 1.44 -19.51
C VAL D 319 6.71 2.39 -18.47
N PRO D 320 6.08 3.52 -18.19
CA PRO D 320 6.57 4.38 -17.11
C PRO D 320 6.48 3.69 -15.77
N ALA D 321 7.41 4.04 -14.87
CA ALA D 321 7.51 3.55 -13.49
C ALA D 321 7.87 2.07 -13.40
N ASP D 322 8.04 1.39 -14.53
CA ASP D 322 8.43 -0.02 -14.55
C ASP D 322 7.46 -0.87 -13.73
N ASP D 323 6.21 -0.89 -14.17
CA ASP D 323 5.16 -1.72 -13.55
C ASP D 323 4.59 -2.62 -14.63
N TYR D 324 4.97 -3.89 -14.61
CA TYR D 324 4.50 -4.85 -15.61
C TYR D 324 3.14 -5.43 -15.27
N THR D 325 2.59 -5.12 -14.10
CA THR D 325 1.24 -5.56 -13.76
C THR D 325 0.17 -4.57 -14.18
N ASP D 326 0.56 -3.44 -14.77
CA ASP D 326 -0.42 -2.48 -15.26
C ASP D 326 -1.24 -3.13 -16.36
N PRO D 327 -2.53 -2.81 -16.47
CA PRO D 327 -3.38 -3.51 -17.45
C PRO D 327 -2.90 -3.43 -18.89
N ALA D 328 -2.39 -2.27 -19.33
CA ALA D 328 -1.93 -2.18 -20.71
C ALA D 328 -0.71 -3.05 -20.99
N PRO D 329 0.37 -3.01 -20.19
CA PRO D 329 1.45 -3.97 -20.42
C PRO D 329 1.02 -5.41 -20.25
N ALA D 330 0.11 -5.69 -19.32
CA ALA D 330 -0.37 -7.05 -19.15
C ALA D 330 -1.09 -7.54 -20.39
N THR D 331 -1.89 -6.68 -21.01
CA THR D 331 -2.59 -7.06 -22.23
C THR D 331 -1.63 -7.21 -23.40
N THR D 332 -0.64 -6.33 -23.51
CA THR D 332 0.24 -6.39 -24.68
C THR D 332 1.28 -7.51 -24.57
N PHE D 333 1.60 -7.98 -23.36
CA PHE D 333 2.54 -9.10 -23.26
C PHE D 333 1.91 -10.43 -23.63
N SER D 334 0.58 -10.53 -23.61
CA SER D 334 -0.04 -11.79 -23.97
C SER D 334 0.06 -12.10 -25.46
N HIS D 335 0.50 -11.14 -26.26
CA HIS D 335 0.66 -11.35 -27.70
C HIS D 335 2.10 -11.61 -28.13
N LEU D 336 3.07 -11.22 -27.32
CA LEU D 336 4.47 -11.34 -27.71
C LEU D 336 4.88 -12.81 -27.81
N ASP D 337 5.69 -13.12 -28.81
CA ASP D 337 6.26 -14.45 -28.96
C ASP D 337 7.72 -14.54 -28.50
N ALA D 338 8.42 -13.42 -28.44
CA ALA D 338 9.81 -13.41 -28.00
C ALA D 338 10.08 -12.12 -27.25
N THR D 339 11.35 -11.90 -26.90
CA THR D 339 11.75 -10.74 -26.14
C THR D 339 13.25 -10.59 -26.22
N THR D 340 13.73 -9.38 -26.50
CA THR D 340 15.15 -9.07 -26.50
C THR D 340 15.39 -7.87 -25.61
N ASN D 341 16.25 -8.04 -24.61
CA ASN D 341 16.59 -6.98 -23.66
C ASN D 341 18.01 -6.50 -23.96
N LEU D 342 18.15 -5.21 -24.22
CA LEU D 342 19.45 -4.61 -24.48
C LEU D 342 20.11 -4.21 -23.17
N GLU D 343 21.44 -4.28 -23.14
CA GLU D 343 22.19 -4.12 -21.90
C GLU D 343 23.27 -3.06 -22.06
N ARG D 344 23.13 -1.97 -21.31
CA ARG D 344 24.16 -0.94 -21.27
C ARG D 344 25.47 -1.47 -20.71
N LYS D 345 25.43 -2.47 -19.83
CA LYS D 345 26.66 -3.08 -19.33
C LYS D 345 27.45 -3.71 -20.46
N LEU D 346 26.78 -4.50 -21.30
CA LEU D 346 27.46 -5.10 -22.45
C LEU D 346 27.90 -4.02 -23.44
N ALA D 347 27.07 -2.99 -23.64
CA ALA D 347 27.46 -1.91 -24.54
C ALA D 347 28.75 -1.25 -24.07
N GLU D 348 28.87 -1.00 -22.77
CA GLU D 348 30.09 -0.42 -22.22
C GLU D 348 31.25 -1.39 -22.34
N MET D 349 31.01 -2.68 -22.10
CA MET D 349 32.05 -3.68 -22.28
C MET D 349 32.56 -3.71 -23.72
N GLY D 350 31.73 -3.31 -24.68
CA GLY D 350 32.21 -3.14 -26.04
C GLY D 350 31.79 -4.24 -27.00
N ILE D 351 30.56 -4.71 -26.87
CA ILE D 351 30.00 -5.69 -27.79
C ILE D 351 28.71 -5.15 -28.35
N TYR D 352 28.37 -5.60 -29.55
CA TYR D 352 27.17 -5.17 -30.24
C TYR D 352 26.45 -6.38 -30.81
N PRO D 353 25.11 -6.34 -30.91
CA PRO D 353 24.22 -5.23 -30.56
C PRO D 353 23.87 -5.12 -29.07
N ALA D 354 24.75 -5.63 -28.20
CA ALA D 354 24.57 -5.51 -26.75
C ALA D 354 23.26 -6.14 -26.28
N VAL D 355 22.90 -7.28 -26.89
CA VAL D 355 21.72 -8.02 -26.47
C VAL D 355 22.09 -8.90 -25.27
N ASP D 356 21.31 -8.81 -24.21
CA ASP D 356 21.56 -9.61 -23.04
C ASP D 356 21.35 -11.08 -23.38
N PRO D 357 22.37 -11.94 -23.21
CA PRO D 357 22.21 -13.35 -23.59
C PRO D 357 21.39 -14.15 -22.59
N LEU D 358 21.14 -13.63 -21.39
CA LEU D 358 20.40 -14.36 -20.37
C LEU D 358 18.98 -13.85 -20.20
N ALA D 359 18.78 -12.53 -20.29
CA ALA D 359 17.44 -11.97 -20.12
C ALA D 359 16.53 -12.23 -21.31
N SER D 360 17.11 -12.52 -22.48
CA SER D 360 16.31 -12.74 -23.67
C SER D 360 15.59 -14.09 -23.59
N THR D 361 14.33 -14.11 -24.01
CA THR D 361 13.53 -15.32 -24.02
C THR D 361 12.78 -15.41 -25.34
N SER D 362 12.45 -16.63 -25.74
CA SER D 362 11.73 -16.84 -26.99
C SER D 362 10.93 -18.13 -26.91
N ARG D 363 9.73 -18.10 -27.49
CA ARG D 363 8.89 -19.30 -27.54
C ARG D 363 9.41 -20.31 -28.55
N ALA D 364 10.25 -19.88 -29.49
CA ALA D 364 10.78 -20.79 -30.51
C ALA D 364 12.00 -21.57 -30.02
N LEU D 365 12.49 -21.29 -28.81
CA LEU D 365 13.67 -21.98 -28.27
C LEU D 365 13.21 -23.33 -27.72
N ALA D 366 13.06 -24.29 -28.64
CA ALA D 366 12.66 -25.64 -28.28
C ALA D 366 13.13 -26.57 -29.37
N PRO D 367 13.55 -27.80 -29.03
CA PRO D 367 14.06 -28.71 -30.07
C PRO D 367 13.04 -29.06 -31.13
N GLU D 368 11.74 -28.94 -30.83
CA GLU D 368 10.70 -29.25 -31.81
C GLU D 368 10.64 -28.24 -32.94
N ILE D 369 11.32 -27.11 -32.82
CA ILE D 369 11.27 -26.04 -33.81
C ILE D 369 12.66 -25.76 -34.40
N VAL D 370 13.66 -25.54 -33.54
CA VAL D 370 15.00 -25.21 -34.00
C VAL D 370 15.88 -26.42 -34.19
N GLY D 371 15.48 -27.58 -33.70
CA GLY D 371 16.30 -28.78 -33.82
C GLY D 371 16.95 -29.15 -32.49
N GLU D 372 17.23 -30.44 -32.34
CA GLU D 372 17.77 -30.95 -31.09
C GLU D 372 19.17 -30.43 -30.83
N GLU D 373 20.03 -30.47 -31.84
CA GLU D 373 21.39 -29.97 -31.66
C GLU D 373 21.41 -28.48 -31.40
N HIS D 374 20.55 -27.72 -32.09
CA HIS D 374 20.45 -26.29 -31.83
C HIS D 374 20.01 -26.03 -30.39
N TYR D 375 19.00 -26.77 -29.93
CA TYR D 375 18.51 -26.57 -28.58
C TYR D 375 19.57 -26.90 -27.55
N GLN D 376 20.28 -28.01 -27.74
CA GLN D 376 21.28 -28.41 -26.74
C GLN D 376 22.46 -27.44 -26.75
N VAL D 377 22.85 -26.94 -27.93
CA VAL D 377 23.93 -25.96 -27.99
C VAL D 377 23.53 -24.68 -27.26
N ALA D 378 22.29 -24.22 -27.49
CA ALA D 378 21.83 -23.01 -26.82
C ALA D 378 21.77 -23.20 -25.32
N ARG D 379 21.28 -24.37 -24.87
CA ARG D 379 21.21 -24.63 -23.43
C ARG D 379 22.61 -24.67 -22.82
N LYS D 380 23.56 -25.30 -23.51
CA LYS D 380 24.94 -25.33 -23.01
C LYS D 380 25.52 -23.94 -22.92
N VAL D 381 25.27 -23.10 -23.93
CA VAL D 381 25.78 -21.73 -23.92
C VAL D 381 25.20 -20.96 -22.73
N GLN D 382 23.89 -21.09 -22.52
CA GLN D 382 23.25 -20.39 -21.40
C GLN D 382 23.79 -20.87 -20.05
N GLN D 383 23.98 -22.18 -19.91
CA GLN D 383 24.51 -22.71 -18.67
C GLN D 383 25.94 -22.22 -18.42
N THR D 384 26.77 -22.22 -19.46
CA THR D 384 28.13 -21.73 -19.32
C THR D 384 28.15 -20.25 -18.95
N LEU D 385 27.28 -19.46 -19.55
CA LEU D 385 27.22 -18.04 -19.21
C LEU D 385 26.77 -17.82 -17.77
N GLN D 386 25.79 -18.59 -17.31
CA GLN D 386 25.34 -18.46 -15.93
C GLN D 386 26.46 -18.84 -14.97
N ARG D 387 27.16 -19.93 -15.26
CA ARG D 387 28.27 -20.34 -14.41
C ARG D 387 29.40 -19.30 -14.43
N TYR D 388 29.63 -18.67 -15.58
CA TYR D 388 30.63 -17.62 -15.67
C TYR D 388 30.25 -16.42 -14.82
N LYS D 389 28.98 -16.03 -14.84
CA LYS D 389 28.53 -14.93 -13.99
C LYS D 389 28.73 -15.28 -12.52
N GLU D 390 28.37 -16.51 -12.13
CA GLU D 390 28.54 -16.91 -10.74
C GLU D 390 30.02 -16.95 -10.35
N LEU D 391 30.88 -17.42 -11.26
CA LEU D 391 32.31 -17.46 -10.98
C LEU D 391 32.88 -16.06 -10.83
N GLN D 392 32.46 -15.13 -11.69
CA GLN D 392 32.90 -13.74 -11.56
C GLN D 392 32.48 -13.19 -10.21
N ASP D 393 31.23 -13.43 -9.82
CA ASP D 393 30.75 -12.95 -8.53
C ASP D 393 31.57 -13.53 -7.38
N ILE D 394 31.85 -14.84 -7.43
CA ILE D 394 32.54 -15.48 -6.32
C ILE D 394 34.00 -15.06 -6.25
N ILE D 395 34.64 -14.80 -7.39
CA ILE D 395 36.04 -14.40 -7.37
C ILE D 395 36.16 -12.94 -6.95
N ALA D 396 35.20 -12.09 -7.33
CA ALA D 396 35.25 -10.68 -6.99
C ALA D 396 34.66 -10.36 -5.62
N ILE D 397 33.96 -11.31 -5.00
CA ILE D 397 33.35 -11.03 -3.71
C ILE D 397 34.40 -10.88 -2.61
N LEU D 398 35.50 -11.62 -2.71
CA LEU D 398 36.61 -11.47 -1.78
C LEU D 398 37.94 -11.21 -2.47
N GLY D 399 37.95 -11.01 -3.78
CA GLY D 399 39.19 -10.83 -4.50
C GLY D 399 40.01 -12.09 -4.67
N MET D 400 39.43 -13.26 -4.37
CA MET D 400 40.12 -14.54 -4.45
C MET D 400 40.08 -15.05 -5.89
N ASP D 401 40.79 -14.33 -6.76
CA ASP D 401 40.77 -14.61 -8.19
C ASP D 401 41.65 -15.80 -8.57
N GLU D 402 42.44 -16.33 -7.64
CA GLU D 402 43.32 -17.46 -7.93
C GLU D 402 42.62 -18.80 -7.84
N LEU D 403 41.33 -18.83 -7.48
CA LEU D 403 40.60 -20.08 -7.31
C LEU D 403 40.19 -20.62 -8.68
N SER D 404 41.16 -21.26 -9.34
CA SER D 404 40.95 -21.84 -10.65
C SER D 404 40.47 -23.29 -10.59
N ASP D 405 40.37 -23.87 -9.40
CA ASP D 405 39.89 -25.25 -9.30
C ASP D 405 38.40 -25.34 -9.62
N GLU D 406 37.68 -24.22 -9.54
CA GLU D 406 36.27 -24.18 -9.94
C GLU D 406 36.20 -24.02 -11.46
N ASP D 407 36.85 -24.95 -12.15
CA ASP D 407 36.79 -25.04 -13.61
C ASP D 407 37.11 -23.72 -14.30
N LYS D 408 38.36 -23.27 -14.18
CA LYS D 408 38.86 -22.13 -14.94
C LYS D 408 38.54 -22.26 -16.43
N LEU D 409 38.38 -23.51 -16.88
CA LEU D 409 37.95 -23.75 -18.26
C LEU D 409 36.60 -23.12 -18.55
N VAL D 410 35.72 -23.05 -17.55
CA VAL D 410 34.43 -22.38 -17.75
C VAL D 410 34.63 -20.93 -18.15
N VAL D 411 35.49 -20.22 -17.40
CA VAL D 411 35.77 -18.82 -17.74
C VAL D 411 36.47 -18.73 -19.09
N HIS D 412 37.40 -19.64 -19.35
CA HIS D 412 38.15 -19.62 -20.61
C HIS D 412 37.21 -19.75 -21.80
N ARG D 413 36.24 -20.65 -21.72
CA ARG D 413 35.26 -20.78 -22.80
C ARG D 413 34.28 -19.61 -22.81
N ALA D 414 33.89 -19.11 -21.64
CA ALA D 414 32.81 -18.16 -21.56
C ALA D 414 33.21 -16.79 -22.08
N ARG D 415 34.44 -16.36 -21.82
CA ARG D 415 34.87 -15.07 -22.35
C ARG D 415 34.93 -15.11 -23.88
N ARG D 416 35.42 -16.22 -24.43
CA ARG D 416 35.41 -16.38 -25.89
C ARG D 416 33.99 -16.39 -26.42
N ILE D 417 33.07 -17.04 -25.71
CA ILE D 417 31.67 -17.06 -26.13
C ILE D 417 31.10 -15.64 -26.16
N GLN D 418 31.35 -14.88 -25.09
CA GLN D 418 30.84 -13.52 -25.02
C GLN D 418 31.39 -12.65 -26.13
N PHE D 419 32.69 -12.78 -26.41
CA PHE D 419 33.24 -12.00 -27.53
C PHE D 419 32.68 -12.46 -28.87
N PHE D 420 32.43 -13.77 -29.02
CA PHE D 420 31.90 -14.27 -30.27
C PHE D 420 30.45 -13.86 -30.49
N LEU D 421 29.71 -13.57 -29.42
CA LEU D 421 28.33 -13.11 -29.59
C LEU D 421 28.25 -11.79 -30.34
N SER D 422 29.31 -10.99 -30.32
CA SER D 422 29.29 -9.73 -31.03
C SER D 422 29.43 -9.96 -32.55
N GLN D 423 29.10 -8.94 -33.31
CA GLN D 423 29.10 -9.06 -34.77
C GLN D 423 29.29 -7.68 -35.39
N ASN D 424 29.91 -7.67 -36.57
CA ASN D 424 30.01 -6.47 -37.38
C ASN D 424 28.74 -6.31 -38.22
N PHE D 425 28.36 -5.06 -38.44
CA PHE D 425 27.12 -4.73 -39.11
C PHE D 425 27.39 -3.92 -40.37
N HIS D 426 26.52 -4.10 -41.37
CA HIS D 426 26.59 -3.26 -42.57
C HIS D 426 26.27 -1.81 -42.23
N VAL D 427 25.51 -1.57 -41.16
CA VAL D 427 25.17 -0.21 -40.76
C VAL D 427 26.41 0.51 -40.25
N ALA D 428 27.27 -0.19 -39.52
CA ALA D 428 28.45 0.42 -38.92
C ALA D 428 29.62 0.55 -39.90
N GLU D 429 29.39 0.29 -41.19
CA GLU D 429 30.47 0.36 -42.16
C GLU D 429 31.03 1.78 -42.27
N GLN D 430 30.16 2.78 -42.34
CA GLN D 430 30.63 4.15 -42.50
C GLN D 430 31.30 4.69 -41.24
N PHE D 431 31.21 3.98 -40.12
CA PHE D 431 31.90 4.39 -38.90
C PHE D 431 33.14 3.56 -38.59
N THR D 432 33.24 2.34 -39.13
CA THR D 432 34.36 1.48 -38.80
C THR D 432 35.24 1.13 -40.00
N GLY D 433 34.65 0.85 -41.16
CA GLY D 433 35.39 0.37 -42.30
C GLY D 433 35.25 -1.12 -42.55
N GLN D 434 34.75 -1.86 -41.58
CA GLN D 434 34.49 -3.28 -41.77
C GLN D 434 33.26 -3.46 -42.67
N PRO D 435 33.35 -4.25 -43.73
CA PRO D 435 32.19 -4.40 -44.64
C PRO D 435 30.97 -5.02 -43.99
N GLY D 436 31.10 -5.71 -42.87
CA GLY D 436 29.99 -6.41 -42.26
C GLY D 436 29.80 -7.81 -42.82
N SER D 437 28.97 -8.59 -42.12
CA SER D 437 28.79 -9.98 -42.49
C SER D 437 27.38 -10.44 -42.14
N TYR D 438 26.94 -11.50 -42.82
CA TYR D 438 25.65 -12.13 -42.60
C TYR D 438 25.90 -13.59 -42.23
N VAL D 439 25.49 -13.98 -41.03
CA VAL D 439 25.83 -15.27 -40.46
C VAL D 439 24.59 -16.16 -40.52
N PRO D 440 24.61 -17.26 -41.26
CA PRO D 440 23.50 -18.22 -41.20
C PRO D 440 23.42 -18.93 -39.86
N VAL D 441 22.20 -19.40 -39.55
CA VAL D 441 21.95 -20.03 -38.26
C VAL D 441 22.75 -21.31 -38.12
N LYS D 442 22.84 -22.11 -39.17
CA LYS D 442 23.63 -23.33 -39.11
C LYS D 442 25.10 -23.03 -38.87
N GLU D 443 25.63 -22.02 -39.56
CA GLU D 443 27.03 -21.67 -39.39
C GLU D 443 27.31 -21.18 -37.97
N THR D 444 26.44 -20.34 -37.41
CA THR D 444 26.69 -19.87 -36.06
C THR D 444 26.53 -20.99 -35.04
N VAL D 445 25.61 -21.92 -35.27
CA VAL D 445 25.49 -23.07 -34.38
C VAL D 445 26.77 -23.90 -34.41
N ARG D 446 27.30 -24.14 -35.61
CA ARG D 446 28.54 -24.89 -35.72
C ARG D 446 29.69 -24.17 -35.02
N GLY D 447 29.79 -22.86 -35.20
CA GLY D 447 30.86 -22.11 -34.56
C GLY D 447 30.77 -22.14 -33.05
N PHE D 448 29.57 -21.95 -32.51
CA PHE D 448 29.41 -21.98 -31.06
C PHE D 448 29.69 -23.37 -30.51
N LYS D 449 29.26 -24.42 -31.21
CA LYS D 449 29.58 -25.78 -30.77
C LYS D 449 31.09 -26.01 -30.76
N GLU D 450 31.78 -25.56 -31.81
CA GLU D 450 33.23 -25.75 -31.86
C GLU D 450 33.93 -25.01 -30.75
N ILE D 451 33.47 -23.78 -30.45
CA ILE D 451 34.06 -23.03 -29.34
C ILE D 451 33.82 -23.75 -28.02
N LEU D 452 32.60 -24.27 -27.82
CA LEU D 452 32.31 -25.00 -26.59
C LEU D 452 33.15 -26.27 -26.46
N GLU D 453 33.51 -26.88 -27.59
CA GLU D 453 34.30 -28.10 -27.57
C GLU D 453 35.74 -27.87 -27.12
N GLY D 454 36.18 -26.62 -27.02
CA GLY D 454 37.56 -26.34 -26.66
C GLY D 454 38.54 -26.35 -27.81
N LYS D 455 38.05 -26.41 -29.04
CA LYS D 455 38.94 -26.42 -30.20
C LYS D 455 39.75 -25.13 -30.29
N TYR D 456 39.25 -24.04 -29.71
CA TYR D 456 39.89 -22.73 -29.82
C TYR D 456 40.14 -22.12 -28.44
N ASP D 457 40.69 -22.92 -27.53
CA ASP D 457 41.06 -22.38 -26.22
C ASP D 457 42.36 -21.59 -26.31
N HIS D 458 43.27 -21.97 -27.20
CA HIS D 458 44.55 -21.31 -27.32
C HIS D 458 44.44 -19.95 -28.01
N LEU D 459 43.41 -19.73 -28.81
CA LEU D 459 43.28 -18.48 -29.54
C LEU D 459 43.02 -17.33 -28.56
N PRO D 460 43.55 -16.15 -28.83
CA PRO D 460 43.37 -15.02 -27.90
C PRO D 460 41.94 -14.53 -27.89
N GLU D 461 41.60 -13.82 -26.81
CA GLU D 461 40.23 -13.34 -26.64
C GLU D 461 39.87 -12.31 -27.70
N ASP D 462 40.81 -11.44 -28.07
CA ASP D 462 40.53 -10.40 -29.05
C ASP D 462 40.32 -10.95 -30.46
N ALA D 463 40.67 -12.22 -30.70
CA ALA D 463 40.46 -12.80 -32.02
C ALA D 463 38.99 -13.10 -32.29
N PHE D 464 38.15 -13.10 -31.26
CA PHE D 464 36.73 -13.37 -31.38
C PHE D 464 35.89 -12.09 -31.34
N ARG D 465 36.53 -10.93 -31.46
CA ARG D 465 35.89 -9.67 -31.07
C ARG D 465 34.71 -9.34 -31.96
N LEU D 466 34.95 -9.10 -33.26
CA LEU D 466 33.92 -8.56 -34.12
C LEU D 466 33.91 -9.18 -35.51
N VAL D 467 34.22 -10.46 -35.66
CA VAL D 467 34.45 -11.00 -37.00
C VAL D 467 33.21 -11.68 -37.57
N GLY D 468 32.34 -12.23 -36.72
CA GLY D 468 31.17 -12.92 -37.22
C GLY D 468 31.35 -14.42 -37.34
N ARG D 469 31.68 -14.90 -38.54
CA ARG D 469 31.83 -16.33 -38.77
C ARG D 469 33.07 -16.87 -38.05
N ILE D 470 33.06 -18.19 -37.83
CA ILE D 470 34.09 -18.80 -36.99
C ILE D 470 35.45 -18.80 -37.69
N GLU D 471 35.48 -19.04 -39.00
CA GLU D 471 36.75 -19.02 -39.72
C GLU D 471 37.40 -17.64 -39.67
N GLU D 472 36.58 -16.59 -39.66
CA GLU D 472 37.12 -15.25 -39.53
C GLU D 472 37.87 -15.08 -38.21
N VAL D 473 37.50 -15.85 -37.18
CA VAL D 473 38.24 -15.78 -35.91
C VAL D 473 39.68 -16.21 -36.11
N VAL D 474 39.88 -17.37 -36.74
CA VAL D 474 41.24 -17.88 -36.91
C VAL D 474 42.01 -17.01 -37.89
N GLU D 475 41.35 -16.48 -38.92
CA GLU D 475 42.04 -15.58 -39.84
C GLU D 475 42.47 -14.29 -39.15
N LYS D 476 41.61 -13.72 -38.30
CA LYS D 476 41.96 -12.54 -37.55
C LYS D 476 43.11 -12.83 -36.58
N ALA D 477 43.08 -14.00 -35.94
CA ALA D 477 44.17 -14.37 -35.04
C ALA D 477 45.49 -14.48 -35.80
N LYS D 478 45.47 -15.10 -36.98
CA LYS D 478 46.68 -15.20 -37.79
C LYS D 478 47.18 -13.83 -38.22
N ALA D 479 46.25 -12.94 -38.60
CA ALA D 479 46.65 -11.60 -39.00
C ALA D 479 47.28 -10.82 -37.84
N MET D 480 46.68 -10.91 -36.65
CA MET D 480 47.19 -10.16 -35.51
C MET D 480 48.42 -10.78 -34.89
N GLY D 481 48.68 -12.06 -35.15
CA GLY D 481 49.86 -12.73 -34.64
C GLY D 481 49.85 -12.87 -33.12
N MET E 12 -54.27 -4.68 -5.57
CA MET E 12 -54.65 -6.08 -5.64
C MET E 12 -53.48 -7.01 -5.37
N THR E 13 -53.56 -8.23 -5.88
CA THR E 13 -52.54 -9.25 -5.61
C THR E 13 -51.59 -9.36 -6.81
N ARG E 14 -51.99 -8.83 -7.95
CA ARG E 14 -51.27 -9.04 -9.20
C ARG E 14 -50.36 -7.86 -9.50
N GLY E 15 -49.13 -8.18 -9.93
CA GLY E 15 -48.22 -7.18 -10.45
C GLY E 15 -47.58 -7.68 -11.72
N ARG E 16 -46.92 -6.76 -12.43
CA ARG E 16 -46.35 -7.07 -13.72
C ARG E 16 -44.89 -6.64 -13.78
N VAL E 17 -44.04 -7.51 -14.35
CA VAL E 17 -42.63 -7.19 -14.50
C VAL E 17 -42.47 -6.07 -15.52
N ILE E 18 -41.61 -5.10 -15.20
CA ILE E 18 -41.34 -3.99 -16.11
C ILE E 18 -39.86 -3.81 -16.40
N GLN E 19 -38.97 -4.53 -15.74
CA GLN E 19 -37.54 -4.32 -15.95
C GLN E 19 -36.79 -5.55 -15.43
N VAL E 20 -36.00 -6.17 -16.29
CA VAL E 20 -35.13 -7.29 -15.91
C VAL E 20 -33.70 -6.89 -16.25
N MET E 21 -32.82 -6.95 -15.26
CA MET E 21 -31.42 -6.58 -15.44
C MET E 21 -30.57 -7.54 -14.63
N GLY E 22 -30.12 -8.61 -15.27
CA GLY E 22 -29.39 -9.65 -14.59
C GLY E 22 -30.26 -10.31 -13.52
N PRO E 23 -29.68 -10.55 -12.34
CA PRO E 23 -30.45 -11.13 -11.24
C PRO E 23 -31.42 -10.17 -10.56
N VAL E 24 -31.58 -8.95 -11.07
CA VAL E 24 -32.39 -7.92 -10.43
C VAL E 24 -33.64 -7.72 -11.27
N VAL E 25 -34.80 -7.86 -10.63
CA VAL E 25 -36.09 -7.73 -11.31
C VAL E 25 -36.90 -6.65 -10.61
N ASP E 26 -37.55 -5.81 -11.42
CA ASP E 26 -38.39 -4.73 -10.91
C ASP E 26 -39.83 -4.99 -11.28
N VAL E 27 -40.74 -4.85 -10.32
CA VAL E 27 -42.15 -5.15 -10.50
C VAL E 27 -42.95 -3.89 -10.20
N LYS E 28 -43.99 -3.68 -11.01
CA LYS E 28 -44.87 -2.51 -10.87
C LYS E 28 -46.28 -2.99 -10.52
N PHE E 29 -46.74 -2.62 -9.33
CA PHE E 29 -48.07 -2.99 -8.89
C PHE E 29 -49.04 -1.83 -9.14
N GLU E 30 -50.32 -2.07 -8.89
CA GLU E 30 -51.30 -0.99 -8.89
C GLU E 30 -51.14 -0.16 -7.62
N ASN E 31 -51.54 1.10 -7.71
CA ASN E 31 -51.30 2.04 -6.62
C ASN E 31 -52.06 1.62 -5.36
N GLY E 32 -51.39 1.77 -4.22
CA GLY E 32 -51.99 1.52 -2.93
C GLY E 32 -51.87 0.12 -2.40
N HIS E 33 -51.24 -0.79 -3.15
CA HIS E 33 -51.14 -2.18 -2.74
C HIS E 33 -49.72 -2.73 -2.88
N LEU E 34 -48.72 -1.89 -2.68
CA LEU E 34 -47.34 -2.35 -2.76
C LEU E 34 -47.03 -3.28 -1.59
N PRO E 35 -46.31 -4.37 -1.82
CA PRO E 35 -45.90 -5.24 -0.71
C PRO E 35 -44.80 -4.60 0.12
N ALA E 36 -44.72 -5.04 1.36
CA ALA E 36 -43.72 -4.51 2.28
C ALA E 36 -42.34 -5.08 1.94
N ILE E 37 -41.31 -4.48 2.54
CA ILE E 37 -39.95 -4.93 2.30
C ILE E 37 -39.77 -6.36 2.80
N TYR E 38 -38.89 -7.10 2.12
CA TYR E 38 -38.54 -8.49 2.41
C TYR E 38 -39.68 -9.46 2.14
N ASN E 39 -40.75 -9.02 1.48
CA ASN E 39 -41.82 -9.94 1.12
C ASN E 39 -41.36 -10.88 0.00
N ALA E 40 -42.10 -11.97 -0.16
CA ALA E 40 -41.79 -12.98 -1.16
C ALA E 40 -42.77 -12.85 -2.31
N LEU E 41 -42.26 -12.69 -3.53
CA LEU E 41 -43.07 -12.62 -4.73
C LEU E 41 -42.86 -13.89 -5.54
N LYS E 42 -43.96 -14.49 -6.00
CA LYS E 42 -43.93 -15.74 -6.74
C LYS E 42 -44.28 -15.49 -8.20
N ILE E 43 -43.50 -16.06 -9.09
CA ILE E 43 -43.77 -16.02 -10.53
C ILE E 43 -43.95 -17.44 -11.01
N GLN E 44 -45.16 -17.78 -11.44
CA GLN E 44 -45.46 -19.09 -12.00
C GLN E 44 -46.12 -18.88 -13.35
N HIS E 45 -45.46 -19.34 -14.41
CA HIS E 45 -45.93 -19.09 -15.76
C HIS E 45 -45.88 -20.37 -16.57
N LYS E 46 -46.78 -20.50 -17.53
CA LYS E 46 -46.83 -21.63 -18.43
C LYS E 46 -46.68 -21.15 -19.86
N ALA E 47 -45.90 -21.87 -20.65
CA ALA E 47 -45.63 -21.48 -22.03
C ALA E 47 -46.92 -21.43 -22.83
N ARG E 48 -47.29 -20.22 -23.25
CA ARG E 48 -48.51 -20.04 -24.04
C ARG E 48 -48.34 -20.53 -25.47
N ASN E 49 -47.12 -20.57 -25.98
CA ASN E 49 -46.84 -21.03 -27.32
C ASN E 49 -45.40 -21.52 -27.37
N GLU E 50 -44.87 -21.71 -28.58
CA GLU E 50 -43.54 -22.30 -28.74
C GLU E 50 -42.42 -21.27 -28.66
N ASN E 51 -42.74 -19.99 -28.45
CA ASN E 51 -41.72 -18.96 -28.34
C ASN E 51 -41.46 -18.56 -26.88
N GLU E 52 -41.94 -19.35 -25.92
CA GLU E 52 -41.78 -19.05 -24.51
C GLU E 52 -41.42 -20.31 -23.76
N VAL E 53 -40.94 -20.15 -22.53
CA VAL E 53 -40.55 -21.27 -21.67
C VAL E 53 -41.23 -21.11 -20.32
N ASP E 54 -41.41 -22.24 -19.64
CA ASP E 54 -42.04 -22.23 -18.33
C ASP E 54 -41.10 -21.62 -17.29
N ILE E 55 -41.67 -20.88 -16.35
CA ILE E 55 -40.90 -20.17 -15.33
C ILE E 55 -41.46 -20.49 -13.95
N ASP E 56 -40.58 -20.85 -13.04
CA ASP E 56 -40.93 -21.03 -11.62
C ASP E 56 -39.84 -20.33 -10.81
N LEU E 57 -40.15 -19.14 -10.31
CA LEU E 57 -39.15 -18.27 -9.71
C LEU E 57 -39.73 -17.61 -8.47
N THR E 58 -38.86 -17.27 -7.52
CA THR E 58 -39.23 -16.58 -6.30
C THR E 58 -38.36 -15.34 -6.13
N LEU E 59 -38.98 -14.22 -5.80
CA LEU E 59 -38.29 -12.95 -5.65
C LEU E 59 -38.46 -12.41 -4.23
N GLU E 60 -37.51 -11.59 -3.81
CA GLU E 60 -37.52 -10.97 -2.50
C GLU E 60 -37.50 -9.45 -2.67
N VAL E 61 -38.47 -8.77 -2.04
CA VAL E 61 -38.57 -7.33 -2.17
C VAL E 61 -37.43 -6.66 -1.41
N ALA E 62 -36.78 -5.70 -2.05
CA ALA E 62 -35.66 -4.99 -1.44
C ALA E 62 -35.90 -3.50 -1.25
N LEU E 63 -36.37 -2.80 -2.28
CA LEU E 63 -36.53 -1.35 -2.21
C LEU E 63 -37.88 -0.94 -2.78
N HIS E 64 -38.34 0.24 -2.37
CA HIS E 64 -39.46 0.92 -2.99
C HIS E 64 -38.91 2.09 -3.77
N LEU E 65 -38.89 1.97 -5.10
CA LEU E 65 -38.27 2.98 -5.95
C LEU E 65 -39.19 4.15 -6.25
N GLY E 66 -40.43 4.14 -5.76
CA GLY E 66 -41.40 5.14 -6.12
C GLY E 66 -42.07 4.80 -7.43
N ASP E 67 -43.07 5.60 -7.78
CA ASP E 67 -43.88 5.38 -8.99
C ASP E 67 -44.51 3.99 -9.00
N ASP E 68 -44.85 3.49 -7.81
CA ASP E 68 -45.49 2.18 -7.62
C ASP E 68 -44.61 1.03 -8.12
N THR E 69 -43.31 1.26 -8.27
CA THR E 69 -42.40 0.20 -8.66
C THR E 69 -41.67 -0.34 -7.44
N VAL E 70 -41.27 -1.60 -7.52
CA VAL E 70 -40.57 -2.29 -6.44
C VAL E 70 -39.36 -2.98 -7.02
N ARG E 71 -38.23 -2.88 -6.34
CA ARG E 71 -36.99 -3.51 -6.79
C ARG E 71 -36.73 -4.77 -5.98
N THR E 72 -36.53 -5.89 -6.67
CA THR E 72 -36.41 -7.19 -6.03
C THR E 72 -35.13 -7.88 -6.50
N ILE E 73 -34.73 -8.90 -5.73
CA ILE E 73 -33.60 -9.75 -6.07
C ILE E 73 -34.12 -11.17 -6.27
N ALA E 74 -33.59 -11.86 -7.27
CA ALA E 74 -34.07 -13.18 -7.63
C ALA E 74 -33.35 -14.27 -6.85
N MET E 75 -34.09 -15.35 -6.57
CA MET E 75 -33.56 -16.51 -5.87
C MET E 75 -33.15 -17.62 -6.83
N ALA E 76 -33.26 -17.42 -8.13
CA ALA E 76 -32.92 -18.42 -9.12
C ALA E 76 -32.54 -17.72 -10.41
N SER E 77 -32.45 -18.49 -11.50
CA SER E 77 -32.11 -17.92 -12.79
C SER E 77 -33.28 -17.13 -13.36
N THR E 78 -32.97 -15.99 -13.98
CA THR E 78 -33.98 -15.10 -14.53
C THR E 78 -34.17 -15.28 -16.04
N ASP E 79 -33.52 -16.27 -16.64
CA ASP E 79 -33.66 -16.47 -18.08
C ASP E 79 -35.09 -16.82 -18.44
N GLY E 80 -35.55 -16.32 -19.57
CA GLY E 80 -36.90 -16.56 -20.03
C GLY E 80 -37.92 -15.55 -19.55
N LEU E 81 -37.54 -14.60 -18.69
CA LEU E 81 -38.48 -13.61 -18.21
C LEU E 81 -38.93 -12.70 -19.34
N ILE E 82 -40.19 -12.27 -19.26
CA ILE E 82 -40.79 -11.39 -20.26
C ILE E 82 -41.42 -10.22 -19.52
N ARG E 83 -41.25 -9.01 -20.08
CA ARG E 83 -41.90 -7.85 -19.50
C ARG E 83 -43.41 -8.00 -19.62
N GLY E 84 -44.11 -7.76 -18.52
CA GLY E 84 -45.55 -7.90 -18.48
C GLY E 84 -46.06 -9.18 -17.85
N MET E 85 -45.19 -10.10 -17.47
CA MET E 85 -45.62 -11.33 -16.83
C MET E 85 -46.23 -11.03 -15.46
N GLU E 86 -47.27 -11.77 -15.11
CA GLU E 86 -47.98 -11.53 -13.86
C GLU E 86 -47.17 -12.03 -12.67
N VAL E 87 -47.21 -11.27 -11.58
CA VAL E 87 -46.50 -11.60 -10.35
C VAL E 87 -47.51 -11.59 -9.21
N ILE E 88 -47.47 -12.63 -8.38
CA ILE E 88 -48.39 -12.76 -7.25
C ILE E 88 -47.61 -12.56 -5.96
N ASP E 89 -48.21 -11.82 -5.03
CA ASP E 89 -47.60 -11.51 -3.76
C ASP E 89 -48.14 -12.44 -2.67
N THR E 90 -47.26 -12.84 -1.76
CA THR E 90 -47.65 -13.74 -0.68
C THR E 90 -48.09 -13.00 0.58
N GLY E 91 -47.76 -11.73 0.72
CA GLY E 91 -48.15 -10.96 1.88
C GLY E 91 -47.29 -11.16 3.11
N ALA E 92 -46.23 -11.95 3.01
CA ALA E 92 -45.35 -12.23 4.13
C ALA E 92 -44.00 -12.62 3.59
N PRO E 93 -42.94 -12.51 4.39
CA PRO E 93 -41.62 -12.94 3.92
C PRO E 93 -41.57 -14.45 3.68
N ILE E 94 -40.41 -14.94 3.25
CA ILE E 94 -40.27 -16.37 2.95
C ILE E 94 -40.64 -17.18 4.18
N SER E 95 -41.43 -18.23 3.98
CA SER E 95 -41.90 -19.08 5.06
C SER E 95 -41.33 -20.48 4.88
N VAL E 96 -40.79 -21.02 5.96
CA VAL E 96 -40.07 -22.30 5.92
C VAL E 96 -40.70 -23.24 6.94
N PRO E 97 -40.94 -24.50 6.60
CA PRO E 97 -41.53 -25.43 7.58
C PRO E 97 -40.63 -25.61 8.80
N VAL E 98 -41.26 -25.72 9.96
CA VAL E 98 -40.55 -25.93 11.22
C VAL E 98 -41.22 -27.05 11.98
N GLY E 99 -40.44 -27.71 12.83
CA GLY E 99 -40.96 -28.76 13.66
C GLY E 99 -40.23 -30.08 13.52
N GLU E 100 -40.90 -31.18 13.87
CA GLU E 100 -40.27 -32.49 13.81
C GLU E 100 -40.03 -32.93 12.37
N VAL E 101 -40.88 -32.52 11.44
CA VAL E 101 -40.77 -32.96 10.05
C VAL E 101 -39.46 -32.50 9.41
N THR E 102 -38.82 -31.48 9.97
CA THR E 102 -37.55 -30.99 9.43
C THR E 102 -36.36 -31.86 9.83
N LEU E 103 -36.53 -32.77 10.79
CA LEU E 103 -35.41 -33.58 11.24
C LEU E 103 -35.07 -34.65 10.20
N GLY E 104 -33.79 -34.78 9.89
CA GLY E 104 -33.32 -35.77 8.94
C GLY E 104 -33.50 -35.40 7.49
N ARG E 105 -33.98 -34.20 7.19
CA ARG E 105 -34.25 -33.78 5.82
C ARG E 105 -33.22 -32.75 5.38
N VAL E 106 -33.21 -32.47 4.09
CA VAL E 106 -32.33 -31.49 3.48
C VAL E 106 -33.19 -30.47 2.73
N PHE E 107 -32.95 -29.20 2.98
CA PHE E 107 -33.76 -28.12 2.42
C PHE E 107 -32.88 -27.11 1.71
N ASN E 108 -33.45 -26.46 0.70
CA ASN E 108 -32.80 -25.33 0.05
C ASN E 108 -33.17 -24.05 0.81
N VAL E 109 -32.88 -22.90 0.20
CA VAL E 109 -33.16 -21.63 0.87
C VAL E 109 -34.67 -21.39 0.99
N LEU E 110 -35.45 -21.88 0.03
CA LEU E 110 -36.88 -21.60 0.00
C LEU E 110 -37.70 -22.54 0.86
N GLY E 111 -37.06 -23.50 1.53
CA GLY E 111 -37.78 -24.45 2.36
C GLY E 111 -38.26 -25.68 1.66
N GLU E 112 -38.08 -25.79 0.36
CA GLU E 112 -38.47 -27.01 -0.34
C GLU E 112 -37.44 -28.11 -0.09
N PRO E 113 -37.89 -29.32 0.21
CA PRO E 113 -36.95 -30.42 0.42
C PRO E 113 -36.14 -30.71 -0.85
N ILE E 114 -34.88 -31.07 -0.64
CA ILE E 114 -33.96 -31.36 -1.73
C ILE E 114 -33.81 -32.85 -1.97
N ASP E 115 -33.72 -33.64 -0.89
CA ASP E 115 -33.54 -35.08 -1.01
C ASP E 115 -34.74 -35.74 -1.68
N LEU E 116 -34.64 -37.03 -1.94
CA LEU E 116 -35.71 -37.78 -2.57
C LEU E 116 -36.67 -38.40 -1.56
N GLU E 117 -36.76 -37.82 -0.36
CA GLU E 117 -37.61 -38.38 0.69
C GLU E 117 -39.08 -38.10 0.44
N GLY E 118 -39.42 -37.03 -0.25
CA GLY E 118 -40.80 -36.67 -0.48
C GLY E 118 -41.12 -35.31 0.10
N ASP E 119 -42.04 -34.61 -0.56
CA ASP E 119 -42.35 -33.24 -0.20
C ASP E 119 -43.13 -33.17 1.11
N ILE E 120 -43.07 -32.01 1.74
CA ILE E 120 -43.74 -31.75 3.01
C ILE E 120 -45.18 -31.36 2.74
N PRO E 121 -46.15 -31.86 3.51
CA PRO E 121 -47.55 -31.46 3.29
C PRO E 121 -47.73 -29.96 3.48
N ALA E 122 -48.63 -29.39 2.69
CA ALA E 122 -48.77 -27.94 2.63
C ALA E 122 -49.44 -27.35 3.86
N ASP E 123 -50.01 -28.16 4.73
CA ASP E 123 -50.66 -27.66 5.94
C ASP E 123 -49.71 -27.54 7.13
N ALA E 124 -48.46 -27.96 6.97
CA ALA E 124 -47.50 -27.86 8.07
C ALA E 124 -47.19 -26.40 8.39
N ARG E 125 -46.86 -26.16 9.65
CA ARG E 125 -46.58 -24.80 10.11
C ARG E 125 -45.31 -24.26 9.46
N ARG E 126 -45.37 -23.00 9.02
CA ARG E 126 -44.22 -22.32 8.44
C ARG E 126 -44.02 -21.00 9.15
N ASP E 127 -42.76 -20.55 9.21
CA ASP E 127 -42.44 -19.36 9.97
C ASP E 127 -41.68 -18.35 9.10
N PRO E 128 -41.85 -17.06 9.38
CA PRO E 128 -41.14 -16.05 8.59
C PRO E 128 -39.63 -16.14 8.78
N ILE E 129 -38.89 -15.76 7.73
CA ILE E 129 -37.44 -15.75 7.81
C ILE E 129 -36.96 -14.56 8.64
N HIS E 130 -37.28 -13.35 8.19
CA HIS E 130 -36.87 -12.15 8.91
C HIS E 130 -37.74 -11.96 10.13
N ARG E 131 -37.11 -11.73 11.27
CA ARG E 131 -37.79 -11.63 12.55
C ARG E 131 -36.98 -10.75 13.47
N PRO E 132 -37.62 -9.88 14.25
CA PRO E 132 -36.87 -9.06 15.20
C PRO E 132 -36.19 -9.93 16.25
N ALA E 133 -35.03 -9.47 16.70
CA ALA E 133 -34.26 -10.21 17.70
C ALA E 133 -34.98 -10.20 19.04
N PRO E 134 -34.74 -11.19 19.89
CA PRO E 134 -35.40 -11.22 21.20
C PRO E 134 -35.07 -9.98 22.01
N LYS E 135 -36.07 -9.50 22.75
CA LYS E 135 -35.96 -8.23 23.43
C LYS E 135 -35.08 -8.35 24.67
N PHE E 136 -34.88 -7.21 25.34
CA PHE E 136 -34.01 -7.15 26.50
C PHE E 136 -34.53 -8.04 27.63
N GLU E 137 -35.84 -8.07 27.84
CA GLU E 137 -36.40 -8.82 28.96
C GLU E 137 -36.16 -10.32 28.81
N GLU E 138 -36.27 -10.84 27.59
CA GLU E 138 -36.26 -12.27 27.37
C GLU E 138 -34.89 -12.90 27.62
N LEU E 139 -33.82 -12.11 27.59
CA LEU E 139 -32.49 -12.66 27.70
C LEU E 139 -32.20 -13.16 29.10
N ALA E 140 -31.38 -14.21 29.18
CA ALA E 140 -30.94 -14.73 30.48
C ALA E 140 -29.98 -13.74 31.13
N THR E 141 -30.03 -13.70 32.46
CA THR E 141 -29.27 -12.72 33.22
C THR E 141 -27.84 -13.16 33.53
N GLU E 142 -27.58 -14.45 33.62
CA GLU E 142 -26.27 -14.95 34.03
C GLU E 142 -25.72 -15.89 32.98
N VAL E 143 -24.39 -16.03 32.97
CA VAL E 143 -23.70 -16.86 31.99
C VAL E 143 -23.67 -18.29 32.48
N GLU E 144 -23.94 -19.23 31.56
CA GLU E 144 -23.89 -20.65 31.84
C GLU E 144 -22.91 -21.32 30.91
N ILE E 145 -22.37 -22.47 31.35
CA ILE E 145 -21.40 -23.22 30.58
C ILE E 145 -22.07 -24.46 30.00
N LEU E 146 -21.91 -24.66 28.69
CA LEU E 146 -22.48 -25.80 28.01
C LEU E 146 -21.47 -26.95 28.04
N GLU E 147 -21.78 -28.00 28.79
CA GLU E 147 -20.90 -29.14 28.90
C GLU E 147 -21.00 -29.99 27.63
N THR E 148 -19.90 -30.09 26.90
CA THR E 148 -19.89 -30.84 25.64
C THR E 148 -19.46 -32.28 25.80
N GLY E 149 -18.75 -32.62 26.88
CA GLY E 149 -18.25 -33.96 27.07
C GLY E 149 -16.91 -34.25 26.44
N ILE E 150 -16.26 -33.25 25.83
CA ILE E 150 -14.93 -33.40 25.27
C ILE E 150 -13.96 -32.75 26.25
N LYS E 151 -12.87 -33.44 26.58
CA LYS E 151 -11.98 -32.98 27.63
C LYS E 151 -11.32 -31.66 27.27
N VAL E 152 -10.80 -31.56 26.04
CA VAL E 152 -10.08 -30.35 25.64
C VAL E 152 -10.99 -29.14 25.72
N VAL E 153 -12.18 -29.25 25.14
CA VAL E 153 -13.11 -28.12 25.12
C VAL E 153 -13.58 -27.79 26.53
N ASP E 154 -13.95 -28.81 27.30
CA ASP E 154 -14.48 -28.58 28.64
C ASP E 154 -13.44 -28.06 29.60
N LEU E 155 -12.15 -28.23 29.30
CA LEU E 155 -11.10 -27.76 30.20
C LEU E 155 -10.52 -26.41 29.77
N LEU E 156 -10.02 -26.32 28.53
CA LEU E 156 -9.26 -25.15 28.14
C LEU E 156 -10.10 -24.06 27.49
N ALA E 157 -11.07 -24.44 26.65
CA ALA E 157 -11.91 -23.46 25.94
C ALA E 157 -13.37 -23.82 26.14
N PRO E 158 -13.93 -23.50 27.31
CA PRO E 158 -15.32 -23.85 27.57
C PRO E 158 -16.28 -23.13 26.64
N TYR E 159 -17.43 -23.76 26.39
CA TYR E 159 -18.46 -23.22 25.53
C TYR E 159 -19.56 -22.59 26.38
N ILE E 160 -19.90 -21.35 26.07
CA ILE E 160 -20.94 -20.62 26.78
C ILE E 160 -22.27 -20.88 26.09
N LYS E 161 -23.29 -21.24 26.88
CA LYS E 161 -24.62 -21.38 26.34
C LYS E 161 -25.06 -20.07 25.70
N GLY E 162 -25.56 -20.14 24.47
CA GLY E 162 -25.88 -18.95 23.73
C GLY E 162 -24.70 -18.23 23.14
N GLY E 163 -23.50 -18.81 23.23
CA GLY E 163 -22.32 -18.16 22.71
C GLY E 163 -21.98 -18.58 21.29
N LYS E 164 -21.13 -17.79 20.66
CA LYS E 164 -20.65 -18.05 19.32
C LYS E 164 -19.19 -18.51 19.39
N ILE E 165 -18.88 -19.60 18.70
CA ILE E 165 -17.56 -20.20 18.75
C ILE E 165 -16.98 -20.23 17.35
N GLY E 166 -15.77 -19.70 17.20
CA GLY E 166 -15.09 -19.72 15.91
C GLY E 166 -14.26 -20.98 15.77
N LEU E 167 -14.42 -21.64 14.63
CA LEU E 167 -13.72 -22.88 14.34
C LEU E 167 -12.73 -22.65 13.21
N PHE E 168 -11.47 -22.97 13.45
CA PHE E 168 -10.40 -22.72 12.51
C PHE E 168 -9.76 -24.04 12.09
N GLY E 169 -9.34 -24.11 10.83
CA GLY E 169 -8.67 -25.31 10.34
C GLY E 169 -9.05 -25.66 8.92
N GLY E 170 -8.08 -26.15 8.15
CA GLY E 170 -8.32 -26.58 6.80
C GLY E 170 -8.95 -27.97 6.75
N ALA E 171 -9.07 -28.48 5.53
CA ALA E 171 -9.64 -29.81 5.34
C ALA E 171 -8.66 -30.89 5.79
N GLY E 172 -9.21 -32.06 6.09
CA GLY E 172 -8.40 -33.20 6.44
C GLY E 172 -7.76 -33.16 7.81
N VAL E 173 -8.31 -32.39 8.74
CA VAL E 173 -7.76 -32.27 10.09
C VAL E 173 -8.75 -32.68 11.16
N GLY E 174 -10.00 -32.93 10.80
CA GLY E 174 -10.99 -33.44 11.74
C GLY E 174 -12.21 -32.57 11.98
N LYS E 175 -12.47 -31.59 11.12
CA LYS E 175 -13.61 -30.69 11.33
C LYS E 175 -14.92 -31.46 11.32
N THR E 176 -15.12 -32.33 10.33
CA THR E 176 -16.37 -33.07 10.22
C THR E 176 -16.55 -34.02 11.39
N VAL E 177 -15.48 -34.70 11.79
CA VAL E 177 -15.56 -35.61 12.94
C VAL E 177 -15.91 -34.85 14.20
N LEU E 178 -15.28 -33.69 14.41
CA LEU E 178 -15.60 -32.89 15.59
C LEU E 178 -17.06 -32.44 15.58
N ILE E 179 -17.55 -32.01 14.42
CA ILE E 179 -18.94 -31.57 14.32
C ILE E 179 -19.88 -32.72 14.65
N GLN E 180 -19.62 -33.90 14.07
CA GLN E 180 -20.49 -35.04 14.30
C GLN E 180 -20.48 -35.45 15.77
N GLU E 181 -19.31 -35.45 16.39
CA GLU E 181 -19.24 -35.84 17.79
C GLU E 181 -19.92 -34.82 18.69
N LEU E 182 -19.80 -33.53 18.36
CA LEU E 182 -20.50 -32.52 19.13
C LEU E 182 -22.01 -32.74 19.05
N ILE E 183 -22.52 -32.98 17.85
CA ILE E 183 -23.95 -33.22 17.68
C ILE E 183 -24.38 -34.44 18.48
N HIS E 184 -23.63 -35.53 18.38
CA HIS E 184 -23.99 -36.76 19.05
C HIS E 184 -24.01 -36.58 20.57
N ASN E 185 -22.96 -35.95 21.11
CA ASN E 185 -22.87 -35.77 22.55
C ASN E 185 -23.99 -34.86 23.06
N ILE E 186 -24.26 -33.76 22.35
CA ILE E 186 -25.31 -32.86 22.79
C ILE E 186 -26.67 -33.56 22.76
N ALA E 187 -26.95 -34.30 21.68
CA ALA E 187 -28.22 -35.00 21.59
C ALA E 187 -28.35 -36.05 22.69
N GLN E 188 -27.25 -36.75 22.99
CA GLN E 188 -27.31 -37.84 23.95
C GLN E 188 -27.48 -37.34 25.38
N GLU E 189 -26.74 -36.28 25.74
CA GLU E 189 -26.69 -35.87 27.15
C GLU E 189 -27.49 -34.62 27.45
N HIS E 190 -28.17 -34.03 26.47
CA HIS E 190 -29.05 -32.89 26.71
C HIS E 190 -30.40 -33.01 26.03
N GLY E 191 -30.55 -33.88 25.04
CA GLY E 191 -31.79 -34.01 24.32
C GLY E 191 -32.05 -32.97 23.27
N GLY E 192 -31.11 -32.05 23.05
CA GLY E 192 -31.30 -30.99 22.07
C GLY E 192 -30.73 -31.35 20.72
N ILE E 193 -31.46 -30.96 19.67
CA ILE E 193 -31.06 -31.24 18.29
C ILE E 193 -30.07 -30.18 17.83
N SER E 194 -29.48 -30.40 16.65
CA SER E 194 -28.60 -29.44 16.01
C SER E 194 -29.08 -29.19 14.59
N VAL E 195 -28.68 -28.04 14.04
CA VAL E 195 -29.04 -27.64 12.69
C VAL E 195 -27.78 -27.25 11.96
N PHE E 196 -27.65 -27.71 10.71
CA PHE E 196 -26.49 -27.40 9.88
C PHE E 196 -26.91 -26.52 8.71
N ALA E 197 -26.12 -25.49 8.43
CA ALA E 197 -26.42 -24.51 7.38
C ALA E 197 -25.17 -24.35 6.51
N GLY E 198 -25.16 -25.01 5.37
CA GLY E 198 -24.02 -24.97 4.46
C GLY E 198 -24.00 -23.78 3.55
N VAL E 199 -23.64 -22.61 4.07
CA VAL E 199 -23.60 -21.40 3.25
C VAL E 199 -22.41 -21.47 2.31
N GLY E 200 -22.67 -21.35 1.00
CA GLY E 200 -21.60 -21.29 0.02
C GLY E 200 -20.70 -22.51 -0.01
N GLU E 201 -21.27 -23.68 0.19
CA GLU E 201 -20.48 -24.90 0.24
C GLU E 201 -20.12 -25.38 -1.16
N ARG E 202 -19.12 -26.24 -1.23
CA ARG E 202 -18.87 -27.01 -2.44
C ARG E 202 -19.82 -28.21 -2.46
N THR E 203 -20.47 -28.44 -3.61
CA THR E 203 -21.55 -29.41 -3.67
C THR E 203 -21.06 -30.82 -3.34
N ARG E 204 -19.89 -31.20 -3.87
CA ARG E 204 -19.38 -32.54 -3.61
C ARG E 204 -19.05 -32.72 -2.12
N GLU E 205 -18.48 -31.69 -1.51
CA GLU E 205 -18.17 -31.77 -0.08
C GLU E 205 -19.45 -31.87 0.75
N GLY E 206 -20.48 -31.12 0.35
CA GLY E 206 -21.76 -31.22 1.06
C GLY E 206 -22.36 -32.61 0.94
N ASN E 207 -22.31 -33.20 -0.25
CA ASN E 207 -22.82 -34.55 -0.44
C ASN E 207 -22.03 -35.55 0.39
N ASP E 208 -20.70 -35.40 0.43
CA ASP E 208 -19.88 -36.30 1.23
C ASP E 208 -20.21 -36.18 2.72
N LEU E 209 -20.39 -34.95 3.19
CA LEU E 209 -20.75 -34.75 4.60
C LEU E 209 -22.12 -35.35 4.91
N TYR E 210 -23.07 -35.19 4.00
CA TYR E 210 -24.39 -35.77 4.19
C TYR E 210 -24.31 -37.29 4.28
N HIS E 211 -23.53 -37.91 3.39
CA HIS E 211 -23.39 -39.36 3.44
C HIS E 211 -22.67 -39.81 4.70
N GLU E 212 -21.67 -39.04 5.15
CA GLU E 212 -20.97 -39.38 6.39
C GLU E 212 -21.92 -39.36 7.57
N MET E 213 -22.75 -38.31 7.67
CA MET E 213 -23.71 -38.26 8.78
C MET E 213 -24.74 -39.37 8.67
N LYS E 214 -25.20 -39.68 7.46
CA LYS E 214 -26.16 -40.76 7.29
C LYS E 214 -25.58 -42.09 7.73
N ASP E 215 -24.31 -42.34 7.40
CA ASP E 215 -23.66 -43.57 7.85
C ASP E 215 -23.50 -43.59 9.36
N SER E 216 -23.05 -42.48 9.94
CA SER E 216 -22.80 -42.44 11.38
C SER E 216 -24.08 -42.43 12.20
N GLY E 217 -25.23 -42.17 11.58
CA GLY E 217 -26.48 -42.18 12.32
C GLY E 217 -26.80 -40.89 13.02
N VAL E 218 -25.97 -39.86 12.86
CA VAL E 218 -26.25 -38.56 13.47
C VAL E 218 -27.47 -37.91 12.84
N ILE E 219 -27.68 -38.12 11.54
CA ILE E 219 -28.70 -37.39 10.78
C ILE E 219 -30.10 -37.60 11.32
N SER E 220 -30.31 -38.62 12.16
CA SER E 220 -31.64 -38.86 12.71
C SER E 220 -32.13 -37.75 13.62
N LYS E 221 -31.23 -36.89 14.09
CA LYS E 221 -31.57 -35.82 15.02
C LYS E 221 -30.92 -34.50 14.60
N THR E 222 -31.06 -34.16 13.32
CA THR E 222 -30.51 -32.90 12.83
C THR E 222 -31.28 -32.49 11.58
N ALA E 223 -31.18 -31.20 11.26
CA ALA E 223 -31.79 -30.64 10.06
C ALA E 223 -30.71 -29.94 9.25
N MET E 224 -30.77 -30.09 7.93
CA MET E 224 -29.70 -29.66 7.04
C MET E 224 -30.25 -28.67 6.02
N VAL E 225 -29.53 -27.57 5.82
CA VAL E 225 -29.87 -26.56 4.82
C VAL E 225 -28.64 -26.28 3.99
N PHE E 226 -28.78 -26.34 2.67
CA PHE E 226 -27.67 -26.15 1.75
C PHE E 226 -27.92 -24.98 0.81
N GLY E 227 -26.95 -24.10 0.71
CA GLY E 227 -26.91 -23.10 -0.34
C GLY E 227 -25.70 -23.29 -1.22
N GLN E 228 -25.89 -23.72 -2.45
CA GLN E 228 -24.78 -24.06 -3.32
C GLN E 228 -24.10 -22.79 -3.83
N MET E 229 -22.89 -22.97 -4.36
CA MET E 229 -22.16 -21.85 -4.93
C MET E 229 -22.73 -21.41 -6.27
N ASN E 230 -23.50 -22.26 -6.93
CA ASN E 230 -24.13 -21.89 -8.19
C ASN E 230 -25.47 -21.18 -7.99
N GLU E 231 -25.90 -21.00 -6.75
CA GLU E 231 -27.11 -20.26 -6.46
C GLU E 231 -26.85 -18.76 -6.53
N PRO E 232 -27.89 -17.97 -6.76
CA PRO E 232 -27.72 -16.51 -6.82
C PRO E 232 -27.39 -15.95 -5.44
N PRO E 233 -26.85 -14.72 -5.40
CA PRO E 233 -26.46 -14.13 -4.11
C PRO E 233 -27.60 -14.02 -3.12
N GLY E 234 -28.83 -13.81 -3.57
CA GLY E 234 -29.94 -13.74 -2.64
C GLY E 234 -30.10 -15.04 -1.85
N ALA E 235 -30.07 -16.17 -2.54
CA ALA E 235 -30.15 -17.46 -1.85
C ALA E 235 -28.92 -17.66 -0.97
N ARG E 236 -27.74 -17.36 -1.50
CA ARG E 236 -26.52 -17.54 -0.73
C ARG E 236 -26.51 -16.69 0.53
N MET E 237 -27.26 -15.59 0.54
CA MET E 237 -27.35 -14.73 1.71
C MET E 237 -28.45 -15.14 2.67
N ARG E 238 -29.55 -15.70 2.16
CA ARG E 238 -30.68 -16.05 3.03
C ARG E 238 -30.63 -17.47 3.58
N VAL E 239 -29.67 -18.31 3.12
CA VAL E 239 -29.58 -19.67 3.66
C VAL E 239 -29.29 -19.64 5.16
N ALA E 240 -28.39 -18.77 5.60
CA ALA E 240 -28.09 -18.68 7.02
C ALA E 240 -29.32 -18.32 7.83
N LEU E 241 -30.10 -17.36 7.32
CA LEU E 241 -31.30 -16.94 8.03
C LEU E 241 -32.33 -18.05 8.10
N THR E 242 -32.49 -18.83 7.02
CA THR E 242 -33.46 -19.91 7.08
C THR E 242 -33.03 -21.01 8.05
N GLY E 243 -31.73 -21.30 8.12
CA GLY E 243 -31.26 -22.21 9.14
C GLY E 243 -31.52 -21.70 10.54
N LEU E 244 -31.25 -20.42 10.77
CA LEU E 244 -31.47 -19.83 12.09
C LEU E 244 -32.95 -19.90 12.48
N THR E 245 -33.84 -19.59 11.54
CA THR E 245 -35.27 -19.64 11.88
C THR E 245 -35.77 -21.07 12.01
N MET E 246 -35.09 -22.04 11.40
CA MET E 246 -35.38 -23.43 11.73
C MET E 246 -35.03 -23.74 13.17
N ALA E 247 -33.88 -23.23 13.64
CA ALA E 247 -33.46 -23.51 15.01
C ALA E 247 -34.30 -22.75 16.05
N GLU E 248 -34.85 -21.59 15.66
CA GLU E 248 -35.60 -20.78 16.61
C GLU E 248 -36.85 -21.48 17.12
N TYR E 249 -37.49 -22.29 16.26
CA TYR E 249 -38.67 -23.02 16.70
C TYR E 249 -38.35 -23.94 17.86
N PHE E 250 -37.24 -24.67 17.75
CA PHE E 250 -36.86 -25.58 18.84
C PHE E 250 -36.36 -24.81 20.05
N ARG E 251 -35.76 -23.64 19.85
CA ARG E 251 -35.40 -22.82 21.01
C ARG E 251 -36.64 -22.39 21.79
N ASP E 252 -37.68 -21.97 21.08
CA ASP E 252 -38.83 -21.34 21.73
C ASP E 252 -39.89 -22.33 22.17
N GLU E 253 -40.43 -23.11 21.24
CA GLU E 253 -41.57 -23.97 21.55
C GLU E 253 -41.15 -25.16 22.41
N GLN E 254 -40.23 -25.99 21.92
CA GLN E 254 -39.79 -27.14 22.68
C GLN E 254 -38.98 -26.74 23.91
N GLY E 255 -38.37 -25.57 23.91
CA GLY E 255 -37.61 -25.11 25.06
C GLY E 255 -36.39 -25.95 25.37
N GLN E 256 -35.60 -26.27 24.36
CA GLN E 256 -34.42 -27.11 24.53
C GLN E 256 -33.22 -26.44 23.86
N ASP E 257 -32.03 -26.75 24.39
CA ASP E 257 -30.81 -26.17 23.86
C ASP E 257 -30.51 -26.73 22.47
N VAL E 258 -30.03 -25.86 21.58
CA VAL E 258 -29.85 -26.20 20.17
C VAL E 258 -28.44 -25.79 19.74
N LEU E 259 -27.84 -26.61 18.90
CA LEU E 259 -26.60 -26.26 18.20
C LEU E 259 -26.94 -25.77 16.81
N LEU E 260 -26.16 -24.81 16.31
CA LEU E 260 -26.34 -24.27 14.97
C LEU E 260 -24.97 -24.14 14.32
N PHE E 261 -24.75 -24.89 13.23
CA PHE E 261 -23.47 -24.89 12.53
C PHE E 261 -23.60 -24.10 11.24
N ILE E 262 -22.66 -23.20 11.01
CA ILE E 262 -22.60 -22.43 9.77
C ILE E 262 -21.31 -22.80 9.06
N ASP E 263 -21.43 -23.27 7.82
CA ASP E 263 -20.26 -23.82 7.13
C ASP E 263 -19.19 -22.77 6.89
N ASN E 264 -19.58 -21.57 6.45
CA ASN E 264 -18.61 -20.50 6.24
C ASN E 264 -19.35 -19.18 6.23
N ILE E 265 -19.12 -18.34 7.24
CA ILE E 265 -19.82 -17.06 7.32
C ILE E 265 -19.18 -16.00 6.42
N PHE E 266 -17.90 -16.16 6.06
CA PHE E 266 -17.28 -15.22 5.15
C PHE E 266 -17.98 -15.22 3.80
N ARG E 267 -18.44 -16.39 3.35
CA ARG E 267 -19.20 -16.43 2.11
C ARG E 267 -20.55 -15.72 2.26
N PHE E 268 -21.14 -15.76 3.46
CA PHE E 268 -22.34 -14.97 3.72
C PHE E 268 -22.06 -13.49 3.56
N THR E 269 -20.94 -13.02 4.13
CA THR E 269 -20.59 -11.60 3.98
C THR E 269 -20.31 -11.26 2.51
N GLN E 270 -19.64 -12.16 1.80
CA GLN E 270 -19.34 -11.91 0.39
C GLN E 270 -20.61 -11.84 -0.44
N ALA E 271 -21.58 -12.72 -0.17
CA ALA E 271 -22.85 -12.65 -0.87
C ALA E 271 -23.58 -11.35 -0.55
N GLY E 272 -23.51 -10.90 0.69
CA GLY E 272 -24.09 -9.60 1.03
C GLY E 272 -23.44 -8.47 0.25
N SER E 273 -22.11 -8.49 0.12
CA SER E 273 -21.43 -7.47 -0.65
C SER E 273 -21.83 -7.53 -2.12
N GLU E 274 -21.97 -8.73 -2.67
CA GLU E 274 -22.37 -8.87 -4.06
C GLU E 274 -23.77 -8.32 -4.30
N VAL E 275 -24.70 -8.64 -3.41
CA VAL E 275 -26.07 -8.16 -3.62
C VAL E 275 -26.13 -6.64 -3.43
N SER E 276 -25.33 -6.10 -2.50
CA SER E 276 -25.27 -4.64 -2.37
C SER E 276 -24.73 -4.00 -3.64
N ALA E 277 -23.70 -4.61 -4.24
CA ALA E 277 -23.18 -4.10 -5.50
C ALA E 277 -24.23 -4.14 -6.59
N LEU E 278 -25.01 -5.23 -6.65
CA LEU E 278 -26.09 -5.31 -7.64
C LEU E 278 -27.12 -4.21 -7.43
N LEU E 279 -27.53 -3.97 -6.19
CA LEU E 279 -28.48 -2.90 -5.91
C LEU E 279 -27.89 -1.53 -6.21
N GLY E 280 -26.58 -1.37 -6.11
CA GLY E 280 -25.93 -0.14 -6.53
C GLY E 280 -25.54 0.81 -5.43
N ARG E 281 -25.54 0.39 -4.17
CA ARG E 281 -25.10 1.24 -3.09
C ARG E 281 -23.61 1.53 -3.21
N MET E 282 -23.20 2.69 -2.71
CA MET E 282 -21.79 3.04 -2.76
C MET E 282 -20.97 2.08 -1.90
N PRO E 283 -19.81 1.65 -2.38
CA PRO E 283 -19.03 0.65 -1.64
C PRO E 283 -18.46 1.19 -0.33
N SER E 284 -18.24 0.27 0.60
CA SER E 284 -17.70 0.58 1.91
C SER E 284 -16.18 0.47 1.85
N ALA E 285 -15.53 0.35 3.02
CA ALA E 285 -14.08 0.47 3.17
C ALA E 285 -13.29 -0.23 2.06
N VAL E 286 -13.40 -1.54 1.95
CA VAL E 286 -12.59 -2.25 0.96
C VAL E 286 -13.50 -2.88 -0.10
N GLY E 287 -14.61 -2.22 -0.39
CA GLY E 287 -15.55 -2.71 -1.38
C GLY E 287 -16.71 -3.48 -0.82
N TYR E 288 -16.72 -3.76 0.48
CA TYR E 288 -17.84 -4.44 1.09
C TYR E 288 -19.08 -3.54 1.08
N GLN E 289 -20.20 -4.11 1.47
CA GLN E 289 -21.42 -3.33 1.58
C GLN E 289 -21.30 -2.34 2.73
N PRO E 290 -21.90 -1.16 2.61
CA PRO E 290 -21.94 -0.25 3.76
C PRO E 290 -22.66 -0.85 4.97
N THR E 291 -23.67 -1.68 4.73
CA THR E 291 -24.48 -2.26 5.79
C THR E 291 -23.88 -3.53 6.37
N LEU E 292 -22.57 -3.73 6.27
CA LEU E 292 -21.95 -4.97 6.71
C LEU E 292 -22.17 -5.20 8.20
N ALA E 293 -21.88 -4.19 9.01
CA ALA E 293 -21.98 -4.34 10.45
C ALA E 293 -23.41 -4.64 10.88
N THR E 294 -24.38 -3.91 10.32
CA THR E 294 -25.76 -4.10 10.73
C THR E 294 -26.32 -5.43 10.21
N GLU E 295 -25.88 -5.90 9.05
CA GLU E 295 -26.30 -7.21 8.57
C GLU E 295 -25.77 -8.31 9.49
N MET E 296 -24.48 -8.23 9.83
CA MET E 296 -23.92 -9.22 10.75
C MET E 296 -24.61 -9.16 12.10
N GLY E 297 -24.94 -7.96 12.57
CA GLY E 297 -25.67 -7.84 13.82
C GLY E 297 -27.04 -8.48 13.76
N GLN E 298 -27.78 -8.20 12.68
CA GLN E 298 -29.11 -8.78 12.54
C GLN E 298 -29.07 -10.29 12.41
N LEU E 299 -27.95 -10.84 11.93
CA LEU E 299 -27.84 -12.30 11.90
C LEU E 299 -27.46 -12.86 13.27
N GLN E 300 -26.42 -12.30 13.89
CA GLN E 300 -25.86 -12.91 15.11
C GLN E 300 -26.75 -12.68 16.32
N GLU E 301 -27.40 -11.52 16.40
CA GLU E 301 -28.15 -11.17 17.61
C GLU E 301 -29.34 -12.07 17.88
N ARG E 302 -29.75 -12.88 16.91
CA ARG E 302 -30.82 -13.85 17.16
C ARG E 302 -30.29 -15.13 17.77
N ILE E 303 -28.97 -15.34 17.79
CA ILE E 303 -28.37 -16.51 18.41
C ILE E 303 -28.02 -16.11 19.84
N THR E 304 -28.98 -16.24 20.75
CA THR E 304 -28.79 -15.86 22.14
C THR E 304 -29.39 -16.92 23.05
N SER E 305 -29.35 -16.66 24.34
CA SER E 305 -29.95 -17.52 25.35
C SER E 305 -31.11 -16.80 26.01
N THR E 306 -32.27 -17.43 26.02
CA THR E 306 -33.47 -16.85 26.61
C THR E 306 -33.77 -17.56 27.93
N ALA E 307 -34.90 -17.19 28.54
CA ALA E 307 -35.26 -17.74 29.84
C ALA E 307 -35.58 -19.22 29.75
N LYS E 308 -36.10 -19.69 28.63
CA LYS E 308 -36.56 -21.07 28.50
C LYS E 308 -35.80 -21.85 27.44
N GLY E 309 -34.60 -21.42 27.09
CA GLY E 309 -33.83 -22.11 26.08
C GLY E 309 -32.64 -21.28 25.65
N SER E 310 -31.92 -21.83 24.67
CA SER E 310 -30.72 -21.16 24.17
C SER E 310 -30.33 -21.78 22.83
N ILE E 311 -29.69 -20.96 22.00
CA ILE E 311 -29.07 -21.42 20.76
C ILE E 311 -27.60 -21.04 20.81
N THR E 312 -26.72 -22.03 20.67
CA THR E 312 -25.30 -21.79 20.58
C THR E 312 -24.80 -22.24 19.21
N SER E 313 -23.83 -21.50 18.68
CA SER E 313 -23.43 -21.65 17.29
C SER E 313 -21.94 -21.95 17.17
N ILE E 314 -21.61 -22.87 16.29
CA ILE E 314 -20.23 -23.17 15.92
C ILE E 314 -20.04 -22.74 14.47
N GLN E 315 -19.19 -21.74 14.26
CA GLN E 315 -19.02 -21.13 12.96
C GLN E 315 -17.59 -21.27 12.49
N ALA E 316 -17.42 -21.75 11.25
CA ALA E 316 -16.11 -21.85 10.64
C ALA E 316 -15.79 -20.55 9.92
N ILE E 317 -14.57 -20.05 10.11
CA ILE E 317 -14.17 -18.74 9.62
C ILE E 317 -12.98 -18.90 8.69
N TYR E 318 -13.07 -18.30 7.51
CA TYR E 318 -11.96 -18.21 6.57
C TYR E 318 -11.44 -16.78 6.57
N VAL E 319 -10.12 -16.63 6.62
CA VAL E 319 -9.48 -15.32 6.72
C VAL E 319 -8.94 -14.96 5.34
N PRO E 320 -9.46 -13.92 4.69
CA PRO E 320 -8.96 -13.54 3.35
C PRO E 320 -7.51 -13.07 3.42
N ALA E 321 -6.66 -13.70 2.62
CA ALA E 321 -5.24 -13.36 2.51
C ALA E 321 -4.54 -13.39 3.87
N ASP E 322 -5.08 -14.15 4.82
CA ASP E 322 -4.52 -14.27 6.16
C ASP E 322 -4.34 -12.91 6.82
N ASP E 323 -5.30 -12.03 6.61
CA ASP E 323 -5.30 -10.69 7.20
C ASP E 323 -6.37 -10.65 8.28
N TYR E 324 -5.93 -10.61 9.54
CA TYR E 324 -6.87 -10.57 10.65
C TYR E 324 -7.44 -9.17 10.89
N THR E 325 -6.92 -8.15 10.20
CA THR E 325 -7.48 -6.81 10.25
C THR E 325 -8.42 -6.53 9.09
N ASP E 326 -8.70 -7.52 8.25
CA ASP E 326 -9.63 -7.35 7.16
C ASP E 326 -11.03 -7.06 7.73
N PRO E 327 -11.83 -6.22 7.06
CA PRO E 327 -13.12 -5.83 7.65
C PRO E 327 -14.06 -6.99 7.97
N ALA E 328 -14.15 -8.00 7.12
CA ALA E 328 -15.06 -9.11 7.42
C ALA E 328 -14.62 -9.91 8.64
N PRO E 329 -13.38 -10.38 8.75
CA PRO E 329 -12.97 -11.02 10.01
C PRO E 329 -13.04 -10.10 11.21
N ALA E 330 -12.75 -8.81 11.02
CA ALA E 330 -12.82 -7.87 12.14
C ALA E 330 -14.25 -7.75 12.66
N THR E 331 -15.22 -7.68 11.76
CA THR E 331 -16.62 -7.60 12.18
C THR E 331 -17.08 -8.90 12.81
N THR E 332 -16.69 -10.04 12.24
CA THR E 332 -17.12 -11.31 12.81
C THR E 332 -16.53 -11.53 14.19
N PHE E 333 -15.25 -11.18 14.38
CA PHE E 333 -14.58 -11.45 15.65
C PHE E 333 -15.19 -10.69 16.82
N SER E 334 -15.86 -9.56 16.55
CA SER E 334 -16.44 -8.79 17.64
C SER E 334 -17.61 -9.50 18.31
N HIS E 335 -18.11 -10.59 17.72
CA HIS E 335 -19.21 -11.35 18.31
C HIS E 335 -18.77 -12.67 18.91
N LEU E 336 -17.55 -13.12 18.68
CA LEU E 336 -17.13 -14.43 19.13
C LEU E 336 -16.92 -14.46 20.64
N ASP E 337 -17.32 -15.57 21.25
CA ASP E 337 -17.09 -15.79 22.67
C ASP E 337 -15.93 -16.73 22.96
N ALA E 338 -15.58 -17.61 22.02
CA ALA E 338 -14.51 -18.56 22.22
C ALA E 338 -13.95 -18.96 20.86
N THR E 339 -12.77 -19.56 20.87
CA THR E 339 -12.10 -19.97 19.65
C THR E 339 -11.43 -21.32 19.85
N THR E 340 -11.61 -22.21 18.88
CA THR E 340 -10.97 -23.51 18.87
C THR E 340 -10.23 -23.67 17.56
N ASN E 341 -8.96 -24.05 17.63
CA ASN E 341 -8.11 -24.18 16.45
C ASN E 341 -7.72 -25.63 16.25
N LEU E 342 -7.72 -26.07 14.99
CA LEU E 342 -7.29 -27.41 14.63
C LEU E 342 -5.88 -27.35 14.05
N GLU E 343 -5.07 -28.36 14.40
CA GLU E 343 -3.64 -28.33 14.12
C GLU E 343 -3.23 -29.55 13.30
N ARG E 344 -2.58 -29.30 12.17
CA ARG E 344 -2.08 -30.40 11.35
C ARG E 344 -0.93 -31.14 12.03
N LYS E 345 -0.17 -30.46 12.88
CA LYS E 345 0.86 -31.14 13.66
C LYS E 345 0.25 -32.16 14.61
N LEU E 346 -0.82 -31.76 15.31
CA LEU E 346 -1.52 -32.70 16.18
C LEU E 346 -2.20 -33.79 15.36
N ALA E 347 -2.65 -33.48 14.15
CA ALA E 347 -3.24 -34.49 13.29
C ALA E 347 -2.21 -35.53 12.87
N GLU E 348 -1.02 -35.09 12.46
CA GLU E 348 0.02 -36.03 12.06
C GLU E 348 0.57 -36.81 13.24
N MET E 349 0.55 -36.22 14.43
CA MET E 349 0.78 -37.01 15.63
C MET E 349 -0.46 -37.86 15.93
N GLY E 350 -0.30 -38.83 16.81
CA GLY E 350 -1.40 -39.71 17.13
C GLY E 350 -2.33 -39.16 18.20
N ILE E 351 -2.93 -38.01 17.94
CA ILE E 351 -3.80 -37.34 18.91
C ILE E 351 -5.04 -36.83 18.19
N TYR E 352 -6.21 -37.14 18.73
CA TYR E 352 -7.49 -36.61 18.29
C TYR E 352 -8.24 -36.06 19.49
N PRO E 353 -9.07 -35.02 19.31
CA PRO E 353 -9.56 -34.38 18.09
C PRO E 353 -8.59 -33.40 17.44
N ALA E 354 -7.32 -33.44 17.83
CA ALA E 354 -6.28 -32.57 17.24
C ALA E 354 -6.59 -31.10 17.43
N VAL E 355 -7.13 -30.74 18.60
CA VAL E 355 -7.39 -29.34 18.92
C VAL E 355 -6.17 -28.75 19.60
N ASP E 356 -5.71 -27.61 19.10
CA ASP E 356 -4.53 -26.96 19.65
C ASP E 356 -4.83 -26.49 21.07
N PRO E 357 -4.06 -26.91 22.08
CA PRO E 357 -4.35 -26.49 23.45
C PRO E 357 -3.84 -25.09 23.80
N LEU E 358 -2.97 -24.51 22.98
CA LEU E 358 -2.44 -23.17 23.23
C LEU E 358 -3.08 -22.10 22.37
N ALA E 359 -3.34 -22.39 21.10
CA ALA E 359 -3.99 -21.42 20.24
C ALA E 359 -5.44 -21.21 20.64
N SER E 360 -6.08 -22.23 21.21
CA SER E 360 -7.46 -22.11 21.64
C SER E 360 -7.58 -21.10 22.78
N THR E 361 -8.68 -20.36 22.79
CA THR E 361 -8.92 -19.37 23.83
C THR E 361 -10.42 -19.30 24.08
N SER E 362 -10.78 -18.76 25.24
CA SER E 362 -12.19 -18.66 25.59
C SER E 362 -12.38 -17.52 26.59
N ARG E 363 -13.41 -16.72 26.35
CA ARG E 363 -13.80 -15.70 27.31
C ARG E 363 -14.28 -16.32 28.62
N ALA E 364 -14.80 -17.54 28.55
CA ALA E 364 -15.38 -18.19 29.73
C ALA E 364 -14.35 -18.62 30.74
N LEU E 365 -13.08 -18.76 30.33
CA LEU E 365 -12.06 -19.24 31.25
C LEU E 365 -11.68 -18.15 32.25
N ALA E 366 -12.57 -17.91 33.21
CA ALA E 366 -12.34 -16.95 34.28
C ALA E 366 -12.81 -17.57 35.59
N PRO E 367 -12.16 -17.25 36.71
CA PRO E 367 -12.56 -17.85 37.98
C PRO E 367 -13.98 -17.52 38.40
N GLU E 368 -14.54 -16.43 37.90
CA GLU E 368 -15.90 -16.06 38.28
C GLU E 368 -16.93 -17.03 37.74
N ILE E 369 -16.66 -17.64 36.59
CA ILE E 369 -17.64 -18.50 35.92
C ILE E 369 -17.38 -19.97 36.21
N VAL E 370 -16.20 -20.46 35.81
CA VAL E 370 -15.92 -21.87 35.95
C VAL E 370 -15.53 -22.25 37.38
N GLY E 371 -15.01 -21.31 38.16
CA GLY E 371 -14.58 -21.62 39.50
C GLY E 371 -13.07 -21.53 39.64
N GLU E 372 -12.62 -21.20 40.85
CA GLU E 372 -11.20 -20.99 41.09
C GLU E 372 -10.39 -22.26 40.88
N GLU E 373 -10.92 -23.41 41.32
CA GLU E 373 -10.23 -24.67 41.11
C GLU E 373 -10.03 -24.97 39.63
N HIS E 374 -11.09 -24.82 38.84
CA HIS E 374 -11.01 -25.04 37.41
C HIS E 374 -10.01 -24.08 36.77
N TYR E 375 -10.07 -22.81 37.15
CA TYR E 375 -9.17 -21.82 36.57
C TYR E 375 -7.72 -22.14 36.89
N GLN E 376 -7.44 -22.52 38.14
CA GLN E 376 -6.07 -22.83 38.54
C GLN E 376 -5.56 -24.06 37.79
N VAL E 377 -6.37 -25.10 37.68
CA VAL E 377 -5.94 -26.31 36.97
C VAL E 377 -5.65 -25.97 35.51
N ALA E 378 -6.54 -25.21 34.87
CA ALA E 378 -6.33 -24.86 33.47
C ALA E 378 -5.05 -24.03 33.29
N ARG E 379 -4.83 -23.06 34.18
CA ARG E 379 -3.64 -22.23 34.07
C ARG E 379 -2.37 -23.04 34.23
N LYS E 380 -2.37 -23.97 35.20
CA LYS E 380 -1.18 -24.79 35.40
C LYS E 380 -0.93 -25.71 34.20
N VAL E 381 -2.00 -26.25 33.62
CA VAL E 381 -1.84 -27.07 32.41
C VAL E 381 -1.25 -26.23 31.29
N GLN E 382 -1.75 -25.02 31.11
CA GLN E 382 -1.23 -24.13 30.07
C GLN E 382 0.25 -23.85 30.28
N GLN E 383 0.63 -23.56 31.53
CA GLN E 383 2.03 -23.25 31.82
C GLN E 383 2.93 -24.44 31.56
N THR E 384 2.50 -25.63 31.97
CA THR E 384 3.31 -26.83 31.75
C THR E 384 3.49 -27.09 30.25
N LEU E 385 2.41 -26.97 29.48
CA LEU E 385 2.50 -27.19 28.04
C LEU E 385 3.40 -26.15 27.38
N GLN E 386 3.30 -24.89 27.82
CA GLN E 386 4.17 -23.85 27.26
C GLN E 386 5.63 -24.12 27.57
N ARG E 387 5.92 -24.55 28.80
CA ARG E 387 7.29 -24.89 29.16
C ARG E 387 7.82 -26.04 28.32
N TYR E 388 6.99 -27.07 28.10
CA TYR E 388 7.41 -28.19 27.27
C TYR E 388 7.69 -27.73 25.84
N LYS E 389 6.84 -26.86 25.29
CA LYS E 389 7.07 -26.36 23.95
C LYS E 389 8.37 -25.56 23.88
N GLU E 390 8.65 -24.78 24.92
CA GLU E 390 9.92 -24.04 24.96
C GLU E 390 11.11 -24.98 24.96
N LEU E 391 11.03 -26.05 25.78
CA LEU E 391 12.19 -26.94 25.95
C LEU E 391 12.39 -27.90 24.79
N GLN E 392 11.35 -28.16 23.99
CA GLN E 392 11.46 -29.20 22.96
C GLN E 392 12.55 -28.89 21.94
N ASP E 393 12.63 -27.63 21.50
CA ASP E 393 13.61 -27.29 20.46
C ASP E 393 15.04 -27.52 20.95
N ILE E 394 15.32 -27.15 22.20
CA ILE E 394 16.65 -27.39 22.75
C ILE E 394 16.90 -28.88 22.93
N ILE E 395 15.89 -29.62 23.41
CA ILE E 395 16.05 -31.04 23.69
C ILE E 395 16.32 -31.82 22.41
N ALA E 396 15.71 -31.41 21.30
CA ALA E 396 15.78 -32.20 20.08
C ALA E 396 17.22 -32.43 19.62
N ILE E 397 18.11 -31.46 19.81
CA ILE E 397 19.47 -31.59 19.35
C ILE E 397 20.51 -31.57 20.48
N LEU E 398 20.21 -30.96 21.63
CA LEU E 398 21.19 -30.92 22.71
C LEU E 398 21.18 -32.18 23.58
N GLY E 399 20.22 -33.08 23.36
CA GLY E 399 20.13 -34.30 24.15
C GLY E 399 19.51 -34.06 25.51
N MET E 400 18.74 -35.04 25.98
CA MET E 400 18.06 -34.92 27.26
C MET E 400 19.02 -35.01 28.45
N ASP E 401 20.27 -35.42 28.23
CA ASP E 401 21.23 -35.50 29.34
C ASP E 401 21.50 -34.12 29.93
N GLU E 402 21.64 -33.10 29.08
CA GLU E 402 21.88 -31.75 29.56
C GLU E 402 20.65 -31.13 30.20
N LEU E 403 19.48 -31.70 29.96
CA LEU E 403 18.26 -31.19 30.57
C LEU E 403 18.29 -31.40 32.09
N SER E 404 17.87 -30.39 32.83
CA SER E 404 17.87 -30.48 34.28
C SER E 404 16.81 -31.48 34.76
N ASP E 405 17.01 -31.97 35.99
CA ASP E 405 16.08 -32.97 36.53
C ASP E 405 14.68 -32.39 36.70
N GLU E 406 14.59 -31.13 37.15
CA GLU E 406 13.29 -30.48 37.25
C GLU E 406 12.65 -30.35 35.87
N ASP E 407 13.43 -29.94 34.87
CA ASP E 407 12.91 -29.89 33.51
C ASP E 407 12.60 -31.29 32.99
N LYS E 408 13.35 -32.30 33.42
CA LYS E 408 13.02 -33.67 33.04
C LYS E 408 11.64 -34.06 33.58
N LEU E 409 11.36 -33.72 34.84
CA LEU E 409 10.03 -33.98 35.40
C LEU E 409 8.96 -33.20 34.66
N VAL E 410 9.25 -31.94 34.32
CA VAL E 410 8.29 -31.13 33.59
C VAL E 410 7.94 -31.78 32.26
N VAL E 411 8.96 -32.22 31.51
CA VAL E 411 8.72 -32.86 30.22
C VAL E 411 7.97 -34.18 30.42
N HIS E 412 8.35 -34.95 31.43
CA HIS E 412 7.72 -36.24 31.66
C HIS E 412 6.24 -36.09 31.96
N ARG E 413 5.87 -35.08 32.76
CA ARG E 413 4.46 -34.86 33.04
C ARG E 413 3.74 -34.19 31.87
N ALA E 414 4.43 -33.34 31.12
CA ALA E 414 3.79 -32.65 30.01
C ALA E 414 3.43 -33.62 28.89
N ARG E 415 4.27 -34.64 28.67
CA ARG E 415 3.91 -35.66 27.68
C ARG E 415 2.65 -36.40 28.09
N ARG E 416 2.55 -36.74 29.38
CA ARG E 416 1.34 -37.40 29.88
C ARG E 416 0.12 -36.51 29.69
N ILE E 417 0.24 -35.22 30.00
CA ILE E 417 -0.89 -34.31 29.85
C ILE E 417 -1.30 -34.22 28.38
N GLN E 418 -0.32 -34.05 27.50
CA GLN E 418 -0.60 -33.90 26.09
C GLN E 418 -1.29 -35.13 25.52
N PHE E 419 -0.86 -36.32 25.95
CA PHE E 419 -1.53 -37.52 25.48
C PHE E 419 -2.93 -37.66 26.09
N PHE E 420 -3.09 -37.30 27.37
CA PHE E 420 -4.38 -37.42 28.02
C PHE E 420 -5.40 -36.46 27.46
N LEU E 421 -4.96 -35.36 26.84
CA LEU E 421 -5.92 -34.46 26.20
C LEU E 421 -6.68 -35.14 25.07
N SER E 422 -6.16 -36.25 24.53
CA SER E 422 -6.85 -36.94 23.46
C SER E 422 -7.98 -37.80 24.02
N GLN E 423 -8.94 -38.11 23.15
CA GLN E 423 -10.16 -38.78 23.59
C GLN E 423 -10.67 -39.68 22.47
N ASN E 424 -11.44 -40.70 22.87
CA ASN E 424 -12.15 -41.55 21.92
C ASN E 424 -13.52 -40.96 21.60
N PHE E 425 -14.04 -41.30 20.43
CA PHE E 425 -15.29 -40.73 19.94
C PHE E 425 -16.27 -41.84 19.56
N HIS E 426 -17.55 -41.61 19.85
CA HIS E 426 -18.58 -42.54 19.41
C HIS E 426 -18.66 -42.61 17.90
N VAL E 427 -18.37 -41.51 17.22
CA VAL E 427 -18.41 -41.49 15.76
C VAL E 427 -17.35 -42.41 15.17
N ALA E 428 -16.14 -42.38 15.73
CA ALA E 428 -15.04 -43.19 15.23
C ALA E 428 -15.19 -44.68 15.55
N GLU E 429 -16.21 -45.06 16.32
CA GLU E 429 -16.43 -46.47 16.62
C GLU E 429 -16.60 -47.28 15.35
N GLN E 430 -17.23 -46.71 14.33
CA GLN E 430 -17.48 -47.44 13.09
C GLN E 430 -16.19 -47.87 12.41
N PHE E 431 -15.06 -47.24 12.74
CA PHE E 431 -13.77 -47.64 12.19
C PHE E 431 -12.83 -48.26 13.20
N THR E 432 -13.00 -48.01 14.50
CA THR E 432 -12.05 -48.46 15.50
C THR E 432 -12.59 -49.52 16.46
N GLY E 433 -13.90 -49.58 16.69
CA GLY E 433 -14.45 -50.55 17.61
C GLY E 433 -14.49 -50.11 19.06
N GLN E 434 -13.91 -48.95 19.39
CA GLN E 434 -13.96 -48.50 20.78
C GLN E 434 -15.35 -47.93 21.10
N PRO E 435 -15.87 -48.20 22.29
CA PRO E 435 -17.22 -47.73 22.62
C PRO E 435 -17.37 -46.21 22.62
N GLY E 436 -16.34 -45.47 23.00
CA GLY E 436 -16.46 -44.05 23.17
C GLY E 436 -16.88 -43.68 24.59
N SER E 437 -16.67 -42.41 24.94
CA SER E 437 -16.90 -41.97 26.30
C SER E 437 -17.34 -40.51 26.33
N TYR E 438 -17.97 -40.13 27.43
CA TYR E 438 -18.46 -38.78 27.66
C TYR E 438 -17.97 -38.33 29.03
N VAL E 439 -16.97 -37.47 29.06
CA VAL E 439 -16.26 -37.12 30.28
C VAL E 439 -16.86 -35.83 30.85
N PRO E 440 -17.41 -35.86 32.06
CA PRO E 440 -17.92 -34.62 32.67
C PRO E 440 -16.79 -33.67 33.05
N VAL E 441 -17.18 -32.40 33.22
CA VAL E 441 -16.20 -31.35 33.46
C VAL E 441 -15.50 -31.53 34.81
N LYS E 442 -16.25 -31.88 35.86
CA LYS E 442 -15.59 -32.10 37.14
C LYS E 442 -14.70 -33.34 37.10
N GLU E 443 -15.10 -34.37 36.35
CA GLU E 443 -14.26 -35.55 36.21
C GLU E 443 -12.93 -35.20 35.54
N THR E 444 -12.98 -34.45 34.44
CA THR E 444 -11.73 -34.11 33.76
C THR E 444 -10.89 -33.15 34.59
N VAL E 445 -11.53 -32.24 35.35
CA VAL E 445 -10.78 -31.35 36.23
C VAL E 445 -10.04 -32.15 37.28
N ARG E 446 -10.73 -33.10 37.91
CA ARG E 446 -10.09 -33.93 38.93
C ARG E 446 -8.96 -34.76 38.33
N GLY E 447 -9.19 -35.33 37.15
CA GLY E 447 -8.15 -36.13 36.51
C GLY E 447 -6.91 -35.32 36.19
N PHE E 448 -7.10 -34.13 35.63
CA PHE E 448 -5.95 -33.31 35.28
C PHE E 448 -5.23 -32.81 36.53
N LYS E 449 -5.97 -32.49 37.59
CA LYS E 449 -5.32 -32.10 38.84
C LYS E 449 -4.46 -33.23 39.39
N GLU E 450 -5.00 -34.46 39.37
CA GLU E 450 -4.23 -35.59 39.87
C GLU E 450 -3.00 -35.85 39.01
N ILE E 451 -3.13 -35.70 37.69
CA ILE E 451 -1.98 -35.91 36.81
C ILE E 451 -0.91 -34.85 37.06
N LEU E 452 -1.33 -33.60 37.28
CA LEU E 452 -0.37 -32.56 37.64
C LEU E 452 0.32 -32.86 38.96
N GLU E 453 -0.41 -33.44 39.92
CA GLU E 453 0.21 -33.80 41.18
C GLU E 453 1.23 -34.93 41.05
N GLY E 454 1.28 -35.61 39.91
CA GLY E 454 2.22 -36.70 39.72
C GLY E 454 1.74 -38.04 40.21
N LYS E 455 0.45 -38.19 40.47
CA LYS E 455 -0.08 -39.43 41.04
C LYS E 455 0.07 -40.62 40.12
N TYR E 456 0.33 -40.40 38.83
CA TYR E 456 0.42 -41.48 37.85
C TYR E 456 1.62 -41.29 36.94
N ASP E 457 2.79 -40.97 37.53
CA ASP E 457 3.99 -40.79 36.72
C ASP E 457 4.57 -42.12 36.27
N HIS E 458 4.44 -43.16 37.09
CA HIS E 458 5.07 -44.45 36.79
C HIS E 458 4.42 -45.19 35.63
N LEU E 459 3.25 -44.78 35.18
CA LEU E 459 2.61 -45.45 34.06
C LEU E 459 3.24 -45.02 32.74
N PRO E 460 3.21 -45.90 31.73
CA PRO E 460 3.70 -45.50 30.40
C PRO E 460 2.82 -44.42 29.80
N GLU E 461 3.45 -43.59 28.95
CA GLU E 461 2.72 -42.50 28.32
C GLU E 461 1.62 -42.99 27.39
N ASP E 462 1.80 -44.17 26.80
CA ASP E 462 0.79 -44.71 25.89
C ASP E 462 -0.45 -45.20 26.61
N ALA E 463 -0.42 -45.29 27.95
CA ALA E 463 -1.62 -45.60 28.70
C ALA E 463 -2.57 -44.41 28.79
N PHE E 464 -2.14 -43.23 28.33
CA PHE E 464 -2.94 -42.01 28.36
C PHE E 464 -3.44 -41.63 26.97
N ARG E 465 -3.50 -42.59 26.04
CA ARG E 465 -3.68 -42.25 24.63
C ARG E 465 -5.14 -41.93 24.29
N LEU E 466 -6.03 -42.90 24.43
CA LEU E 466 -7.41 -42.74 24.00
C LEU E 466 -8.39 -43.29 25.03
N VAL E 467 -8.18 -42.97 26.30
CA VAL E 467 -8.91 -43.65 27.36
C VAL E 467 -10.23 -42.94 27.68
N GLY E 468 -10.17 -41.65 27.99
CA GLY E 468 -11.34 -40.95 28.49
C GLY E 468 -11.20 -40.55 29.94
N ARG E 469 -11.92 -41.21 30.84
CA ARG E 469 -11.83 -40.89 32.25
C ARG E 469 -10.48 -41.34 32.83
N ILE E 470 -10.21 -40.85 34.05
CA ILE E 470 -8.94 -41.15 34.70
C ILE E 470 -8.84 -42.61 35.08
N GLU E 471 -9.95 -43.22 35.51
CA GLU E 471 -9.91 -44.63 35.88
C GLU E 471 -9.56 -45.51 34.69
N GLU E 472 -10.00 -45.11 33.51
CA GLU E 472 -9.67 -45.87 32.30
C GLU E 472 -8.16 -45.88 32.05
N VAL E 473 -7.46 -44.85 32.50
CA VAL E 473 -6.00 -44.83 32.35
C VAL E 473 -5.37 -45.99 33.11
N VAL E 474 -5.73 -46.14 34.39
CA VAL E 474 -5.14 -47.21 35.18
C VAL E 474 -5.66 -48.56 34.72
N GLU E 475 -6.90 -48.62 34.21
CA GLU E 475 -7.40 -49.88 33.67
C GLU E 475 -6.58 -50.31 32.46
N LYS E 476 -6.29 -49.38 31.55
CA LYS E 476 -5.46 -49.70 30.39
C LYS E 476 -4.04 -50.07 30.81
N ALA E 477 -3.49 -49.36 31.82
CA ALA E 477 -2.16 -49.69 32.30
C ALA E 477 -2.11 -51.10 32.87
N LYS E 478 -3.11 -51.48 33.66
CA LYS E 478 -3.16 -52.82 34.22
C LYS E 478 -3.32 -53.86 33.11
N ALA E 479 -4.16 -53.57 32.12
CA ALA E 479 -4.34 -54.50 31.01
C ALA E 479 -3.04 -54.72 30.25
N MET E 480 -2.29 -53.64 30.00
CA MET E 480 -0.99 -53.78 29.35
C MET E 480 -0.03 -54.58 30.21
N GLY E 481 -0.01 -54.31 31.52
CA GLY E 481 0.88 -55.01 32.42
C GLY E 481 2.20 -54.29 32.64
N MET F 12 -36.35 45.29 -4.03
CA MET F 12 -36.38 45.33 -2.58
C MET F 12 -35.23 44.51 -1.99
N THR F 13 -34.61 43.69 -2.84
CA THR F 13 -33.49 42.82 -2.42
C THR F 13 -33.88 41.94 -1.24
N ARG F 14 -35.08 41.35 -1.30
CA ARG F 14 -35.58 40.50 -0.24
C ARG F 14 -35.92 39.12 -0.81
N GLY F 15 -35.39 38.09 -0.18
CA GLY F 15 -35.51 36.74 -0.71
C GLY F 15 -36.12 35.79 0.29
N ARG F 16 -36.36 34.56 -0.17
CA ARG F 16 -36.97 33.51 0.63
C ARG F 16 -36.18 32.22 0.51
N VAL F 17 -36.29 31.37 1.53
CA VAL F 17 -35.57 30.10 1.56
C VAL F 17 -36.37 29.06 0.78
N ILE F 18 -35.69 28.31 -0.08
CA ILE F 18 -36.35 27.28 -0.88
C ILE F 18 -35.79 25.90 -0.56
N GLN F 19 -34.54 25.85 -0.11
CA GLN F 19 -33.90 24.57 0.20
C GLN F 19 -33.03 24.71 1.43
N VAL F 20 -33.11 23.73 2.33
CA VAL F 20 -32.23 23.62 3.49
C VAL F 20 -31.70 22.20 3.53
N MET F 21 -30.38 22.06 3.56
CA MET F 21 -29.76 20.75 3.67
C MET F 21 -28.40 20.92 4.36
N GLY F 22 -28.33 20.47 5.60
CA GLY F 22 -27.13 20.62 6.40
C GLY F 22 -26.75 22.08 6.58
N PRO F 23 -25.46 22.39 6.49
CA PRO F 23 -25.00 23.77 6.58
C PRO F 23 -25.15 24.57 5.30
N VAL F 24 -25.89 24.08 4.31
CA VAL F 24 -26.06 24.75 3.02
C VAL F 24 -27.52 25.13 2.88
N VAL F 25 -27.77 26.40 2.56
CA VAL F 25 -29.12 26.94 2.42
C VAL F 25 -29.24 27.65 1.08
N ASP F 26 -30.31 27.37 0.35
CA ASP F 26 -30.57 27.97 -0.95
C ASP F 26 -31.64 29.05 -0.81
N VAL F 27 -31.40 30.21 -1.40
CA VAL F 27 -32.30 31.35 -1.31
C VAL F 27 -32.69 31.79 -2.71
N LYS F 28 -33.94 32.18 -2.88
CA LYS F 28 -34.46 32.67 -4.15
C LYS F 28 -34.78 34.15 -4.03
N PHE F 29 -34.37 34.93 -5.02
CA PHE F 29 -34.47 36.38 -4.98
C PHE F 29 -35.32 36.88 -6.14
N GLU F 30 -35.75 38.14 -6.04
CA GLU F 30 -36.36 38.82 -7.17
C GLU F 30 -35.35 39.00 -8.28
N ASN F 31 -35.83 38.93 -9.52
CA ASN F 31 -34.94 39.05 -10.67
C ASN F 31 -34.29 40.42 -10.69
N GLY F 32 -32.99 40.45 -10.97
CA GLY F 32 -32.24 41.69 -11.05
C GLY F 32 -31.72 42.22 -9.73
N HIS F 33 -31.86 41.48 -8.64
CA HIS F 33 -31.38 41.92 -7.34
C HIS F 33 -30.59 40.83 -6.63
N LEU F 34 -29.86 40.03 -7.37
CA LEU F 34 -29.08 38.96 -6.78
C LEU F 34 -27.88 39.52 -6.04
N PRO F 35 -27.66 39.14 -4.79
CA PRO F 35 -26.45 39.59 -4.09
C PRO F 35 -25.20 38.98 -4.70
N ALA F 36 -24.10 39.72 -4.63
CA ALA F 36 -22.85 39.26 -5.20
C ALA F 36 -22.25 38.14 -4.37
N ILE F 37 -21.19 37.53 -4.90
CA ILE F 37 -20.51 36.47 -4.19
C ILE F 37 -19.88 37.03 -2.91
N TYR F 38 -19.87 36.21 -1.87
CA TYR F 38 -19.30 36.51 -0.55
C TYR F 38 -20.10 37.55 0.21
N ASN F 39 -21.30 37.91 -0.25
CA ASN F 39 -22.14 38.81 0.51
C ASN F 39 -22.69 38.11 1.75
N ALA F 40 -23.14 38.91 2.71
CA ALA F 40 -23.69 38.39 3.95
C ALA F 40 -25.20 38.55 3.96
N LEU F 41 -25.90 37.47 4.27
CA LEU F 41 -27.36 37.48 4.38
C LEU F 41 -27.76 37.29 5.83
N LYS F 42 -28.82 37.98 6.24
CA LYS F 42 -29.31 37.93 7.60
C LYS F 42 -30.70 37.29 7.62
N ILE F 43 -30.92 36.42 8.60
CA ILE F 43 -32.22 35.79 8.81
C ILE F 43 -32.61 36.03 10.25
N GLN F 44 -33.54 36.97 10.47
CA GLN F 44 -34.11 37.24 11.79
C GLN F 44 -35.57 36.82 11.76
N HIS F 45 -35.94 35.88 12.61
CA HIS F 45 -37.30 35.34 12.62
C HIS F 45 -37.81 35.22 14.04
N LYS F 46 -39.10 35.48 14.20
CA LYS F 46 -39.77 35.33 15.49
C LYS F 46 -40.82 34.24 15.37
N ALA F 47 -40.83 33.31 16.32
CA ALA F 47 -41.77 32.20 16.26
C ALA F 47 -43.21 32.69 16.27
N ARG F 48 -44.02 32.16 15.37
CA ARG F 48 -45.42 32.54 15.25
C ARG F 48 -46.35 31.69 16.10
N ASN F 49 -45.85 30.62 16.69
CA ASN F 49 -46.67 29.68 17.46
C ASN F 49 -45.73 28.79 18.26
N GLU F 50 -46.29 27.75 18.87
CA GLU F 50 -45.49 26.81 19.65
C GLU F 50 -44.81 25.75 18.80
N ASN F 51 -45.07 25.73 17.49
CA ASN F 51 -44.41 24.81 16.58
C ASN F 51 -43.31 25.47 15.77
N GLU F 52 -42.72 26.55 16.29
CA GLU F 52 -41.63 27.24 15.64
C GLU F 52 -40.63 27.70 16.69
N VAL F 53 -39.42 27.98 16.24
CA VAL F 53 -38.35 28.44 17.11
C VAL F 53 -37.73 29.70 16.54
N ASP F 54 -37.33 30.61 17.43
CA ASP F 54 -36.72 31.85 17.00
C ASP F 54 -35.35 31.59 16.39
N ILE F 55 -35.05 32.28 15.29
CA ILE F 55 -33.82 32.08 14.54
C ILE F 55 -33.16 33.42 14.30
N ASP F 56 -31.86 33.50 14.60
CA ASP F 56 -31.03 34.66 14.24
C ASP F 56 -29.75 34.08 13.63
N LEU F 57 -29.66 34.11 12.30
CA LEU F 57 -28.64 33.39 11.58
C LEU F 57 -28.03 34.28 10.50
N THR F 58 -26.77 34.02 10.18
CA THR F 58 -26.04 34.75 9.16
C THR F 58 -25.50 33.78 8.13
N LEU F 59 -25.62 34.14 6.85
CA LEU F 59 -25.21 33.30 5.75
C LEU F 59 -24.26 34.06 4.85
N GLU F 60 -23.44 33.31 4.10
CA GLU F 60 -22.48 33.87 3.16
C GLU F 60 -22.73 33.28 1.78
N VAL F 61 -22.89 34.15 0.78
CA VAL F 61 -23.20 33.70 -0.57
C VAL F 61 -22.01 32.94 -1.15
N ALA F 62 -22.27 31.82 -1.80
CA ALA F 62 -21.23 30.99 -2.38
C ALA F 62 -21.34 30.86 -3.90
N LEU F 63 -22.52 30.52 -4.42
CA LEU F 63 -22.67 30.24 -5.84
C LEU F 63 -23.95 30.89 -6.36
N HIS F 64 -23.97 31.13 -7.67
CA HIS F 64 -25.18 31.50 -8.40
C HIS F 64 -25.61 30.28 -9.20
N LEU F 65 -26.67 29.63 -8.74
CA LEU F 65 -27.13 28.39 -9.36
C LEU F 65 -28.02 28.61 -10.56
N GLY F 66 -28.33 29.86 -10.90
CA GLY F 66 -29.27 30.15 -11.95
C GLY F 66 -30.70 30.16 -11.44
N ASP F 67 -31.60 30.66 -12.29
CA ASP F 67 -33.01 30.82 -11.94
C ASP F 67 -33.17 31.69 -10.69
N ASP F 68 -32.31 32.70 -10.57
CA ASP F 68 -32.36 33.66 -9.47
C ASP F 68 -32.23 32.99 -8.10
N THR F 69 -31.57 31.84 -8.04
CA THR F 69 -31.36 31.12 -6.80
C THR F 69 -29.90 31.21 -6.40
N VAL F 70 -29.65 31.47 -5.12
CA VAL F 70 -28.31 31.66 -4.59
C VAL F 70 -28.07 30.60 -3.52
N ARG F 71 -26.94 29.92 -3.61
CA ARG F 71 -26.56 28.89 -2.65
C ARG F 71 -25.57 29.47 -1.65
N THR F 72 -25.90 29.37 -0.38
CA THR F 72 -25.12 30.00 0.68
C THR F 72 -24.73 28.96 1.73
N ILE F 73 -23.72 29.32 2.53
CA ILE F 73 -23.25 28.49 3.63
C ILE F 73 -23.60 29.18 4.93
N ALA F 74 -23.88 28.38 5.96
CA ALA F 74 -24.32 28.91 7.25
C ALA F 74 -23.14 29.20 8.15
N MET F 75 -23.27 30.26 8.94
CA MET F 75 -22.29 30.61 9.96
C MET F 75 -22.59 29.97 11.30
N ALA F 76 -23.72 29.29 11.44
CA ALA F 76 -24.10 28.65 12.70
C ALA F 76 -25.04 27.49 12.37
N SER F 77 -25.67 26.94 13.40
CA SER F 77 -26.57 25.81 13.20
C SER F 77 -27.80 26.23 12.41
N THR F 78 -28.28 25.31 11.57
CA THR F 78 -29.45 25.56 10.74
C THR F 78 -30.71 24.90 11.29
N ASP F 79 -30.69 24.43 12.53
CA ASP F 79 -31.86 23.79 13.10
C ASP F 79 -33.00 24.79 13.22
N GLY F 80 -34.22 24.32 12.92
CA GLY F 80 -35.40 25.14 13.00
C GLY F 80 -35.75 25.91 11.75
N LEU F 81 -34.90 25.90 10.73
CA LEU F 81 -35.20 26.60 9.49
C LEU F 81 -36.38 25.96 8.79
N ILE F 82 -37.22 26.80 8.19
CA ILE F 82 -38.44 26.37 7.51
C ILE F 82 -38.43 26.97 6.11
N ARG F 83 -38.78 26.15 5.12
CA ARG F 83 -38.83 26.63 3.74
C ARG F 83 -39.83 27.77 3.62
N GLY F 84 -39.42 28.84 2.96
CA GLY F 84 -40.24 30.02 2.82
C GLY F 84 -39.89 31.16 3.76
N MET F 85 -38.89 31.00 4.61
CA MET F 85 -38.50 32.04 5.55
C MET F 85 -37.92 33.23 4.81
N GLU F 86 -38.16 34.43 5.34
CA GLU F 86 -37.68 35.66 4.72
C GLU F 86 -36.19 35.84 4.98
N VAL F 87 -35.48 36.27 3.94
CA VAL F 87 -34.03 36.49 4.00
C VAL F 87 -33.73 37.90 3.51
N ILE F 88 -32.90 38.63 4.26
CA ILE F 88 -32.47 39.96 3.87
C ILE F 88 -30.96 39.94 3.66
N ASP F 89 -30.48 40.88 2.84
CA ASP F 89 -29.07 40.97 2.51
C ASP F 89 -28.48 42.26 3.04
N THR F 90 -27.23 42.19 3.48
CA THR F 90 -26.53 43.36 4.00
C THR F 90 -25.86 44.17 2.89
N GLY F 91 -25.76 43.63 1.68
CA GLY F 91 -25.15 44.36 0.59
C GLY F 91 -23.64 44.42 0.61
N ALA F 92 -23.00 43.71 1.54
CA ALA F 92 -21.55 43.72 1.67
C ALA F 92 -21.11 42.43 2.34
N PRO F 93 -19.86 42.02 2.15
CA PRO F 93 -19.37 40.82 2.86
C PRO F 93 -19.36 41.01 4.36
N ILE F 94 -19.00 39.97 5.10
CA ILE F 94 -18.98 40.06 6.56
C ILE F 94 -18.01 41.16 6.97
N SER F 95 -18.46 42.04 7.86
CA SER F 95 -17.67 43.17 8.31
C SER F 95 -17.27 42.97 9.76
N VAL F 96 -16.02 43.29 10.08
CA VAL F 96 -15.46 43.05 11.40
C VAL F 96 -14.87 44.35 11.95
N PRO F 97 -15.15 44.70 13.21
CA PRO F 97 -14.56 45.92 13.77
C PRO F 97 -13.03 45.84 13.80
N VAL F 98 -12.40 46.97 13.53
CA VAL F 98 -10.95 47.07 13.52
C VAL F 98 -10.55 48.28 14.35
N GLY F 99 -9.26 48.41 14.58
CA GLY F 99 -8.73 49.50 15.38
C GLY F 99 -8.31 49.05 16.77
N GLU F 100 -7.96 50.06 17.58
CA GLU F 100 -7.48 49.80 18.93
C GLU F 100 -8.57 49.23 19.84
N VAL F 101 -9.84 49.29 19.43
CA VAL F 101 -10.89 48.73 20.26
C VAL F 101 -10.82 47.21 20.31
N THR F 102 -10.11 46.58 19.38
CA THR F 102 -10.00 45.13 19.38
C THR F 102 -8.93 44.60 20.32
N LEU F 103 -8.03 45.47 20.80
CA LEU F 103 -6.95 45.01 21.66
C LEU F 103 -7.50 44.57 23.02
N GLY F 104 -6.97 43.46 23.52
CA GLY F 104 -7.43 42.92 24.79
C GLY F 104 -8.87 42.46 24.75
N ARG F 105 -9.28 41.81 23.68
CA ARG F 105 -10.66 41.39 23.50
C ARG F 105 -10.69 40.06 22.76
N VAL F 106 -11.79 39.32 22.93
CA VAL F 106 -11.99 38.03 22.30
C VAL F 106 -13.21 38.12 21.40
N PHE F 107 -13.05 37.69 20.15
CA PHE F 107 -14.08 37.81 19.13
C PHE F 107 -14.42 36.46 18.55
N ASN F 108 -15.65 36.33 18.05
CA ASN F 108 -16.06 35.13 17.31
C ASN F 108 -15.89 35.40 15.82
N VAL F 109 -16.40 34.49 14.99
CA VAL F 109 -16.23 34.63 13.55
C VAL F 109 -16.97 35.86 13.02
N LEU F 110 -18.13 36.18 13.61
CA LEU F 110 -18.88 37.35 13.18
C LEU F 110 -18.31 38.65 13.71
N GLY F 111 -17.31 38.61 14.58
CA GLY F 111 -16.77 39.81 15.17
C GLY F 111 -17.47 40.29 16.41
N GLU F 112 -18.47 39.59 16.90
CA GLU F 112 -19.09 39.96 18.15
C GLU F 112 -18.17 39.58 19.31
N PRO F 113 -18.05 40.43 20.33
CA PRO F 113 -17.17 40.10 21.46
C PRO F 113 -17.72 38.92 22.24
N ILE F 114 -16.84 37.95 22.53
CA ILE F 114 -17.25 36.77 23.26
C ILE F 114 -17.13 37.00 24.77
N ASP F 115 -16.11 37.73 25.19
CA ASP F 115 -15.88 37.98 26.61
C ASP F 115 -17.02 38.82 27.20
N LEU F 116 -16.95 39.04 28.50
CA LEU F 116 -17.99 39.73 29.24
C LEU F 116 -17.77 41.23 29.32
N GLU F 117 -16.82 41.77 28.56
CA GLU F 117 -16.43 43.17 28.65
C GLU F 117 -17.35 44.10 27.86
N GLY F 118 -18.55 43.66 27.51
CA GLY F 118 -19.49 44.51 26.80
C GLY F 118 -19.31 44.43 25.29
N ASP F 119 -20.21 45.13 24.58
CA ASP F 119 -20.23 45.11 23.13
C ASP F 119 -19.53 46.35 22.58
N ILE F 120 -19.57 46.49 21.26
CA ILE F 120 -18.82 47.52 20.55
C ILE F 120 -19.79 48.52 19.94
N PRO F 121 -19.54 49.82 20.03
CA PRO F 121 -20.47 50.80 19.47
C PRO F 121 -20.65 50.62 17.97
N ALA F 122 -21.85 50.95 17.50
CA ALA F 122 -22.20 50.75 16.10
C ALA F 122 -21.41 51.65 15.15
N ASP F 123 -20.91 52.78 15.64
CA ASP F 123 -20.17 53.70 14.76
C ASP F 123 -18.74 53.26 14.52
N ALA F 124 -18.27 52.20 15.19
CA ALA F 124 -16.91 51.74 15.01
C ALA F 124 -16.68 51.27 13.58
N ARG F 125 -15.50 51.57 13.05
CA ARG F 125 -15.18 51.21 11.67
C ARG F 125 -15.14 49.70 11.51
N ARG F 126 -15.74 49.20 10.44
CA ARG F 126 -15.76 47.79 10.11
C ARG F 126 -15.24 47.58 8.70
N ASP F 127 -14.52 46.48 8.49
CA ASP F 127 -13.88 46.22 7.21
C ASP F 127 -14.30 44.86 6.68
N PRO F 128 -14.30 44.67 5.36
CA PRO F 128 -14.74 43.40 4.79
C PRO F 128 -13.78 42.27 5.10
N ILE F 129 -14.33 41.05 5.16
CA ILE F 129 -13.51 39.87 5.33
C ILE F 129 -12.68 39.61 4.09
N HIS F 130 -13.30 39.69 2.91
CA HIS F 130 -12.66 39.30 1.67
C HIS F 130 -12.02 40.51 1.00
N ARG F 131 -10.78 40.35 0.55
CA ARG F 131 -10.02 41.44 -0.03
C ARG F 131 -9.02 40.86 -1.01
N PRO F 132 -8.80 41.49 -2.16
CA PRO F 132 -7.77 41.02 -3.07
C PRO F 132 -6.38 41.16 -2.46
N ALA F 133 -5.48 40.28 -2.88
CA ALA F 133 -4.12 40.29 -2.36
C ALA F 133 -3.40 41.56 -2.79
N PRO F 134 -2.40 42.00 -2.04
CA PRO F 134 -1.64 43.19 -2.43
C PRO F 134 -0.96 42.99 -3.77
N LYS F 135 -0.86 44.07 -4.54
CA LYS F 135 -0.35 44.01 -5.89
C LYS F 135 1.16 43.79 -5.90
N PHE F 136 1.69 43.51 -7.09
CA PHE F 136 3.11 43.24 -7.24
C PHE F 136 3.96 44.47 -6.95
N GLU F 137 3.42 45.66 -7.19
CA GLU F 137 4.20 46.88 -7.02
C GLU F 137 4.44 47.18 -5.54
N GLU F 138 3.45 46.94 -4.69
CA GLU F 138 3.52 47.38 -3.30
C GLU F 138 4.46 46.54 -2.45
N LEU F 139 4.85 45.35 -2.91
CA LEU F 139 5.60 44.45 -2.07
C LEU F 139 7.03 44.96 -1.84
N ALA F 140 7.63 44.48 -0.76
CA ALA F 140 9.01 44.82 -0.46
C ALA F 140 9.96 44.21 -1.48
N THR F 141 11.05 44.92 -1.74
CA THR F 141 11.99 44.52 -2.79
C THR F 141 13.11 43.62 -2.30
N GLU F 142 13.35 43.54 -1.00
CA GLU F 142 14.43 42.70 -0.50
C GLU F 142 14.04 42.11 0.85
N VAL F 143 14.72 41.04 1.22
CA VAL F 143 14.43 40.33 2.46
C VAL F 143 14.89 41.14 3.65
N GLU F 144 14.02 41.30 4.64
CA GLU F 144 14.35 41.98 5.89
C GLU F 144 14.18 41.00 7.03
N ILE F 145 15.30 40.62 7.65
CA ILE F 145 15.27 39.69 8.77
C ILE F 145 14.61 40.36 9.97
N LEU F 146 13.82 39.59 10.72
CA LEU F 146 13.13 40.07 11.90
C LEU F 146 13.88 39.60 13.14
N GLU F 147 14.39 40.55 13.92
CA GLU F 147 15.15 40.22 15.12
C GLU F 147 14.17 39.92 16.25
N THR F 148 14.00 38.64 16.57
CA THR F 148 13.05 38.20 17.57
C THR F 148 13.61 38.25 18.99
N GLY F 149 14.92 38.44 19.16
CA GLY F 149 15.51 38.53 20.47
C GLY F 149 15.77 37.21 21.16
N ILE F 150 15.45 36.09 20.52
CA ILE F 150 15.68 34.76 21.07
C ILE F 150 16.93 34.20 20.41
N LYS F 151 17.84 33.66 21.22
CA LYS F 151 19.17 33.29 20.71
C LYS F 151 19.09 32.22 19.64
N VAL F 152 18.40 31.11 19.94
CA VAL F 152 18.37 29.97 19.02
C VAL F 152 17.70 30.37 17.71
N VAL F 153 16.54 31.03 17.82
CA VAL F 153 15.79 31.41 16.63
C VAL F 153 16.58 32.40 15.79
N ASP F 154 17.15 33.41 16.44
CA ASP F 154 17.88 34.44 15.70
C ASP F 154 19.21 33.93 15.15
N LEU F 155 19.72 32.81 15.66
CA LEU F 155 20.98 32.27 15.15
C LEU F 155 20.76 31.22 14.07
N LEU F 156 20.03 30.16 14.39
CA LEU F 156 19.96 28.99 13.52
C LEU F 156 18.83 29.03 12.51
N ALA F 157 17.64 29.46 12.91
CA ALA F 157 16.48 29.52 12.02
C ALA F 157 15.85 30.90 12.09
N PRO F 158 16.50 31.90 11.49
CA PRO F 158 16.01 33.27 11.61
C PRO F 158 14.64 33.44 10.96
N TYR F 159 13.85 34.35 11.52
CA TYR F 159 12.54 34.68 11.00
C TYR F 159 12.63 35.86 10.04
N ILE F 160 11.70 35.90 9.08
CA ILE F 160 11.71 36.89 8.01
C ILE F 160 10.42 37.68 8.07
N LYS F 161 10.54 39.00 7.94
CA LYS F 161 9.36 39.85 7.83
C LYS F 161 8.54 39.43 6.62
N GLY F 162 7.23 39.25 6.83
CA GLY F 162 6.35 38.79 5.78
C GLY F 162 6.44 37.32 5.48
N GLY F 163 7.24 36.56 6.22
CA GLY F 163 7.38 35.15 5.97
C GLY F 163 6.52 34.30 6.88
N LYS F 164 6.19 33.11 6.39
CA LYS F 164 5.37 32.15 7.12
C LYS F 164 6.30 31.15 7.81
N ILE F 165 6.08 30.94 9.11
CA ILE F 165 6.88 30.04 9.91
C ILE F 165 6.00 28.91 10.39
N GLY F 166 6.43 27.67 10.14
CA GLY F 166 5.71 26.51 10.61
C GLY F 166 6.16 26.06 11.97
N LEU F 167 5.24 25.97 12.92
CA LEU F 167 5.55 25.60 14.29
C LEU F 167 5.15 24.15 14.53
N PHE F 168 6.09 23.34 15.01
CA PHE F 168 5.85 21.92 15.23
C PHE F 168 6.19 21.56 16.66
N GLY F 169 5.56 20.49 17.14
CA GLY F 169 5.73 20.03 18.50
C GLY F 169 4.36 19.74 19.12
N GLY F 170 4.34 18.78 20.03
CA GLY F 170 3.12 18.41 20.72
C GLY F 170 2.71 19.44 21.74
N ALA F 171 1.85 19.01 22.65
CA ALA F 171 1.39 19.86 23.74
C ALA F 171 2.25 19.68 24.98
N GLY F 172 2.42 20.78 25.72
CA GLY F 172 3.20 20.73 26.95
C GLY F 172 4.69 20.82 26.78
N VAL F 173 5.18 21.21 25.61
CA VAL F 173 6.62 21.32 25.36
C VAL F 173 7.07 22.76 25.22
N GLY F 174 6.27 23.72 25.68
CA GLY F 174 6.64 25.12 25.65
C GLY F 174 6.06 25.93 24.51
N LYS F 175 5.07 25.42 23.79
CA LYS F 175 4.51 26.16 22.66
C LYS F 175 3.88 27.46 23.13
N THR F 176 3.04 27.40 24.16
CA THR F 176 2.39 28.61 24.66
C THR F 176 3.39 29.59 25.25
N VAL F 177 4.40 29.09 25.96
CA VAL F 177 5.42 29.96 26.53
C VAL F 177 6.18 30.68 25.43
N LEU F 178 6.55 29.95 24.37
CA LEU F 178 7.25 30.57 23.25
C LEU F 178 6.38 31.61 22.56
N ILE F 179 5.09 31.31 22.40
CA ILE F 179 4.18 32.26 21.77
C ILE F 179 4.09 33.54 22.60
N GLN F 180 3.91 33.40 23.91
CA GLN F 180 3.82 34.57 24.77
C GLN F 180 5.11 35.38 24.75
N GLU F 181 6.25 34.69 24.81
CA GLU F 181 7.53 35.40 24.79
C GLU F 181 7.72 36.17 23.49
N LEU F 182 7.37 35.54 22.36
CA LEU F 182 7.48 36.23 21.08
C LEU F 182 6.59 37.46 21.03
N ILE F 183 5.34 37.33 21.50
CA ILE F 183 4.43 38.47 21.48
C ILE F 183 4.98 39.60 22.33
N HIS F 184 5.41 39.27 23.56
CA HIS F 184 5.92 40.30 24.47
C HIS F 184 7.15 40.99 23.89
N ASN F 185 8.08 40.20 23.34
CA ASN F 185 9.31 40.79 22.82
C ASN F 185 9.03 41.69 21.61
N ILE F 186 8.14 41.26 20.72
CA ILE F 186 7.82 42.09 19.56
C ILE F 186 7.14 43.38 20.02
N ALA F 187 6.19 43.28 20.95
CA ALA F 187 5.53 44.49 21.44
C ALA F 187 6.51 45.41 22.15
N GLN F 188 7.55 44.85 22.76
CA GLN F 188 8.49 45.68 23.51
C GLN F 188 9.50 46.36 22.61
N GLU F 189 10.07 45.64 21.65
CA GLU F 189 11.18 46.17 20.87
C GLU F 189 10.78 46.71 19.51
N HIS F 190 9.60 46.36 18.98
CA HIS F 190 9.13 46.88 17.71
C HIS F 190 7.84 47.65 17.81
N GLY F 191 7.19 47.68 18.98
CA GLY F 191 5.93 48.36 19.12
C GLY F 191 4.79 47.73 18.35
N GLY F 192 4.92 46.47 17.95
CA GLY F 192 3.91 45.82 17.14
C GLY F 192 3.05 44.87 17.96
N ILE F 193 1.74 44.92 17.69
CA ILE F 193 0.78 44.05 18.37
C ILE F 193 0.76 42.69 17.70
N SER F 194 0.10 41.73 18.32
CA SER F 194 -0.09 40.40 17.75
C SER F 194 -1.56 40.06 17.73
N VAL F 195 -1.91 39.12 16.85
CA VAL F 195 -3.29 38.63 16.73
C VAL F 195 -3.25 37.11 16.78
N PHE F 196 -4.13 36.52 17.59
CA PHE F 196 -4.20 35.09 17.77
C PHE F 196 -5.53 34.58 17.25
N ALA F 197 -5.48 33.58 16.37
CA ALA F 197 -6.67 32.99 15.76
C ALA F 197 -6.74 31.52 16.15
N GLY F 198 -7.70 31.18 17.00
CA GLY F 198 -7.89 29.81 17.44
C GLY F 198 -8.73 28.99 16.48
N VAL F 199 -8.14 28.55 15.37
CA VAL F 199 -8.87 27.87 14.31
C VAL F 199 -8.99 26.40 14.68
N GLY F 200 -10.17 26.00 15.16
CA GLY F 200 -10.52 24.61 15.31
C GLY F 200 -9.69 23.79 16.30
N GLU F 201 -9.48 24.31 17.50
CA GLU F 201 -8.79 23.53 18.53
C GLU F 201 -9.59 23.46 19.81
N ARG F 202 -8.99 22.96 20.88
CA ARG F 202 -9.73 22.67 22.10
C ARG F 202 -10.12 23.95 22.82
N THR F 203 -11.39 24.01 23.24
CA THR F 203 -11.87 25.15 24.01
C THR F 203 -11.16 25.24 25.35
N ARG F 204 -10.84 24.09 25.95
CA ARG F 204 -10.08 24.10 27.20
C ARG F 204 -8.71 24.74 27.00
N GLU F 205 -8.03 24.39 25.91
CA GLU F 205 -6.74 24.99 25.62
C GLU F 205 -6.89 26.49 25.35
N GLY F 206 -7.94 26.88 24.64
CA GLY F 206 -8.17 28.29 24.40
C GLY F 206 -8.36 29.08 25.68
N ASN F 207 -9.18 28.55 26.58
CA ASN F 207 -9.39 29.23 27.86
C ASN F 207 -8.12 29.28 28.69
N ASP F 208 -7.35 28.18 28.70
CA ASP F 208 -6.10 28.17 29.44
C ASP F 208 -5.13 29.21 28.91
N LEU F 209 -5.02 29.31 27.58
CA LEU F 209 -4.14 30.32 26.99
C LEU F 209 -4.63 31.73 27.30
N TYR F 210 -5.94 31.94 27.25
CA TYR F 210 -6.49 33.25 27.59
C TYR F 210 -6.12 33.65 29.01
N HIS F 211 -6.31 32.73 29.96
CA HIS F 211 -5.99 33.04 31.35
C HIS F 211 -4.49 33.25 31.53
N GLU F 212 -3.67 32.44 30.85
CA GLU F 212 -2.22 32.59 30.96
C GLU F 212 -1.78 33.97 30.47
N MET F 213 -2.29 34.39 29.31
CA MET F 213 -1.93 35.71 28.81
C MET F 213 -2.48 36.82 29.70
N LYS F 214 -3.69 36.63 30.25
CA LYS F 214 -4.27 37.64 31.11
C LYS F 214 -3.44 37.85 32.37
N ASP F 215 -3.01 36.76 33.00
CA ASP F 215 -2.23 36.91 34.23
C ASP F 215 -0.75 37.13 33.97
N SER F 216 -0.30 36.99 32.73
CA SER F 216 1.04 37.45 32.37
C SER F 216 1.07 38.91 31.94
N GLY F 217 -0.09 39.49 31.62
CA GLY F 217 -0.16 40.90 31.29
C GLY F 217 0.09 41.20 29.82
N VAL F 218 0.22 40.19 28.98
CA VAL F 218 0.46 40.40 27.55
C VAL F 218 -0.81 40.77 26.80
N ILE F 219 -1.98 40.45 27.35
CA ILE F 219 -3.23 40.62 26.63
C ILE F 219 -3.54 42.08 26.31
N SER F 220 -2.90 43.02 27.00
CA SER F 220 -3.18 44.43 26.75
C SER F 220 -2.70 44.90 25.38
N LYS F 221 -2.08 44.03 24.58
CA LYS F 221 -1.58 44.42 23.27
C LYS F 221 -1.86 43.36 22.21
N THR F 222 -2.96 42.63 22.35
CA THR F 222 -3.29 41.58 21.41
C THR F 222 -4.79 41.42 21.27
N ALA F 223 -5.20 40.86 20.14
CA ALA F 223 -6.60 40.54 19.87
C ALA F 223 -6.74 39.04 19.66
N MET F 224 -7.94 38.53 19.93
CA MET F 224 -8.16 37.09 19.91
C MET F 224 -9.44 36.77 19.17
N VAL F 225 -9.37 35.78 18.27
CA VAL F 225 -10.54 35.24 17.58
C VAL F 225 -10.50 33.73 17.73
N PHE F 226 -11.63 33.16 18.14
CA PHE F 226 -11.69 31.73 18.46
C PHE F 226 -12.73 31.03 17.60
N GLY F 227 -12.32 29.95 16.95
CA GLY F 227 -13.15 29.16 16.06
C GLY F 227 -13.08 27.69 16.41
N GLN F 228 -13.12 27.40 17.71
CA GLN F 228 -12.81 26.08 18.25
C GLN F 228 -13.68 24.98 17.63
N MET F 229 -13.31 23.74 17.93
CA MET F 229 -13.76 22.58 17.15
C MET F 229 -15.28 22.49 17.03
N ASN F 230 -16.02 22.88 18.07
CA ASN F 230 -17.46 22.66 18.04
C ASN F 230 -18.19 23.56 17.05
N GLU F 231 -17.52 24.55 16.48
CA GLU F 231 -18.18 25.47 15.55
C GLU F 231 -18.39 24.82 14.19
N PRO F 232 -19.36 25.31 13.42
CA PRO F 232 -19.65 24.74 12.10
C PRO F 232 -18.52 25.05 11.13
N PRO F 233 -18.50 24.35 9.98
CA PRO F 233 -17.42 24.56 9.01
C PRO F 233 -17.30 25.99 8.51
N GLY F 234 -18.41 26.73 8.39
CA GLY F 234 -18.32 28.10 7.95
C GLY F 234 -17.49 28.95 8.89
N ALA F 235 -17.75 28.85 10.19
CA ALA F 235 -16.92 29.55 11.17
C ALA F 235 -15.49 29.03 11.14
N ARG F 236 -15.32 27.71 11.08
CA ARG F 236 -13.97 27.16 11.09
C ARG F 236 -13.17 27.60 9.87
N MET F 237 -13.83 28.01 8.79
CA MET F 237 -13.13 28.59 7.67
C MET F 237 -12.84 30.08 7.89
N ARG F 238 -13.85 30.83 8.29
CA ARG F 238 -13.73 32.29 8.26
C ARG F 238 -13.01 32.88 9.47
N VAL F 239 -12.73 32.09 10.51
CA VAL F 239 -12.01 32.65 11.66
C VAL F 239 -10.61 33.12 11.26
N ALA F 240 -9.91 32.33 10.46
CA ALA F 240 -8.59 32.75 10.01
C ALA F 240 -8.67 34.04 9.22
N LEU F 241 -9.68 34.17 8.37
CA LEU F 241 -9.83 35.37 7.56
C LEU F 241 -10.14 36.60 8.41
N THR F 242 -10.97 36.45 9.45
CA THR F 242 -11.27 37.61 10.27
C THR F 242 -10.06 38.02 11.12
N GLY F 243 -9.29 37.06 11.60
CA GLY F 243 -8.04 37.42 12.25
C GLY F 243 -7.08 38.14 11.32
N LEU F 244 -6.98 37.65 10.09
CA LEU F 244 -6.10 38.28 9.11
C LEU F 244 -6.54 39.69 8.80
N THR F 245 -7.86 39.91 8.65
CA THR F 245 -8.34 41.26 8.36
C THR F 245 -8.25 42.18 9.57
N MET F 246 -8.19 41.63 10.78
CA MET F 246 -7.84 42.45 11.93
C MET F 246 -6.40 42.91 11.86
N ALA F 247 -5.49 42.00 11.49
CA ALA F 247 -4.07 42.37 11.41
C ALA F 247 -3.78 43.32 10.24
N GLU F 248 -4.54 43.20 9.16
CA GLU F 248 -4.28 44.01 7.97
C GLU F 248 -4.46 45.50 8.26
N TYR F 249 -5.45 45.85 9.09
CA TYR F 249 -5.65 47.25 9.43
C TYR F 249 -4.42 47.85 10.09
N PHE F 250 -3.84 47.12 11.05
CA PHE F 250 -2.66 47.64 11.73
C PHE F 250 -1.46 47.67 10.81
N ARG F 251 -1.36 46.70 9.89
CA ARG F 251 -0.26 46.76 8.93
C ARG F 251 -0.38 47.98 8.03
N ASP F 252 -1.59 48.30 7.56
CA ASP F 252 -1.76 49.29 6.51
C ASP F 252 -2.00 50.70 7.01
N GLU F 253 -2.39 50.87 8.28
CA GLU F 253 -2.67 52.19 8.82
C GLU F 253 -1.58 52.70 9.75
N GLN F 254 -1.27 51.93 10.79
CA GLN F 254 -0.23 52.35 11.73
C GLN F 254 1.18 52.17 11.17
N GLY F 255 1.32 51.43 10.07
CA GLY F 255 2.64 51.22 9.50
C GLY F 255 3.60 50.50 10.41
N GLN F 256 3.12 49.49 11.14
CA GLN F 256 3.92 48.78 12.12
C GLN F 256 3.90 47.29 11.84
N ASP F 257 4.94 46.60 12.29
CA ASP F 257 5.00 45.16 12.15
C ASP F 257 3.99 44.49 13.06
N VAL F 258 3.44 43.37 12.60
CA VAL F 258 2.36 42.68 13.30
C VAL F 258 2.65 41.19 13.28
N LEU F 259 2.38 40.52 14.40
CA LEU F 259 2.47 39.08 14.50
C LEU F 259 1.08 38.46 14.36
N LEU F 260 0.99 37.36 13.64
CA LEU F 260 -0.25 36.63 13.47
C LEU F 260 -0.03 35.17 13.84
N PHE F 261 -0.90 34.64 14.68
CA PHE F 261 -0.81 33.25 15.11
C PHE F 261 -2.05 32.50 14.66
N ILE F 262 -1.86 31.37 14.00
CA ILE F 262 -2.94 30.50 13.58
C ILE F 262 -2.81 29.21 14.38
N ASP F 263 -3.83 28.90 15.18
CA ASP F 263 -3.72 27.79 16.12
C ASP F 263 -3.59 26.45 15.41
N ASN F 264 -4.29 26.26 14.29
CA ASN F 264 -4.08 25.09 13.47
C ASN F 264 -4.61 25.39 12.08
N ILE F 265 -3.72 25.40 11.09
CA ILE F 265 -4.14 25.69 9.72
C ILE F 265 -4.78 24.48 9.05
N PHE F 266 -4.53 23.27 9.56
CA PHE F 266 -5.12 22.08 8.96
C PHE F 266 -6.63 22.06 9.14
N ARG F 267 -7.13 22.64 10.24
CA ARG F 267 -8.58 22.66 10.44
C ARG F 267 -9.26 23.54 9.41
N PHE F 268 -8.59 24.58 8.93
CA PHE F 268 -9.16 25.42 7.88
C PHE F 268 -9.40 24.62 6.60
N THR F 269 -8.39 23.89 6.13
CA THR F 269 -8.58 23.09 4.93
C THR F 269 -9.53 21.93 5.17
N GLN F 270 -9.57 21.37 6.39
CA GLN F 270 -10.52 20.31 6.68
C GLN F 270 -11.95 20.84 6.60
N ALA F 271 -12.19 22.04 7.13
CA ALA F 271 -13.52 22.64 7.03
C ALA F 271 -13.88 22.94 5.58
N GLY F 272 -12.91 23.41 4.80
CA GLY F 272 -13.16 23.63 3.38
C GLY F 272 -13.56 22.34 2.67
N SER F 273 -12.86 21.26 2.98
CA SER F 273 -13.21 19.95 2.40
C SER F 273 -14.60 19.53 2.83
N GLU F 274 -14.95 19.75 4.11
CA GLU F 274 -16.27 19.38 4.59
C GLU F 274 -17.36 20.15 3.86
N VAL F 275 -17.15 21.44 3.63
CA VAL F 275 -18.19 22.27 3.04
C VAL F 275 -18.30 22.10 1.53
N SER F 276 -17.20 21.74 0.85
CA SER F 276 -17.27 21.57 -0.60
C SER F 276 -18.21 20.43 -0.99
N ALA F 277 -18.17 19.33 -0.25
CA ALA F 277 -19.05 18.21 -0.55
C ALA F 277 -20.51 18.63 -0.41
N LEU F 278 -20.83 19.41 0.62
CA LEU F 278 -22.18 19.92 0.77
C LEU F 278 -22.55 20.83 -0.40
N LEU F 279 -21.61 21.68 -0.83
CA LEU F 279 -21.84 22.51 -2.00
C LEU F 279 -22.12 21.67 -3.25
N GLY F 280 -21.56 20.48 -3.34
CA GLY F 280 -21.83 19.58 -4.44
C GLY F 280 -20.75 19.48 -5.49
N ARG F 281 -19.57 20.05 -5.24
CA ARG F 281 -18.48 19.94 -6.20
C ARG F 281 -17.95 18.52 -6.26
N MET F 282 -17.39 18.17 -7.41
CA MET F 282 -16.77 16.85 -7.54
C MET F 282 -15.55 16.76 -6.63
N PRO F 283 -15.29 15.60 -6.05
CA PRO F 283 -14.18 15.50 -5.09
C PRO F 283 -12.82 15.53 -5.75
N SER F 284 -11.77 15.33 -4.95
CA SER F 284 -10.40 15.36 -5.43
C SER F 284 -9.68 14.07 -5.05
N ALA F 285 -8.35 14.08 -5.15
CA ALA F 285 -7.57 12.85 -4.98
C ALA F 285 -7.91 12.10 -3.71
N VAL F 286 -8.05 12.80 -2.58
CA VAL F 286 -8.34 12.14 -1.32
C VAL F 286 -9.65 12.71 -0.77
N GLY F 287 -10.56 13.07 -1.68
CA GLY F 287 -11.84 13.60 -1.27
C GLY F 287 -11.84 15.06 -0.89
N TYR F 288 -10.71 15.75 -1.01
CA TYR F 288 -10.65 17.16 -0.68
C TYR F 288 -11.38 17.99 -1.74
N GLN F 289 -11.51 19.28 -1.46
CA GLN F 289 -12.14 20.17 -2.42
C GLN F 289 -11.24 20.36 -3.64
N PRO F 290 -11.83 20.54 -4.82
CA PRO F 290 -11.00 20.84 -6.00
C PRO F 290 -10.27 22.16 -5.90
N THR F 291 -10.79 23.10 -5.11
CA THR F 291 -10.21 24.44 -4.99
C THR F 291 -9.22 24.54 -3.84
N LEU F 292 -8.56 23.45 -3.48
CA LEU F 292 -7.66 23.44 -2.33
C LEU F 292 -6.53 24.44 -2.49
N ALA F 293 -5.78 24.32 -3.59
CA ALA F 293 -4.60 25.15 -3.77
C ALA F 293 -4.96 26.62 -3.87
N THR F 294 -6.01 26.94 -4.64
CA THR F 294 -6.37 28.34 -4.82
C THR F 294 -6.92 28.94 -3.54
N GLU F 295 -7.69 28.18 -2.76
CA GLU F 295 -8.18 28.70 -1.49
C GLU F 295 -7.04 28.97 -0.52
N MET F 296 -6.13 28.00 -0.38
CA MET F 296 -5.00 28.18 0.53
C MET F 296 -4.13 29.35 0.08
N GLY F 297 -3.92 29.49 -1.24
CA GLY F 297 -3.15 30.61 -1.73
C GLY F 297 -3.82 31.94 -1.48
N GLN F 298 -5.14 32.01 -1.66
CA GLN F 298 -5.85 33.24 -1.38
C GLN F 298 -5.74 33.61 0.09
N LEU F 299 -5.72 32.63 0.97
CA LEU F 299 -5.53 32.94 2.39
C LEU F 299 -4.10 33.40 2.68
N GLN F 300 -3.11 32.68 2.15
CA GLN F 300 -1.73 32.94 2.54
C GLN F 300 -1.13 34.17 1.87
N GLU F 301 -1.60 34.54 0.67
CA GLU F 301 -0.98 35.61 -0.07
C GLU F 301 -1.21 36.99 0.55
N ARG F 302 -2.13 37.12 1.50
CA ARG F 302 -2.32 38.40 2.16
C ARG F 302 -1.33 38.64 3.28
N ILE F 303 -0.60 37.62 3.72
CA ILE F 303 0.40 37.76 4.77
C ILE F 303 1.73 38.02 4.08
N THR F 304 2.00 39.29 3.77
CA THR F 304 3.22 39.69 3.08
C THR F 304 3.77 40.95 3.71
N SER F 305 4.86 41.46 3.14
CA SER F 305 5.51 42.68 3.58
C SER F 305 5.36 43.76 2.53
N THR F 306 4.99 44.96 2.97
CA THR F 306 4.86 46.12 2.10
C THR F 306 5.83 47.19 2.54
N ALA F 307 5.79 48.33 1.84
CA ALA F 307 6.67 49.44 2.15
C ALA F 307 6.33 50.13 3.46
N LYS F 308 5.18 49.83 4.06
CA LYS F 308 4.71 50.48 5.28
C LYS F 308 4.40 49.44 6.34
N GLY F 309 5.31 48.52 6.56
CA GLY F 309 5.15 47.49 7.57
C GLY F 309 5.05 46.10 6.95
N SER F 310 4.79 45.13 7.83
CA SER F 310 4.73 43.75 7.40
C SER F 310 3.93 42.95 8.42
N ILE F 311 3.42 41.81 7.96
CA ILE F 311 2.77 40.82 8.82
C ILE F 311 3.52 39.51 8.66
N THR F 312 3.98 38.96 9.78
CA THR F 312 4.64 37.66 9.81
C THR F 312 3.82 36.72 10.69
N SER F 313 3.67 35.48 10.25
CA SER F 313 2.74 34.55 10.86
C SER F 313 3.44 33.30 11.34
N ILE F 314 3.09 32.86 12.53
CA ILE F 314 3.54 31.58 13.09
C ILE F 314 2.35 30.63 13.08
N GLN F 315 2.47 29.54 12.34
CA GLN F 315 1.36 28.63 12.09
C GLN F 315 1.70 27.25 12.64
N ALA F 316 0.80 26.71 13.45
CA ALA F 316 0.93 25.33 13.90
C ALA F 316 0.29 24.39 12.90
N ILE F 317 0.93 23.25 12.67
CA ILE F 317 0.51 22.34 11.62
C ILE F 317 0.13 21.00 12.23
N TYR F 318 -0.86 20.36 11.63
CA TYR F 318 -1.28 19.01 11.98
C TYR F 318 -1.27 18.15 10.72
N VAL F 319 -1.01 16.85 10.90
CA VAL F 319 -0.98 15.91 9.81
C VAL F 319 -1.99 14.80 10.08
N PRO F 320 -2.90 14.49 9.15
CA PRO F 320 -3.88 13.43 9.39
C PRO F 320 -3.22 12.06 9.22
N ALA F 321 -3.43 11.19 10.21
CA ALA F 321 -2.90 9.84 10.23
C ALA F 321 -1.38 9.80 10.06
N ASP F 322 -0.71 10.89 10.43
CA ASP F 322 0.75 11.01 10.31
C ASP F 322 1.22 10.75 8.88
N ASP F 323 0.49 11.28 7.90
CA ASP F 323 0.82 11.11 6.49
C ASP F 323 1.28 12.46 5.96
N TYR F 324 2.60 12.63 5.82
CA TYR F 324 3.16 13.90 5.38
C TYR F 324 3.02 14.14 3.89
N THR F 325 2.60 13.13 3.12
CA THR F 325 2.34 13.31 1.70
C THR F 325 0.86 13.62 1.42
N ASP F 326 0.07 13.82 2.47
CA ASP F 326 -1.33 14.15 2.29
C ASP F 326 -1.46 15.48 1.56
N PRO F 327 -2.48 15.65 0.71
CA PRO F 327 -2.58 16.89 -0.08
C PRO F 327 -2.63 18.16 0.76
N ALA F 328 -3.30 18.15 1.91
CA ALA F 328 -3.38 19.37 2.70
C ALA F 328 -2.02 19.80 3.24
N PRO F 329 -1.25 18.95 3.93
CA PRO F 329 0.11 19.36 4.31
C PRO F 329 1.00 19.63 3.11
N ALA F 330 0.83 18.90 2.01
CA ALA F 330 1.66 19.13 0.84
C ALA F 330 1.43 20.53 0.28
N THR F 331 0.18 20.97 0.21
CA THR F 331 -0.12 22.31 -0.26
C THR F 331 0.35 23.36 0.75
N THR F 332 0.14 23.11 2.04
CA THR F 332 0.54 24.09 3.05
C THR F 332 2.04 24.32 3.05
N PHE F 333 2.82 23.24 2.93
CA PHE F 333 4.27 23.33 3.08
C PHE F 333 4.92 24.19 2.02
N SER F 334 4.27 24.38 0.87
CA SER F 334 4.87 25.16 -0.20
C SER F 334 4.92 26.65 0.12
N HIS F 335 4.25 27.09 1.18
CA HIS F 335 4.21 28.50 1.53
C HIS F 335 5.15 28.86 2.68
N LEU F 336 5.62 27.89 3.44
CA LEU F 336 6.43 28.17 4.61
C LEU F 336 7.82 28.67 4.21
N ASP F 337 8.46 29.40 5.13
CA ASP F 337 9.82 29.88 4.94
C ASP F 337 10.80 29.35 5.97
N ALA F 338 10.33 28.97 7.15
CA ALA F 338 11.22 28.43 8.17
C ALA F 338 10.42 27.46 9.04
N THR F 339 11.13 26.56 9.70
CA THR F 339 10.52 25.55 10.55
C THR F 339 11.26 25.49 11.87
N THR F 340 10.51 25.52 12.97
CA THR F 340 11.07 25.40 14.32
C THR F 340 10.45 24.17 14.99
N ASN F 341 11.30 23.30 15.51
CA ASN F 341 10.88 22.04 16.10
C ASN F 341 11.15 22.05 17.58
N LEU F 342 10.18 21.57 18.37
CA LEU F 342 10.27 21.53 19.82
C LEU F 342 10.45 20.09 20.26
N GLU F 343 11.45 19.85 21.11
CA GLU F 343 11.84 18.49 21.48
C GLU F 343 11.59 18.24 22.96
N ARG F 344 10.85 17.17 23.25
CA ARG F 344 10.56 16.79 24.62
C ARG F 344 11.83 16.41 25.37
N LYS F 345 12.84 15.87 24.68
CA LYS F 345 14.10 15.55 25.34
C LYS F 345 14.80 16.81 25.84
N LEU F 346 14.82 17.86 25.01
CA LEU F 346 15.39 19.12 25.48
C LEU F 346 14.54 19.72 26.60
N ALA F 347 13.21 19.60 26.49
CA ALA F 347 12.34 20.12 27.55
C ALA F 347 12.61 19.42 28.88
N GLU F 348 12.83 18.11 28.84
CA GLU F 348 13.10 17.38 30.09
C GLU F 348 14.52 17.64 30.59
N MET F 349 15.48 17.85 29.68
CA MET F 349 16.80 18.27 30.12
C MET F 349 16.77 19.62 30.79
N GLY F 350 15.82 20.48 30.44
CA GLY F 350 15.57 21.68 31.19
C GLY F 350 15.93 22.98 30.50
N ILE F 351 16.70 22.95 29.43
CA ILE F 351 16.92 24.16 28.66
C ILE F 351 15.59 24.60 28.05
N TYR F 352 15.19 25.83 28.31
CA TYR F 352 13.84 26.29 27.99
C TYR F 352 13.80 27.40 26.97
N PRO F 353 14.41 27.25 25.79
CA PRO F 353 13.78 27.78 24.58
C PRO F 353 13.00 26.66 23.92
N ALA F 354 13.22 25.44 24.44
CA ALA F 354 12.48 24.23 24.09
C ALA F 354 12.55 23.90 22.60
N VAL F 355 13.47 24.51 21.87
CA VAL F 355 13.51 24.37 20.42
C VAL F 355 14.71 23.53 20.01
N ASP F 356 14.48 22.63 19.06
CA ASP F 356 15.54 21.76 18.55
C ASP F 356 16.52 22.59 17.72
N PRO F 357 17.82 22.56 18.03
CA PRO F 357 18.77 23.35 17.23
C PRO F 357 19.15 22.71 15.91
N LEU F 358 19.00 21.39 15.78
CA LEU F 358 19.36 20.71 14.54
C LEU F 358 18.20 20.56 13.58
N ALA F 359 16.98 20.43 14.10
CA ALA F 359 15.80 20.28 13.24
C ALA F 359 15.24 21.62 12.79
N SER F 360 15.74 22.73 13.32
CA SER F 360 15.26 24.04 12.93
C SER F 360 15.94 24.48 11.65
N THR F 361 15.16 24.74 10.60
CA THR F 361 15.68 25.15 9.31
C THR F 361 15.05 26.47 8.92
N SER F 362 15.74 27.21 8.06
CA SER F 362 15.23 28.48 7.57
C SER F 362 15.77 28.74 6.17
N ARG F 363 14.91 29.31 5.32
CA ARG F 363 15.31 29.70 3.99
C ARG F 363 16.35 30.82 4.01
N ALA F 364 16.42 31.60 5.09
CA ALA F 364 17.30 32.74 5.18
C ALA F 364 18.67 32.40 5.74
N LEU F 365 18.91 31.15 6.12
CA LEU F 365 20.22 30.78 6.67
C LEU F 365 21.24 30.68 5.54
N ALA F 366 21.60 31.81 4.95
CA ALA F 366 22.58 31.89 3.88
C ALA F 366 23.43 33.13 4.08
N PRO F 367 24.70 33.08 3.67
CA PRO F 367 25.58 34.24 3.89
C PRO F 367 25.12 35.50 3.18
N GLU F 368 24.31 35.37 2.14
CA GLU F 368 23.85 36.55 1.41
C GLU F 368 22.92 37.40 2.28
N ILE F 369 22.06 36.77 3.06
CA ILE F 369 21.03 37.49 3.80
C ILE F 369 21.51 37.89 5.19
N VAL F 370 22.05 36.95 5.97
CA VAL F 370 22.40 37.20 7.36
C VAL F 370 23.86 37.58 7.53
N GLY F 371 24.65 37.55 6.47
CA GLY F 371 26.05 37.90 6.59
C GLY F 371 26.95 36.68 6.62
N GLU F 372 28.15 36.84 6.07
CA GLU F 372 29.08 35.71 5.96
C GLU F 372 29.57 35.26 7.31
N GLU F 373 29.86 36.19 8.23
CA GLU F 373 30.31 35.80 9.56
C GLU F 373 29.22 35.05 10.31
N HIS F 374 27.99 35.53 10.24
CA HIS F 374 26.86 34.84 10.87
C HIS F 374 26.69 33.45 10.27
N TYR F 375 26.81 33.34 8.95
CA TYR F 375 26.69 32.04 8.30
C TYR F 375 27.78 31.08 8.77
N GLN F 376 29.01 31.57 8.86
CA GLN F 376 30.11 30.70 9.32
C GLN F 376 29.89 30.26 10.75
N VAL F 377 29.43 31.17 11.61
CA VAL F 377 29.19 30.81 13.01
C VAL F 377 28.10 29.74 13.09
N ALA F 378 27.01 29.94 12.34
CA ALA F 378 25.91 28.97 12.38
C ALA F 378 26.38 27.61 11.85
N ARG F 379 27.14 27.60 10.76
CA ARG F 379 27.61 26.33 10.20
C ARG F 379 28.54 25.61 11.17
N LYS F 380 29.45 26.35 11.80
CA LYS F 380 30.36 25.73 12.76
C LYS F 380 29.60 25.15 13.95
N VAL F 381 28.62 25.89 14.47
CA VAL F 381 27.84 25.39 15.60
C VAL F 381 27.06 24.14 15.21
N GLN F 382 26.46 24.16 14.01
CA GLN F 382 25.73 22.98 13.54
C GLN F 382 26.64 21.78 13.40
N GLN F 383 27.84 21.98 12.85
CA GLN F 383 28.78 20.88 12.69
C GLN F 383 29.21 20.33 14.04
N THR F 384 29.48 21.20 15.01
CA THR F 384 29.89 20.72 16.33
C THR F 384 28.77 19.94 17.00
N LEU F 385 27.53 20.43 16.91
CA LEU F 385 26.42 19.71 17.52
C LEU F 385 26.18 18.37 16.83
N GLN F 386 26.32 18.33 15.50
CA GLN F 386 26.20 17.06 14.79
C GLN F 386 27.28 16.09 15.21
N ARG F 387 28.50 16.58 15.38
CA ARG F 387 29.59 15.73 15.84
C ARG F 387 29.30 15.17 17.23
N TYR F 388 28.78 16.01 18.12
CA TYR F 388 28.40 15.53 19.45
C TYR F 388 27.33 14.46 19.37
N LYS F 389 26.31 14.68 18.54
CA LYS F 389 25.25 13.69 18.40
C LYS F 389 25.77 12.37 17.88
N GLU F 390 26.68 12.42 16.90
CA GLU F 390 27.29 11.19 16.40
C GLU F 390 28.12 10.51 17.50
N LEU F 391 28.88 11.29 18.27
CA LEU F 391 29.68 10.71 19.33
C LEU F 391 28.82 10.05 20.41
N GLN F 392 27.61 10.57 20.62
CA GLN F 392 26.73 10.07 21.68
C GLN F 392 26.58 8.55 21.67
N ASP F 393 26.81 7.90 20.52
CA ASP F 393 26.73 6.45 20.47
C ASP F 393 27.93 5.79 21.14
N ILE F 394 29.13 6.15 20.72
CA ILE F 394 30.34 5.59 21.33
C ILE F 394 30.49 6.07 22.78
N ILE F 395 29.88 7.21 23.12
CA ILE F 395 29.92 7.70 24.49
C ILE F 395 29.35 6.67 25.46
N ALA F 396 28.33 5.93 25.02
CA ALA F 396 27.75 4.86 25.82
C ALA F 396 28.34 3.50 25.51
N ILE F 397 28.56 3.18 24.23
CA ILE F 397 29.04 1.85 23.86
C ILE F 397 30.46 1.62 24.37
N LEU F 398 31.36 2.57 24.11
CA LEU F 398 32.73 2.48 24.57
C LEU F 398 32.98 3.22 25.87
N GLY F 399 31.97 3.88 26.42
CA GLY F 399 32.17 4.70 27.59
C GLY F 399 32.95 5.96 27.22
N MET F 400 33.39 6.66 28.28
CA MET F 400 34.25 7.81 28.09
C MET F 400 35.64 7.43 27.60
N ASP F 401 35.98 6.14 27.63
CA ASP F 401 37.30 5.67 27.24
C ASP F 401 37.41 5.56 25.73
N GLU F 402 38.65 5.49 25.26
CA GLU F 402 39.02 5.39 23.85
C GLU F 402 38.59 6.61 23.05
N LEU F 403 38.38 7.76 23.69
CA LEU F 403 38.11 8.99 22.98
C LEU F 403 39.38 9.82 22.84
N SER F 404 39.57 10.39 21.65
CA SER F 404 40.72 11.23 21.40
C SER F 404 40.59 12.57 22.13
N ASP F 405 41.69 13.32 22.17
CA ASP F 405 41.65 14.65 22.75
C ASP F 405 40.67 15.53 21.99
N GLU F 406 40.61 15.40 20.67
CA GLU F 406 39.65 16.15 19.88
C GLU F 406 38.23 15.81 20.27
N ASP F 407 37.95 14.52 20.52
CA ASP F 407 36.60 14.11 20.90
C ASP F 407 36.21 14.69 22.25
N LYS F 408 37.11 14.62 23.23
CA LYS F 408 36.80 15.18 24.54
C LYS F 408 36.60 16.69 24.46
N LEU F 409 37.45 17.38 23.69
CA LEU F 409 37.31 18.83 23.56
C LEU F 409 36.01 19.20 22.87
N VAL F 410 35.63 18.45 21.83
CA VAL F 410 34.39 18.79 21.13
C VAL F 410 33.18 18.47 21.98
N VAL F 411 33.25 17.41 22.81
CA VAL F 411 32.16 17.15 23.75
C VAL F 411 32.03 18.29 24.75
N HIS F 412 33.16 18.76 25.27
CA HIS F 412 33.14 19.89 26.19
C HIS F 412 32.53 21.13 25.55
N ARG F 413 32.98 21.46 24.34
CA ARG F 413 32.47 22.65 23.65
C ARG F 413 31.00 22.51 23.30
N ALA F 414 30.57 21.33 22.89
CA ALA F 414 29.17 21.11 22.55
C ALA F 414 28.28 21.20 23.80
N ARG F 415 28.75 20.70 24.94
CA ARG F 415 28.02 20.88 26.18
C ARG F 415 27.87 22.36 26.52
N ARG F 416 28.96 23.11 26.38
CA ARG F 416 28.88 24.55 26.62
C ARG F 416 27.88 25.23 25.69
N ILE F 417 27.91 24.86 24.40
CA ILE F 417 27.01 25.48 23.42
C ILE F 417 25.56 25.14 23.72
N GLN F 418 25.30 23.87 24.04
CA GLN F 418 23.94 23.45 24.35
C GLN F 418 23.41 24.19 25.58
N PHE F 419 24.25 24.36 26.60
CA PHE F 419 23.79 25.09 27.77
C PHE F 419 23.62 26.58 27.47
N PHE F 420 24.43 27.13 26.56
CA PHE F 420 24.30 28.54 26.23
C PHE F 420 23.07 28.82 25.36
N LEU F 421 22.61 27.84 24.59
CA LEU F 421 21.44 28.07 23.75
C LEU F 421 20.19 28.39 24.57
N SER F 422 20.13 27.96 25.82
CA SER F 422 18.99 28.27 26.66
C SER F 422 18.96 29.77 26.98
N GLN F 423 17.76 30.25 27.31
CA GLN F 423 17.57 31.67 27.61
C GLN F 423 16.53 31.81 28.70
N ASN F 424 16.61 32.92 29.42
CA ASN F 424 15.61 33.28 30.42
C ASN F 424 14.63 34.27 29.84
N PHE F 425 13.35 33.93 29.87
CA PHE F 425 12.32 34.73 29.22
C PHE F 425 11.69 35.71 30.19
N HIS F 426 11.14 36.79 29.64
CA HIS F 426 10.37 37.72 30.46
C HIS F 426 9.15 37.05 31.06
N VAL F 427 8.58 36.07 30.36
CA VAL F 427 7.40 35.36 30.87
C VAL F 427 7.76 34.55 32.10
N ALA F 428 8.94 33.94 32.11
CA ALA F 428 9.35 33.07 33.21
C ALA F 428 9.63 33.83 34.49
N GLU F 429 9.63 35.17 34.46
CA GLU F 429 9.90 35.94 35.66
C GLU F 429 8.88 35.64 36.75
N GLN F 430 7.60 35.53 36.38
CA GLN F 430 6.54 35.33 37.37
C GLN F 430 6.69 34.03 38.14
N PHE F 431 7.50 33.08 37.64
CA PHE F 431 7.72 31.82 38.31
C PHE F 431 9.14 31.60 38.79
N THR F 432 10.11 32.37 38.31
CA THR F 432 11.51 32.17 38.69
C THR F 432 12.13 33.34 39.44
N GLY F 433 11.57 34.53 39.35
CA GLY F 433 12.13 35.70 40.00
C GLY F 433 13.03 36.54 39.12
N GLN F 434 13.90 35.90 38.35
CA GLN F 434 14.81 36.63 37.48
C GLN F 434 14.03 37.23 36.30
N PRO F 435 14.42 38.43 35.86
CA PRO F 435 13.58 39.17 34.90
C PRO F 435 13.61 38.63 33.48
N GLY F 436 14.76 38.14 33.04
CA GLY F 436 14.93 37.79 31.64
C GLY F 436 15.49 38.95 30.83
N SER F 437 15.95 38.63 29.63
CA SER F 437 16.70 39.60 28.85
C SER F 437 16.42 39.44 27.36
N TYR F 438 16.75 40.47 26.60
CA TYR F 438 16.61 40.51 25.16
C TYR F 438 18.01 40.56 24.55
N VAL F 439 18.35 39.56 23.75
CA VAL F 439 19.69 39.37 23.22
C VAL F 439 19.70 39.79 21.75
N PRO F 440 20.44 40.84 21.38
CA PRO F 440 20.56 41.19 19.96
C PRO F 440 21.32 40.11 19.18
N VAL F 441 21.05 40.08 17.88
CA VAL F 441 21.66 39.09 17.01
C VAL F 441 23.17 39.25 16.97
N LYS F 442 23.65 40.49 16.91
CA LYS F 442 25.10 40.72 16.93
C LYS F 442 25.71 40.24 18.23
N GLU F 443 25.03 40.48 19.35
CA GLU F 443 25.56 40.03 20.64
C GLU F 443 25.62 38.52 20.73
N THR F 444 24.58 37.82 20.26
CA THR F 444 24.61 36.36 20.34
C THR F 444 25.64 35.78 19.37
N VAL F 445 25.81 36.41 18.20
CA VAL F 445 26.85 35.96 17.28
C VAL F 445 28.23 36.13 17.91
N ARG F 446 28.47 37.27 18.56
CA ARG F 446 29.73 37.50 19.25
C ARG F 446 29.95 36.47 20.36
N GLY F 447 28.91 36.18 21.13
CA GLY F 447 29.05 35.21 22.20
C GLY F 447 29.37 33.82 21.69
N PHE F 448 28.69 33.39 20.64
CA PHE F 448 28.98 32.07 20.08
C PHE F 448 30.35 32.02 19.42
N LYS F 449 30.79 33.13 18.81
CA LYS F 449 32.16 33.20 18.31
C LYS F 449 33.17 33.01 19.44
N GLU F 450 32.94 33.70 20.56
CA GLU F 450 33.87 33.59 21.69
C GLU F 450 33.88 32.17 22.25
N ILE F 451 32.71 31.54 22.35
CA ILE F 451 32.65 30.17 22.85
C ILE F 451 33.36 29.22 21.91
N LEU F 452 33.15 29.37 20.60
CA LEU F 452 33.81 28.50 19.64
C LEU F 452 35.32 28.70 19.65
N GLU F 453 35.78 29.92 19.91
CA GLU F 453 37.22 30.15 19.99
C GLU F 453 37.85 29.56 21.24
N GLY F 454 37.04 29.07 22.18
CA GLY F 454 37.56 28.44 23.38
C GLY F 454 37.90 29.38 24.52
N LYS F 455 37.46 30.63 24.46
CA LYS F 455 37.81 31.59 25.50
C LYS F 455 37.15 31.26 26.83
N TYR F 456 36.15 30.37 26.85
CA TYR F 456 35.44 30.03 28.07
C TYR F 456 35.44 28.51 28.31
N ASP F 457 36.53 27.84 27.97
CA ASP F 457 36.63 26.41 28.22
C ASP F 457 36.92 26.10 29.68
N HIS F 458 37.24 27.11 30.48
CA HIS F 458 37.53 26.91 31.90
C HIS F 458 36.31 27.13 32.79
N LEU F 459 35.28 27.80 32.30
CA LEU F 459 34.10 28.07 33.11
C LEU F 459 33.24 26.82 33.27
N PRO F 460 32.52 26.70 34.39
CA PRO F 460 31.60 25.57 34.54
C PRO F 460 30.47 25.64 33.52
N GLU F 461 30.04 24.46 33.07
CA GLU F 461 29.00 24.39 32.05
C GLU F 461 27.64 24.85 32.57
N ASP F 462 27.42 24.79 33.89
CA ASP F 462 26.15 25.21 34.46
C ASP F 462 26.01 26.73 34.54
N ALA F 463 27.09 27.47 34.35
CA ALA F 463 27.02 28.93 34.32
C ALA F 463 26.38 29.46 33.05
N PHE F 464 26.14 28.60 32.06
CA PHE F 464 25.55 29.01 30.80
C PHE F 464 24.03 28.88 30.79
N ARG F 465 23.43 28.31 31.83
CA ARG F 465 21.99 28.10 31.85
C ARG F 465 21.24 29.41 32.07
N LEU F 466 20.24 29.66 31.24
CA LEU F 466 19.26 30.73 31.46
C LEU F 466 19.94 32.09 31.63
N VAL F 467 20.73 32.48 30.64
CA VAL F 467 21.43 33.75 30.67
C VAL F 467 21.25 34.44 29.32
N GLY F 468 21.55 35.73 29.30
CA GLY F 468 21.42 36.52 28.10
C GLY F 468 22.72 36.66 27.35
N ARG F 469 23.34 37.84 27.42
CA ARG F 469 24.59 38.08 26.72
C ARG F 469 25.72 37.28 27.35
N ILE F 470 26.92 37.42 26.78
CA ILE F 470 28.06 36.62 27.22
C ILE F 470 28.53 37.04 28.60
N GLU F 471 28.36 38.33 28.96
CA GLU F 471 28.79 38.79 30.27
C GLU F 471 28.02 38.11 31.38
N GLU F 472 26.76 37.76 31.13
CA GLU F 472 25.97 37.05 32.14
C GLU F 472 26.64 35.73 32.52
N VAL F 473 27.24 35.05 31.55
CA VAL F 473 27.93 33.80 31.83
C VAL F 473 29.11 34.05 32.78
N VAL F 474 29.87 35.12 32.54
CA VAL F 474 31.02 35.44 33.38
C VAL F 474 30.57 35.75 34.80
N GLU F 475 29.52 36.57 34.94
CA GLU F 475 29.03 36.91 36.27
C GLU F 475 28.49 35.69 36.99
N LYS F 476 27.78 34.81 36.27
CA LYS F 476 27.28 33.60 36.89
C LYS F 476 28.41 32.68 37.32
N ALA F 477 29.48 32.62 36.52
CA ALA F 477 30.64 31.83 36.91
C ALA F 477 31.29 32.39 38.16
N LYS F 478 31.40 33.72 38.26
CA LYS F 478 31.95 34.33 39.47
C LYS F 478 31.08 34.02 40.68
N ALA F 479 29.75 34.05 40.51
CA ALA F 479 28.85 33.70 41.60
C ALA F 479 29.04 32.24 42.00
N MET F 480 29.23 31.36 41.01
CA MET F 480 29.49 29.96 41.31
C MET F 480 30.78 29.79 42.11
N GLY F 481 31.82 30.53 41.74
CA GLY F 481 33.09 30.48 42.44
C GLY F 481 34.05 31.56 42.00
N ALA G 2 6.43 4.17 1.56
CA ALA G 2 6.89 3.28 0.51
C ALA G 2 5.71 2.71 -0.29
N SER G 3 5.99 1.73 -1.12
CA SER G 3 4.97 1.11 -1.95
C SER G 3 4.79 -0.37 -1.59
N LEU G 4 3.70 -0.93 -2.09
CA LEU G 4 3.41 -2.34 -1.84
C LEU G 4 4.50 -3.25 -2.40
N ARG G 5 4.96 -2.95 -3.62
CA ARG G 5 6.04 -3.74 -4.19
C ARG G 5 7.32 -3.60 -3.39
N ASP G 6 7.60 -2.39 -2.88
CA ASP G 6 8.77 -2.18 -2.04
C ASP G 6 8.70 -3.06 -0.79
N ILE G 7 7.54 -3.06 -0.12
CA ILE G 7 7.40 -3.84 1.09
C ILE G 7 7.51 -5.34 0.79
N LYS G 8 6.95 -5.77 -0.35
CA LYS G 8 7.04 -7.18 -0.71
C LYS G 8 8.48 -7.59 -0.97
N THR G 9 9.24 -6.75 -1.67
CA THR G 9 10.65 -7.05 -1.90
C THR G 9 11.42 -7.09 -0.60
N ARG G 10 11.12 -6.17 0.33
CA ARG G 10 11.79 -6.19 1.63
C ARG G 10 11.47 -7.48 2.38
N ILE G 11 10.22 -7.94 2.31
CA ILE G 11 9.85 -9.19 2.97
C ILE G 11 10.62 -10.36 2.37
N ASN G 12 10.72 -10.41 1.04
CA ASN G 12 11.45 -11.49 0.39
C ASN G 12 12.92 -11.48 0.80
N ALA G 13 13.53 -10.29 0.79
CA ALA G 13 14.94 -10.19 1.15
C ALA G 13 15.16 -10.60 2.61
N THR G 14 14.26 -10.19 3.50
CA THR G 14 14.42 -10.56 4.91
C THR G 14 14.25 -12.06 5.09
N LYS G 15 13.34 -12.69 4.34
CA LYS G 15 13.20 -14.14 4.43
C LYS G 15 14.47 -14.84 3.95
N LYS G 16 15.06 -14.36 2.86
CA LYS G 16 16.32 -14.95 2.39
C LYS G 16 17.43 -14.78 3.42
N THR G 17 17.49 -13.60 4.05
CA THR G 17 18.48 -13.37 5.10
C THR G 17 18.25 -14.33 6.27
N SER G 18 17.00 -14.56 6.64
CA SER G 18 16.71 -15.49 7.72
C SER G 18 17.18 -16.90 7.37
N GLN G 19 16.93 -17.33 6.14
CA GLN G 19 17.37 -18.65 5.72
C GLN G 19 18.89 -18.78 5.77
N ILE G 20 19.61 -17.79 5.24
CA ILE G 20 21.06 -17.89 5.21
C ILE G 20 21.64 -17.80 6.63
N THR G 21 21.01 -17.02 7.50
CA THR G 21 21.48 -16.96 8.89
C THR G 21 21.23 -18.29 9.60
N LYS G 22 20.13 -18.97 9.29
CA LYS G 22 19.93 -20.30 9.83
C LYS G 22 21.01 -21.27 9.33
N ALA G 23 21.39 -21.13 8.05
CA ALA G 23 22.47 -21.96 7.52
C ALA G 23 23.77 -21.71 8.27
N MET G 24 24.10 -20.44 8.51
CA MET G 24 25.31 -20.12 9.25
C MET G 24 25.23 -20.62 10.68
N GLU G 25 24.05 -20.57 11.28
CA GLU G 25 23.89 -21.08 12.64
C GLU G 25 24.12 -22.59 12.68
N MET G 26 23.64 -23.32 11.67
CA MET G 26 23.96 -24.74 11.57
C MET G 26 25.45 -24.98 11.40
N VAL G 27 26.12 -24.15 10.59
CA VAL G 27 27.56 -24.27 10.40
C VAL G 27 28.28 -24.09 11.72
N SER G 28 27.89 -23.07 12.48
CA SER G 28 28.49 -22.84 13.79
C SER G 28 28.20 -24.00 14.73
N THR G 29 27.01 -24.58 14.65
CA THR G 29 26.68 -25.74 15.47
C THR G 29 27.66 -26.89 15.18
N SER G 30 27.86 -27.19 13.90
CA SER G 30 28.78 -28.27 13.54
C SER G 30 30.19 -27.96 14.00
N LYS G 31 30.63 -26.71 13.81
CA LYS G 31 31.98 -26.34 14.21
C LYS G 31 32.19 -26.50 15.72
N LEU G 32 31.21 -26.05 16.52
CA LEU G 32 31.33 -26.20 17.97
C LEU G 32 31.33 -27.67 18.37
N ASN G 33 30.48 -28.48 17.73
CA ASN G 33 30.43 -29.90 18.04
C ASN G 33 31.77 -30.57 17.76
N ARG G 34 32.41 -30.22 16.65
CA ARG G 34 33.71 -30.80 16.34
C ARG G 34 34.83 -30.22 17.20
N ALA G 35 34.71 -28.97 17.64
CA ALA G 35 35.77 -28.35 18.44
C ALA G 35 35.76 -28.83 19.88
N GLU G 36 34.58 -29.14 20.43
CA GLU G 36 34.52 -29.64 21.80
C GLU G 36 35.31 -30.94 21.95
N GLN G 37 35.39 -31.73 20.88
CA GLN G 37 36.17 -32.97 20.94
C GLN G 37 37.63 -32.70 21.28
N ASN G 38 38.27 -31.80 20.54
CA ASN G 38 39.65 -31.42 20.86
C ASN G 38 39.72 -30.76 22.22
N ALA G 39 38.78 -29.86 22.51
CA ALA G 39 38.84 -29.08 23.75
C ALA G 39 38.77 -29.97 24.98
N LYS G 40 38.11 -31.12 24.88
CA LYS G 40 38.05 -32.04 26.01
C LYS G 40 39.04 -33.19 25.92
N SER G 41 39.57 -33.49 24.73
CA SER G 41 40.55 -34.54 24.59
C SER G 41 41.97 -34.09 24.90
N PHE G 42 42.24 -32.78 24.81
CA PHE G 42 43.57 -32.30 25.17
C PHE G 42 43.84 -32.43 26.67
N VAL G 43 42.78 -32.37 27.49
CA VAL G 43 42.96 -32.26 28.94
C VAL G 43 43.80 -33.39 29.53
N PRO G 44 43.63 -34.66 29.15
CA PRO G 44 44.46 -35.71 29.77
C PRO G 44 45.97 -35.48 29.63
N TYR G 45 46.41 -34.88 28.52
CA TYR G 45 47.83 -34.55 28.39
C TYR G 45 48.25 -33.53 29.45
N MET G 46 47.40 -32.53 29.70
CA MET G 46 47.69 -31.56 30.75
C MET G 46 47.71 -32.22 32.12
N GLU G 47 46.80 -33.17 32.35
CA GLU G 47 46.79 -33.88 33.63
C GLU G 47 48.05 -34.71 33.81
N LYS G 48 48.52 -35.36 32.73
CA LYS G 48 49.76 -36.10 32.80
C LYS G 48 50.94 -35.17 33.10
N ILE G 49 50.96 -33.99 32.47
CA ILE G 49 52.00 -33.02 32.77
C ILE G 49 51.96 -32.62 34.24
N GLN G 50 50.76 -32.38 34.78
CA GLN G 50 50.64 -32.03 36.18
C GLN G 50 51.16 -33.16 37.08
N GLU G 51 50.83 -34.40 36.72
CA GLU G 51 51.29 -35.54 37.50
C GLU G 51 52.81 -35.62 37.50
N VAL G 52 53.44 -35.35 36.35
CA VAL G 52 54.89 -35.47 36.28
C VAL G 52 55.63 -34.22 36.74
N VAL G 53 54.94 -33.10 36.95
CA VAL G 53 55.60 -31.90 37.43
C VAL G 53 55.35 -31.64 38.91
N ALA G 54 54.32 -32.26 39.51
CA ALA G 54 53.95 -31.94 40.89
C ALA G 54 55.09 -32.20 41.88
N ASN G 55 56.05 -33.04 41.52
CA ASN G 55 57.17 -33.35 42.40
C ASN G 55 58.39 -32.47 42.15
N VAL G 56 58.41 -31.66 41.09
CA VAL G 56 59.64 -31.02 40.66
C VAL G 56 59.90 -29.74 41.44
N ALA G 57 59.03 -28.75 41.30
CA ALA G 57 59.28 -27.47 41.95
C ALA G 57 59.16 -27.56 43.46
N LEU G 58 58.24 -28.40 43.96
CA LEU G 58 58.16 -28.63 45.39
C LEU G 58 59.32 -29.49 45.89
N GLY G 59 59.89 -30.32 45.02
CA GLY G 59 61.02 -31.14 45.38
C GLY G 59 62.37 -30.46 45.30
N ALA G 60 62.39 -29.17 44.93
CA ALA G 60 63.63 -28.40 44.82
C ALA G 60 64.63 -29.06 43.87
N GLY G 61 64.12 -29.59 42.76
CA GLY G 61 65.01 -30.16 41.76
C GLY G 61 65.92 -29.12 41.14
N GLY G 62 65.37 -27.96 40.82
CA GLY G 62 66.17 -26.83 40.36
C GLY G 62 66.07 -25.68 41.34
N ALA G 63 67.20 -25.01 41.56
CA ALA G 63 67.23 -23.94 42.55
C ALA G 63 66.63 -22.64 42.00
N SER G 64 67.26 -22.07 40.97
CA SER G 64 66.83 -20.80 40.41
C SER G 64 66.87 -20.85 38.89
N HIS G 65 66.38 -21.95 38.31
CA HIS G 65 66.31 -22.06 36.85
C HIS G 65 65.35 -21.01 36.31
N PRO G 66 65.57 -20.54 35.07
CA PRO G 66 64.91 -19.30 34.62
C PRO G 66 63.40 -19.28 34.77
N MET G 67 62.72 -20.38 34.47
CA MET G 67 61.27 -20.44 34.55
C MET G 67 60.78 -21.30 35.71
N LEU G 68 61.67 -21.72 36.61
CA LEU G 68 61.29 -22.49 37.79
C LEU G 68 61.13 -21.53 38.98
N VAL G 69 60.06 -20.74 38.91
CA VAL G 69 59.77 -19.70 39.89
C VAL G 69 60.97 -18.77 39.98
N SER G 70 61.33 -18.17 38.83
CA SER G 70 62.46 -17.25 38.75
C SER G 70 62.21 -16.31 37.59
N ARG G 71 63.01 -15.25 37.52
CA ARG G 71 62.82 -14.22 36.50
C ARG G 71 63.83 -14.41 35.39
N PRO G 72 63.39 -14.75 34.17
CA PRO G 72 64.30 -14.78 33.02
C PRO G 72 64.68 -13.38 32.55
N VAL G 73 65.38 -13.29 31.42
CA VAL G 73 65.82 -12.02 30.85
C VAL G 73 64.66 -11.06 30.76
N LYS G 74 64.80 -9.90 31.41
CA LYS G 74 63.67 -9.01 31.69
C LYS G 74 63.23 -8.31 30.41
N LYS G 75 62.22 -8.90 29.75
CA LYS G 75 61.54 -8.24 28.64
C LYS G 75 60.17 -8.90 28.50
N THR G 76 59.12 -8.14 28.78
CA THR G 76 57.77 -8.68 28.91
C THR G 76 56.94 -8.39 27.67
N GLY G 77 56.29 -9.44 27.14
CA GLY G 77 55.30 -9.28 26.10
C GLY G 77 53.97 -9.83 26.57
N TYR G 78 52.97 -9.69 25.71
CA TYR G 78 51.61 -10.12 26.02
C TYR G 78 51.06 -10.96 24.87
N LEU G 79 50.25 -11.96 25.22
CA LEU G 79 49.63 -12.85 24.26
C LEU G 79 48.12 -12.67 24.30
N VAL G 80 47.49 -12.66 23.13
CA VAL G 80 46.05 -12.55 23.03
C VAL G 80 45.58 -13.45 21.90
N ILE G 81 44.47 -14.15 22.13
CA ILE G 81 43.89 -15.08 21.17
C ILE G 81 42.61 -14.47 20.64
N THR G 82 42.54 -14.29 19.31
CA THR G 82 41.41 -13.62 18.67
C THR G 82 40.88 -14.47 17.53
N SER G 83 39.79 -14.00 16.93
CA SER G 83 39.15 -14.67 15.81
C SER G 83 39.55 -14.00 14.51
N ASP G 84 39.59 -14.80 13.43
CA ASP G 84 40.03 -14.32 12.13
C ASP G 84 38.93 -14.39 11.07
N ARG G 85 37.68 -14.51 11.47
CA ARG G 85 36.59 -14.61 10.50
C ARG G 85 35.40 -13.74 10.91
N GLY G 86 35.68 -12.57 11.48
CA GLY G 86 34.69 -11.51 11.58
C GLY G 86 33.51 -11.72 12.50
N LEU G 87 32.34 -11.95 11.92
CA LEU G 87 31.06 -11.82 12.61
C LEU G 87 30.83 -12.94 13.61
N ALA G 88 31.44 -12.84 14.80
CA ALA G 88 31.17 -13.76 15.88
C ALA G 88 30.39 -13.13 17.02
N GLY G 89 30.39 -11.80 17.13
CA GLY G 89 29.67 -11.13 18.19
C GLY G 89 30.58 -10.39 19.15
N ALA G 90 30.36 -10.56 20.45
CA ALA G 90 31.17 -9.91 21.47
C ALA G 90 32.41 -10.70 21.84
N TYR G 91 32.63 -11.86 21.20
CA TYR G 91 33.81 -12.68 21.47
C TYR G 91 35.10 -11.87 21.33
N ASN G 92 35.23 -11.16 20.21
CA ASN G 92 36.42 -10.33 20.01
C ASN G 92 36.37 -9.09 20.88
N SER G 93 35.20 -8.45 20.99
CA SER G 93 35.10 -7.15 21.63
C SER G 93 35.48 -7.23 23.10
N ASN G 94 34.96 -8.22 23.82
CA ASN G 94 35.19 -8.31 25.26
C ASN G 94 36.69 -8.43 25.57
N VAL G 95 37.35 -9.40 24.94
CA VAL G 95 38.76 -9.63 25.23
C VAL G 95 39.61 -8.48 24.72
N LEU G 96 39.28 -7.92 23.54
CA LEU G 96 40.10 -6.85 22.99
C LEU G 96 39.91 -5.53 23.73
N ARG G 97 38.82 -5.37 24.46
CA ARG G 97 38.67 -4.20 25.33
C ARG G 97 39.33 -4.43 26.68
N LEU G 98 39.16 -5.63 27.25
CA LEU G 98 39.78 -5.91 28.55
C LEU G 98 41.30 -5.83 28.47
N VAL G 99 41.88 -6.35 27.38
CA VAL G 99 43.34 -6.32 27.25
C VAL G 99 43.83 -4.88 27.20
N TYR G 100 43.15 -4.03 26.42
CA TYR G 100 43.59 -2.65 26.30
C TYR G 100 43.45 -1.91 27.63
N GLN G 101 42.33 -2.10 28.32
CA GLN G 101 42.12 -1.41 29.59
C GLN G 101 43.13 -1.86 30.64
N THR G 102 43.43 -3.16 30.71
CA THR G 102 44.40 -3.64 31.67
C THR G 102 45.81 -3.20 31.31
N ILE G 103 46.13 -3.15 30.01
CA ILE G 103 47.44 -2.69 29.58
C ILE G 103 47.63 -1.22 29.91
N GLN G 104 46.58 -0.41 29.78
CA GLN G 104 46.71 1.01 30.12
C GLN G 104 47.15 1.23 31.55
N LYS G 105 46.91 0.26 32.45
CA LYS G 105 47.33 0.37 33.83
C LYS G 105 48.58 -0.43 34.15
N ARG G 106 48.88 -1.48 33.38
CA ARG G 106 50.02 -2.34 33.66
C ARG G 106 51.28 -1.97 32.91
N HIS G 107 51.17 -1.52 31.66
CA HIS G 107 52.31 -1.33 30.79
C HIS G 107 53.07 -0.05 31.16
N ALA G 108 54.17 0.21 30.46
CA ALA G 108 54.96 1.41 30.67
C ALA G 108 54.55 2.54 29.72
N SER G 109 54.65 2.29 28.42
CA SER G 109 54.27 3.28 27.42
C SER G 109 53.87 2.54 26.15
N PRO G 110 53.02 3.16 25.32
CA PRO G 110 52.69 2.54 24.04
C PRO G 110 53.91 2.40 23.14
N ASP G 111 53.88 1.36 22.29
CA ASP G 111 55.01 1.02 21.43
C ASP G 111 56.28 0.74 22.23
N GLU G 112 56.12 0.19 23.43
CA GLU G 112 57.23 -0.25 24.25
C GLU G 112 57.13 -1.72 24.63
N TYR G 113 55.93 -2.22 24.91
CA TYR G 113 55.73 -3.63 25.20
C TYR G 113 55.60 -4.41 23.90
N ALA G 114 55.30 -5.70 24.03
CA ALA G 114 55.19 -6.60 22.88
C ALA G 114 53.88 -7.36 22.98
N ILE G 115 53.33 -7.72 21.82
CA ILE G 115 52.06 -8.44 21.74
C ILE G 115 52.20 -9.61 20.76
N ILE G 116 51.64 -10.74 21.13
CA ILE G 116 51.55 -11.92 20.27
C ILE G 116 50.08 -12.24 20.10
N VAL G 117 49.63 -12.30 18.84
CA VAL G 117 48.22 -12.40 18.52
C VAL G 117 47.99 -13.56 17.56
N ILE G 118 46.87 -14.26 17.76
CA ILE G 118 46.39 -15.27 16.83
C ILE G 118 45.20 -14.70 16.08
N GLY G 119 45.29 -14.66 14.76
CA GLY G 119 44.22 -14.09 13.95
C GLY G 119 44.46 -12.66 13.55
N ARG G 120 44.62 -12.42 12.23
CA ARG G 120 44.88 -11.07 11.76
C ARG G 120 43.67 -10.16 11.92
N VAL G 121 42.46 -10.72 11.86
CA VAL G 121 41.26 -9.91 12.06
C VAL G 121 41.28 -9.28 13.45
N GLY G 122 41.54 -10.11 14.47
CA GLY G 122 41.69 -9.58 15.81
C GLY G 122 42.91 -8.70 15.97
N LEU G 123 44.00 -9.03 15.28
CA LEU G 123 45.22 -8.23 15.37
C LEU G 123 45.02 -6.83 14.82
N SER G 124 44.14 -6.67 13.82
CA SER G 124 43.95 -5.36 13.20
C SER G 124 43.54 -4.31 14.23
N PHE G 125 42.93 -4.73 15.34
CA PHE G 125 42.63 -3.79 16.42
C PHE G 125 43.89 -3.15 16.96
N PHE G 126 44.86 -3.96 17.38
CA PHE G 126 46.10 -3.41 17.90
C PHE G 126 46.95 -2.80 16.79
N ARG G 127 46.78 -3.26 15.55
CA ARG G 127 47.47 -2.63 14.43
C ARG G 127 47.01 -1.19 14.26
N LYS G 128 45.70 -0.95 14.37
CA LYS G 128 45.20 0.42 14.42
C LYS G 128 45.65 1.12 15.69
N ARG G 129 45.86 0.36 16.77
CA ARG G 129 46.47 0.90 17.98
C ARG G 129 47.98 1.09 17.86
N ASN G 130 48.55 0.79 16.69
CA ASN G 130 49.97 1.03 16.40
C ASN G 130 50.86 0.25 17.37
N MET G 131 50.67 -1.07 17.42
CA MET G 131 51.49 -1.93 18.26
C MET G 131 52.21 -2.96 17.41
N PRO G 132 53.54 -3.01 17.45
CA PRO G 132 54.27 -4.06 16.71
C PRO G 132 54.03 -5.43 17.34
N VAL G 133 54.25 -6.46 16.53
CA VAL G 133 53.95 -7.84 16.90
C VAL G 133 55.21 -8.68 16.77
N ILE G 134 55.45 -9.54 17.75
CA ILE G 134 56.58 -10.46 17.71
C ILE G 134 56.25 -11.72 16.91
N LEU G 135 55.16 -12.41 17.28
CA LEU G 135 54.70 -13.59 16.56
C LEU G 135 53.26 -13.39 16.14
N ASP G 136 52.97 -13.63 14.86
CA ASP G 136 51.63 -13.48 14.31
C ASP G 136 51.27 -14.70 13.49
N ILE G 137 50.09 -15.25 13.74
CA ILE G 137 49.52 -16.31 12.92
C ILE G 137 48.12 -15.86 12.49
N THR G 138 47.82 -16.01 11.21
CA THR G 138 46.56 -15.56 10.65
C THR G 138 45.62 -16.71 10.30
N ARG G 139 46.11 -17.70 9.56
CA ARG G 139 45.30 -18.80 9.08
C ARG G 139 45.59 -20.06 9.87
N LEU G 140 44.54 -20.80 10.19
CA LEU G 140 44.63 -22.05 10.92
C LEU G 140 43.30 -22.78 10.79
N PRO G 141 43.30 -24.11 10.69
CA PRO G 141 42.03 -24.84 10.58
C PRO G 141 41.20 -24.67 11.83
N ASP G 142 39.87 -24.67 11.64
CA ASP G 142 38.96 -24.55 12.77
C ASP G 142 38.98 -25.79 13.66
N GLN G 143 39.59 -26.88 13.21
CA GLN G 143 39.80 -28.08 14.03
C GLN G 143 41.28 -28.45 13.94
N PRO G 144 42.15 -27.65 14.55
CA PRO G 144 43.59 -27.88 14.38
C PRO G 144 44.12 -28.91 15.36
N SER G 145 44.97 -29.80 14.85
CA SER G 145 45.73 -30.70 15.71
C SER G 145 46.93 -29.96 16.28
N PHE G 146 47.55 -30.57 17.30
CA PHE G 146 48.72 -29.94 17.90
C PHE G 146 49.88 -29.87 16.92
N ALA G 147 49.90 -30.70 15.87
CA ALA G 147 50.92 -30.57 14.84
C ALA G 147 50.80 -29.23 14.13
N ASP G 148 49.57 -28.77 13.89
CA ASP G 148 49.36 -27.48 13.23
C ASP G 148 49.92 -26.34 14.07
N ILE G 149 49.68 -26.37 15.38
CA ILE G 149 50.21 -25.35 16.27
C ILE G 149 51.66 -25.58 16.64
N LYS G 150 52.22 -26.73 16.23
CA LYS G 150 53.57 -27.07 16.66
C LYS G 150 54.62 -26.14 16.06
N GLU G 151 54.39 -25.65 14.84
CA GLU G 151 55.35 -24.72 14.23
C GLU G 151 55.47 -23.44 15.06
N ILE G 152 54.32 -22.84 15.39
CA ILE G 152 54.37 -21.61 16.19
C ILE G 152 54.76 -21.90 17.63
N ALA G 153 54.54 -23.12 18.13
CA ALA G 153 55.04 -23.47 19.46
C ALA G 153 56.56 -23.55 19.45
N ARG G 154 57.14 -24.15 18.42
CA ARG G 154 58.60 -24.16 18.28
C ARG G 154 59.14 -22.75 18.13
N LYS G 155 58.43 -21.91 17.38
CA LYS G 155 58.85 -20.51 17.27
C LYS G 155 58.79 -19.81 18.62
N THR G 156 57.74 -20.07 19.41
CA THR G 156 57.58 -19.45 20.71
C THR G 156 58.60 -19.95 21.72
N VAL G 157 59.12 -21.16 21.53
CA VAL G 157 60.16 -21.66 22.43
C VAL G 157 61.56 -21.31 21.93
N GLY G 158 61.73 -20.99 20.65
CA GLY G 158 63.02 -20.55 20.15
C GLY G 158 63.24 -19.06 20.30
N LEU G 159 62.38 -18.25 19.66
CA LEU G 159 62.28 -16.84 19.97
C LEU G 159 61.22 -16.67 21.05
N PHE G 160 61.31 -15.55 21.77
CA PHE G 160 60.48 -15.26 22.94
C PHE G 160 60.91 -16.08 24.16
N ALA G 161 61.88 -16.97 24.02
CA ALA G 161 62.28 -17.87 25.09
C ALA G 161 62.83 -17.10 26.28
N ASP G 162 63.11 -17.85 27.36
CA ASP G 162 63.60 -17.24 28.59
C ASP G 162 64.89 -16.45 28.37
N GLY G 163 65.66 -16.80 27.34
CA GLY G 163 66.85 -16.02 27.01
C GLY G 163 66.57 -14.66 26.41
N THR G 164 65.36 -14.45 25.89
CA THR G 164 64.96 -13.17 25.33
C THR G 164 63.81 -12.52 26.09
N PHE G 165 62.72 -13.25 26.32
CA PHE G 165 61.56 -12.73 27.02
C PHE G 165 61.31 -13.54 28.28
N ASP G 166 60.83 -12.86 29.32
CA ASP G 166 60.64 -13.47 30.62
C ASP G 166 59.18 -13.70 30.99
N GLU G 167 58.29 -12.81 30.58
CA GLU G 167 56.93 -12.79 31.11
C GLU G 167 55.92 -12.64 29.99
N LEU G 168 54.86 -13.44 30.04
CA LEU G 168 53.78 -13.41 29.07
C LEU G 168 52.43 -13.41 29.77
N TYR G 169 51.53 -12.56 29.31
CA TYR G 169 50.15 -12.54 29.77
C TYR G 169 49.25 -12.91 28.60
N MET G 170 48.44 -13.95 28.78
CA MET G 170 47.62 -14.47 27.71
C MET G 170 46.17 -14.03 27.88
N TYR G 171 45.56 -13.61 26.78
CA TYR G 171 44.19 -13.11 26.75
C TYR G 171 43.37 -13.97 25.80
N TYR G 172 42.20 -14.42 26.26
CA TYR G 172 41.36 -15.29 25.45
C TYR G 172 39.98 -15.37 26.08
N ASN G 173 39.03 -15.87 25.30
CA ASN G 173 37.70 -16.18 25.79
C ASN G 173 37.65 -17.62 26.27
N HIS G 174 36.84 -17.87 27.30
CA HIS G 174 36.78 -19.18 27.93
C HIS G 174 35.36 -19.72 27.85
N TYR G 175 35.26 -20.99 27.45
CA TYR G 175 33.97 -21.66 27.23
C TYR G 175 33.36 -22.05 28.58
N VAL G 176 32.58 -21.13 29.14
CA VAL G 176 31.87 -21.41 30.38
C VAL G 176 30.37 -21.56 30.15
N SER G 177 29.80 -20.77 29.25
CA SER G 177 28.37 -20.83 29.00
C SER G 177 28.10 -20.45 27.54
N ALA G 178 26.98 -20.97 27.02
CA ALA G 178 26.57 -20.59 25.67
C ALA G 178 26.07 -19.16 25.62
N ILE G 179 25.41 -18.69 26.68
CA ILE G 179 24.88 -17.33 26.70
C ILE G 179 26.00 -16.30 26.76
N GLN G 180 27.11 -16.64 27.40
CA GLN G 180 28.24 -15.72 27.50
C GLN G 180 29.51 -16.53 27.79
N GLN G 181 30.62 -16.10 27.21
CA GLN G 181 31.92 -16.71 27.44
C GLN G 181 32.82 -15.72 28.15
N GLU G 182 33.39 -16.13 29.27
CA GLU G 182 34.15 -15.22 30.12
C GLU G 182 35.55 -14.98 29.57
N VAL G 183 36.04 -13.77 29.78
CA VAL G 183 37.39 -13.37 29.38
C VAL G 183 38.27 -13.34 30.62
N THR G 184 39.56 -13.62 30.42
CA THR G 184 40.51 -13.61 31.52
C THR G 184 41.90 -13.26 31.00
N GLU G 185 42.73 -12.76 31.91
CA GLU G 185 44.15 -12.53 31.65
C GLU G 185 44.95 -13.44 32.56
N ARG G 186 45.83 -14.25 31.98
CA ARG G 186 46.63 -15.20 32.73
C ARG G 186 48.10 -15.03 32.35
N LYS G 187 48.97 -15.11 33.36
CA LYS G 187 50.41 -15.00 33.14
C LYS G 187 50.96 -16.38 32.81
N LEU G 188 51.47 -16.56 31.58
CA LEU G 188 52.01 -17.85 31.18
C LEU G 188 53.27 -18.20 31.97
N LEU G 189 54.22 -17.27 32.03
CA LEU G 189 55.46 -17.47 32.73
C LEU G 189 55.94 -16.11 33.23
N PRO G 190 56.74 -16.08 34.31
CA PRO G 190 57.20 -17.20 35.15
C PRO G 190 56.07 -17.84 35.93
N LEU G 191 56.23 -19.12 36.26
CA LEU G 191 55.17 -19.86 36.93
C LEU G 191 54.93 -19.30 38.33
N THR G 192 53.65 -19.12 38.67
CA THR G 192 53.30 -18.57 39.98
C THR G 192 53.52 -19.59 41.09
N ASP G 193 53.16 -20.84 40.86
CA ASP G 193 53.27 -21.88 41.87
C ASP G 193 53.18 -23.24 41.18
N LEU G 194 53.40 -24.29 41.97
CA LEU G 194 53.28 -25.66 41.50
C LEU G 194 52.17 -26.35 42.30
N ALA G 195 51.21 -26.92 41.58
CA ALA G 195 50.10 -27.63 42.20
C ALA G 195 50.38 -29.13 42.16
N GLU G 196 49.80 -29.85 43.13
CA GLU G 196 49.94 -31.29 43.23
C GLU G 196 48.57 -31.94 43.15
N ASN G 197 48.50 -33.07 42.44
CA ASN G 197 47.24 -33.80 42.33
C ASN G 197 47.13 -34.88 43.40
N LYS G 198 48.24 -35.45 43.83
CA LYS G 198 48.25 -36.47 44.86
C LYS G 198 49.56 -36.37 45.63
N GLN G 199 49.89 -37.40 46.39
CA GLN G 199 51.15 -37.44 47.11
C GLN G 199 52.32 -37.54 46.15
N ARG G 200 53.51 -37.21 46.65
CA ARG G 200 54.72 -37.23 45.83
C ARG G 200 55.02 -38.64 45.33
N THR G 201 54.85 -38.86 44.03
CA THR G 201 55.25 -40.11 43.40
C THR G 201 56.76 -40.07 43.20
N VAL G 202 57.48 -40.90 43.96
CA VAL G 202 58.94 -40.83 43.98
C VAL G 202 59.49 -41.44 42.71
N TYR G 203 59.87 -40.59 41.75
CA TYR G 203 60.50 -41.04 40.53
C TYR G 203 62.01 -40.97 40.65
N GLU G 204 62.69 -41.92 40.02
CA GLU G 204 64.15 -41.87 39.94
C GLU G 204 64.58 -40.72 39.04
N PHE G 205 65.63 -40.03 39.45
CA PHE G 205 66.17 -38.90 38.70
C PHE G 205 67.62 -39.14 38.30
N GLU G 206 67.97 -40.40 38.03
CA GLU G 206 69.34 -40.76 37.67
C GLU G 206 69.79 -40.24 36.30
N PRO G 207 68.92 -40.04 35.31
CA PRO G 207 69.41 -39.37 34.09
C PRO G 207 69.83 -37.93 34.34
N SER G 208 68.95 -37.15 34.97
CA SER G 208 69.29 -35.79 35.36
C SER G 208 68.32 -35.30 36.43
N GLN G 209 68.84 -35.01 37.63
CA GLN G 209 68.01 -34.50 38.71
C GLN G 209 67.49 -33.10 38.43
N GLU G 210 68.32 -32.25 37.81
CA GLU G 210 67.99 -30.85 37.63
C GLU G 210 67.95 -30.39 36.18
N GLU G 211 68.60 -31.11 35.25
CA GLU G 211 68.59 -30.71 33.85
C GLU G 211 67.26 -30.96 33.16
N ILE G 212 66.34 -31.67 33.82
CA ILE G 212 65.04 -31.96 33.20
C ILE G 212 64.18 -30.71 33.04
N LEU G 213 64.47 -29.65 33.81
CA LEU G 213 63.60 -28.48 33.84
C LEU G 213 63.57 -27.77 32.49
N ASP G 214 64.74 -27.60 31.87
CA ASP G 214 64.81 -26.86 30.61
C ASP G 214 64.02 -27.53 29.49
N VAL G 215 63.70 -28.82 29.63
CA VAL G 215 62.79 -29.47 28.70
C VAL G 215 61.36 -29.43 29.21
N LEU G 216 61.16 -29.73 30.49
CA LEU G 216 59.82 -29.90 31.03
C LEU G 216 59.02 -28.61 30.98
N LEU G 217 59.60 -27.51 31.48
CA LEU G 217 58.84 -26.27 31.58
C LEU G 217 58.32 -25.75 30.23
N PRO G 218 59.10 -25.76 29.15
CA PRO G 218 58.51 -25.37 27.85
C PRO G 218 57.30 -26.21 27.46
N GLN G 219 57.29 -27.49 27.80
CA GLN G 219 56.11 -28.31 27.52
C GLN G 219 54.92 -27.79 28.31
N TYR G 220 55.14 -27.38 29.56
CA TYR G 220 54.06 -26.81 30.36
C TYR G 220 53.52 -25.55 29.72
N ALA G 221 54.41 -24.67 29.25
CA ALA G 221 53.97 -23.44 28.60
C ALA G 221 53.16 -23.74 27.34
N GLU G 222 53.65 -24.69 26.53
CA GLU G 222 52.95 -25.03 25.29
C GLU G 222 51.58 -25.65 25.59
N SER G 223 51.50 -26.47 26.63
CA SER G 223 50.21 -27.06 26.99
C SER G 223 49.23 -25.98 27.43
N LEU G 224 49.70 -25.01 28.23
CA LEU G 224 48.81 -23.91 28.61
C LEU G 224 48.32 -23.13 27.40
N ILE G 225 49.23 -22.84 26.46
CA ILE G 225 48.86 -22.12 25.26
C ILE G 225 47.83 -22.90 24.45
N TYR G 226 48.06 -24.21 24.29
CA TYR G 226 47.15 -25.04 23.53
C TYR G 226 45.76 -25.08 24.16
N GLY G 227 45.71 -25.25 25.49
CA GLY G 227 44.43 -25.26 26.16
C GLY G 227 43.68 -23.95 26.02
N ALA G 228 44.41 -22.84 26.18
CA ALA G 228 43.78 -21.53 26.02
C ALA G 228 43.22 -21.36 24.61
N LEU G 229 44.00 -21.78 23.60
CA LEU G 229 43.53 -21.64 22.22
C LEU G 229 42.29 -22.49 21.96
N LEU G 230 42.28 -23.73 22.48
CA LEU G 230 41.10 -24.58 22.29
C LEU G 230 39.87 -23.98 22.95
N ASP G 231 40.03 -23.46 24.18
CA ASP G 231 38.91 -22.82 24.85
C ASP G 231 38.43 -21.60 24.08
N ALA G 232 39.37 -20.84 23.49
CA ALA G 232 38.99 -19.69 22.69
C ALA G 232 38.20 -20.10 21.45
N LYS G 233 38.61 -21.21 20.81
CA LYS G 233 37.86 -21.70 19.65
C LYS G 233 36.45 -22.09 20.04
N ALA G 234 36.30 -22.82 21.15
CA ALA G 234 34.97 -23.17 21.62
C ALA G 234 34.14 -21.92 21.91
N SER G 235 34.77 -20.92 22.52
CA SER G 235 34.06 -19.69 22.86
C SER G 235 33.60 -18.95 21.61
N GLU G 236 34.46 -18.88 20.58
CA GLU G 236 34.05 -18.18 19.36
C GLU G 236 32.93 -18.92 18.66
N HIS G 237 32.95 -20.26 18.72
CA HIS G 237 31.86 -21.02 18.12
C HIS G 237 30.55 -20.76 18.84
N ALA G 238 30.58 -20.72 20.18
CA ALA G 238 29.37 -20.40 20.93
C ALA G 238 28.89 -18.98 20.66
N ALA G 239 29.82 -18.05 20.53
CA ALA G 239 29.45 -16.67 20.22
C ALA G 239 28.78 -16.58 18.86
N ARG G 240 29.29 -17.31 17.87
CA ARG G 240 28.65 -17.32 16.57
C ARG G 240 27.26 -17.96 16.64
N MET G 241 27.12 -19.02 17.44
CA MET G 241 25.81 -19.59 17.73
C MET G 241 24.83 -18.50 18.16
N THR G 242 25.18 -17.78 19.22
CA THR G 242 24.28 -16.78 19.78
C THR G 242 24.01 -15.67 18.78
N ALA G 243 25.03 -15.21 18.07
CA ALA G 243 24.87 -14.10 17.13
C ALA G 243 23.92 -14.49 16.01
N MET G 244 24.09 -15.69 15.44
CA MET G 244 23.22 -16.12 14.36
C MET G 244 21.78 -16.29 14.85
N LYS G 245 21.59 -16.85 16.05
CA LYS G 245 20.24 -17.01 16.58
C LYS G 245 19.56 -15.65 16.77
N ASN G 246 20.30 -14.68 17.32
CA ASN G 246 19.75 -13.34 17.49
C ASN G 246 19.40 -12.71 16.14
N ALA G 247 20.25 -12.92 15.14
CA ALA G 247 19.97 -12.38 13.82
C ALA G 247 18.68 -12.95 13.24
N THR G 248 18.49 -14.27 13.38
CA THR G 248 17.26 -14.88 12.88
C THR G 248 16.03 -14.34 13.61
N ASP G 249 16.12 -14.21 14.93
CA ASP G 249 14.98 -13.68 15.68
C ASP G 249 14.65 -12.26 15.24
N ASN G 250 15.67 -11.42 15.06
CA ASN G 250 15.44 -10.05 14.61
C ASN G 250 14.82 -10.04 13.22
N ALA G 251 15.26 -10.93 12.33
CA ALA G 251 14.68 -11.00 11.00
C ALA G 251 13.20 -11.34 11.06
N ASN G 252 12.83 -12.32 11.90
CA ASN G 252 11.41 -12.68 12.02
C ASN G 252 10.60 -11.52 12.59
N GLU G 253 11.15 -10.83 13.59
CA GLU G 253 10.43 -9.70 14.17
C GLU G 253 10.24 -8.58 13.15
N LEU G 254 11.21 -8.40 12.25
CA LEU G 254 11.02 -7.44 11.17
C LEU G 254 9.97 -7.93 10.18
N ILE G 255 9.94 -9.23 9.92
CA ILE G 255 8.98 -9.80 8.96
C ILE G 255 7.56 -9.52 9.41
N ARG G 256 7.27 -9.71 10.69
CA ARG G 256 5.88 -9.53 11.14
C ARG G 256 5.42 -8.08 10.94
N THR G 257 6.26 -7.11 11.28
CA THR G 257 5.89 -5.70 11.10
C THR G 257 5.76 -5.36 9.62
N LEU G 258 6.66 -5.90 8.78
CA LEU G 258 6.55 -5.65 7.36
C LEU G 258 5.26 -6.21 6.79
N THR G 259 4.83 -7.39 7.26
CA THR G 259 3.57 -7.94 6.81
C THR G 259 2.39 -7.08 7.25
N LEU G 260 2.43 -6.55 8.47
CA LEU G 260 1.36 -5.65 8.91
C LEU G 260 1.28 -4.42 8.01
N SER G 261 2.44 -3.82 7.71
CA SER G 261 2.44 -2.65 6.83
C SER G 261 1.95 -3.01 5.43
N TYR G 262 2.33 -4.20 4.94
CA TYR G 262 1.87 -4.65 3.64
C TYR G 262 0.36 -4.78 3.60
N ASN G 263 -0.23 -5.37 4.64
CA ASN G 263 -1.69 -5.50 4.69
C ASN G 263 -2.37 -4.14 4.70
N ARG G 264 -1.84 -3.21 5.50
CA ARG G 264 -2.42 -1.87 5.53
C ARG G 264 -2.35 -1.20 4.16
N ALA G 265 -1.21 -1.33 3.49
CA ALA G 265 -1.05 -0.73 2.16
C ALA G 265 -1.99 -1.37 1.16
N ARG G 266 -2.18 -2.69 1.22
CA ARG G 266 -3.09 -3.36 0.31
C ARG G 266 -4.51 -2.86 0.49
N GLN G 267 -4.96 -2.73 1.75
CA GLN G 267 -6.29 -2.23 2.00
C GLN G 267 -6.45 -0.80 1.49
N ALA G 268 -5.44 0.05 1.72
CA ALA G 268 -5.52 1.43 1.25
C ALA G 268 -5.59 1.49 -0.27
N ALA G 269 -4.79 0.67 -0.96
CA ALA G 269 -4.83 0.67 -2.42
C ALA G 269 -6.20 0.23 -2.93
N ILE G 270 -6.76 -0.83 -2.33
CA ILE G 270 -8.07 -1.31 -2.77
C ILE G 270 -9.13 -0.23 -2.58
N THR G 271 -9.13 0.40 -1.40
CA THR G 271 -10.16 1.40 -1.14
C THR G 271 -10.03 2.60 -2.06
N GLN G 272 -8.81 3.07 -2.31
CA GLN G 272 -8.64 4.20 -3.20
C GLN G 272 -9.07 3.86 -4.63
N GLU G 273 -8.70 2.68 -5.11
CA GLU G 273 -9.07 2.30 -6.47
C GLU G 273 -10.59 2.21 -6.61
N ILE G 274 -11.25 1.58 -5.64
CA ILE G 274 -12.70 1.41 -5.74
C ILE G 274 -13.40 2.76 -5.64
N THR G 275 -12.91 3.64 -4.76
CA THR G 275 -13.50 4.98 -4.65
C THR G 275 -13.37 5.74 -5.95
N GLU G 276 -12.18 5.70 -6.57
CA GLU G 276 -12.00 6.40 -7.85
C GLU G 276 -12.91 5.82 -8.93
N ILE G 277 -13.03 4.49 -8.98
CA ILE G 277 -13.87 3.87 -10.00
C ILE G 277 -15.32 4.29 -9.82
N VAL G 278 -15.83 4.24 -8.59
CA VAL G 278 -17.23 4.58 -8.38
C VAL G 278 -17.47 6.06 -8.62
N ALA G 279 -16.51 6.92 -8.26
CA ALA G 279 -16.66 8.34 -8.55
C ALA G 279 -16.72 8.60 -10.06
N GLY G 280 -15.84 7.93 -10.81
CA GLY G 280 -15.87 8.09 -12.26
C GLY G 280 -17.16 7.59 -12.88
N ALA G 281 -17.68 6.48 -12.37
CA ALA G 281 -18.95 5.97 -12.88
C ALA G 281 -20.11 6.88 -12.50
N ASN G 282 -20.02 7.53 -11.34
CA ASN G 282 -21.08 8.41 -10.87
C ASN G 282 -21.05 9.78 -11.53
N ALA G 283 -19.90 10.19 -12.07
CA ALA G 283 -19.81 11.50 -12.70
C ALA G 283 -20.71 11.62 -13.92
N LEU G 284 -21.17 10.52 -14.48
CA LEU G 284 -22.04 10.55 -15.64
C LEU G 284 -23.48 10.25 -15.25
P PI H . 19.59 4.38 -28.19
O1 PI H . 18.94 5.40 -29.12
O2 PI H . 18.51 3.50 -27.58
O3 PI H . 20.56 3.51 -29.01
O4 PI H . 20.36 5.09 -27.10
#